data_8YN0
#
_entry.id   8YN0
#
_cell.length_a   91.521
_cell.length_b   154.914
_cell.length_c   171.110
_cell.angle_alpha   90.00
_cell.angle_beta   89.69
_cell.angle_gamma   90.00
#
_symmetry.space_group_name_H-M   'P 1 21 1'
#
loop_
_entity.id
_entity.type
_entity.pdbx_description
1 polymer 'Protein EDS1'
2 polymer 'Senescence-associated carboxylesterase 101'
3 polymer 'Probable disease resistance protein At5g66890'
4 non-polymer ADENOSINE-5-DIPHOSPHORIBOSE
5 non-polymer "ADENOSINE-5'-TRIPHOSPHATE"
6 water water
#
loop_
_entity_poly.entity_id
_entity_poly.type
_entity_poly.pdbx_seq_one_letter_code
_entity_poly.pdbx_strand_id
1 'polypeptide(L)'
;AFEALTGINGDLITRSWSASKQAYLTERYHKEEAGAVVIFAFQPSFSEKDFFDPDNKSSFGEIKLNRVQFPCMRKIGKGD
VATVNEAFLKNLEAIIDPRTSFQASVEMAVRSRKQIVFTGHSSGGATAILATVWYLEKYFIRNPNVYLEPRCVTFGAPLV
GDSIFSHALGREKWSRFFVNFVSRFDIVPRIMLARKASVEETLPHVLAQLDPRKSSVQESEQRITEFYTRVMRDTSTVAN
QAVCELTGSAEAFLETLSSFLELSPYRPAGTFVFSTEKRLVAVNNSDAILQMLFYTSQASDEQEWSLIPFRSIRDHHSYE
ELVQSMGKKLFNHLDGENSIESTLNDLGVSTRGRQYVQAALEEEKKRVENQKKIIQVIEQERFLKKLAWIEDEYKPKCQA
HKNGYYDSFKVSNEENDFKANVKRAELAGVFDEVLGLMKKCQLPDEFEGDIDWIKLATRYRRLVEPLDIANYHRHLKNED
TGPYMKRGRPTRYIYAQRGYEHYILKPNGMIAEDVFWNKVNGLNLGLQLEEIQETLKNSGSECGSCFWAEVEELKGKPYE
EVEVRVKTLEGMLGEWITDGEVDDKEIFLEGSTFRKWWITLPKNHKSHSPLRDYMMD
;
B,A
2 'polypeptide(L)'
;ESSSSLKGSALGKLVVTSGLLHSSWSKILEIHNPPYSNHDPGLQVSKKKKDSGLEFQIHREEKFTLVVFSAPPICRSSSS
DSTLLHVKDKENPFPFLCSENNPSFSLHTPAFNLFTSASTSLTYLKSELLQTLKSEKPVIITGAALGGSVASLYTLWLLE
TIEPTLKRPLCITFGSPLIGDASLQQILENSVRNSCFLHVVSAQTRIKMDFFKPFGTFLICFDSGCVCIEDHVAVTELLN
GVHDSGLVDYSQVLNRLDQSMLSLADSRLIPEDVIKGIEKRAEMKNLRFDMMFKKLNDMKISMAYIEWYKKKCKEVKIGY
YDRFKTQLAFPSKEFDINIKNHHKSELNRFWKSVVEEVERRPQSDASILKRRFLFSGNNYRRMIEPLDIAEYYLEGRKEY
RTTGRSHHYVMLEKWFGMESILIEKERCKKRDLSDLLTFDSCFWAEVEDSLIVINQLNTTVGMRDDVREVLTRKLVEFEG
YVWEIITKREVSPEIFLEESSFMKWWKEYKKIKGFNSSYLTEFMNTRKYESYGKSQ
;
E,C
3 'polypeptide(L)'
;MNSNSIQSFDALPHNLRECFLDMASFLEDQRIIASTIIDLWSASYGKEGMNNLQDLASRNLLKLLPIGRNEYEDGFYNEL
LVKQDNVLREFAINQCLKESSSIFERKRLNLEIQDNKFPNWCLNPKQPIVINASLFSISTDDSFASSWFEMDCPNVEALV
LNISSSNYALPNFIATMKELKVVIIINHGLEPAKLTNLSCLSSLPNLKRIRFEKVSISLLDIPKLGLKSLEKLSLWFCHV
VDALNELEDVSETLQSLQEIEIDYCYNLDELPYWISQVVSLKKLSVTNCNKLCRVIEAIGDLRDLETLRLSSCASLLELP
ETIDRLDNLRFLDVSGGFQLKNLPLEIGKLKKLEKISMKDCYRCELPDSVKNLENLEVKCDEDTAFLWKILKPEMKNLTI
TEEKTEHNLNLLQLF
;
H,D
#
loop_
_chem_comp.id
_chem_comp.type
_chem_comp.name
_chem_comp.formula
APR non-polymer ADENOSINE-5-DIPHOSPHORIBOSE 'C15 H23 N5 O14 P2'
ATP non-polymer ADENOSINE-5'-TRIPHOSPHATE 'C10 H16 N5 O13 P3'
#
# COMPACT_ATOMS: atom_id res chain seq x y z
N ALA A 1 -15.51 -8.30 34.84
CA ALA A 1 -15.57 -8.72 33.43
C ALA A 1 -14.25 -8.47 32.70
N PHE A 2 -13.89 -7.19 32.54
CA PHE A 2 -12.55 -6.86 32.08
C PHE A 2 -11.51 -7.33 33.08
N GLU A 3 -11.69 -6.95 34.35
CA GLU A 3 -10.78 -7.39 35.39
C GLU A 3 -10.73 -8.90 35.48
N ALA A 4 -11.84 -9.57 35.15
CA ALA A 4 -11.83 -11.03 35.17
C ALA A 4 -10.76 -11.56 34.22
N LEU A 5 -10.84 -11.19 32.94
CA LEU A 5 -9.79 -11.58 31.98
C LEU A 5 -8.41 -11.14 32.41
N THR A 6 -8.24 -9.85 32.70
CA THR A 6 -6.90 -9.29 32.66
C THR A 6 -6.27 -9.11 34.04
N GLY A 7 -7.06 -9.12 35.10
CA GLY A 7 -6.48 -8.83 36.40
C GLY A 7 -6.07 -7.39 36.60
N ILE A 8 -6.57 -6.45 35.79
CA ILE A 8 -6.31 -5.04 35.97
C ILE A 8 -7.60 -4.26 35.74
N ASN A 9 -7.66 -3.03 36.30
CA ASN A 9 -8.95 -2.38 36.49
C ASN A 9 -8.99 -0.90 36.10
N GLY A 10 -8.23 -0.47 35.11
CA GLY A 10 -8.57 0.89 34.66
C GLY A 10 -8.10 1.99 35.56
N ASP A 11 -8.33 1.88 36.86
CA ASP A 11 -7.58 2.71 37.79
C ASP A 11 -6.08 2.44 37.65
N LEU A 12 -5.69 1.17 37.71
CA LEU A 12 -4.31 0.78 37.48
C LEU A 12 -3.88 1.10 36.05
N ILE A 13 -4.77 0.91 35.08
CA ILE A 13 -4.44 1.26 33.70
C ILE A 13 -4.03 2.73 33.63
N THR A 14 -4.91 3.62 34.10
CA THR A 14 -4.63 5.04 33.97
C THR A 14 -3.39 5.43 34.77
N ARG A 15 -3.25 4.89 35.99
CA ARG A 15 -2.04 5.18 36.77
C ARG A 15 -0.80 4.72 36.02
N SER A 16 -0.87 3.59 35.34
CA SER A 16 0.27 3.04 34.62
C SER A 16 0.62 3.91 33.42
N TRP A 17 -0.40 4.35 32.68
CA TRP A 17 -0.13 5.26 31.57
C TRP A 17 0.47 6.58 32.06
N SER A 18 -0.09 7.15 33.13
CA SER A 18 0.49 8.33 33.75
C SER A 18 1.97 8.09 34.07
N ALA A 19 2.26 6.98 34.76
CA ALA A 19 3.63 6.71 35.17
C ALA A 19 4.54 6.52 33.96
N SER A 20 4.01 5.90 32.91
CA SER A 20 4.76 5.79 31.66
C SER A 20 5.17 7.16 31.15
N LYS A 21 4.19 8.08 31.00
CA LYS A 21 4.51 9.44 30.59
C LYS A 21 5.62 10.02 31.44
N GLN A 22 5.50 9.85 32.77
CA GLN A 22 6.51 10.39 33.68
C GLN A 22 7.90 9.79 33.44
N ALA A 23 7.95 8.52 33.01
CA ALA A 23 9.25 7.88 32.74
C ALA A 23 10.01 8.52 31.58
N TYR A 24 9.38 9.34 30.77
CA TYR A 24 10.13 10.01 29.72
C TYR A 24 11.15 10.94 30.34
N LEU A 25 10.73 11.73 31.30
CA LEU A 25 11.61 12.65 31.96
C LEU A 25 12.72 11.97 32.72
N THR A 26 12.42 10.88 33.38
CA THR A 26 13.40 10.15 34.17
C THR A 26 14.40 9.38 33.36
N GLU A 27 15.54 9.09 33.96
CA GLU A 27 16.50 8.28 33.26
C GLU A 27 16.29 6.83 33.59
N ARG A 28 16.03 6.01 32.57
CA ARG A 28 15.84 4.57 32.70
C ARG A 28 14.54 4.13 33.37
N TYR A 29 14.31 4.54 34.60
CA TYR A 29 13.08 4.19 35.29
C TYR A 29 12.51 5.21 36.28
N HIS A 30 11.20 5.16 36.51
CA HIS A 30 10.55 6.00 37.50
C HIS A 30 9.74 5.16 38.46
N LYS A 31 9.86 5.36 39.76
CA LYS A 31 9.00 4.65 40.70
C LYS A 31 7.89 5.54 41.18
N GLU A 32 6.73 4.98 41.40
CA GLU A 32 5.55 5.75 41.76
C GLU A 32 4.72 4.95 42.75
N GLU A 33 4.64 5.39 44.01
CA GLU A 33 3.85 4.68 45.01
C GLU A 33 2.47 5.32 45.10
N ALA A 34 1.44 4.50 44.98
CA ALA A 34 0.03 4.90 45.04
C ALA A 34 -0.60 3.95 46.05
N GLY A 35 -0.62 4.36 47.32
CA GLY A 35 -1.06 3.46 48.37
C GLY A 35 -0.23 2.19 48.35
N ALA A 36 -0.92 1.05 48.25
CA ALA A 36 -0.31 -0.26 48.29
C ALA A 36 0.13 -0.74 46.90
N VAL A 37 0.17 0.14 45.91
CA VAL A 37 0.59 -0.19 44.55
C VAL A 37 1.90 0.55 44.29
N VAL A 38 2.91 -0.17 43.78
CA VAL A 38 4.22 0.41 43.46
C VAL A 38 4.48 0.19 41.99
N ILE A 39 4.59 1.27 41.22
CA ILE A 39 4.65 1.22 39.77
C ILE A 39 6.08 1.55 39.36
N PHE A 40 6.69 0.64 38.60
CA PHE A 40 7.96 0.94 37.93
C PHE A 40 7.64 1.18 36.46
N ALA A 41 7.97 2.37 35.97
CA ALA A 41 7.75 2.73 34.58
C ALA A 41 9.09 2.97 33.92
N PHE A 42 9.26 2.46 32.71
CA PHE A 42 10.59 2.45 32.10
C PHE A 42 10.66 3.47 30.96
N GLN A 43 11.79 4.18 30.90
CA GLN A 43 11.95 5.22 29.89
C GLN A 43 12.05 4.62 28.49
N PRO A 44 11.24 5.08 27.54
CA PRO A 44 11.45 4.71 26.14
C PRO A 44 12.75 5.27 25.62
N SER A 45 13.18 4.74 24.47
CA SER A 45 14.28 5.27 23.70
C SER A 45 13.88 5.29 22.24
N PHE A 46 14.41 6.25 21.50
CA PHE A 46 14.05 6.40 20.09
C PHE A 46 15.27 6.41 19.20
N SER A 47 16.40 5.92 19.69
CA SER A 47 17.58 5.69 18.87
C SER A 47 17.48 4.30 18.25
N GLU A 48 18.14 4.12 17.11
CA GLU A 48 18.12 2.79 16.48
C GLU A 48 18.90 1.78 17.31
N LYS A 49 19.96 2.23 18.00
CA LYS A 49 20.71 1.35 18.89
C LYS A 49 19.83 0.64 19.92
N ASP A 50 18.67 1.22 20.24
CA ASP A 50 17.80 0.68 21.28
C ASP A 50 16.80 -0.34 20.75
N PHE A 51 16.75 -0.55 19.44
CA PHE A 51 15.98 -1.64 18.87
C PHE A 51 16.85 -2.70 18.22
N PHE A 52 17.88 -2.28 17.49
CA PHE A 52 18.79 -3.16 16.77
C PHE A 52 20.20 -2.89 17.28
N ASP A 53 20.71 -3.78 18.11
CA ASP A 53 21.97 -3.54 18.79
C ASP A 53 23.11 -3.45 17.77
N PRO A 54 24.00 -2.45 17.91
CA PRO A 54 25.12 -2.31 16.95
C PRO A 54 26.05 -3.52 16.88
N ASP A 55 26.38 -4.14 18.02
CA ASP A 55 27.25 -5.31 18.01
C ASP A 55 26.57 -6.59 17.55
N ASN A 56 25.24 -6.64 17.55
CA ASN A 56 24.51 -7.86 17.25
C ASN A 56 24.51 -8.10 15.74
N LYS A 57 25.10 -9.24 15.31
CA LYS A 57 25.28 -9.47 13.88
C LYS A 57 24.03 -10.02 13.20
N SER A 58 23.09 -10.59 13.95
CA SER A 58 21.91 -11.22 13.36
C SER A 58 21.00 -10.18 12.68
N SER A 59 20.04 -10.68 11.91
CA SER A 59 19.15 -9.87 11.08
C SER A 59 18.00 -9.24 11.86
N PHE A 60 17.82 -9.60 13.12
CA PHE A 60 16.67 -9.12 13.88
C PHE A 60 17.06 -8.70 15.28
N GLY A 61 18.36 -8.54 15.55
CA GLY A 61 18.80 -8.08 16.86
C GLY A 61 18.51 -9.02 18.00
N GLU A 62 18.38 -10.32 17.74
CA GLU A 62 17.99 -11.26 18.78
C GLU A 62 19.21 -11.91 19.44
N ILE A 63 19.01 -12.33 20.69
CA ILE A 63 20.00 -13.06 21.47
C ILE A 63 19.27 -14.09 22.30
N LYS A 64 19.96 -15.18 22.62
CA LYS A 64 19.38 -16.19 23.49
C LYS A 64 19.48 -15.76 24.94
N LEU A 65 18.41 -16.00 25.69
CA LEU A 65 18.48 -15.74 27.12
C LEU A 65 19.54 -16.63 27.75
N ASN A 66 20.12 -16.16 28.84
CA ASN A 66 21.01 -17.01 29.60
C ASN A 66 20.21 -18.05 30.38
N ARG A 67 20.52 -19.33 30.15
CA ARG A 67 19.72 -20.41 30.74
C ARG A 67 19.80 -20.41 32.26
N VAL A 68 20.84 -19.81 32.84
CA VAL A 68 21.05 -19.92 34.27
C VAL A 68 20.27 -18.87 35.04
N GLN A 69 20.10 -17.64 34.53
CA GLN A 69 19.32 -16.73 35.34
C GLN A 69 17.88 -16.61 34.86
N PHE A 70 17.54 -17.23 33.73
CA PHE A 70 16.17 -17.29 33.22
C PHE A 70 15.79 -18.76 33.01
N PRO A 71 15.89 -19.58 34.06
CA PRO A 71 15.77 -21.03 33.87
C PRO A 71 14.40 -21.50 33.43
N CYS A 72 13.38 -20.66 33.48
CA CYS A 72 12.09 -21.10 33.00
C CYS A 72 11.85 -20.73 31.53
N MET A 73 12.66 -19.83 30.97
CA MET A 73 12.42 -19.33 29.61
C MET A 73 13.05 -20.27 28.58
N ARG A 74 12.40 -21.41 28.41
CA ARG A 74 12.89 -22.46 27.52
C ARG A 74 11.76 -23.47 27.34
N LYS A 75 11.98 -24.39 26.41
CA LYS A 75 11.19 -25.61 26.35
C LYS A 75 11.88 -26.63 27.24
N ILE A 76 11.15 -27.18 28.20
CA ILE A 76 11.72 -28.08 29.20
C ILE A 76 12.27 -29.34 28.55
N GLY A 77 11.39 -30.18 28.00
CA GLY A 77 11.85 -31.44 27.43
C GLY A 77 12.92 -31.24 26.37
N LYS A 78 12.66 -30.37 25.42
CA LYS A 78 13.58 -30.14 24.31
C LYS A 78 14.87 -29.48 24.78
N GLY A 79 14.80 -28.63 25.81
CA GLY A 79 15.96 -27.93 26.29
C GLY A 79 16.19 -26.54 25.71
N ASP A 80 15.56 -26.19 24.58
CA ASP A 80 15.92 -24.98 23.86
C ASP A 80 15.43 -23.72 24.59
N VAL A 81 16.31 -22.70 24.67
CA VAL A 81 16.03 -21.50 25.46
C VAL A 81 15.31 -20.44 24.62
N ALA A 82 14.57 -19.58 25.32
CA ALA A 82 13.92 -18.43 24.71
C ALA A 82 14.94 -17.45 24.12
N THR A 83 14.48 -16.69 23.13
CA THR A 83 15.27 -15.65 22.50
C THR A 83 14.53 -14.33 22.64
N VAL A 84 15.29 -13.25 22.88
CA VAL A 84 14.73 -11.90 23.10
C VAL A 84 15.57 -10.89 22.33
N ASN A 85 15.03 -9.68 22.24
CA ASN A 85 15.72 -8.54 21.64
C ASN A 85 16.91 -8.16 22.51
N GLU A 86 18.12 -8.20 21.95
CA GLU A 86 19.31 -7.95 22.78
C GLU A 86 19.32 -6.54 23.37
N ALA A 87 18.96 -5.52 22.58
CA ALA A 87 18.98 -4.15 23.08
C ALA A 87 18.04 -3.97 24.27
N PHE A 88 16.81 -4.47 24.16
CA PHE A 88 15.89 -4.38 25.29
C PHE A 88 16.50 -5.05 26.51
N LEU A 89 17.10 -6.23 26.31
CA LEU A 89 17.66 -6.97 27.42
C LEU A 89 18.81 -6.20 28.06
N LYS A 90 19.65 -5.56 27.26
CA LYS A 90 20.76 -4.79 27.81
C LYS A 90 20.23 -3.60 28.60
N ASN A 91 19.15 -2.97 28.11
CA ASN A 91 18.51 -1.92 28.90
C ASN A 91 18.12 -2.44 30.28
N LEU A 92 17.39 -3.55 30.31
CA LEU A 92 17.02 -4.17 31.58
C LEU A 92 18.23 -4.41 32.46
N GLU A 93 19.33 -4.91 31.87
CA GLU A 93 20.53 -5.23 32.63
C GLU A 93 21.12 -3.97 33.26
N ALA A 94 21.17 -2.87 32.49
CA ALA A 94 21.63 -1.60 33.05
C ALA A 94 20.74 -1.15 34.20
N ILE A 95 19.44 -1.47 34.15
CA ILE A 95 18.57 -1.00 35.23
C ILE A 95 18.73 -1.86 36.48
N ILE A 96 18.81 -3.19 36.32
CA ILE A 96 18.92 -4.04 37.50
C ILE A 96 20.33 -4.04 38.08
N ASP A 97 21.28 -3.46 37.37
CA ASP A 97 22.63 -3.25 37.89
C ASP A 97 22.55 -2.67 39.31
N PRO A 98 23.29 -3.23 40.27
CA PRO A 98 23.21 -2.74 41.66
C PRO A 98 23.54 -1.27 41.82
N ARG A 99 24.22 -0.64 40.87
CA ARG A 99 24.47 0.80 40.96
C ARG A 99 23.20 1.63 40.87
N THR A 100 22.04 1.03 40.62
CA THR A 100 20.76 1.71 40.67
C THR A 100 19.96 1.23 41.87
N SER A 101 18.87 1.92 42.14
CA SER A 101 18.02 1.59 43.27
C SER A 101 16.98 0.52 42.94
N PHE A 102 16.86 0.16 41.66
CA PHE A 102 15.76 -0.67 41.19
C PHE A 102 15.56 -1.92 42.03
N GLN A 103 16.64 -2.67 42.28
CA GLN A 103 16.46 -3.95 42.97
C GLN A 103 16.08 -3.73 44.43
N ALA A 104 16.71 -2.75 45.09
CA ALA A 104 16.36 -2.47 46.47
C ALA A 104 14.92 -1.98 46.58
N SER A 105 14.49 -1.13 45.62
CA SER A 105 13.10 -0.70 45.64
C SER A 105 12.15 -1.87 45.46
N VAL A 106 12.49 -2.80 44.56
CA VAL A 106 11.64 -3.97 44.35
C VAL A 106 11.58 -4.82 45.62
N GLU A 107 12.72 -5.09 46.22
CA GLU A 107 12.74 -5.93 47.43
C GLU A 107 11.94 -5.29 48.55
N MET A 108 12.05 -3.98 48.67
CA MET A 108 11.27 -3.26 49.67
C MET A 108 9.77 -3.33 49.40
N ALA A 109 9.36 -3.18 48.15
CA ALA A 109 7.93 -3.37 47.86
C ALA A 109 7.48 -4.81 48.12
N VAL A 110 8.31 -5.80 47.90
CA VAL A 110 7.95 -7.20 48.17
C VAL A 110 7.77 -7.50 49.65
N ARG A 111 8.66 -7.02 50.47
CA ARG A 111 8.59 -7.24 51.88
C ARG A 111 7.32 -6.61 52.42
N SER A 112 6.97 -5.46 51.89
CA SER A 112 5.75 -4.80 52.29
C SER A 112 4.49 -5.39 51.67
N ARG A 113 4.62 -6.39 50.80
CA ARG A 113 3.45 -7.06 50.21
C ARG A 113 2.60 -6.09 49.39
N LYS A 114 3.22 -5.09 48.79
CA LYS A 114 2.49 -4.21 47.89
C LYS A 114 2.42 -4.83 46.50
N GLN A 115 1.44 -4.39 45.72
CA GLN A 115 1.36 -4.87 44.35
C GLN A 115 2.41 -4.15 43.51
N ILE A 116 3.22 -4.94 42.80
CA ILE A 116 4.23 -4.39 41.90
C ILE A 116 3.70 -4.42 40.47
N VAL A 117 3.89 -3.30 39.77
CA VAL A 117 3.49 -3.10 38.38
C VAL A 117 4.71 -2.64 37.60
N PHE A 118 4.88 -3.19 36.41
CA PHE A 118 5.88 -2.74 35.44
C PHE A 118 5.11 -2.25 34.21
N THR A 119 5.29 -0.97 33.88
CA THR A 119 4.68 -0.38 32.68
C THR A 119 5.77 0.28 31.85
N GLY A 120 5.37 0.60 30.63
CA GLY A 120 6.14 1.47 29.78
C GLY A 120 5.33 1.75 28.54
N HIS A 121 5.73 2.81 27.84
CA HIS A 121 5.24 3.10 26.50
C HIS A 121 6.34 2.73 25.52
N SER A 122 5.95 2.19 24.37
CA SER A 122 6.91 1.99 23.30
C SER A 122 8.03 1.11 23.86
N SER A 123 9.31 1.44 23.68
CA SER A 123 10.34 0.49 24.09
C SER A 123 10.42 0.36 25.60
N GLY A 124 9.94 1.35 26.35
CA GLY A 124 9.84 1.17 27.80
C GLY A 124 8.94 0.00 28.12
N GLY A 125 7.83 -0.12 27.40
CA GLY A 125 7.02 -1.32 27.49
C GLY A 125 7.83 -2.57 27.30
N ALA A 126 8.67 -2.60 26.26
CA ALA A 126 9.50 -3.77 26.06
C ALA A 126 10.29 -4.04 27.34
N THR A 127 10.99 -3.02 27.85
CA THR A 127 11.76 -3.24 29.07
C THR A 127 10.87 -3.80 30.16
N ALA A 128 9.65 -3.28 30.25
CA ALA A 128 8.73 -3.71 31.30
C ALA A 128 8.48 -5.20 31.20
N ILE A 129 8.13 -5.67 30.00
CA ILE A 129 7.97 -7.11 29.78
C ILE A 129 9.16 -7.86 30.36
N LEU A 130 10.37 -7.47 29.95
CA LEU A 130 11.55 -8.18 30.42
C LEU A 130 11.66 -8.07 31.92
N ALA A 131 11.44 -6.86 32.46
CA ALA A 131 11.58 -6.70 33.90
C ALA A 131 10.62 -7.65 34.60
N THR A 132 9.42 -7.80 34.06
CA THR A 132 8.47 -8.70 34.69
C THR A 132 9.04 -10.11 34.80
N VAL A 133 9.59 -10.64 33.70
CA VAL A 133 10.02 -12.02 33.79
C VAL A 133 11.20 -12.10 34.76
N TRP A 134 12.09 -11.08 34.75
CA TRP A 134 13.17 -11.11 35.74
C TRP A 134 12.59 -11.25 37.13
N TYR A 135 11.59 -10.42 37.44
CA TYR A 135 10.91 -10.50 38.74
C TYR A 135 10.30 -11.88 38.93
N LEU A 136 9.59 -12.37 37.90
CA LEU A 136 9.02 -13.71 37.98
C LEU A 136 10.09 -14.74 38.30
N GLU A 137 11.30 -14.57 37.73
CA GLU A 137 12.34 -15.56 37.99
C GLU A 137 12.96 -15.38 39.37
N LYS A 138 13.08 -14.14 39.86
CA LYS A 138 13.80 -13.96 41.13
C LYS A 138 12.90 -14.08 42.35
N TYR A 139 11.68 -13.58 42.28
CA TYR A 139 10.83 -13.56 43.46
C TYR A 139 9.60 -14.44 43.32
N PHE A 140 8.92 -14.46 42.17
CA PHE A 140 7.62 -15.13 42.15
C PHE A 140 7.76 -16.65 42.20
N ILE A 141 8.61 -17.21 41.31
CA ILE A 141 8.71 -18.68 41.21
C ILE A 141 9.21 -19.25 42.53
N ARG A 142 10.11 -18.54 43.20
CA ARG A 142 10.35 -18.78 44.62
C ARG A 142 9.10 -18.35 45.35
N ASN A 143 8.54 -19.23 46.17
CA ASN A 143 7.52 -18.82 47.14
C ASN A 143 6.40 -17.96 46.55
N PRO A 144 5.59 -18.46 45.62
CA PRO A 144 4.54 -17.63 45.01
C PRO A 144 3.30 -17.43 45.87
N ASN A 145 2.85 -16.17 45.92
CA ASN A 145 1.71 -15.73 46.70
C ASN A 145 0.87 -14.80 45.82
N VAL A 146 -0.42 -14.69 46.13
CA VAL A 146 -1.26 -13.73 45.41
C VAL A 146 -0.73 -12.31 45.64
N TYR A 147 -0.32 -12.01 46.88
CA TYR A 147 0.26 -10.71 47.19
C TYR A 147 1.43 -10.37 46.28
N LEU A 148 2.04 -11.39 45.68
CA LEU A 148 3.38 -11.27 45.13
C LEU A 148 3.33 -11.35 43.61
N GLU A 149 2.17 -11.65 43.04
CA GLU A 149 1.99 -11.61 41.61
C GLU A 149 2.33 -10.22 41.07
N PRO A 150 3.01 -10.12 39.95
CA PRO A 150 3.25 -8.81 39.36
C PRO A 150 2.13 -8.44 38.41
N ARG A 151 2.18 -7.23 37.88
CA ARG A 151 1.33 -6.90 36.75
C ARG A 151 2.20 -6.16 35.75
N CYS A 152 2.17 -6.57 34.49
CA CYS A 152 2.88 -5.88 33.43
C CYS A 152 1.87 -5.25 32.47
N VAL A 153 2.02 -3.95 32.24
CA VAL A 153 1.07 -3.20 31.43
C VAL A 153 1.88 -2.38 30.45
N THR A 154 1.73 -2.64 29.17
CA THR A 154 2.50 -1.90 28.17
C THR A 154 1.57 -1.17 27.23
N PHE A 155 2.09 -0.09 26.65
CA PHE A 155 1.36 0.68 25.65
C PHE A 155 2.23 0.80 24.39
N GLY A 156 1.70 0.33 23.26
CA GLY A 156 2.45 0.40 22.01
C GLY A 156 3.85 -0.18 22.08
N ALA A 157 4.01 -1.26 22.86
CA ALA A 157 5.32 -1.87 23.00
C ALA A 157 5.70 -2.63 21.71
N PRO A 158 6.97 -2.62 21.35
CA PRO A 158 7.41 -3.53 20.29
C PRO A 158 7.39 -4.96 20.81
N LEU A 159 7.42 -5.92 19.88
CA LEU A 159 7.56 -7.33 20.25
C LEU A 159 8.94 -7.57 20.85
N VAL A 160 9.04 -8.59 21.71
CA VAL A 160 10.19 -8.78 22.59
C VAL A 160 10.81 -10.16 22.49
N GLY A 161 9.97 -11.20 22.54
CA GLY A 161 10.43 -12.56 22.61
C GLY A 161 9.99 -13.36 21.39
N ASP A 162 10.51 -14.56 21.30
CA ASP A 162 10.19 -15.45 20.20
C ASP A 162 9.15 -16.46 20.66
N SER A 163 8.94 -17.52 19.88
CA SER A 163 7.84 -18.42 20.15
C SER A 163 8.11 -19.26 21.39
N ILE A 164 9.38 -19.54 21.69
CA ILE A 164 9.70 -20.26 22.91
C ILE A 164 9.41 -19.40 24.13
N PHE A 165 9.92 -18.15 24.12
CA PHE A 165 9.56 -17.16 25.13
C PHE A 165 8.07 -17.17 25.47
N SER A 166 7.23 -16.98 24.46
CA SER A 166 5.79 -17.04 24.66
C SER A 166 5.37 -18.39 25.25
N HIS A 167 5.87 -19.49 24.67
CA HIS A 167 5.58 -20.81 25.17
C HIS A 167 5.84 -20.89 26.68
N ALA A 168 6.99 -20.37 27.11
CA ALA A 168 7.42 -20.52 28.50
C ALA A 168 6.53 -19.70 29.41
N LEU A 169 6.24 -18.45 29.05
CA LEU A 169 5.27 -17.72 29.85
C LEU A 169 3.97 -18.52 29.96
N GLY A 170 3.60 -19.20 28.87
CA GLY A 170 2.42 -20.04 28.91
C GLY A 170 2.54 -21.18 29.91
N ARG A 171 3.66 -21.91 29.87
CA ARG A 171 3.77 -23.11 30.67
C ARG A 171 3.88 -22.76 32.15
N GLU A 172 4.61 -21.71 32.49
CA GLU A 172 4.68 -21.29 33.88
C GLU A 172 3.38 -20.68 34.36
N LYS A 173 2.39 -20.52 33.47
CA LYS A 173 1.14 -19.85 33.83
C LYS A 173 1.38 -18.38 34.17
N TRP A 174 2.45 -17.78 33.64
CA TRP A 174 2.77 -16.39 33.87
C TRP A 174 2.12 -15.44 32.86
N SER A 175 1.67 -15.92 31.69
CA SER A 175 1.24 -14.95 30.69
C SER A 175 0.00 -14.18 31.11
N ARG A 176 -0.75 -14.65 32.12
CA ARG A 176 -1.89 -13.89 32.61
C ARG A 176 -1.45 -12.53 33.14
N PHE A 177 -0.20 -12.41 33.58
CA PHE A 177 0.32 -11.18 34.16
C PHE A 177 0.61 -10.07 33.15
N PHE A 178 0.46 -10.32 31.85
CA PHE A 178 0.92 -9.39 30.83
C PHE A 178 -0.29 -8.87 30.05
N VAL A 179 -0.46 -7.54 30.04
CA VAL A 179 -1.47 -6.88 29.24
C VAL A 179 -0.79 -5.84 28.35
N ASN A 180 -0.94 -5.99 27.04
CA ASN A 180 -0.26 -5.15 26.06
C ASN A 180 -1.32 -4.42 25.24
N PHE A 181 -1.40 -3.11 25.41
CA PHE A 181 -2.37 -2.30 24.69
C PHE A 181 -1.82 -1.84 23.38
N VAL A 182 -2.48 -2.19 22.31
CA VAL A 182 -2.08 -1.73 21.02
C VAL A 182 -3.20 -1.05 20.28
N SER A 183 -2.98 0.18 19.84
CA SER A 183 -3.93 0.86 18.99
C SER A 183 -3.84 0.18 17.67
N ARG A 184 -4.88 0.18 16.89
CA ARG A 184 -4.88 -0.64 15.70
C ARG A 184 -3.84 -0.39 14.65
N PHE A 185 -3.53 0.84 14.35
CA PHE A 185 -2.48 1.13 13.39
C PHE A 185 -1.06 1.40 13.91
N ASP A 186 -0.80 1.33 15.21
CA ASP A 186 0.53 1.70 15.65
C ASP A 186 1.57 0.78 15.08
N ILE A 187 2.58 1.38 14.49
CA ILE A 187 3.68 0.66 13.88
C ILE A 187 4.59 -0.10 14.82
N VAL A 188 4.88 0.46 15.97
CA VAL A 188 5.86 -0.13 16.85
C VAL A 188 5.63 -1.59 17.13
N PRO A 189 4.42 -1.99 17.50
CA PRO A 189 4.27 -3.44 17.68
C PRO A 189 4.66 -4.24 16.44
N ARG A 190 4.73 -3.61 15.28
CA ARG A 190 5.09 -4.32 14.06
C ARG A 190 6.58 -4.26 13.71
N ILE A 191 7.30 -3.22 14.16
CA ILE A 191 8.64 -2.95 13.59
C ILE A 191 9.51 -4.20 13.63
N MET A 192 9.53 -4.88 14.79
CA MET A 192 10.46 -5.99 14.98
C MET A 192 10.04 -7.25 14.23
N LEU A 193 8.93 -7.21 13.49
CA LEU A 193 8.68 -8.24 12.50
C LEU A 193 9.46 -8.01 11.21
N ALA A 194 10.17 -6.89 11.07
CA ALA A 194 10.90 -6.64 9.83
C ALA A 194 12.38 -6.91 10.01
N ARG A 195 13.02 -7.32 8.92
CA ARG A 195 14.47 -7.53 8.93
C ARG A 195 15.17 -6.19 9.08
N LYS A 196 16.23 -6.18 9.90
CA LYS A 196 17.05 -5.00 10.09
C LYS A 196 17.35 -4.31 8.76
N ALA A 197 17.69 -5.10 7.75
CA ALA A 197 18.12 -4.50 6.49
C ALA A 197 16.96 -3.93 5.70
N SER A 198 15.71 -4.25 6.07
CA SER A 198 14.58 -3.72 5.32
C SER A 198 14.22 -2.31 5.73
N VAL A 199 14.65 -1.86 6.91
CA VAL A 199 14.15 -0.62 7.51
C VAL A 199 15.31 0.25 7.97
N GLU A 200 16.52 -0.31 8.03
CA GLU A 200 17.66 0.45 8.56
C GLU A 200 17.85 1.79 7.86
N GLU A 201 17.49 1.88 6.58
CA GLU A 201 17.58 3.17 5.88
C GLU A 201 16.62 4.20 6.47
N THR A 202 15.40 3.78 6.85
CA THR A 202 14.34 4.70 7.22
C THR A 202 13.94 4.63 8.69
N LEU A 203 14.59 3.79 9.47
CA LEU A 203 14.23 3.58 10.85
C LEU A 203 14.57 4.79 11.72
N PRO A 204 15.77 5.35 11.56
CA PRO A 204 16.13 6.51 12.40
C PRO A 204 15.19 7.68 12.23
N HIS A 205 14.80 7.98 10.99
CA HIS A 205 13.89 9.10 10.75
C HIS A 205 12.54 8.84 11.41
N VAL A 206 11.99 7.62 11.23
CA VAL A 206 10.62 7.44 11.71
C VAL A 206 10.63 7.29 13.22
N LEU A 207 11.73 6.77 13.77
CA LEU A 207 11.90 6.75 15.21
C LEU A 207 11.95 8.16 15.78
N ALA A 208 12.70 9.05 15.12
CA ALA A 208 12.68 10.47 15.51
C ALA A 208 11.27 11.03 15.42
N GLN A 209 10.57 10.74 14.32
CA GLN A 209 9.19 11.20 14.18
C GLN A 209 8.30 10.63 15.28
N LEU A 210 8.62 9.45 15.80
CA LEU A 210 7.85 8.83 16.87
C LEU A 210 8.17 9.45 18.23
N ASP A 211 9.39 9.97 18.37
CA ASP A 211 9.82 10.64 19.61
C ASP A 211 9.01 11.91 19.80
N PRO A 212 8.20 12.02 20.86
CA PRO A 212 7.39 13.23 21.02
C PRO A 212 8.23 14.46 21.38
N ARG A 213 9.37 14.26 22.04
CA ARG A 213 10.38 15.31 22.24
C ARG A 213 11.29 15.40 21.01
N LYS A 214 10.70 15.71 19.86
CA LYS A 214 11.46 15.74 18.62
C LYS A 214 11.46 17.13 18.02
N SER A 215 12.45 17.35 17.16
CA SER A 215 12.43 18.51 16.29
C SER A 215 11.39 18.37 15.19
N SER A 216 11.17 17.13 14.71
CA SER A 216 10.46 16.87 13.44
C SER A 216 10.95 17.79 12.33
N VAL A 217 12.25 18.14 12.38
CA VAL A 217 12.86 19.05 11.40
C VAL A 217 12.46 18.66 9.98
N GLN A 218 12.85 17.49 9.54
CA GLN A 218 12.35 16.92 8.30
C GLN A 218 11.10 16.13 8.63
N GLU A 219 9.99 16.47 7.99
CA GLU A 219 8.80 15.63 8.07
C GLU A 219 8.67 15.00 6.69
N SER A 220 9.27 13.80 6.59
CA SER A 220 9.35 13.15 5.28
C SER A 220 8.34 12.11 4.98
N GLU A 221 7.68 12.30 3.86
CA GLU A 221 6.65 11.40 3.48
C GLU A 221 7.17 10.11 2.97
N GLN A 222 8.12 10.19 2.06
CA GLN A 222 8.60 8.99 1.43
C GLN A 222 9.24 8.09 2.42
N ARG A 223 10.00 8.65 3.34
CA ARG A 223 10.65 7.85 4.34
C ARG A 223 9.65 7.14 5.22
N ILE A 224 8.65 7.86 5.70
CA ILE A 224 7.61 7.18 6.48
C ILE A 224 6.88 6.15 5.62
N THR A 225 6.51 6.53 4.41
CA THR A 225 5.77 5.60 3.58
C THR A 225 6.63 4.37 3.24
N GLU A 226 7.90 4.60 2.90
CA GLU A 226 8.87 3.53 2.70
C GLU A 226 8.92 2.60 3.89
N PHE A 227 9.14 3.17 5.07
CA PHE A 227 9.25 2.41 6.30
C PHE A 227 8.03 1.53 6.48
N TYR A 228 6.84 2.13 6.42
CA TYR A 228 5.62 1.36 6.58
C TYR A 228 5.58 0.21 5.57
N THR A 229 5.89 0.49 4.31
CA THR A 229 5.78 -0.53 3.27
C THR A 229 6.70 -1.71 3.56
N ARG A 230 7.94 -1.42 3.94
CA ARG A 230 8.87 -2.49 4.24
C ARG A 230 8.41 -3.29 5.45
N VAL A 231 8.02 -2.59 6.53
CA VAL A 231 7.57 -3.28 7.72
C VAL A 231 6.44 -4.24 7.39
N MET A 232 5.40 -3.74 6.72
CA MET A 232 4.23 -4.60 6.49
C MET A 232 4.54 -5.72 5.52
N ARG A 233 5.42 -5.47 4.54
CA ARG A 233 5.78 -6.56 3.64
C ARG A 233 6.48 -7.69 4.37
N ASP A 234 7.47 -7.36 5.20
CA ASP A 234 8.09 -8.41 6.00
C ASP A 234 7.08 -9.06 6.94
N THR A 235 6.16 -8.27 7.52
CA THR A 235 5.16 -8.81 8.43
C THR A 235 4.27 -9.82 7.72
N SER A 236 3.84 -9.49 6.50
CA SER A 236 3.04 -10.44 5.74
C SER A 236 3.79 -11.75 5.54
N THR A 237 5.07 -11.68 5.31
CA THR A 237 5.82 -12.87 5.07
C THR A 237 5.83 -13.78 6.29
N VAL A 238 6.04 -13.20 7.46
CA VAL A 238 6.04 -13.97 8.67
C VAL A 238 4.68 -14.61 8.92
N ALA A 239 3.64 -13.85 8.70
CA ALA A 239 2.31 -14.36 8.88
C ALA A 239 1.94 -15.47 7.96
N ASN A 240 2.33 -15.36 6.73
CA ASN A 240 2.08 -16.40 5.77
C ASN A 240 2.80 -17.70 6.11
N GLN A 241 4.02 -17.60 6.59
CA GLN A 241 4.75 -18.77 7.01
C GLN A 241 4.07 -19.42 8.16
N ALA A 242 3.58 -18.63 9.06
CA ALA A 242 2.86 -19.16 10.17
C ALA A 242 1.59 -19.89 9.78
N VAL A 243 0.86 -19.37 8.83
CA VAL A 243 -0.33 -20.03 8.35
C VAL A 243 0.07 -21.37 7.83
N CYS A 244 1.10 -21.39 7.03
CA CYS A 244 1.57 -22.62 6.43
C CYS A 244 2.02 -23.63 7.49
N GLU A 245 2.65 -23.20 8.54
CA GLU A 245 3.17 -24.06 9.58
C GLU A 245 2.27 -24.40 10.77
N LEU A 246 1.06 -23.90 10.82
CA LEU A 246 0.21 -24.07 11.98
C LEU A 246 -0.19 -25.48 12.37
N THR A 247 -0.51 -26.31 11.40
CA THR A 247 -1.01 -27.63 11.69
C THR A 247 -0.05 -28.76 11.85
N GLY A 248 1.25 -28.55 11.70
CA GLY A 248 2.16 -29.67 11.67
C GLY A 248 2.04 -30.38 10.35
N SER A 249 1.60 -29.66 9.34
CA SER A 249 1.41 -30.19 8.01
C SER A 249 2.67 -30.54 7.30
N ALA A 250 2.57 -31.42 6.33
CA ALA A 250 3.73 -31.70 5.52
C ALA A 250 4.00 -30.37 4.88
N GLU A 251 5.25 -29.98 4.86
CA GLU A 251 5.57 -28.64 4.41
C GLU A 251 6.58 -28.58 3.29
N ALA A 252 6.56 -29.51 2.36
CA ALA A 252 7.68 -29.60 1.43
C ALA A 252 8.10 -28.49 0.50
N PHE A 253 7.21 -27.80 -0.19
CA PHE A 253 7.64 -26.64 -0.95
C PHE A 253 8.10 -25.55 0.00
N LEU A 254 7.40 -25.40 1.10
CA LEU A 254 7.79 -24.42 2.10
C LEU A 254 9.21 -24.68 2.51
N GLU A 255 9.51 -25.91 2.84
CA GLU A 255 10.90 -26.20 3.12
C GLU A 255 11.78 -25.70 2.00
N THR A 256 11.40 -26.03 0.76
CA THR A 256 12.19 -25.56 -0.38
C THR A 256 12.39 -24.05 -0.33
N LEU A 257 11.30 -23.31 -0.11
CA LEU A 257 11.31 -21.85 -0.08
C LEU A 257 12.20 -21.31 1.03
N SER A 258 12.33 -22.03 2.14
CA SER A 258 13.06 -21.50 3.29
C SER A 258 14.43 -20.96 2.92
N SER A 259 15.08 -21.50 1.88
CA SER A 259 16.42 -21.00 1.52
C SER A 259 16.39 -19.55 1.08
N PHE A 260 15.23 -19.06 0.64
CA PHE A 260 15.11 -17.72 0.07
C PHE A 260 14.29 -16.79 0.96
N LEU A 261 13.93 -17.23 2.15
CA LEU A 261 13.17 -16.40 3.06
C LEU A 261 13.98 -16.25 4.34
N GLU A 262 13.84 -15.09 4.98
CA GLU A 262 14.50 -14.84 6.26
C GLU A 262 13.51 -14.10 7.15
N LEU A 263 12.91 -14.79 8.11
CA LEU A 263 11.72 -14.30 8.81
C LEU A 263 12.04 -14.01 10.27
N SER A 264 11.50 -12.90 10.76
CA SER A 264 11.72 -12.47 12.14
C SER A 264 11.24 -13.54 13.11
N PRO A 265 11.94 -13.75 14.22
CA PRO A 265 11.51 -14.74 15.21
C PRO A 265 10.55 -14.23 16.28
N TYR A 266 10.27 -12.92 16.34
CA TYR A 266 9.53 -12.39 17.48
C TYR A 266 8.03 -12.74 17.43
N ARG A 267 7.47 -13.04 18.60
CA ARG A 267 6.06 -13.41 18.66
C ARG A 267 5.35 -12.64 19.76
N PRO A 268 4.04 -12.41 19.65
CA PRO A 268 3.34 -11.73 20.74
C PRO A 268 3.43 -12.55 22.02
N ALA A 269 3.79 -11.89 23.12
CA ALA A 269 3.81 -12.50 24.45
C ALA A 269 2.84 -11.76 25.37
N GLY A 270 1.94 -12.52 26.01
CA GLY A 270 0.97 -11.97 26.93
C GLY A 270 -0.36 -11.70 26.25
N THR A 271 -1.28 -11.14 27.02
CA THR A 271 -2.54 -10.72 26.46
C THR A 271 -2.38 -9.42 25.69
N PHE A 272 -3.01 -9.35 24.51
CA PHE A 272 -3.01 -8.15 23.71
C PHE A 272 -4.41 -7.57 23.71
N VAL A 273 -4.51 -6.25 23.83
CA VAL A 273 -5.80 -5.56 23.79
C VAL A 273 -5.73 -4.57 22.64
N PHE A 274 -6.37 -4.92 21.53
CA PHE A 274 -6.45 -4.05 20.37
C PHE A 274 -7.51 -2.98 20.62
N SER A 275 -7.19 -1.75 20.27
CA SER A 275 -8.08 -0.61 20.48
C SER A 275 -8.42 0.05 19.15
N THR A 276 -9.71 0.23 18.90
CA THR A 276 -10.20 1.11 17.86
C THR A 276 -11.09 2.18 18.51
N GLU A 277 -11.70 3.03 17.68
CA GLU A 277 -12.60 4.04 18.24
C GLU A 277 -13.78 3.37 18.93
N LYS A 278 -14.25 2.26 18.38
CA LYS A 278 -15.39 1.56 18.95
C LYS A 278 -15.00 0.54 20.03
N ARG A 279 -13.98 -0.30 19.78
CA ARG A 279 -13.82 -1.53 20.55
C ARG A 279 -12.51 -1.58 21.32
N LEU A 280 -12.56 -2.32 22.43
CA LEU A 280 -11.39 -2.91 23.06
C LEU A 280 -11.53 -4.43 22.91
N VAL A 281 -10.60 -5.05 22.19
CA VAL A 281 -10.67 -6.47 21.84
C VAL A 281 -9.49 -7.16 22.50
N ALA A 282 -9.77 -8.03 23.46
CA ALA A 282 -8.73 -8.78 24.14
C ALA A 282 -8.47 -10.09 23.39
N VAL A 283 -7.20 -10.51 23.36
CA VAL A 283 -6.76 -11.68 22.61
C VAL A 283 -5.60 -12.32 23.38
N ASN A 284 -5.73 -13.61 23.67
CA ASN A 284 -4.66 -14.38 24.31
C ASN A 284 -3.77 -15.10 23.30
N ASN A 285 -4.37 -15.69 22.28
CA ASN A 285 -3.63 -16.58 21.39
C ASN A 285 -2.60 -15.82 20.57
N SER A 286 -1.32 -16.18 20.75
CA SER A 286 -0.23 -15.46 20.12
C SER A 286 -0.31 -15.51 18.59
N ASP A 287 -0.57 -16.69 18.03
CA ASP A 287 -0.65 -16.84 16.58
C ASP A 287 -1.71 -15.91 16.00
N ALA A 288 -2.89 -15.93 16.61
CA ALA A 288 -3.96 -15.05 16.19
C ALA A 288 -3.54 -13.59 16.31
N ILE A 289 -2.82 -13.25 17.39
CA ILE A 289 -2.37 -11.87 17.55
C ILE A 289 -1.47 -11.46 16.39
N LEU A 290 -0.55 -12.34 15.98
CA LEU A 290 0.36 -12.05 14.86
C LEU A 290 -0.41 -11.79 13.57
N GLN A 291 -1.28 -12.72 13.19
CA GLN A 291 -2.16 -12.46 12.05
C GLN A 291 -2.84 -11.09 12.19
N MET A 292 -3.36 -10.78 13.38
CA MET A 292 -4.07 -9.52 13.55
C MET A 292 -3.14 -8.34 13.34
N LEU A 293 -1.90 -8.47 13.80
CA LEU A 293 -0.92 -7.41 13.63
C LEU A 293 -0.78 -7.06 12.16
N PHE A 294 -0.90 -8.06 11.30
CA PHE A 294 -0.90 -7.72 9.88
C PHE A 294 -2.25 -7.18 9.41
N TYR A 295 -3.35 -7.86 9.76
CA TYR A 295 -4.62 -7.64 9.08
C TYR A 295 -5.42 -6.45 9.61
N THR A 296 -5.23 -6.07 10.87
CA THR A 296 -5.84 -4.83 11.34
C THR A 296 -5.14 -3.57 10.83
N SER A 297 -4.00 -3.68 10.14
CA SER A 297 -3.30 -2.49 9.66
C SER A 297 -3.22 -2.49 8.13
N GLN A 298 -4.36 -2.68 7.46
CA GLN A 298 -4.48 -2.66 6.02
C GLN A 298 -5.30 -1.46 5.56
N ALA A 299 -5.42 -1.30 4.24
CA ALA A 299 -6.21 -0.21 3.67
C ALA A 299 -7.18 -0.75 2.63
N SER A 300 -8.29 -0.03 2.47
CA SER A 300 -9.40 -0.40 1.59
C SER A 300 -9.35 0.27 0.23
N ASP A 301 -8.95 1.53 0.20
CA ASP A 301 -8.84 2.29 -1.03
C ASP A 301 -7.45 2.87 -1.14
N GLU A 302 -7.09 3.34 -2.30
CA GLU A 302 -5.76 3.88 -2.54
C GLU A 302 -5.47 5.09 -1.69
N GLN A 303 -6.47 5.93 -1.50
CA GLN A 303 -6.28 7.12 -0.73
C GLN A 303 -5.89 6.75 0.67
N GLU A 304 -6.51 5.74 1.20
CA GLU A 304 -6.20 5.30 2.53
C GLU A 304 -4.76 4.83 2.56
N TRP A 305 -4.32 4.17 1.51
CA TRP A 305 -3.01 3.66 1.51
C TRP A 305 -2.04 4.76 1.66
N SER A 306 -2.29 5.88 1.01
CA SER A 306 -1.42 7.00 1.19
C SER A 306 -1.42 7.48 2.59
N LEU A 307 -2.56 7.59 3.20
CA LEU A 307 -2.71 8.00 4.60
C LEU A 307 -2.18 7.11 5.70
N ILE A 308 -2.27 5.81 5.53
CA ILE A 308 -1.98 4.87 6.63
C ILE A 308 -0.60 4.92 7.21
N PRO A 309 0.42 5.11 6.39
CA PRO A 309 1.69 5.10 7.06
C PRO A 309 1.73 6.21 8.11
N PHE A 310 1.19 7.37 7.82
CA PHE A 310 1.09 8.44 8.79
C PHE A 310 0.21 8.19 10.03
N ARG A 311 -0.94 7.56 9.88
CA ARG A 311 -1.75 7.24 11.04
C ARG A 311 -0.96 6.23 11.81
N SER A 312 -0.29 5.38 11.10
CA SER A 312 0.60 4.41 11.73
C SER A 312 1.61 5.07 12.66
N ILE A 313 1.98 6.32 12.48
CA ILE A 313 2.90 6.97 13.40
C ILE A 313 2.17 7.69 14.52
N ARG A 314 1.11 8.38 14.18
CA ARG A 314 0.33 9.10 15.16
C ARG A 314 -0.30 8.19 16.16
N ASP A 315 -0.79 7.06 15.71
CA ASP A 315 -1.50 6.20 16.63
C ASP A 315 -0.56 5.68 17.66
N HIS A 316 0.73 5.76 17.44
CA HIS A 316 1.62 5.39 18.53
C HIS A 316 1.43 6.29 19.74
N HIS A 317 0.67 7.39 19.59
CA HIS A 317 0.42 8.34 20.67
C HIS A 317 -1.06 8.47 20.97
N SER A 318 -1.84 7.46 20.59
CA SER A 318 -3.27 7.34 20.83
C SER A 318 -3.60 6.85 22.26
N TYR A 319 -2.61 6.73 23.13
CA TYR A 319 -2.85 5.99 24.37
C TYR A 319 -3.49 6.85 25.46
N GLU A 320 -3.29 8.18 25.44
CA GLU A 320 -4.11 9.06 26.27
C GLU A 320 -5.60 8.91 25.93
N GLU A 321 -5.93 9.04 24.64
CA GLU A 321 -7.30 8.78 24.20
C GLU A 321 -7.81 7.45 24.76
N LEU A 322 -7.04 6.38 24.56
CA LEU A 322 -7.47 5.05 24.98
C LEU A 322 -7.75 5.03 26.49
N VAL A 323 -6.80 5.51 27.28
CA VAL A 323 -6.97 5.54 28.72
C VAL A 323 -8.21 6.35 29.12
N GLN A 324 -8.53 7.40 28.36
CA GLN A 324 -9.67 8.24 28.73
C GLN A 324 -11.00 7.71 28.23
N SER A 325 -11.01 6.80 27.25
CA SER A 325 -12.25 6.38 26.61
C SER A 325 -12.61 4.93 26.90
N MET A 326 -12.12 4.35 28.00
CA MET A 326 -12.34 2.92 28.22
C MET A 326 -13.82 2.59 28.45
N GLY A 327 -14.53 3.44 29.19
CA GLY A 327 -15.95 3.20 29.41
C GLY A 327 -16.80 3.44 28.18
N LYS A 328 -16.25 4.08 27.17
CA LYS A 328 -16.99 4.42 25.98
C LYS A 328 -16.80 3.40 24.88
N LYS A 329 -16.22 2.25 25.20
CA LYS A 329 -15.82 1.29 24.18
C LYS A 329 -16.48 -0.05 24.44
N LEU A 330 -16.59 -0.84 23.38
CA LEU A 330 -17.31 -2.11 23.43
C LEU A 330 -16.26 -3.19 23.73
N PHE A 331 -16.26 -3.75 24.94
CA PHE A 331 -15.23 -4.71 25.31
C PHE A 331 -15.63 -6.14 25.00
N ASN A 332 -14.69 -6.90 24.46
CA ASN A 332 -14.92 -8.33 24.24
C ASN A 332 -13.60 -9.09 24.32
N HIS A 333 -13.74 -10.39 24.36
CA HIS A 333 -12.64 -11.33 24.44
C HIS A 333 -12.69 -12.17 23.16
N LEU A 334 -11.74 -11.93 22.24
CA LEU A 334 -11.77 -12.65 20.97
C LEU A 334 -11.83 -14.16 21.20
N ASP A 335 -10.86 -14.68 21.94
CA ASP A 335 -10.65 -16.10 22.19
C ASP A 335 -11.92 -16.83 22.65
N GLY A 336 -12.84 -16.08 23.26
CA GLY A 336 -14.00 -16.70 23.89
C GLY A 336 -15.33 -16.61 23.17
N GLU A 337 -15.45 -15.83 22.12
CA GLU A 337 -16.75 -15.61 21.50
C GLU A 337 -16.93 -16.48 20.27
N ASN A 338 -18.13 -17.04 20.12
CA ASN A 338 -18.39 -18.03 19.08
C ASN A 338 -18.41 -17.43 17.69
N SER A 339 -18.58 -16.12 17.57
CA SER A 339 -18.52 -15.46 16.26
C SER A 339 -17.58 -14.26 16.36
N ILE A 340 -16.39 -14.41 15.80
CA ILE A 340 -15.44 -13.30 15.72
C ILE A 340 -15.72 -12.38 14.53
N GLU A 341 -16.68 -12.71 13.67
CA GLU A 341 -16.77 -12.01 12.39
C GLU A 341 -16.94 -10.51 12.57
N SER A 342 -17.96 -10.08 13.32
CA SER A 342 -18.15 -8.64 13.45
C SER A 342 -17.04 -8.00 14.26
N THR A 343 -16.50 -8.72 15.23
CA THR A 343 -15.38 -8.17 16.00
C THR A 343 -14.24 -7.80 15.08
N LEU A 344 -13.86 -8.72 14.17
CA LEU A 344 -12.70 -8.48 13.31
C LEU A 344 -13.06 -7.57 12.14
N ASN A 345 -14.32 -7.57 11.71
CA ASN A 345 -14.76 -6.57 10.75
C ASN A 345 -14.55 -5.17 11.30
N ASP A 346 -14.97 -4.93 12.55
CA ASP A 346 -14.72 -3.60 13.11
C ASP A 346 -13.24 -3.29 13.27
N LEU A 347 -12.35 -4.24 12.97
CA LEU A 347 -10.91 -4.00 13.00
C LEU A 347 -10.31 -4.05 11.61
N GLY A 348 -11.14 -4.01 10.57
CA GLY A 348 -10.66 -3.98 9.21
C GLY A 348 -10.08 -5.26 8.67
N VAL A 349 -10.18 -6.35 9.41
CA VAL A 349 -9.63 -7.63 8.96
C VAL A 349 -10.47 -8.14 7.80
N SER A 350 -9.80 -8.47 6.69
CA SER A 350 -10.44 -9.10 5.54
C SER A 350 -11.01 -10.47 5.93
N THR A 351 -11.85 -11.01 5.07
CA THR A 351 -12.43 -12.31 5.32
C THR A 351 -11.37 -13.37 5.46
N ARG A 352 -10.39 -13.35 4.60
CA ARG A 352 -9.31 -14.27 4.70
C ARG A 352 -8.54 -14.07 5.98
N GLY A 353 -8.34 -12.82 6.37
CA GLY A 353 -7.67 -12.52 7.62
C GLY A 353 -8.46 -13.19 8.69
N ARG A 354 -9.76 -13.03 8.69
CA ARG A 354 -10.56 -13.84 9.62
C ARG A 354 -10.17 -15.30 9.58
N GLN A 355 -10.09 -15.88 8.38
CA GLN A 355 -9.90 -17.33 8.34
C GLN A 355 -8.54 -17.71 8.88
N TYR A 356 -7.53 -16.87 8.65
CA TYR A 356 -6.23 -17.09 9.28
C TYR A 356 -6.32 -16.99 10.80
N VAL A 357 -6.91 -15.89 11.31
CA VAL A 357 -7.02 -15.73 12.76
C VAL A 357 -7.80 -16.89 13.37
N GLN A 358 -8.94 -17.21 12.75
CA GLN A 358 -9.78 -18.35 13.10
C GLN A 358 -8.98 -19.64 13.18
N ALA A 359 -8.24 -19.96 12.12
CA ALA A 359 -7.43 -21.16 12.13
C ALA A 359 -6.47 -21.17 13.31
N ALA A 360 -5.81 -20.03 13.59
CA ALA A 360 -4.93 -19.96 14.75
C ALA A 360 -5.68 -20.34 16.04
N LEU A 361 -6.87 -19.78 16.23
CA LEU A 361 -7.62 -20.07 17.45
C LEU A 361 -8.06 -21.53 17.49
N GLU A 362 -8.53 -22.04 16.35
CA GLU A 362 -8.90 -23.44 16.24
C GLU A 362 -7.71 -24.35 16.53
N GLU A 363 -6.51 -23.91 16.16
CA GLU A 363 -5.33 -24.71 16.45
C GLU A 363 -5.14 -24.84 17.95
N GLU A 364 -5.39 -23.77 18.70
CA GLU A 364 -5.37 -23.94 20.15
C GLU A 364 -6.45 -24.91 20.62
N LYS A 365 -7.66 -24.81 20.05
CA LYS A 365 -8.68 -25.77 20.50
C LYS A 365 -8.27 -27.20 20.19
N LYS A 366 -7.54 -27.41 19.11
CA LYS A 366 -7.13 -28.77 18.81
C LYS A 366 -6.00 -29.22 19.71
N ARG A 367 -5.12 -28.32 20.13
CA ARG A 367 -4.13 -28.71 21.12
C ARG A 367 -4.82 -29.18 22.40
N VAL A 368 -5.87 -28.47 22.82
CA VAL A 368 -6.66 -28.87 23.99
C VAL A 368 -7.31 -30.23 23.77
N GLU A 369 -7.94 -30.42 22.62
CA GLU A 369 -8.52 -31.72 22.29
C GLU A 369 -7.49 -32.86 22.38
N ASN A 370 -6.29 -32.64 21.84
CA ASN A 370 -5.23 -33.64 21.96
C ASN A 370 -4.90 -33.92 23.42
N GLN A 371 -4.90 -32.88 24.25
CA GLN A 371 -4.66 -33.13 25.68
C GLN A 371 -5.73 -34.06 26.26
N LYS A 372 -7.00 -33.81 25.93
CA LYS A 372 -8.03 -34.65 26.49
C LYS A 372 -7.89 -36.09 26.01
N LYS A 373 -7.50 -36.28 24.78
CA LYS A 373 -7.29 -37.61 24.31
C LYS A 373 -6.15 -38.34 25.04
N ILE A 374 -5.05 -37.67 25.28
CA ILE A 374 -3.97 -38.30 25.99
C ILE A 374 -4.40 -38.64 27.39
N ILE A 375 -5.13 -37.75 28.00
CA ILE A 375 -5.54 -37.95 29.35
C ILE A 375 -6.46 -39.15 29.46
N GLN A 376 -7.35 -39.31 28.52
CA GLN A 376 -8.18 -40.47 28.60
C GLN A 376 -7.38 -41.77 28.50
N VAL A 377 -6.41 -41.86 27.61
CA VAL A 377 -5.62 -43.05 27.50
C VAL A 377 -4.82 -43.36 28.75
N ILE A 378 -4.21 -42.35 29.32
CA ILE A 378 -3.43 -42.51 30.54
C ILE A 378 -4.34 -42.94 31.66
N GLU A 379 -5.54 -42.41 31.71
CA GLU A 379 -6.54 -42.77 32.70
C GLU A 379 -7.05 -44.18 32.63
N GLN A 380 -7.07 -44.78 31.45
CA GLN A 380 -7.60 -46.11 31.29
C GLN A 380 -6.90 -47.16 32.09
N GLU A 381 -7.66 -48.11 32.60
CA GLU A 381 -7.13 -49.16 33.46
C GLU A 381 -6.15 -50.06 32.79
N ARG A 382 -6.41 -50.36 31.54
CA ARG A 382 -5.53 -51.22 30.85
C ARG A 382 -4.16 -50.57 30.79
N PHE A 383 -4.04 -49.27 30.57
CA PHE A 383 -2.74 -48.63 30.64
C PHE A 383 -2.16 -48.70 32.02
N LEU A 384 -2.97 -48.43 32.99
CA LEU A 384 -2.54 -48.42 34.36
C LEU A 384 -2.07 -49.76 34.84
N LYS A 385 -2.76 -50.80 34.41
CA LYS A 385 -2.46 -52.15 34.84
C LYS A 385 -1.08 -52.57 34.45
N LYS A 386 -0.63 -52.16 33.28
CA LYS A 386 0.64 -52.56 32.84
C LYS A 386 1.70 -52.07 33.77
N LEU A 387 1.60 -50.86 34.23
CA LEU A 387 2.53 -50.37 35.22
C LEU A 387 2.39 -51.15 36.50
N ALA A 388 1.19 -51.43 36.89
CA ALA A 388 0.93 -52.21 38.09
C ALA A 388 1.48 -53.61 38.05
N TRP A 389 1.35 -54.27 36.92
CA TRP A 389 1.87 -55.59 36.80
C TRP A 389 3.33 -55.53 36.89
N ILE A 390 3.92 -54.59 36.18
CA ILE A 390 5.37 -54.50 36.34
C ILE A 390 5.73 -54.27 37.81
N GLU A 391 4.90 -53.50 38.52
CA GLU A 391 5.23 -53.01 39.85
C GLU A 391 4.88 -54.00 40.97
N ASP A 392 3.73 -54.68 40.87
CA ASP A 392 3.20 -55.53 41.92
C ASP A 392 3.42 -57.01 41.67
N GLU A 393 3.65 -57.39 40.42
CA GLU A 393 3.77 -58.81 40.06
C GLU A 393 5.16 -59.13 39.53
N TYR A 394 5.58 -58.50 38.44
CA TYR A 394 6.90 -58.79 37.88
C TYR A 394 8.00 -58.57 38.91
N LYS A 395 8.02 -57.39 39.54
CA LYS A 395 9.14 -57.05 40.42
C LYS A 395 9.16 -57.94 41.66
N PRO A 396 8.06 -58.14 42.40
CA PRO A 396 8.12 -59.06 43.55
C PRO A 396 8.62 -60.45 43.17
N LYS A 397 8.04 -61.02 42.11
CA LYS A 397 8.44 -62.36 41.70
C LYS A 397 9.92 -62.40 41.32
N CYS A 398 10.41 -61.37 40.61
CA CYS A 398 11.80 -61.37 40.17
C CYS A 398 12.75 -61.18 41.34
N GLN A 399 12.31 -60.41 42.35
CA GLN A 399 13.08 -60.32 43.59
C GLN A 399 13.16 -61.68 44.28
N ALA A 400 12.04 -62.42 44.31
CA ALA A 400 12.05 -63.75 44.90
C ALA A 400 13.07 -64.66 44.21
N HIS A 401 13.13 -64.63 42.88
CA HIS A 401 14.20 -65.37 42.22
C HIS A 401 15.59 -64.90 42.63
N LYS A 402 15.69 -63.77 43.35
CA LYS A 402 16.90 -63.25 43.97
C LYS A 402 17.90 -62.69 42.97
N ASN A 403 17.47 -62.31 41.77
CA ASN A 403 18.31 -61.47 40.91
C ASN A 403 17.68 -60.12 40.58
N GLY A 404 16.39 -59.91 40.86
CA GLY A 404 15.73 -58.66 40.53
C GLY A 404 15.26 -58.63 39.08
N TYR A 405 14.44 -57.61 38.79
CA TYR A 405 13.74 -57.62 37.51
C TYR A 405 14.67 -57.12 36.41
N TYR A 406 15.66 -56.29 36.74
CA TYR A 406 16.63 -55.93 35.74
C TYR A 406 17.31 -57.18 35.16
N ASP A 407 18.00 -57.96 36.01
CA ASP A 407 18.69 -59.15 35.48
C ASP A 407 17.70 -60.20 35.00
N SER A 408 16.58 -60.38 35.69
CA SER A 408 15.61 -61.33 35.21
C SER A 408 15.18 -60.99 33.78
N PHE A 409 14.78 -59.74 33.54
CA PHE A 409 14.51 -59.31 32.17
C PHE A 409 15.71 -59.59 31.27
N LYS A 410 16.92 -59.43 31.79
CA LYS A 410 18.05 -59.53 30.88
C LYS A 410 18.29 -61.01 30.55
N VAL A 411 18.05 -61.89 31.52
CA VAL A 411 18.08 -63.34 31.32
C VAL A 411 16.65 -63.74 31.01
N SER A 412 16.29 -63.75 29.74
CA SER A 412 14.87 -63.65 29.45
C SER A 412 14.31 -65.07 29.34
N ASN A 413 14.22 -65.71 30.54
CA ASN A 413 13.94 -67.14 30.75
C ASN A 413 12.47 -67.52 30.61
N GLU A 414 11.59 -66.73 31.21
CA GLU A 414 10.24 -67.14 31.51
C GLU A 414 9.22 -66.35 30.70
N GLU A 415 8.00 -66.87 30.67
CA GLU A 415 6.94 -66.16 29.97
C GLU A 415 6.75 -64.78 30.58
N ASN A 416 6.92 -64.66 31.89
CA ASN A 416 6.75 -63.36 32.52
C ASN A 416 7.74 -62.35 31.95
N ASP A 417 8.95 -62.78 31.62
CA ASP A 417 9.91 -61.87 31.01
C ASP A 417 9.39 -61.37 29.67
N PHE A 418 8.77 -62.25 28.88
CA PHE A 418 8.21 -61.86 27.60
C PHE A 418 7.07 -60.87 27.80
N LYS A 419 6.22 -61.13 28.80
CA LYS A 419 5.11 -60.22 29.06
C LYS A 419 5.65 -58.87 29.47
N ALA A 420 6.76 -58.88 30.22
CA ALA A 420 7.41 -57.65 30.64
C ALA A 420 7.92 -56.88 29.43
N ASN A 421 8.56 -57.59 28.49
CA ASN A 421 9.06 -56.91 27.30
C ASN A 421 7.91 -56.33 26.47
N VAL A 422 6.78 -57.05 26.40
CA VAL A 422 5.64 -56.60 25.60
C VAL A 422 4.99 -55.37 26.23
N LYS A 423 4.74 -55.41 27.55
CA LYS A 423 4.30 -54.22 28.26
C LYS A 423 5.24 -53.05 28.01
N ARG A 424 6.55 -53.33 28.02
CA ARG A 424 7.55 -52.28 27.84
C ARG A 424 7.40 -51.64 26.47
N ALA A 425 7.18 -52.45 25.42
CA ALA A 425 7.01 -51.89 24.08
C ALA A 425 5.68 -51.13 23.96
N GLU A 426 4.61 -51.64 24.57
CA GLU A 426 3.32 -50.97 24.45
C GLU A 426 3.35 -49.61 25.13
N LEU A 427 3.98 -49.56 26.31
CA LEU A 427 4.14 -48.30 27.02
C LEU A 427 5.03 -47.35 26.23
N ALA A 428 6.10 -47.88 25.64
CA ALA A 428 6.94 -47.01 24.84
C ALA A 428 6.10 -46.36 23.75
N GLY A 429 5.22 -47.14 23.11
CA GLY A 429 4.38 -46.57 22.07
C GLY A 429 3.52 -45.44 22.58
N VAL A 430 2.90 -45.63 23.75
CA VAL A 430 2.04 -44.59 24.30
C VAL A 430 2.84 -43.30 24.57
N PHE A 431 4.00 -43.45 25.19
CA PHE A 431 4.75 -42.25 25.55
C PHE A 431 5.47 -41.65 24.36
N ASP A 432 5.81 -42.45 23.35
CA ASP A 432 6.34 -41.93 22.09
C ASP A 432 5.26 -41.16 21.34
N GLU A 433 3.99 -41.52 21.51
CA GLU A 433 2.96 -40.72 20.87
C GLU A 433 2.82 -39.37 21.58
N VAL A 434 2.81 -39.39 22.92
CA VAL A 434 2.79 -38.10 23.62
C VAL A 434 3.97 -37.24 23.19
N LEU A 435 5.17 -37.84 23.14
CA LEU A 435 6.37 -37.08 22.79
C LEU A 435 6.29 -36.56 21.35
N GLY A 436 5.70 -37.36 20.46
CA GLY A 436 5.45 -36.85 19.12
C GLY A 436 4.71 -35.53 19.18
N LEU A 437 3.63 -35.49 19.97
CA LEU A 437 2.82 -34.27 19.98
C LEU A 437 3.56 -33.11 20.66
N MET A 438 4.28 -33.39 21.75
CA MET A 438 5.05 -32.32 22.40
C MET A 438 6.10 -31.73 21.45
N LYS A 439 6.81 -32.59 20.72
CA LYS A 439 7.86 -32.13 19.81
C LYS A 439 7.31 -31.13 18.79
N LYS A 440 6.13 -31.39 18.23
CA LYS A 440 5.50 -30.52 17.25
C LYS A 440 4.66 -29.41 17.86
N CYS A 441 4.70 -29.24 19.18
CA CYS A 441 3.96 -28.17 19.85
C CYS A 441 2.46 -28.28 19.59
N GLN A 442 1.93 -29.50 19.63
CA GLN A 442 0.51 -29.75 19.41
C GLN A 442 -0.23 -30.12 20.69
N LEU A 443 0.39 -29.91 21.84
CA LEU A 443 -0.25 -29.89 23.14
C LEU A 443 -0.26 -28.47 23.68
N PRO A 444 -1.16 -28.14 24.60
CA PRO A 444 -1.14 -26.80 25.20
C PRO A 444 0.20 -26.54 25.87
N ASP A 445 0.52 -25.25 26.05
CA ASP A 445 1.79 -24.91 26.66
C ASP A 445 1.90 -25.43 28.08
N GLU A 446 0.77 -25.54 28.79
CA GLU A 446 0.79 -25.95 30.18
C GLU A 446 1.17 -27.42 30.36
N PHE A 447 1.15 -28.21 29.29
CA PHE A 447 1.21 -29.66 29.44
C PHE A 447 2.45 -30.09 30.22
N GLU A 448 3.64 -29.63 29.80
CA GLU A 448 4.85 -30.11 30.45
C GLU A 448 4.92 -29.67 31.91
N GLY A 449 4.16 -28.64 32.30
CA GLY A 449 4.12 -28.31 33.70
C GLY A 449 3.05 -29.03 34.48
N ASP A 450 2.21 -29.82 33.83
CA ASP A 450 1.08 -30.44 34.49
C ASP A 450 1.53 -31.51 35.46
N ILE A 451 1.18 -31.34 36.75
CA ILE A 451 1.75 -32.20 37.79
C ILE A 451 1.28 -33.65 37.65
N ASP A 452 0.02 -33.86 37.29
CA ASP A 452 -0.41 -35.24 37.10
C ASP A 452 0.43 -35.92 36.03
N TRP A 453 0.70 -35.21 34.94
CA TRP A 453 1.50 -35.77 33.86
C TRP A 453 2.93 -36.02 34.31
N ILE A 454 3.52 -35.03 34.98
CA ILE A 454 4.86 -35.17 35.54
C ILE A 454 4.93 -36.42 36.44
N LYS A 455 3.89 -36.65 37.24
CA LYS A 455 3.95 -37.78 38.17
C LYS A 455 3.84 -39.09 37.43
N LEU A 456 2.96 -39.15 36.43
CA LEU A 456 2.82 -40.38 35.67
C LEU A 456 4.11 -40.69 34.92
N ALA A 457 4.67 -39.69 34.24
CA ALA A 457 5.91 -39.92 33.53
C ALA A 457 7.03 -40.32 34.48
N THR A 458 7.07 -39.73 35.67
CA THR A 458 8.15 -40.07 36.56
C THR A 458 8.01 -41.51 37.04
N ARG A 459 6.79 -41.91 37.39
CA ARG A 459 6.58 -43.31 37.75
C ARG A 459 7.00 -44.22 36.60
N TYR A 460 6.51 -43.93 35.40
CA TYR A 460 6.87 -44.73 34.22
C TYR A 460 8.39 -44.76 34.01
N ARG A 461 9.05 -43.59 34.08
CA ARG A 461 10.50 -43.57 33.85
C ARG A 461 11.22 -44.45 34.87
N ARG A 462 10.98 -44.17 36.16
CA ARG A 462 11.65 -44.94 37.20
C ARG A 462 11.41 -46.44 37.02
N LEU A 463 10.21 -46.81 36.58
CA LEU A 463 9.87 -48.24 36.57
C LEU A 463 10.41 -48.94 35.34
N VAL A 464 10.37 -48.29 34.18
CA VAL A 464 10.55 -48.97 32.91
C VAL A 464 11.84 -48.57 32.21
N GLU A 465 12.38 -47.37 32.44
CA GLU A 465 13.70 -47.13 31.87
C GLU A 465 14.66 -48.24 32.24
N PRO A 466 14.69 -48.75 33.48
CA PRO A 466 15.56 -49.91 33.77
C PRO A 466 15.31 -51.07 32.83
N LEU A 467 14.05 -51.30 32.45
CA LEU A 467 13.77 -52.38 31.53
C LEU A 467 14.25 -52.06 30.11
N ASP A 468 14.18 -50.80 29.68
CA ASP A 468 14.72 -50.52 28.35
C ASP A 468 16.24 -50.59 28.34
N ILE A 469 16.90 -50.29 29.46
CA ILE A 469 18.35 -50.50 29.52
C ILE A 469 18.69 -51.99 29.49
N ALA A 470 17.97 -52.79 30.27
CA ALA A 470 18.10 -54.24 30.19
C ALA A 470 17.92 -54.72 28.75
N ASN A 471 16.91 -54.20 28.07
CA ASN A 471 16.66 -54.63 26.70
C ASN A 471 17.81 -54.25 25.79
N TYR A 472 18.28 -53.01 25.90
CA TYR A 472 19.44 -52.56 25.14
C TYR A 472 20.62 -53.54 25.29
N HIS A 473 20.91 -53.98 26.52
CA HIS A 473 22.15 -54.72 26.71
C HIS A 473 21.98 -56.23 26.51
N ARG A 474 20.90 -56.82 27.03
CA ARG A 474 20.71 -58.27 26.88
C ARG A 474 20.92 -58.71 25.43
N HIS A 475 20.59 -57.87 24.47
CA HIS A 475 20.68 -58.22 23.06
C HIS A 475 21.79 -57.47 22.35
N LEU A 476 22.76 -56.91 23.10
CA LEU A 476 23.98 -56.35 22.52
C LEU A 476 23.72 -55.16 21.58
N LYS A 477 22.71 -54.34 21.87
CA LYS A 477 22.55 -53.11 21.07
C LYS A 477 23.65 -52.09 21.39
N ASN A 478 24.15 -52.08 22.63
CA ASN A 478 25.29 -51.24 22.96
C ASN A 478 26.48 -51.52 22.05
N GLU A 479 26.64 -52.77 21.62
CA GLU A 479 27.72 -53.11 20.70
C GLU A 479 27.41 -52.77 19.25
N ASP A 480 26.20 -52.32 18.95
CA ASP A 480 25.83 -51.91 17.59
C ASP A 480 25.83 -50.40 17.44
N THR A 481 25.23 -49.74 18.41
CA THR A 481 25.00 -48.31 18.35
C THR A 481 25.54 -47.58 19.53
N GLY A 482 26.49 -48.19 20.20
CA GLY A 482 27.12 -47.53 21.30
C GLY A 482 26.52 -47.59 22.65
N PRO A 483 27.10 -46.83 23.54
CA PRO A 483 26.56 -46.76 24.89
C PRO A 483 25.19 -46.14 24.91
N TYR A 484 24.36 -46.60 25.80
CA TYR A 484 22.99 -46.15 25.85
C TYR A 484 22.88 -44.69 26.12
N MET A 485 23.70 -44.16 26.99
CA MET A 485 23.56 -42.77 27.37
C MET A 485 23.85 -41.83 26.24
N LYS A 486 24.47 -42.29 25.18
CA LYS A 486 24.60 -41.40 24.06
C LYS A 486 23.62 -41.53 22.87
N ARG A 487 23.39 -42.70 22.33
CA ARG A 487 22.57 -42.83 21.14
C ARG A 487 21.43 -43.77 21.36
N GLY A 488 21.47 -44.55 22.41
CA GLY A 488 20.35 -45.35 22.82
C GLY A 488 19.16 -44.79 23.51
N ARG A 489 19.41 -43.89 24.44
CA ARG A 489 18.33 -43.41 25.30
C ARG A 489 17.15 -42.82 24.59
N PRO A 490 15.99 -43.40 24.86
CA PRO A 490 14.78 -42.80 24.28
C PRO A 490 14.53 -41.38 24.80
N THR A 491 14.17 -40.50 23.87
CA THR A 491 13.90 -39.12 24.22
C THR A 491 12.73 -39.01 25.20
N ARG A 492 11.79 -39.94 25.16
CA ARG A 492 10.68 -39.88 26.09
C ARG A 492 11.21 -39.80 27.53
N TYR A 493 12.32 -40.49 27.81
CA TYR A 493 12.85 -40.56 29.18
C TYR A 493 13.54 -39.24 29.55
N ILE A 494 14.23 -38.62 28.59
CA ILE A 494 14.85 -37.32 28.85
C ILE A 494 13.78 -36.26 29.09
N TYR A 495 12.74 -36.25 28.27
CA TYR A 495 11.64 -35.33 28.54
C TYR A 495 11.11 -35.54 29.95
N ALA A 496 10.81 -36.79 30.33
CA ALA A 496 10.27 -37.03 31.66
C ALA A 496 11.23 -36.54 32.74
N GLN A 497 12.53 -36.83 32.58
CA GLN A 497 13.51 -36.40 33.55
C GLN A 497 13.48 -34.90 33.72
N ARG A 498 13.62 -34.18 32.60
CA ARG A 498 13.68 -32.73 32.63
C ARG A 498 12.40 -32.15 33.23
N GLY A 499 11.24 -32.69 32.86
CA GLY A 499 10.00 -32.19 33.44
C GLY A 499 10.02 -32.31 34.95
N TYR A 500 10.47 -33.47 35.45
CA TYR A 500 10.52 -33.71 36.89
C TYR A 500 11.53 -32.79 37.58
N GLU A 501 12.72 -32.69 37.02
CA GLU A 501 13.75 -31.84 37.59
C GLU A 501 13.28 -30.40 37.67
N HIS A 502 12.66 -29.92 36.61
CA HIS A 502 12.19 -28.55 36.58
C HIS A 502 11.13 -28.31 37.65
N TYR A 503 10.13 -29.19 37.71
CA TYR A 503 9.08 -29.10 38.74
C TYR A 503 9.66 -29.09 40.15
N ILE A 504 10.68 -29.91 40.40
CA ILE A 504 11.23 -30.02 41.75
C ILE A 504 12.14 -28.85 42.10
N LEU A 505 12.88 -28.32 41.12
CA LEU A 505 13.98 -27.39 41.35
C LEU A 505 13.64 -25.93 41.11
N LYS A 506 12.59 -25.62 40.35
CA LYS A 506 12.36 -24.23 40.02
C LYS A 506 12.00 -23.38 41.25
N PRO A 507 11.35 -23.94 42.28
CA PRO A 507 11.08 -23.11 43.47
C PRO A 507 12.33 -22.55 44.11
N ASN A 508 13.50 -23.15 43.88
CA ASN A 508 14.74 -22.70 44.51
C ASN A 508 15.76 -22.24 43.48
N GLY A 509 15.33 -22.00 42.25
CA GLY A 509 16.13 -21.21 41.32
C GLY A 509 17.45 -21.83 40.91
N MET A 510 17.61 -23.13 41.09
CA MET A 510 18.77 -23.82 40.54
C MET A 510 18.37 -24.72 39.40
N ILE A 511 19.34 -24.99 38.53
CA ILE A 511 19.13 -25.92 37.42
C ILE A 511 19.84 -27.25 37.73
N ALA A 512 19.28 -28.31 37.16
CA ALA A 512 19.71 -29.67 37.51
C ALA A 512 21.19 -29.87 37.24
N GLU A 513 21.70 -29.36 36.12
CA GLU A 513 23.13 -29.50 35.79
C GLU A 513 24.01 -28.96 36.91
N ASP A 514 23.68 -27.77 37.41
CA ASP A 514 24.48 -27.16 38.46
C ASP A 514 24.37 -27.95 39.76
N VAL A 515 23.16 -28.41 40.10
CA VAL A 515 23.00 -29.30 41.26
C VAL A 515 23.93 -30.49 41.12
N PHE A 516 23.99 -31.06 39.91
CA PHE A 516 24.77 -32.27 39.70
C PHE A 516 26.26 -32.01 39.90
N TRP A 517 26.78 -30.98 39.23
CA TRP A 517 28.21 -30.68 39.35
C TRP A 517 28.59 -30.25 40.78
N ASN A 518 27.69 -29.60 41.52
CA ASN A 518 27.98 -29.30 42.92
C ASN A 518 28.10 -30.58 43.74
N LYS A 519 27.15 -31.51 43.57
CA LYS A 519 27.27 -32.79 44.28
C LYS A 519 28.56 -33.50 43.92
N VAL A 520 28.91 -33.50 42.63
CA VAL A 520 30.14 -34.17 42.20
C VAL A 520 31.34 -33.57 42.91
N ASN A 521 31.48 -32.23 42.86
CA ASN A 521 32.58 -31.58 43.57
C ASN A 521 32.57 -31.94 45.05
N GLY A 522 31.39 -32.01 45.67
CA GLY A 522 31.32 -32.38 47.06
C GLY A 522 31.77 -33.80 47.34
N LEU A 523 31.83 -34.64 46.30
CA LEU A 523 32.37 -35.98 46.49
C LEU A 523 33.87 -36.00 46.80
N ASN A 524 34.58 -34.89 46.58
CA ASN A 524 36.02 -34.82 46.85
C ASN A 524 36.81 -35.79 46.00
N LEU A 525 36.35 -36.02 44.77
CA LEU A 525 37.06 -36.94 43.88
C LEU A 525 38.49 -36.47 43.63
N GLY A 526 38.76 -35.18 43.80
CA GLY A 526 40.13 -34.69 43.80
C GLY A 526 40.77 -34.51 42.44
N LEU A 527 40.05 -34.74 41.35
CA LEU A 527 40.57 -34.36 40.04
C LEU A 527 40.20 -32.90 39.76
N GLN A 528 40.82 -32.32 38.73
CA GLN A 528 40.49 -30.96 38.35
C GLN A 528 39.09 -30.88 37.74
N LEU A 529 38.39 -29.77 37.99
CA LEU A 529 36.96 -29.70 37.70
C LEU A 529 36.66 -29.97 36.23
N GLU A 530 37.36 -29.32 35.32
CA GLU A 530 37.19 -29.64 33.89
C GLU A 530 37.56 -31.08 33.57
N GLU A 531 38.58 -31.62 34.21
CA GLU A 531 38.93 -33.01 33.95
C GLU A 531 37.84 -33.97 34.46
N ILE A 532 37.24 -33.69 35.62
CA ILE A 532 36.15 -34.53 36.10
C ILE A 532 34.96 -34.43 35.15
N GLN A 533 34.64 -33.21 34.72
CA GLN A 533 33.53 -32.99 33.82
C GLN A 533 33.72 -33.72 32.49
N GLU A 534 34.98 -33.87 32.06
CA GLU A 534 35.25 -34.63 30.85
C GLU A 534 35.26 -36.14 31.09
N THR A 535 35.67 -36.56 32.28
CA THR A 535 35.58 -37.97 32.65
C THR A 535 34.12 -38.42 32.78
N LEU A 536 33.24 -37.50 33.17
CA LEU A 536 31.84 -37.82 33.44
C LEU A 536 30.93 -37.49 32.27
N LYS A 537 31.48 -37.25 31.07
CA LYS A 537 30.66 -36.97 29.90
C LYS A 537 29.74 -38.14 29.59
N ASN A 538 28.47 -37.82 29.30
CA ASN A 538 27.50 -38.84 28.92
C ASN A 538 27.43 -39.96 29.97
N SER A 539 27.39 -39.55 31.23
CA SER A 539 27.52 -40.51 32.32
C SER A 539 26.20 -41.17 32.71
N GLY A 540 25.10 -40.45 32.75
CA GLY A 540 23.95 -41.11 33.35
C GLY A 540 24.10 -41.42 34.83
N SER A 541 25.17 -40.96 35.49
CA SER A 541 25.05 -40.65 36.90
C SER A 541 24.30 -39.35 37.13
N GLU A 542 23.75 -38.78 36.09
CA GLU A 542 22.91 -37.64 36.24
C GLU A 542 21.47 -38.02 36.53
N CYS A 543 21.05 -39.21 36.15
CA CYS A 543 19.71 -39.70 36.43
C CYS A 543 19.70 -41.08 37.05
N GLY A 544 18.87 -41.30 38.04
CA GLY A 544 18.70 -42.60 38.67
C GLY A 544 18.17 -43.67 37.78
N SER A 545 17.27 -43.31 36.91
CA SER A 545 16.68 -44.23 35.98
C SER A 545 17.77 -44.72 35.08
N CYS A 546 18.82 -43.97 34.92
CA CYS A 546 19.92 -44.30 34.04
C CYS A 546 21.07 -45.05 34.73
N PHE A 547 20.89 -45.46 35.95
CA PHE A 547 21.91 -46.15 36.73
C PHE A 547 22.44 -47.46 36.20
N TRP A 548 21.60 -48.31 35.66
CA TRP A 548 22.01 -49.58 35.13
C TRP A 548 22.95 -49.38 34.00
N ALA A 549 22.69 -48.38 33.21
CA ALA A 549 23.54 -48.08 32.09
C ALA A 549 24.92 -47.74 32.54
N GLU A 550 25.04 -46.99 33.61
CA GLU A 550 26.38 -46.74 34.13
C GLU A 550 27.07 -48.00 34.57
N VAL A 551 26.35 -48.88 35.24
CA VAL A 551 26.91 -50.15 35.65
C VAL A 551 27.28 -50.95 34.41
N GLU A 552 26.44 -50.92 33.38
CA GLU A 552 26.81 -51.73 32.23
C GLU A 552 28.04 -51.17 31.54
N GLU A 553 28.28 -49.87 31.67
CA GLU A 553 29.47 -49.30 31.03
C GLU A 553 30.70 -49.53 31.89
N LEU A 554 30.53 -49.64 33.21
CA LEU A 554 31.69 -49.74 34.09
C LEU A 554 32.09 -51.19 34.34
N LYS A 555 31.11 -52.09 34.43
CA LYS A 555 31.37 -53.44 34.89
C LYS A 555 32.44 -54.11 34.02
N GLY A 556 33.34 -54.84 34.66
CA GLY A 556 34.36 -55.57 33.94
C GLY A 556 35.50 -54.74 33.40
N LYS A 557 35.60 -53.47 33.76
CA LYS A 557 36.78 -52.74 33.30
C LYS A 557 37.73 -52.46 34.46
N PRO A 558 39.02 -52.30 34.19
CA PRO A 558 40.01 -52.22 35.28
C PRO A 558 39.73 -51.02 36.17
N TYR A 559 39.52 -51.32 37.46
CA TYR A 559 39.08 -50.34 38.45
C TYR A 559 39.70 -48.96 38.25
N GLU A 560 41.00 -48.91 38.02
CA GLU A 560 41.65 -47.62 37.87
C GLU A 560 41.22 -46.89 36.61
N GLU A 561 40.67 -47.60 35.61
CA GLU A 561 40.11 -46.91 34.44
C GLU A 561 38.98 -45.99 34.83
N VAL A 562 38.24 -46.35 35.87
CA VAL A 562 36.85 -45.93 36.05
C VAL A 562 36.59 -45.54 37.51
N GLU A 563 37.66 -45.25 38.26
CA GLU A 563 37.48 -44.94 39.67
C GLU A 563 36.58 -43.74 39.87
N VAL A 564 36.78 -42.68 39.09
CA VAL A 564 35.93 -41.51 39.23
C VAL A 564 34.47 -41.90 39.06
N ARG A 565 34.15 -42.65 37.99
CA ARG A 565 32.76 -42.95 37.70
C ARG A 565 32.17 -43.88 38.74
N VAL A 566 32.97 -44.84 39.22
CA VAL A 566 32.50 -45.72 40.28
C VAL A 566 32.12 -44.88 41.51
N LYS A 567 32.99 -43.93 41.86
CA LYS A 567 32.76 -43.20 43.10
C LYS A 567 31.61 -42.21 42.95
N THR A 568 31.47 -41.58 41.77
CA THR A 568 30.29 -40.74 41.51
C THR A 568 29.02 -41.55 41.64
N LEU A 569 28.99 -42.74 41.02
CA LEU A 569 27.79 -43.58 41.06
C LEU A 569 27.44 -43.92 42.50
N GLU A 570 28.42 -44.46 43.25
CA GLU A 570 28.23 -44.71 44.67
C GLU A 570 27.72 -43.46 45.38
N GLY A 571 28.31 -42.31 45.06
CA GLY A 571 28.03 -41.10 45.81
C GLY A 571 26.62 -40.62 45.64
N MET A 572 26.00 -40.88 44.48
CA MET A 572 24.63 -40.42 44.30
C MET A 572 23.58 -41.49 44.57
N LEU A 573 24.01 -42.74 44.70
CA LEU A 573 23.07 -43.82 44.99
C LEU A 573 22.25 -43.56 46.25
N GLY A 574 22.84 -42.89 47.25
CA GLY A 574 22.13 -42.68 48.50
C GLY A 574 20.87 -41.85 48.33
N GLU A 575 21.00 -40.69 47.68
CA GLU A 575 19.81 -39.89 47.41
C GLU A 575 18.90 -40.53 46.39
N TRP A 576 19.46 -41.23 45.38
CA TRP A 576 18.61 -41.98 44.45
C TRP A 576 17.65 -42.90 45.21
N ILE A 577 18.16 -43.64 46.19
CA ILE A 577 17.29 -44.50 46.97
C ILE A 577 16.32 -43.66 47.77
N THR A 578 16.81 -42.60 48.42
CA THR A 578 15.93 -41.72 49.19
C THR A 578 14.72 -41.28 48.36
N ASP A 579 14.96 -40.77 47.16
CA ASP A 579 13.90 -40.14 46.39
C ASP A 579 13.01 -41.13 45.66
N GLY A 580 13.38 -42.40 45.60
CA GLY A 580 12.63 -43.37 44.84
C GLY A 580 13.12 -43.61 43.44
N GLU A 581 14.18 -42.92 43.00
CA GLU A 581 14.74 -43.20 41.69
C GLU A 581 15.16 -44.66 41.58
N VAL A 582 15.90 -45.17 42.58
CA VAL A 582 16.45 -46.52 42.55
C VAL A 582 15.87 -47.31 43.70
N ASP A 583 15.65 -48.60 43.47
CA ASP A 583 14.91 -49.46 44.40
C ASP A 583 15.90 -50.28 45.22
N ASP A 584 15.94 -50.05 46.54
CA ASP A 584 16.89 -50.77 47.38
C ASP A 584 16.53 -52.25 47.56
N LYS A 585 15.37 -52.66 47.09
CA LYS A 585 15.04 -54.05 47.17
C LYS A 585 15.52 -54.81 45.96
N GLU A 586 15.88 -54.13 44.90
CA GLU A 586 16.42 -54.77 43.71
C GLU A 586 17.92 -54.84 43.47
N ILE A 587 18.64 -53.76 43.65
CA ILE A 587 20.08 -53.66 43.33
C ILE A 587 21.09 -54.51 44.09
N PHE A 588 20.87 -54.71 45.37
CA PHE A 588 21.84 -55.39 46.21
C PHE A 588 21.67 -56.90 46.27
N LEU A 589 20.72 -57.43 45.54
CA LEU A 589 20.47 -58.86 45.51
C LEU A 589 21.62 -59.63 44.92
N GLU A 590 21.82 -60.87 45.34
CA GLU A 590 22.98 -61.65 44.93
C GLU A 590 22.98 -61.81 43.49
N GLY A 591 21.84 -62.01 42.93
CA GLY A 591 21.69 -62.07 41.51
C GLY A 591 22.05 -60.80 40.82
N SER A 592 21.86 -59.65 41.41
CA SER A 592 22.03 -58.42 40.66
C SER A 592 23.36 -58.20 40.07
N THR A 593 23.35 -57.72 38.85
CA THR A 593 24.56 -57.50 38.13
C THR A 593 25.39 -56.47 38.85
N PHE A 594 24.72 -55.51 39.43
CA PHE A 594 25.49 -54.50 40.17
C PHE A 594 26.19 -55.12 41.38
N ARG A 595 25.47 -55.89 42.20
CA ARG A 595 26.09 -56.48 43.40
C ARG A 595 27.29 -57.35 43.02
N LYS A 596 27.12 -58.18 41.98
CA LYS A 596 28.16 -59.10 41.54
C LYS A 596 29.34 -58.37 40.92
N TRP A 597 29.10 -57.26 40.23
CA TRP A 597 30.24 -56.48 39.76
C TRP A 597 30.93 -55.77 40.92
N TRP A 598 30.17 -55.42 41.96
CA TRP A 598 30.72 -54.60 43.03
C TRP A 598 31.66 -55.43 43.91
N ILE A 599 31.23 -56.64 44.27
CA ILE A 599 32.12 -57.51 45.02
C ILE A 599 33.42 -57.78 44.27
N THR A 600 33.44 -57.65 42.94
CA THR A 600 34.68 -57.72 42.16
C THR A 600 35.63 -56.58 42.44
N LEU A 601 35.17 -55.49 43.01
CA LEU A 601 36.02 -54.31 43.16
C LEU A 601 37.08 -54.57 44.21
N PRO A 602 38.24 -53.93 44.09
CA PRO A 602 39.28 -54.05 45.10
C PRO A 602 38.77 -53.86 46.54
N LYS A 603 39.49 -54.48 47.46
CA LYS A 603 39.06 -54.48 48.85
C LYS A 603 39.04 -53.14 49.58
N ASN A 604 40.01 -52.30 49.30
CA ASN A 604 40.05 -51.03 49.96
C ASN A 604 38.86 -50.22 49.61
N HIS A 605 38.48 -50.27 48.35
CA HIS A 605 37.40 -49.46 47.90
C HIS A 605 36.20 -49.86 48.61
N LYS A 606 36.05 -51.15 48.73
CA LYS A 606 34.88 -51.64 49.37
C LYS A 606 34.81 -51.21 50.82
N SER A 607 35.93 -51.23 51.52
CA SER A 607 35.95 -50.86 52.93
C SER A 607 35.55 -49.43 53.08
N HIS A 608 36.03 -48.60 52.17
CA HIS A 608 35.75 -47.19 52.21
C HIS A 608 34.48 -46.76 51.52
N SER A 609 33.80 -47.69 50.87
CA SER A 609 32.55 -47.41 50.20
C SER A 609 31.37 -47.12 51.07
N PRO A 610 30.48 -46.25 50.63
CA PRO A 610 29.23 -45.98 51.32
C PRO A 610 28.42 -47.23 51.35
N LEU A 611 28.47 -48.04 50.31
CA LEU A 611 27.62 -49.20 50.14
C LEU A 611 27.99 -50.52 50.82
N ARG A 612 29.07 -50.59 51.58
CA ARG A 612 29.57 -51.85 52.12
C ARG A 612 28.64 -52.62 53.01
N ASP A 613 27.89 -51.94 53.84
CA ASP A 613 26.95 -52.63 54.68
C ASP A 613 25.92 -53.33 53.83
N TYR A 614 25.47 -52.72 52.75
CA TYR A 614 24.40 -53.32 51.96
C TYR A 614 24.75 -54.67 51.35
N MET A 615 25.96 -54.82 50.87
CA MET A 615 26.37 -56.07 50.23
C MET A 615 27.54 -56.77 50.93
N MET A 616 27.40 -58.05 51.19
CA MET A 616 28.51 -58.83 51.77
C MET A 616 29.57 -59.06 50.72
N ASP A 617 30.83 -59.26 51.12
CA ASP A 617 31.97 -59.52 50.22
C ASP A 617 32.52 -58.21 49.71
N GLU B 1 -11.90 -22.02 4.32
CA GLU B 1 -11.62 -22.41 5.69
C GLU B 1 -10.82 -23.72 5.79
N SER B 2 -10.66 -24.41 4.66
CA SER B 2 -9.89 -25.65 4.64
C SER B 2 -8.41 -25.35 4.85
N SER B 3 -7.76 -26.14 5.70
CA SER B 3 -6.36 -25.86 6.02
C SER B 3 -5.50 -25.93 4.75
N SER B 4 -5.92 -26.74 3.77
CA SER B 4 -5.23 -26.79 2.47
C SER B 4 -5.43 -25.51 1.65
N SER B 5 -6.65 -24.98 1.57
CA SER B 5 -6.88 -23.78 0.77
C SER B 5 -6.18 -22.58 1.39
N LEU B 6 -6.29 -22.45 2.72
CA LEU B 6 -5.52 -21.47 3.46
C LEU B 6 -4.04 -21.60 3.14
N LYS B 7 -3.49 -22.81 3.25
CA LYS B 7 -2.07 -22.98 3.01
C LYS B 7 -1.72 -22.62 1.57
N GLY B 8 -2.62 -22.92 0.63
CA GLY B 8 -2.31 -22.65 -0.77
C GLY B 8 -2.21 -21.17 -1.07
N SER B 9 -3.16 -20.39 -0.58
CA SER B 9 -3.09 -18.94 -0.81
C SER B 9 -1.92 -18.31 -0.04
N ALA B 10 -1.72 -18.72 1.22
CA ALA B 10 -0.61 -18.18 1.99
C ALA B 10 0.73 -18.52 1.35
N LEU B 11 0.84 -19.73 0.79
CA LEU B 11 2.07 -20.15 0.12
C LEU B 11 2.28 -19.39 -1.18
N GLY B 12 1.20 -19.17 -1.94
CA GLY B 12 1.32 -18.34 -3.13
C GLY B 12 1.84 -16.96 -2.81
N LYS B 13 1.24 -16.31 -1.80
CA LYS B 13 1.74 -15.01 -1.32
C LYS B 13 3.22 -15.09 -0.93
N LEU B 14 3.61 -16.13 -0.18
CA LEU B 14 5.02 -16.27 0.19
C LEU B 14 5.90 -16.28 -1.05
N VAL B 15 5.52 -17.07 -2.06
CA VAL B 15 6.36 -17.14 -3.25
C VAL B 15 6.48 -15.76 -3.89
N VAL B 16 5.34 -15.05 -4.00
CA VAL B 16 5.34 -13.76 -4.67
C VAL B 16 6.24 -12.77 -3.91
N THR B 17 6.00 -12.59 -2.62
CA THR B 17 6.83 -11.66 -1.85
C THR B 17 8.27 -12.13 -1.77
N SER B 18 8.52 -13.40 -2.11
CA SER B 18 9.86 -13.93 -2.27
C SER B 18 10.75 -13.05 -3.14
N GLY B 19 10.19 -12.50 -4.21
CA GLY B 19 11.03 -12.00 -5.26
C GLY B 19 11.67 -13.05 -6.14
N LEU B 20 11.41 -14.35 -5.91
CA LEU B 20 11.96 -15.35 -6.82
C LEU B 20 11.37 -15.21 -8.23
N LEU B 21 10.11 -14.83 -8.32
CA LEU B 21 9.48 -14.69 -9.63
C LEU B 21 10.07 -13.51 -10.40
N HIS B 22 10.26 -12.38 -9.72
CA HIS B 22 10.79 -11.21 -10.42
C HIS B 22 12.24 -11.42 -10.82
N SER B 23 13.06 -12.00 -9.94
CA SER B 23 14.42 -12.39 -10.29
C SER B 23 14.43 -13.25 -11.56
N SER B 24 13.81 -14.43 -11.45
CA SER B 24 13.81 -15.36 -12.57
C SER B 24 13.33 -14.71 -13.86
N TRP B 25 12.19 -14.02 -13.81
CA TRP B 25 11.60 -13.54 -15.05
C TRP B 25 12.43 -12.43 -15.68
N SER B 26 12.93 -11.48 -14.87
CA SER B 26 13.75 -10.44 -15.46
C SER B 26 14.99 -11.05 -16.13
N LYS B 27 15.60 -12.05 -15.55
CA LYS B 27 16.72 -12.63 -16.26
C LYS B 27 16.28 -13.27 -17.59
N ILE B 28 15.12 -13.88 -17.64
CA ILE B 28 14.63 -14.53 -18.85
C ILE B 28 14.44 -13.48 -19.94
N LEU B 29 13.97 -12.32 -19.56
CA LEU B 29 13.74 -11.25 -20.47
C LEU B 29 15.06 -10.84 -21.10
N GLU B 30 16.14 -10.95 -20.38
CA GLU B 30 17.40 -10.48 -20.89
C GLU B 30 17.97 -11.32 -22.00
N ILE B 31 17.48 -12.52 -22.18
CA ILE B 31 17.96 -13.36 -23.25
C ILE B 31 17.62 -12.74 -24.59
N HIS B 32 16.42 -12.20 -24.69
CA HIS B 32 15.97 -11.65 -25.94
C HIS B 32 15.89 -10.19 -25.90
N ASN B 33 16.15 -9.61 -24.75
CA ASN B 33 16.19 -8.17 -24.67
C ASN B 33 17.47 -7.82 -23.99
N PRO B 34 18.56 -7.93 -24.72
CA PRO B 34 19.82 -7.75 -24.01
C PRO B 34 20.01 -6.39 -23.44
N PRO B 35 20.49 -6.34 -22.21
CA PRO B 35 20.76 -5.06 -21.55
C PRO B 35 21.87 -4.20 -22.15
N TYR B 36 22.98 -4.81 -22.54
CA TYR B 36 24.08 -4.09 -23.12
C TYR B 36 24.20 -4.64 -24.50
N SER B 37 24.30 -3.76 -25.48
CA SER B 37 24.45 -4.17 -26.84
C SER B 37 25.56 -3.32 -27.35
N ASN B 38 26.26 -3.76 -28.37
CA ASN B 38 27.27 -2.92 -28.97
C ASN B 38 26.95 -2.88 -30.40
N HIS B 39 27.23 -1.77 -31.01
CA HIS B 39 26.88 -1.61 -32.38
C HIS B 39 28.02 -1.78 -33.34
N ASP B 40 29.16 -2.24 -32.88
CA ASP B 40 30.29 -2.32 -33.75
C ASP B 40 29.90 -3.28 -34.80
N PRO B 41 30.19 -2.95 -36.04
CA PRO B 41 29.83 -3.78 -37.16
C PRO B 41 30.57 -5.06 -36.99
N GLY B 42 31.78 -4.97 -36.51
CA GLY B 42 32.62 -6.14 -36.31
C GLY B 42 32.14 -7.17 -35.33
N LEU B 43 31.55 -6.77 -34.24
CA LEU B 43 31.19 -7.69 -33.18
C LEU B 43 29.84 -8.37 -33.36
N GLN B 44 29.13 -8.08 -34.41
CA GLN B 44 27.81 -8.64 -34.62
C GLN B 44 27.80 -9.68 -35.68
N VAL B 45 27.14 -10.79 -35.39
CA VAL B 45 26.99 -11.82 -36.38
C VAL B 45 26.69 -11.24 -37.74
N SER B 52 18.48 -21.01 -33.69
CA SER B 52 17.91 -22.36 -33.63
C SER B 52 18.86 -23.32 -32.91
N GLY B 53 18.39 -23.82 -31.77
CA GLY B 53 19.21 -24.53 -30.80
C GLY B 53 18.85 -24.04 -29.41
N LEU B 54 19.78 -24.20 -28.48
CA LEU B 54 19.56 -23.88 -27.07
C LEU B 54 20.36 -22.65 -26.68
N GLU B 55 19.69 -21.62 -26.20
CA GLU B 55 20.37 -20.47 -25.63
C GLU B 55 20.37 -20.60 -24.10
N PHE B 56 21.44 -20.15 -23.47
CA PHE B 56 21.52 -20.26 -22.03
C PHE B 56 22.46 -19.22 -21.49
N GLN B 57 22.19 -18.76 -20.27
CA GLN B 57 23.05 -17.79 -19.62
C GLN B 57 23.13 -18.01 -18.12
N ILE B 58 24.34 -17.92 -17.60
CA ILE B 58 24.65 -18.08 -16.19
C ILE B 58 24.79 -16.70 -15.56
N HIS B 59 24.13 -16.49 -14.43
CA HIS B 59 24.22 -15.24 -13.67
C HIS B 59 24.72 -15.63 -12.29
N ARG B 60 26.02 -15.41 -12.05
CA ARG B 60 26.62 -15.72 -10.74
C ARG B 60 26.49 -14.49 -9.86
N GLU B 61 25.30 -14.35 -9.26
CA GLU B 61 25.00 -13.26 -8.35
C GLU B 61 25.71 -13.48 -7.02
N GLU B 62 25.49 -12.57 -6.06
CA GLU B 62 26.23 -12.65 -4.80
C GLU B 62 25.70 -13.73 -3.87
N LYS B 63 24.39 -13.78 -3.61
CA LYS B 63 23.89 -14.83 -2.73
C LYS B 63 23.07 -15.89 -3.45
N PHE B 64 23.25 -16.04 -4.76
CA PHE B 64 22.76 -17.22 -5.47
C PHE B 64 23.40 -17.23 -6.85
N THR B 65 23.25 -18.37 -7.52
CA THR B 65 23.62 -18.52 -8.93
C THR B 65 22.36 -18.89 -9.69
N LEU B 66 21.98 -18.06 -10.66
CA LEU B 66 20.79 -18.32 -11.46
C LEU B 66 21.20 -18.77 -12.87
N VAL B 67 20.45 -19.71 -13.43
CA VAL B 67 20.76 -20.24 -14.75
C VAL B 67 19.48 -20.18 -15.57
N VAL B 68 19.53 -19.46 -16.70
CA VAL B 68 18.39 -19.34 -17.61
C VAL B 68 18.66 -20.22 -18.82
N PHE B 69 17.65 -21.01 -19.22
CA PHE B 69 17.62 -21.75 -20.47
C PHE B 69 16.49 -21.20 -21.34
N SER B 70 16.78 -21.13 -22.64
CA SER B 70 15.76 -20.70 -23.59
C SER B 70 15.78 -21.50 -24.83
N ALA B 71 14.62 -21.66 -25.41
CA ALA B 71 14.47 -22.52 -26.56
C ALA B 71 13.60 -21.95 -27.67
N PRO B 72 13.72 -22.49 -28.87
CA PRO B 72 12.86 -22.05 -29.96
C PRO B 72 11.42 -22.36 -29.69
N PRO B 73 10.53 -21.50 -30.15
CA PRO B 73 9.12 -21.67 -29.80
C PRO B 73 8.51 -22.95 -30.30
N ILE B 74 7.67 -23.57 -29.48
CA ILE B 74 7.12 -24.88 -29.77
C ILE B 74 6.09 -25.11 -30.86
N CYS B 75 6.17 -26.27 -31.52
CA CYS B 75 5.15 -26.62 -32.48
C CYS B 75 3.89 -26.84 -31.71
N ARG B 76 2.78 -26.34 -32.21
CA ARG B 76 1.59 -26.52 -31.42
C ARG B 76 0.70 -27.65 -31.85
N SER B 77 0.43 -27.77 -33.14
CA SER B 77 -0.55 -28.80 -33.52
C SER B 77 -0.22 -30.27 -33.25
N SER B 78 0.99 -30.73 -33.57
CA SER B 78 1.36 -32.10 -33.20
C SER B 78 2.84 -32.26 -32.86
N SER B 79 3.34 -31.65 -31.79
CA SER B 79 4.74 -31.88 -31.39
C SER B 79 4.90 -32.85 -30.23
N SER B 80 3.81 -33.47 -29.79
CA SER B 80 3.97 -34.43 -28.74
C SER B 80 4.83 -35.46 -29.31
N ASP B 81 5.83 -35.83 -28.55
CA ASP B 81 6.74 -36.79 -29.03
C ASP B 81 7.20 -37.37 -27.77
N SER B 82 7.64 -38.60 -27.79
CA SER B 82 7.99 -39.16 -26.54
C SER B 82 9.21 -39.98 -26.64
N THR B 83 10.14 -39.69 -25.78
CA THR B 83 11.30 -40.56 -25.72
C THR B 83 11.20 -41.42 -24.46
N LEU B 84 11.46 -42.72 -24.61
CA LEU B 84 11.41 -43.66 -23.52
C LEU B 84 12.83 -43.92 -23.01
N LEU B 85 12.98 -43.87 -21.69
CA LEU B 85 14.26 -44.05 -21.01
C LEU B 85 14.11 -45.20 -20.04
N HIS B 86 14.89 -46.26 -20.27
CA HIS B 86 14.87 -47.44 -19.43
C HIS B 86 16.13 -47.42 -18.56
N VAL B 87 16.03 -48.03 -17.38
CA VAL B 87 17.17 -47.95 -16.47
C VAL B 87 18.40 -48.57 -17.11
N LYS B 88 18.21 -49.66 -17.86
CA LYS B 88 19.34 -50.32 -18.52
C LYS B 88 19.71 -49.70 -19.85
N ASP B 89 18.92 -48.75 -20.37
CA ASP B 89 19.34 -47.99 -21.54
C ASP B 89 20.52 -47.12 -21.18
N LYS B 90 21.51 -47.06 -22.06
CA LYS B 90 22.67 -46.23 -21.79
C LYS B 90 22.51 -44.80 -22.25
N GLU B 91 21.59 -44.55 -23.19
CA GLU B 91 21.25 -43.17 -23.50
C GLU B 91 20.53 -42.48 -22.35
N ASN B 92 20.17 -43.19 -21.30
CA ASN B 92 19.41 -42.62 -20.18
C ASN B 92 20.29 -41.72 -19.32
N PRO B 93 20.07 -40.40 -19.31
CA PRO B 93 20.83 -39.54 -18.39
C PRO B 93 20.36 -39.61 -16.95
N PHE B 94 19.17 -40.18 -16.70
CA PHE B 94 18.61 -40.21 -15.35
C PHE B 94 18.39 -41.65 -14.85
N PRO B 95 19.43 -42.49 -14.86
CA PRO B 95 19.23 -43.85 -14.31
C PRO B 95 18.79 -43.83 -12.86
N PHE B 96 19.28 -42.88 -12.06
CA PHE B 96 18.91 -42.79 -10.65
C PHE B 96 17.41 -42.55 -10.45
N LEU B 97 16.72 -42.00 -11.45
CA LEU B 97 15.28 -41.75 -11.30
C LEU B 97 14.47 -43.05 -11.34
N CYS B 98 15.00 -44.10 -11.97
CA CYS B 98 14.21 -45.32 -12.15
C CYS B 98 14.09 -46.12 -10.85
N SER B 99 13.04 -46.94 -10.80
CA SER B 99 12.66 -47.71 -9.62
C SER B 99 12.42 -49.16 -10.02
N GLU B 100 12.17 -50.00 -9.01
CA GLU B 100 11.76 -51.37 -9.32
C GLU B 100 10.31 -51.40 -9.83
N ASN B 101 9.40 -50.65 -9.20
CA ASN B 101 8.08 -50.43 -9.81
C ASN B 101 8.10 -49.57 -11.05
N ASN B 102 9.14 -48.78 -11.29
CA ASN B 102 9.19 -47.89 -12.45
C ASN B 102 10.56 -47.98 -13.07
N PRO B 103 10.82 -49.03 -13.86
CA PRO B 103 12.12 -49.15 -14.52
C PRO B 103 12.29 -48.27 -15.74
N SER B 104 11.25 -47.57 -16.18
CA SER B 104 11.33 -46.71 -17.36
C SER B 104 10.41 -45.51 -17.17
N PHE B 105 10.66 -44.47 -17.95
CA PHE B 105 9.74 -43.33 -18.03
C PHE B 105 9.94 -42.66 -19.38
N SER B 106 9.15 -41.60 -19.63
CA SER B 106 9.17 -40.91 -20.92
C SER B 106 9.19 -39.41 -20.75
N LEU B 107 9.99 -38.75 -21.58
CA LEU B 107 10.11 -37.30 -21.61
C LEU B 107 9.72 -36.77 -22.97
N HIS B 108 9.07 -35.61 -22.98
CA HIS B 108 8.80 -34.88 -24.22
C HIS B 108 10.10 -34.73 -25.03
N THR B 109 10.09 -35.23 -26.28
CA THR B 109 11.32 -35.45 -27.02
C THR B 109 12.05 -34.17 -27.41
N PRO B 110 11.36 -33.12 -27.86
CA PRO B 110 12.09 -31.87 -28.13
C PRO B 110 12.88 -31.39 -26.91
N ALA B 111 12.22 -31.30 -25.75
CA ALA B 111 12.93 -30.92 -24.54
C ALA B 111 14.07 -31.87 -24.24
N PHE B 112 13.84 -33.18 -24.39
CA PHE B 112 14.89 -34.14 -24.05
C PHE B 112 16.11 -33.95 -24.94
N ASN B 113 15.89 -33.88 -26.25
CA ASN B 113 17.00 -33.71 -27.18
C ASN B 113 17.73 -32.40 -26.94
N LEU B 114 16.99 -31.34 -26.62
CA LEU B 114 17.62 -30.07 -26.30
C LEU B 114 18.50 -30.19 -25.05
N PHE B 115 18.12 -30.99 -24.08
CA PHE B 115 18.99 -31.21 -22.94
C PHE B 115 20.23 -31.98 -23.30
N THR B 116 20.07 -33.05 -24.04
CA THR B 116 21.18 -33.92 -24.38
C THR B 116 22.22 -33.23 -25.22
N SER B 117 21.79 -32.41 -26.16
CA SER B 117 22.73 -31.79 -27.07
C SER B 117 23.62 -30.93 -26.27
N ALA B 118 23.07 -30.28 -25.30
CA ALA B 118 23.79 -29.32 -24.52
C ALA B 118 24.46 -29.92 -23.32
N SER B 119 24.39 -31.22 -23.12
CA SER B 119 24.96 -31.75 -21.92
C SER B 119 26.41 -31.36 -22.04
N THR B 120 26.98 -31.40 -23.24
CA THR B 120 28.33 -30.90 -23.36
C THR B 120 28.47 -29.40 -23.06
N SER B 121 29.43 -29.01 -22.22
CA SER B 121 29.73 -27.61 -21.83
C SER B 121 28.83 -27.17 -20.74
N LEU B 122 27.85 -28.00 -20.41
CA LEU B 122 27.00 -27.69 -19.31
C LEU B 122 27.21 -28.79 -18.30
N THR B 123 27.95 -29.82 -18.68
CA THR B 123 28.34 -30.84 -17.75
C THR B 123 29.20 -30.16 -16.77
N TYR B 124 30.03 -29.27 -17.29
CA TYR B 124 30.98 -28.53 -16.48
C TYR B 124 30.20 -27.70 -15.52
N LEU B 125 29.10 -27.15 -15.99
CA LEU B 125 28.28 -26.34 -15.16
C LEU B 125 27.79 -27.18 -14.03
N LYS B 126 27.47 -28.43 -14.26
CA LYS B 126 26.88 -29.24 -13.22
C LYS B 126 27.76 -29.38 -12.02
N SER B 127 29.03 -29.58 -12.24
CA SER B 127 29.93 -29.70 -11.13
C SER B 127 30.00 -28.44 -10.29
N GLU B 128 30.04 -27.28 -10.92
CA GLU B 128 30.08 -26.03 -10.20
C GLU B 128 28.89 -25.77 -9.38
N LEU B 129 27.75 -26.07 -9.95
CA LEU B 129 26.52 -25.83 -9.27
C LEU B 129 26.44 -26.70 -8.04
N LEU B 130 26.87 -27.93 -8.16
CA LEU B 130 26.85 -28.83 -7.04
C LEU B 130 27.77 -28.32 -5.97
N GLN B 131 28.93 -27.81 -6.35
CA GLN B 131 29.84 -27.20 -5.40
C GLN B 131 29.24 -26.00 -4.79
N THR B 132 28.55 -25.23 -5.57
CA THR B 132 27.93 -24.01 -5.11
C THR B 132 26.93 -24.34 -4.05
N LEU B 133 26.20 -25.41 -4.28
CA LEU B 133 25.20 -25.85 -3.34
C LEU B 133 25.91 -26.41 -2.18
N LYS B 134 26.87 -27.26 -2.43
CA LYS B 134 27.70 -27.79 -1.35
C LYS B 134 28.21 -26.68 -0.46
N SER B 135 28.49 -25.50 -1.02
CA SER B 135 28.96 -24.35 -0.26
C SER B 135 27.84 -23.64 0.50
N GLU B 136 26.61 -24.16 0.40
CA GLU B 136 25.44 -23.52 0.98
C GLU B 136 25.01 -22.30 0.17
N LYS B 137 25.36 -22.28 -1.13
CA LYS B 137 24.84 -21.15 -1.89
C LYS B 137 23.70 -21.62 -2.77
N PRO B 138 22.55 -20.96 -2.69
CA PRO B 138 21.40 -21.37 -3.50
C PRO B 138 21.69 -21.36 -5.00
N VAL B 139 20.95 -22.19 -5.70
CA VAL B 139 20.98 -22.27 -7.16
C VAL B 139 19.54 -22.29 -7.64
N ILE B 140 19.19 -21.36 -8.51
CA ILE B 140 17.91 -21.37 -9.21
C ILE B 140 18.18 -21.69 -10.67
N ILE B 141 17.29 -22.46 -11.29
CA ILE B 141 17.38 -22.79 -12.70
C ILE B 141 16.02 -22.53 -13.30
N THR B 142 15.97 -21.77 -14.40
CA THR B 142 14.70 -21.24 -14.82
C THR B 142 14.62 -21.16 -16.33
N GLY B 143 13.41 -21.04 -16.83
CA GLY B 143 13.20 -21.04 -18.26
C GLY B 143 11.75 -20.82 -18.60
N ALA B 144 11.48 -20.11 -19.69
CA ALA B 144 10.11 -19.96 -20.19
C ALA B 144 9.82 -21.04 -21.22
N ALA B 145 8.56 -21.46 -21.26
CA ALA B 145 8.15 -22.39 -22.31
C ALA B 145 9.12 -23.57 -22.42
N LEU B 146 9.40 -24.03 -23.63
CA LEU B 146 10.36 -25.11 -23.80
C LEU B 146 11.68 -24.81 -23.09
N GLY B 147 11.99 -23.53 -22.87
CA GLY B 147 13.13 -23.19 -22.02
C GLY B 147 12.95 -23.72 -20.61
N GLY B 148 11.75 -23.58 -20.06
CA GLY B 148 11.46 -24.20 -18.78
C GLY B 148 11.53 -25.71 -18.85
N SER B 149 11.01 -26.30 -19.92
CA SER B 149 11.11 -27.75 -20.03
C SER B 149 12.56 -28.21 -19.92
N VAL B 150 13.44 -27.55 -20.67
CA VAL B 150 14.85 -27.90 -20.63
C VAL B 150 15.44 -27.63 -19.25
N ALA B 151 15.09 -26.48 -18.65
CA ALA B 151 15.62 -26.16 -17.32
C ALA B 151 15.19 -27.21 -16.30
N SER B 152 13.98 -27.74 -16.44
CA SER B 152 13.52 -28.81 -15.55
C SER B 152 14.32 -30.08 -15.76
N LEU B 153 14.54 -30.47 -17.02
CA LEU B 153 15.42 -31.61 -17.27
C LEU B 153 16.80 -31.40 -16.64
N TYR B 154 17.33 -30.18 -16.74
CA TYR B 154 18.66 -29.91 -16.16
C TYR B 154 18.64 -30.03 -14.64
N THR B 155 17.60 -29.49 -14.01
CA THR B 155 17.46 -29.64 -12.56
C THR B 155 17.44 -31.10 -12.17
N LEU B 156 16.57 -31.89 -12.83
CA LEU B 156 16.54 -33.34 -12.57
C LEU B 156 17.94 -33.93 -12.70
N TRP B 157 18.68 -33.49 -13.72
CA TRP B 157 20.05 -33.96 -13.88
C TRP B 157 20.91 -33.62 -12.68
N LEU B 158 20.60 -32.53 -11.97
CA LEU B 158 21.39 -32.16 -10.79
C LEU B 158 20.93 -32.86 -9.52
N LEU B 159 19.79 -33.54 -9.54
CA LEU B 159 19.24 -34.23 -8.38
C LEU B 159 19.63 -35.71 -8.30
N GLU B 160 20.78 -36.08 -8.86
CA GLU B 160 21.20 -37.46 -8.82
C GLU B 160 21.30 -37.96 -7.38
N THR B 161 22.03 -37.26 -6.53
CA THR B 161 22.21 -37.68 -5.14
C THR B 161 21.43 -36.76 -4.23
N ILE B 162 20.53 -37.35 -3.45
CA ILE B 162 19.66 -36.61 -2.55
C ILE B 162 20.00 -37.07 -1.14
N GLU B 163 20.85 -36.35 -0.47
CA GLU B 163 20.93 -36.58 0.95
C GLU B 163 20.22 -35.46 1.69
N PRO B 164 19.60 -35.74 2.84
CA PRO B 164 18.82 -34.69 3.52
C PRO B 164 19.68 -33.50 3.88
N THR B 165 20.99 -33.62 3.70
CA THR B 165 21.91 -32.61 4.19
C THR B 165 22.51 -31.76 3.07
N LEU B 166 22.42 -32.20 1.81
CA LEU B 166 22.85 -31.41 0.66
C LEU B 166 21.74 -30.43 0.27
N LYS B 167 22.09 -29.16 0.12
CA LYS B 167 21.14 -28.17 -0.36
C LYS B 167 20.67 -28.51 -1.77
N ARG B 168 19.46 -28.09 -2.10
CA ARG B 168 18.91 -28.56 -3.36
C ARG B 168 18.53 -27.39 -4.27
N PRO B 169 18.76 -27.54 -5.57
CA PRO B 169 18.37 -26.48 -6.53
C PRO B 169 16.87 -26.30 -6.61
N LEU B 170 16.48 -25.08 -7.00
CA LEU B 170 15.08 -24.75 -7.25
C LEU B 170 14.90 -24.41 -8.72
N CYS B 171 14.00 -25.14 -9.40
CA CYS B 171 13.69 -24.88 -10.81
C CYS B 171 12.36 -24.17 -10.90
N ILE B 172 12.35 -23.01 -11.59
CA ILE B 172 11.16 -22.17 -11.74
C ILE B 172 10.85 -22.01 -13.22
N THR B 173 9.61 -22.29 -13.57
CA THR B 173 9.12 -22.38 -14.93
C THR B 173 7.99 -21.39 -15.19
N PHE B 174 7.87 -20.98 -16.45
CA PHE B 174 6.86 -20.00 -16.85
C PHE B 174 6.21 -20.50 -18.13
N GLY B 175 4.92 -20.79 -18.07
CA GLY B 175 4.18 -21.36 -19.17
C GLY B 175 4.95 -22.43 -19.91
N SER B 176 5.48 -23.43 -19.20
CA SER B 176 6.13 -24.49 -19.92
C SER B 176 5.13 -25.58 -20.28
N PRO B 177 5.41 -26.35 -21.32
CA PRO B 177 4.61 -27.54 -21.58
C PRO B 177 4.98 -28.62 -20.57
N LEU B 178 4.21 -29.70 -20.57
CA LEU B 178 4.56 -30.82 -19.69
C LEU B 178 5.78 -31.55 -20.23
N ILE B 179 6.36 -32.40 -19.38
CA ILE B 179 7.73 -32.83 -19.57
C ILE B 179 7.78 -34.34 -19.42
N GLY B 180 7.09 -34.84 -18.41
CA GLY B 180 7.09 -36.27 -18.10
C GLY B 180 5.74 -36.92 -18.31
N ASP B 181 5.75 -38.24 -18.37
CA ASP B 181 4.55 -39.07 -18.48
C ASP B 181 4.05 -39.46 -17.08
N ALA B 182 3.12 -40.40 -17.03
CA ALA B 182 2.59 -40.82 -15.73
C ALA B 182 3.64 -41.56 -14.90
N SER B 183 4.60 -42.21 -15.56
CA SER B 183 5.63 -42.92 -14.81
C SER B 183 6.57 -41.94 -14.12
N LEU B 184 7.03 -40.90 -14.83
CA LEU B 184 7.82 -39.86 -14.18
C LEU B 184 7.06 -39.26 -13.00
N GLN B 185 5.77 -39.08 -13.13
CA GLN B 185 4.98 -38.53 -12.07
C GLN B 185 5.01 -39.41 -10.85
N GLN B 186 4.84 -40.70 -11.04
CA GLN B 186 4.82 -41.64 -9.93
C GLN B 186 6.15 -41.65 -9.23
N ILE B 187 7.22 -41.60 -9.98
CA ILE B 187 8.52 -41.58 -9.40
C ILE B 187 8.73 -40.37 -8.55
N LEU B 188 8.28 -39.24 -9.03
CA LEU B 188 8.48 -38.00 -8.32
C LEU B 188 7.50 -37.65 -7.23
N GLU B 189 6.40 -38.34 -7.12
CA GLU B 189 5.38 -37.93 -6.18
C GLU B 189 5.77 -37.97 -4.75
N ASN B 190 5.41 -36.91 -4.05
CA ASN B 190 5.67 -36.85 -2.64
C ASN B 190 7.13 -37.08 -2.39
N SER B 191 7.97 -36.50 -3.23
CA SER B 191 9.39 -36.72 -3.14
C SER B 191 10.13 -35.43 -3.04
N VAL B 192 11.23 -35.48 -2.35
CA VAL B 192 12.05 -34.33 -2.21
C VAL B 192 12.37 -33.78 -3.55
N ARG B 193 12.66 -34.63 -4.50
CA ARG B 193 12.86 -34.13 -5.87
C ARG B 193 11.65 -33.31 -6.33
N ASN B 194 10.45 -33.87 -6.17
CA ASN B 194 9.25 -33.15 -6.58
C ASN B 194 9.21 -31.74 -6.01
N SER B 195 9.78 -31.52 -4.83
CA SER B 195 9.71 -30.21 -4.20
C SER B 195 10.69 -29.20 -4.79
N CYS B 196 11.47 -29.60 -5.79
CA CYS B 196 12.44 -28.70 -6.41
C CYS B 196 11.89 -27.96 -7.63
N PHE B 197 10.61 -28.07 -7.93
CA PHE B 197 10.07 -27.54 -9.18
C PHE B 197 8.83 -26.71 -8.90
N LEU B 198 8.83 -25.45 -9.35
CA LEU B 198 7.67 -24.56 -9.29
C LEU B 198 7.32 -24.14 -10.71
N HIS B 199 6.20 -24.63 -11.22
CA HIS B 199 5.76 -24.37 -12.57
C HIS B 199 4.70 -23.28 -12.50
N VAL B 200 5.09 -22.04 -12.79
CA VAL B 200 4.17 -20.92 -12.81
C VAL B 200 3.32 -21.02 -14.07
N VAL B 201 2.01 -21.05 -13.89
CA VAL B 201 1.09 -21.16 -15.01
C VAL B 201 -0.06 -20.19 -14.78
N SER B 202 -0.69 -19.78 -15.88
CA SER B 202 -1.85 -18.91 -15.80
C SER B 202 -3.09 -19.74 -15.54
N ALA B 203 -4.00 -19.19 -14.75
CA ALA B 203 -5.30 -19.82 -14.56
C ALA B 203 -6.01 -20.11 -15.87
N GLN B 204 -5.86 -19.24 -16.89
CA GLN B 204 -6.59 -19.53 -18.13
C GLN B 204 -5.84 -20.49 -19.05
N THR B 205 -4.70 -21.02 -18.63
CA THR B 205 -3.93 -21.87 -19.50
C THR B 205 -4.52 -23.27 -19.44
N ARG B 206 -4.57 -23.96 -20.57
CA ARG B 206 -5.00 -25.36 -20.58
C ARG B 206 -3.95 -26.19 -21.28
N ILE B 207 -3.78 -27.42 -20.81
CA ILE B 207 -2.79 -28.36 -21.32
C ILE B 207 -3.45 -29.70 -21.60
N LYS B 208 -3.15 -30.27 -22.77
CA LYS B 208 -3.62 -31.62 -23.09
C LYS B 208 -2.77 -32.64 -22.36
N MET B 209 -3.43 -33.53 -21.63
CA MET B 209 -2.78 -34.32 -20.59
C MET B 209 -3.09 -35.80 -20.74
N ASP B 210 -3.23 -36.28 -21.97
CA ASP B 210 -3.55 -37.70 -22.16
C ASP B 210 -2.32 -38.59 -22.04
N PHE B 211 -1.13 -38.04 -22.30
CA PHE B 211 0.11 -38.78 -22.14
C PHE B 211 1.09 -38.08 -21.20
N PHE B 212 1.30 -36.78 -21.37
CA PHE B 212 2.17 -36.05 -20.44
C PHE B 212 1.39 -35.63 -19.20
N LYS B 213 2.05 -35.75 -18.04
CA LYS B 213 1.41 -35.52 -16.76
C LYS B 213 2.20 -34.52 -15.95
N PRO B 214 1.51 -33.72 -15.15
CA PRO B 214 2.20 -32.71 -14.33
C PRO B 214 3.02 -33.35 -13.20
N PHE B 215 4.17 -32.75 -12.90
CA PHE B 215 4.93 -33.07 -11.69
C PHE B 215 5.43 -31.76 -11.07
N GLY B 216 5.89 -31.86 -9.82
CA GLY B 216 6.32 -30.65 -9.11
C GLY B 216 5.14 -29.81 -8.64
N THR B 217 5.47 -28.64 -8.09
CA THR B 217 4.51 -27.68 -7.57
C THR B 217 4.14 -26.66 -8.65
N PHE B 218 2.91 -26.14 -8.59
CA PHE B 218 2.42 -25.22 -9.59
C PHE B 218 1.98 -23.91 -8.95
N LEU B 219 2.44 -22.79 -9.49
CA LEU B 219 1.90 -21.50 -9.12
C LEU B 219 0.84 -21.15 -10.17
N ILE B 220 -0.42 -21.25 -9.80
CA ILE B 220 -1.52 -20.94 -10.71
C ILE B 220 -1.94 -19.51 -10.44
N CYS B 221 -1.80 -18.67 -11.48
CA CYS B 221 -1.90 -17.22 -11.33
C CYS B 221 -3.19 -16.71 -11.93
N PHE B 222 -3.87 -15.86 -11.16
CA PHE B 222 -5.10 -15.18 -11.52
C PHE B 222 -4.84 -13.68 -11.46
N ASP B 223 -5.81 -12.91 -11.93
CA ASP B 223 -5.70 -11.46 -11.77
C ASP B 223 -5.71 -11.06 -10.30
N SER B 224 -6.47 -11.80 -9.48
CA SER B 224 -6.59 -11.51 -8.05
C SER B 224 -5.38 -11.95 -7.24
N GLY B 225 -4.57 -12.85 -7.77
CA GLY B 225 -3.47 -13.42 -7.04
C GLY B 225 -3.24 -14.85 -7.50
N CYS B 226 -2.33 -15.53 -6.81
CA CYS B 226 -1.96 -16.88 -7.18
C CYS B 226 -2.26 -17.89 -6.06
N VAL B 227 -2.28 -19.16 -6.47
CA VAL B 227 -2.40 -20.29 -5.56
C VAL B 227 -1.26 -21.26 -5.84
N CYS B 228 -0.57 -21.65 -4.79
CA CYS B 228 0.46 -22.68 -4.85
C CYS B 228 -0.21 -24.03 -4.65
N ILE B 229 -0.21 -24.87 -5.70
CA ILE B 229 -0.85 -26.19 -5.67
C ILE B 229 0.23 -27.24 -5.81
N GLU B 230 0.28 -28.17 -4.85
CA GLU B 230 1.23 -29.28 -4.86
C GLU B 230 0.61 -30.59 -5.30
N ASP B 231 -0.71 -30.72 -5.15
CA ASP B 231 -1.42 -31.96 -5.42
C ASP B 231 -1.59 -32.15 -6.93
N HIS B 232 -1.04 -33.23 -7.49
CA HIS B 232 -1.04 -33.30 -8.94
C HIS B 232 -2.41 -33.68 -9.53
N VAL B 233 -3.31 -34.28 -8.75
CA VAL B 233 -4.59 -34.54 -9.42
C VAL B 233 -5.37 -33.23 -9.47
N ALA B 234 -5.23 -32.38 -8.45
CA ALA B 234 -5.83 -31.06 -8.52
C ALA B 234 -5.28 -30.26 -9.70
N VAL B 235 -3.97 -30.37 -9.96
CA VAL B 235 -3.40 -29.60 -11.05
C VAL B 235 -3.94 -30.12 -12.38
N THR B 236 -4.06 -31.45 -12.51
CA THR B 236 -4.76 -32.03 -13.65
C THR B 236 -6.17 -31.45 -13.77
N GLU B 237 -6.92 -31.44 -12.67
CA GLU B 237 -8.28 -30.96 -12.72
C GLU B 237 -8.33 -29.53 -13.21
N LEU B 238 -7.43 -28.69 -12.73
CA LEU B 238 -7.51 -27.26 -13.03
C LEU B 238 -6.97 -26.93 -14.42
N LEU B 239 -6.04 -27.74 -14.95
CA LEU B 239 -5.34 -27.37 -16.17
C LEU B 239 -5.59 -28.28 -17.35
N ASN B 240 -6.15 -29.47 -17.16
CA ASN B 240 -6.46 -30.32 -18.29
C ASN B 240 -7.63 -29.72 -19.08
N GLY B 241 -7.43 -29.59 -20.39
CA GLY B 241 -8.43 -29.22 -21.37
C GLY B 241 -8.00 -29.85 -22.69
N VAL B 242 -8.53 -29.41 -23.82
CA VAL B 242 -8.07 -30.02 -25.07
C VAL B 242 -7.09 -29.10 -25.79
N HIS B 243 -5.90 -28.94 -25.20
CA HIS B 243 -4.72 -28.44 -25.90
C HIS B 243 -4.87 -26.96 -26.22
N ASP B 244 -5.64 -26.27 -25.37
CA ASP B 244 -6.11 -24.91 -25.58
C ASP B 244 -5.04 -23.90 -25.13
N SER B 245 -3.85 -24.02 -25.68
CA SER B 245 -2.78 -23.11 -25.31
C SER B 245 -3.02 -21.71 -25.89
N GLY B 246 -2.46 -20.72 -25.23
CA GLY B 246 -2.53 -19.35 -25.72
C GLY B 246 -1.24 -18.76 -25.19
N LEU B 247 -0.56 -17.90 -25.93
CA LEU B 247 0.62 -17.32 -25.32
C LEU B 247 0.15 -16.50 -24.18
N VAL B 248 0.87 -16.54 -23.08
CA VAL B 248 0.49 -15.75 -21.98
C VAL B 248 1.68 -14.88 -21.76
N ASP B 249 1.48 -13.61 -21.86
CA ASP B 249 2.59 -12.74 -21.50
C ASP B 249 2.76 -12.81 -19.99
N TYR B 250 3.85 -13.44 -19.54
CA TYR B 250 4.02 -13.59 -18.11
C TYR B 250 4.53 -12.32 -17.42
N SER B 251 5.06 -11.35 -18.19
CA SER B 251 5.28 -10.03 -17.62
C SER B 251 3.98 -9.48 -17.04
N GLN B 252 2.89 -9.60 -17.81
CA GLN B 252 1.61 -9.08 -17.39
C GLN B 252 1.06 -9.84 -16.18
N VAL B 253 1.24 -11.16 -16.16
CA VAL B 253 0.83 -11.96 -15.01
C VAL B 253 1.60 -11.54 -13.76
N LEU B 254 2.92 -11.34 -13.88
CA LEU B 254 3.69 -10.95 -12.73
C LEU B 254 3.24 -9.59 -12.20
N ASN B 255 2.97 -8.64 -13.10
CA ASN B 255 2.46 -7.35 -12.68
C ASN B 255 1.17 -7.50 -11.86
N ARG B 256 0.19 -8.20 -12.44
CA ARG B 256 -1.10 -8.30 -11.76
C ARG B 256 -0.97 -9.01 -10.41
N LEU B 257 -0.09 -10.02 -10.30
CA LEU B 257 0.16 -10.58 -8.97
C LEU B 257 0.70 -9.53 -8.02
N ASP B 258 1.61 -8.68 -8.52
CA ASP B 258 2.20 -7.66 -7.67
C ASP B 258 1.15 -6.74 -7.06
N GLN B 259 0.08 -6.46 -7.80
CA GLN B 259 -0.93 -5.52 -7.29
C GLN B 259 -1.46 -5.91 -5.89
N SER B 260 -2.05 -7.11 -5.77
CA SER B 260 -2.52 -7.67 -4.49
C SER B 260 -3.33 -6.64 -3.67
N MET B 261 -4.28 -6.00 -4.34
CA MET B 261 -5.19 -5.04 -3.71
C MET B 261 -6.41 -5.75 -3.17
N ALA B 265 -6.01 -11.53 -2.42
CA ALA B 265 -6.76 -12.03 -3.57
C ALA B 265 -8.25 -12.11 -3.34
N ASP B 266 -9.00 -12.31 -4.41
CA ASP B 266 -10.46 -12.37 -4.35
C ASP B 266 -11.03 -13.69 -3.87
N SER B 267 -12.30 -13.71 -3.56
CA SER B 267 -12.96 -14.95 -3.19
C SER B 267 -13.09 -15.99 -4.32
N ARG B 268 -13.08 -17.28 -3.98
CA ARG B 268 -13.25 -18.40 -4.97
C ARG B 268 -12.30 -18.50 -6.15
N LEU B 269 -11.01 -18.33 -5.92
CA LEU B 269 -10.09 -18.53 -7.00
C LEU B 269 -10.19 -19.99 -7.45
N ILE B 270 -10.34 -20.91 -6.52
CA ILE B 270 -10.36 -22.35 -6.86
C ILE B 270 -11.71 -23.02 -6.53
N PRO B 271 -12.18 -23.92 -7.41
CA PRO B 271 -13.46 -24.59 -7.18
C PRO B 271 -13.46 -25.43 -5.93
N GLU B 272 -14.57 -25.48 -5.21
CA GLU B 272 -14.65 -26.15 -3.91
C GLU B 272 -14.36 -27.61 -3.94
N ASP B 273 -14.84 -28.29 -4.95
CA ASP B 273 -14.61 -29.68 -5.01
C ASP B 273 -13.12 -29.98 -5.08
N VAL B 274 -12.38 -29.19 -5.83
CA VAL B 274 -10.95 -29.40 -5.97
C VAL B 274 -10.25 -29.22 -4.66
N ILE B 275 -10.65 -28.22 -3.93
CA ILE B 275 -10.06 -27.95 -2.65
C ILE B 275 -10.32 -29.09 -1.73
N LYS B 276 -11.51 -29.62 -1.79
CA LYS B 276 -11.86 -30.69 -0.92
C LYS B 276 -11.00 -31.88 -1.20
N GLY B 277 -10.74 -32.13 -2.45
CA GLY B 277 -9.89 -33.24 -2.79
C GLY B 277 -8.49 -33.10 -2.28
N ILE B 278 -7.94 -31.92 -2.37
CA ILE B 278 -6.62 -31.72 -1.88
C ILE B 278 -6.62 -31.96 -0.39
N GLU B 279 -7.62 -31.45 0.29
CA GLU B 279 -7.69 -31.61 1.71
C GLU B 279 -7.83 -33.07 2.09
N LYS B 280 -8.65 -33.79 1.37
CA LYS B 280 -8.83 -35.19 1.66
C LYS B 280 -7.58 -35.98 1.48
N ARG B 281 -6.85 -35.72 0.42
CA ARG B 281 -5.70 -36.50 0.15
C ARG B 281 -4.61 -36.08 1.11
N ALA B 282 -4.56 -34.81 1.40
CA ALA B 282 -3.59 -34.35 2.40
C ALA B 282 -3.83 -35.03 3.74
N GLU B 283 -5.08 -35.13 4.15
CA GLU B 283 -5.30 -35.70 5.47
C GLU B 283 -5.09 -37.22 5.48
N MET B 284 -5.45 -37.91 4.40
CA MET B 284 -5.11 -39.33 4.31
C MET B 284 -3.61 -39.52 4.45
N LYS B 285 -2.82 -38.69 3.77
CA LYS B 285 -1.36 -38.78 3.83
C LYS B 285 -0.85 -38.56 5.26
N ASN B 286 -1.35 -37.52 5.93
CA ASN B 286 -0.96 -37.31 7.32
C ASN B 286 -1.28 -38.54 8.18
N LEU B 287 -2.50 -39.07 8.08
CA LEU B 287 -2.87 -40.22 8.89
C LEU B 287 -2.00 -41.42 8.57
N ARG B 288 -1.60 -41.57 7.30
CA ARG B 288 -0.73 -42.69 6.92
C ARG B 288 0.64 -42.57 7.61
N PHE B 289 1.21 -41.36 7.60
CA PHE B 289 2.44 -41.08 8.32
C PHE B 289 2.33 -41.42 9.82
N ASP B 290 1.30 -40.88 10.49
CA ASP B 290 1.08 -41.21 11.89
C ASP B 290 0.95 -42.72 12.11
N MET B 291 0.25 -43.40 11.19
CA MET B 291 0.02 -44.82 11.36
C MET B 291 1.33 -45.59 11.29
N MET B 292 2.19 -45.23 10.34
CA MET B 292 3.49 -45.88 10.30
C MET B 292 4.18 -45.79 11.66
N PHE B 293 4.10 -44.61 12.29
CA PHE B 293 4.75 -44.44 13.59
C PHE B 293 4.10 -45.30 14.67
N LYS B 294 2.76 -45.38 14.72
CA LYS B 294 2.22 -46.22 15.80
C LYS B 294 2.37 -47.70 15.51
N LYS B 295 2.32 -48.09 14.25
CA LYS B 295 2.41 -49.48 13.87
C LYS B 295 3.82 -50.04 14.06
N LEU B 296 4.84 -49.17 14.11
CA LEU B 296 6.17 -49.64 14.49
C LEU B 296 6.14 -50.43 15.79
N ASN B 297 5.33 -50.00 16.77
CA ASN B 297 5.28 -50.70 18.05
C ASN B 297 4.76 -52.13 17.88
N ASP B 298 3.71 -52.30 17.08
CA ASP B 298 3.28 -53.66 16.76
C ASP B 298 4.39 -54.46 16.12
N MET B 299 5.15 -53.84 15.22
CA MET B 299 6.21 -54.60 14.56
C MET B 299 7.27 -55.04 15.55
N LYS B 300 7.51 -54.21 16.57
CA LYS B 300 8.48 -54.62 17.57
C LYS B 300 7.94 -55.79 18.39
N ILE B 301 6.62 -55.79 18.62
CA ILE B 301 6.01 -56.91 19.32
C ILE B 301 6.11 -58.20 18.48
N SER B 302 5.90 -58.09 17.17
CA SER B 302 6.11 -59.25 16.32
C SER B 302 7.56 -59.75 16.41
N MET B 303 8.52 -58.83 16.39
CA MET B 303 9.90 -59.20 16.66
C MET B 303 10.03 -59.97 17.98
N ALA B 304 9.31 -59.56 19.02
CA ALA B 304 9.43 -60.28 20.30
C ALA B 304 8.94 -61.72 20.19
N TYR B 305 7.84 -61.94 19.46
CA TYR B 305 7.44 -63.33 19.20
C TYR B 305 8.54 -64.07 18.48
N ILE B 306 9.20 -63.39 17.54
CA ILE B 306 10.24 -64.06 16.79
C ILE B 306 11.46 -64.33 17.66
N GLU B 307 11.70 -63.48 18.65
CA GLU B 307 12.76 -63.79 19.63
C GLU B 307 12.47 -65.13 20.29
N TRP B 308 11.23 -65.33 20.72
CA TRP B 308 10.95 -66.58 21.42
C TRP B 308 10.97 -67.78 20.47
N TYR B 309 10.58 -67.61 19.23
CA TYR B 309 10.72 -68.68 18.27
C TYR B 309 12.16 -69.10 18.16
N LYS B 310 13.07 -68.16 18.04
CA LYS B 310 14.47 -68.43 17.89
C LYS B 310 15.12 -69.14 19.06
N LYS B 311 14.79 -68.75 20.26
CA LYS B 311 15.32 -69.42 21.42
C LYS B 311 14.85 -70.87 21.50
N LYS B 312 13.60 -71.12 21.18
CA LYS B 312 13.10 -72.47 21.15
C LYS B 312 13.80 -73.28 20.09
N CYS B 313 14.09 -72.69 18.96
CA CYS B 313 14.75 -73.39 17.89
C CYS B 313 16.20 -73.73 18.29
N LYS B 314 16.86 -72.88 19.04
CA LYS B 314 18.19 -73.18 19.60
C LYS B 314 18.15 -74.31 20.59
N GLU B 315 17.15 -74.34 21.40
CA GLU B 315 16.97 -75.38 22.39
C GLU B 315 16.76 -76.73 21.72
N VAL B 316 16.06 -76.76 20.61
CA VAL B 316 15.80 -77.99 19.88
C VAL B 316 16.96 -78.28 18.93
N LYS B 317 17.97 -77.43 18.92
CA LYS B 317 19.21 -77.62 18.16
C LYS B 317 19.17 -77.69 16.65
N ILE B 318 18.26 -76.98 16.03
CA ILE B 318 18.16 -76.94 14.60
C ILE B 318 18.50 -75.54 14.16
N GLY B 319 18.07 -74.60 14.95
CA GLY B 319 18.26 -73.23 14.61
C GLY B 319 17.01 -72.71 13.91
N TYR B 320 16.74 -71.43 14.02
CA TYR B 320 15.55 -70.82 13.44
C TYR B 320 15.46 -70.81 11.93
N TYR B 321 16.57 -70.55 11.28
CA TYR B 321 16.55 -70.56 9.87
C TYR B 321 16.21 -71.88 9.29
N ASP B 322 16.79 -72.92 9.80
CA ASP B 322 16.51 -74.27 9.36
C ASP B 322 15.11 -74.74 9.68
N ARG B 323 14.65 -74.38 10.85
CA ARG B 323 13.33 -74.73 11.25
C ARG B 323 12.37 -74.01 10.41
N PHE B 324 12.66 -72.75 10.15
CA PHE B 324 11.76 -72.03 9.24
C PHE B 324 11.73 -72.70 7.87
N LYS B 325 12.91 -73.01 7.31
CA LYS B 325 12.99 -73.66 6.00
C LYS B 325 12.26 -75.00 6.00
N THR B 326 12.64 -75.89 6.93
CA THR B 326 12.04 -77.20 7.04
C THR B 326 10.52 -77.13 7.15
N GLN B 327 10.04 -76.34 8.10
CA GLN B 327 8.61 -76.22 8.34
C GLN B 327 7.89 -75.60 7.15
N LEU B 328 8.57 -74.76 6.37
CA LEU B 328 7.92 -74.20 5.18
C LEU B 328 7.78 -75.26 4.09
N ALA B 329 8.79 -76.12 3.97
CA ALA B 329 8.72 -77.18 2.97
C ALA B 329 7.77 -78.28 3.41
N PHE B 330 7.80 -78.65 4.69
CA PHE B 330 6.99 -79.74 5.22
C PHE B 330 6.25 -79.27 6.48
N PRO B 331 5.12 -78.61 6.31
CA PRO B 331 4.39 -78.06 7.46
C PRO B 331 3.90 -79.16 8.40
N SER B 332 4.21 -79.02 9.68
CA SER B 332 3.66 -79.91 10.69
C SER B 332 3.33 -79.24 12.02
N LYS B 333 3.74 -78.00 12.28
CA LYS B 333 3.41 -77.34 13.54
C LYS B 333 2.80 -75.96 13.31
N GLU B 334 1.90 -75.57 14.20
CA GLU B 334 1.09 -74.35 14.01
C GLU B 334 1.86 -73.09 14.35
N PHE B 335 2.70 -73.14 15.39
CA PHE B 335 3.44 -71.94 15.75
C PHE B 335 4.19 -71.38 14.55
N ASP B 336 4.87 -72.26 13.80
CA ASP B 336 5.69 -71.80 12.69
C ASP B 336 4.85 -71.12 11.63
N ILE B 337 3.66 -71.66 11.38
CA ILE B 337 2.79 -71.08 10.38
C ILE B 337 2.38 -69.69 10.81
N ASN B 338 2.24 -69.48 12.11
CA ASN B 338 1.93 -68.12 12.56
C ASN B 338 3.14 -67.21 12.45
N ILE B 339 4.34 -67.73 12.75
CA ILE B 339 5.53 -66.93 12.64
C ILE B 339 5.66 -66.43 11.22
N LYS B 340 5.43 -67.31 10.25
CA LYS B 340 5.63 -66.92 8.86
C LYS B 340 4.49 -66.03 8.37
N ASN B 341 3.25 -66.48 8.53
CA ASN B 341 2.15 -65.76 7.88
C ASN B 341 1.59 -64.59 8.69
N HIS B 342 1.72 -64.59 10.01
CA HIS B 342 1.36 -63.40 10.79
C HIS B 342 2.56 -62.45 10.77
N HIS B 343 3.60 -62.81 11.53
CA HIS B 343 4.59 -61.85 11.99
C HIS B 343 5.58 -61.49 10.91
N LYS B 344 6.18 -62.50 10.25
CA LYS B 344 7.16 -62.19 9.22
C LYS B 344 6.50 -61.45 8.07
N SER B 345 5.35 -61.93 7.64
CA SER B 345 4.61 -61.24 6.58
C SER B 345 4.32 -59.78 6.95
N GLU B 346 3.77 -59.54 8.14
CA GLU B 346 3.46 -58.16 8.51
C GLU B 346 4.73 -57.33 8.55
N LEU B 347 5.81 -57.89 9.10
CA LEU B 347 7.08 -57.17 9.15
C LEU B 347 7.57 -56.81 7.76
N ASN B 348 7.46 -57.74 6.81
CA ASN B 348 7.93 -57.45 5.45
C ASN B 348 7.12 -56.32 4.81
N ARG B 349 5.78 -56.40 4.84
CA ARG B 349 5.00 -55.29 4.28
C ARG B 349 5.41 -53.98 4.95
N PHE B 350 5.54 -53.99 6.27
CA PHE B 350 5.82 -52.75 6.98
C PHE B 350 7.15 -52.14 6.55
N TRP B 351 8.23 -52.92 6.61
CA TRP B 351 9.55 -52.35 6.39
C TRP B 351 9.77 -52.01 4.91
N LYS B 352 9.23 -52.82 4.01
CA LYS B 352 9.21 -52.41 2.61
C LYS B 352 8.58 -51.03 2.48
N SER B 353 7.44 -50.81 3.16
CA SER B 353 6.76 -49.54 2.99
C SER B 353 7.58 -48.43 3.59
N VAL B 354 8.22 -48.68 4.74
CA VAL B 354 9.11 -47.69 5.36
C VAL B 354 10.17 -47.22 4.36
N VAL B 355 10.91 -48.17 3.79
CA VAL B 355 12.01 -47.82 2.88
C VAL B 355 11.47 -47.07 1.68
N GLU B 356 10.40 -47.59 1.09
CA GLU B 356 9.85 -46.92 -0.07
C GLU B 356 9.37 -45.52 0.26
N GLU B 357 9.01 -45.25 1.51
CA GLU B 357 8.54 -43.91 1.84
C GLU B 357 9.70 -42.97 2.11
N VAL B 358 10.67 -43.39 2.93
CA VAL B 358 11.73 -42.47 3.35
C VAL B 358 12.72 -42.19 2.23
N GLU B 359 12.86 -43.07 1.24
CA GLU B 359 13.66 -42.60 0.12
C GLU B 359 12.89 -41.62 -0.75
N ARG B 360 11.59 -41.43 -0.54
CA ARG B 360 10.89 -40.29 -1.11
C ARG B 360 11.03 -39.03 -0.26
N ARG B 361 10.68 -39.13 1.03
CA ARG B 361 10.72 -38.00 1.96
C ARG B 361 11.54 -38.40 3.18
N PRO B 362 12.80 -37.98 3.26
CA PRO B 362 13.57 -38.26 4.47
C PRO B 362 12.82 -37.90 5.76
N GLN B 363 13.22 -38.50 6.88
CA GLN B 363 12.47 -38.35 8.11
C GLN B 363 12.90 -37.16 8.96
N SER B 364 14.05 -36.57 8.69
CA SER B 364 14.49 -35.42 9.48
C SER B 364 15.41 -34.57 8.61
N ASP B 365 15.71 -33.37 9.11
CA ASP B 365 16.67 -32.52 8.42
C ASP B 365 17.96 -33.28 8.15
N ALA B 366 18.40 -34.11 9.09
CA ALA B 366 19.74 -34.68 9.06
C ALA B 366 19.82 -36.13 8.64
N SER B 367 18.69 -36.84 8.53
CA SER B 367 18.69 -38.30 8.41
C SER B 367 17.61 -38.77 7.45
N ILE B 368 17.93 -39.77 6.65
CA ILE B 368 16.88 -40.47 5.91
C ILE B 368 15.97 -41.20 6.88
N LEU B 369 16.57 -41.97 7.74
CA LEU B 369 15.79 -42.64 8.74
C LEU B 369 16.23 -42.22 10.09
N LYS B 370 15.30 -41.90 10.93
CA LYS B 370 15.59 -41.53 12.30
C LYS B 370 15.95 -42.73 13.10
N ARG B 371 16.50 -42.56 14.28
CA ARG B 371 17.04 -43.66 15.00
C ARG B 371 16.08 -44.78 15.33
N ARG B 372 14.86 -44.50 15.70
CA ARG B 372 14.02 -45.62 16.00
C ARG B 372 13.79 -46.47 14.76
N PHE B 373 13.53 -45.87 13.65
CA PHE B 373 13.40 -46.60 12.40
C PHE B 373 14.68 -47.24 11.89
N LEU B 374 15.79 -46.54 11.99
CA LEU B 374 17.04 -47.04 11.45
C LEU B 374 17.59 -48.14 12.25
N PHE B 375 17.51 -47.94 13.55
CA PHE B 375 18.07 -48.96 14.41
C PHE B 375 17.20 -50.20 14.45
N SER B 376 15.89 -50.06 14.70
CA SER B 376 15.11 -51.30 14.68
C SER B 376 14.98 -51.85 13.26
N GLY B 377 15.16 -51.04 12.22
CA GLY B 377 15.22 -51.62 10.89
C GLY B 377 16.46 -52.48 10.72
N ASN B 378 17.57 -52.06 11.29
CA ASN B 378 18.79 -52.86 11.18
C ASN B 378 18.66 -54.18 11.91
N ASN B 379 18.00 -54.16 13.07
CA ASN B 379 17.73 -55.41 13.77
C ASN B 379 16.79 -56.29 12.95
N TYR B 380 15.77 -55.67 12.35
CA TYR B 380 14.82 -56.42 11.54
C TYR B 380 15.51 -57.08 10.36
N ARG B 381 16.40 -56.33 9.69
CA ARG B 381 17.18 -56.90 8.60
C ARG B 381 17.92 -58.14 9.08
N ARG B 382 18.78 -57.98 10.09
CA ARG B 382 19.61 -59.12 10.45
C ARG B 382 18.76 -60.31 10.91
N MET B 383 17.58 -60.06 11.45
CA MET B 383 16.77 -61.13 12.03
C MET B 383 15.93 -61.85 10.99
N ILE B 384 15.43 -61.12 10.00
CA ILE B 384 14.40 -61.67 9.14
C ILE B 384 14.83 -61.87 7.70
N GLU B 385 15.91 -61.21 7.23
CA GLU B 385 16.42 -61.55 5.91
C GLU B 385 16.80 -63.03 5.82
N PRO B 386 17.39 -63.66 6.84
CA PRO B 386 17.63 -65.12 6.74
C PRO B 386 16.37 -65.93 6.43
N LEU B 387 15.21 -65.56 6.97
CA LEU B 387 14.00 -66.28 6.62
C LEU B 387 13.67 -66.12 5.15
N ASP B 388 13.80 -64.90 4.63
CA ASP B 388 13.54 -64.69 3.21
C ASP B 388 14.56 -65.46 2.37
N ILE B 389 15.79 -65.63 2.87
CA ILE B 389 16.78 -66.43 2.17
C ILE B 389 16.35 -67.90 2.16
N ALA B 390 15.87 -68.41 3.29
CA ALA B 390 15.40 -69.79 3.35
C ALA B 390 14.32 -70.04 2.32
N GLU B 391 13.36 -69.11 2.24
CA GLU B 391 12.31 -69.20 1.24
C GLU B 391 12.90 -69.20 -0.16
N TYR B 392 13.77 -68.22 -0.44
CA TYR B 392 14.44 -68.07 -1.72
C TYR B 392 15.12 -69.37 -2.17
N TYR B 393 15.80 -70.07 -1.25
CA TYR B 393 16.52 -71.27 -1.65
C TYR B 393 15.60 -72.48 -1.77
N LEU B 394 14.54 -72.54 -0.96
CA LEU B 394 13.52 -73.55 -1.19
C LEU B 394 12.93 -73.43 -2.58
N GLU B 395 12.79 -72.21 -3.09
CA GLU B 395 12.20 -72.00 -4.40
C GLU B 395 13.12 -72.38 -5.51
N GLY B 396 14.34 -72.82 -5.19
CA GLY B 396 15.29 -73.22 -6.21
C GLY B 396 16.03 -72.08 -6.85
N ARG B 397 15.85 -70.85 -6.36
CA ARG B 397 16.59 -69.71 -6.89
C ARG B 397 18.06 -69.76 -6.47
N LYS B 398 18.90 -69.02 -7.19
CA LYS B 398 20.34 -69.05 -6.99
C LYS B 398 20.87 -67.64 -6.78
N GLU B 399 22.10 -67.57 -6.25
CA GLU B 399 22.87 -66.33 -6.19
C GLU B 399 22.09 -65.21 -5.51
N TYR B 400 21.75 -65.44 -4.24
CA TYR B 400 20.85 -64.52 -3.53
C TYR B 400 21.49 -63.15 -3.34
N ARG B 401 22.77 -63.10 -2.99
CA ARG B 401 23.36 -61.81 -2.66
C ARG B 401 23.33 -60.85 -3.84
N THR B 402 23.68 -61.34 -5.03
CA THR B 402 23.90 -60.46 -6.16
C THR B 402 22.71 -60.43 -7.11
N THR B 403 21.71 -61.27 -6.89
CA THR B 403 20.59 -61.29 -7.80
C THR B 403 19.24 -61.35 -7.09
N GLY B 404 19.17 -61.58 -5.78
CA GLY B 404 17.89 -61.91 -5.19
C GLY B 404 17.39 -61.03 -4.06
N ARG B 405 18.23 -60.14 -3.56
CA ARG B 405 17.86 -59.40 -2.36
C ARG B 405 16.72 -58.45 -2.67
N SER B 406 15.65 -58.52 -1.89
CA SER B 406 14.67 -57.45 -1.92
C SER B 406 15.33 -56.11 -1.61
N HIS B 407 14.92 -55.09 -2.34
CA HIS B 407 15.53 -53.78 -2.27
C HIS B 407 15.56 -53.21 -0.85
N HIS B 408 14.44 -53.35 -0.11
CA HIS B 408 14.36 -52.71 1.19
C HIS B 408 15.47 -53.19 2.13
N TYR B 409 15.83 -54.49 2.05
CA TYR B 409 16.95 -54.97 2.86
C TYR B 409 18.24 -54.27 2.48
N VAL B 410 18.43 -54.05 1.16
CA VAL B 410 19.64 -53.39 0.68
C VAL B 410 19.72 -51.97 1.20
N MET B 411 18.61 -51.23 1.12
CA MET B 411 18.64 -49.86 1.63
C MET B 411 18.89 -49.85 3.13
N LEU B 412 18.21 -50.72 3.88
CA LEU B 412 18.39 -50.69 5.33
C LEU B 412 19.84 -50.97 5.68
N GLU B 413 20.49 -51.89 4.95
CA GLU B 413 21.90 -52.14 5.16
C GLU B 413 22.74 -50.90 4.83
N LYS B 414 22.54 -50.32 3.64
CA LYS B 414 23.37 -49.18 3.23
C LYS B 414 23.28 -48.05 4.25
N TRP B 415 22.05 -47.73 4.67
CA TRP B 415 21.84 -46.62 5.58
C TRP B 415 22.44 -46.91 6.95
N PHE B 416 22.24 -48.12 7.47
CA PHE B 416 22.82 -48.38 8.77
C PHE B 416 24.33 -48.33 8.70
N GLY B 417 24.93 -48.76 7.58
CA GLY B 417 26.38 -48.67 7.45
C GLY B 417 26.85 -47.22 7.44
N MET B 418 26.19 -46.39 6.64
CA MET B 418 26.55 -44.98 6.57
C MET B 418 26.57 -44.36 7.95
N GLU B 419 25.51 -44.60 8.73
CA GLU B 419 25.46 -44.03 10.07
C GLU B 419 26.46 -44.71 11.01
N SER B 420 26.65 -46.02 10.87
CA SER B 420 27.58 -46.74 11.73
C SER B 420 28.98 -46.13 11.66
N ILE B 421 29.38 -45.63 10.48
CA ILE B 421 30.70 -44.97 10.36
C ILE B 421 30.95 -43.96 11.47
N LEU B 422 29.88 -43.33 11.97
CA LEU B 422 29.92 -42.17 12.84
C LEU B 422 29.61 -42.51 14.31
N ILE B 423 29.49 -43.80 14.65
CA ILE B 423 29.03 -44.22 15.97
C ILE B 423 30.21 -44.73 16.78
N GLU B 424 30.46 -44.10 17.92
CA GLU B 424 31.46 -44.61 18.85
C GLU B 424 30.92 -45.85 19.56
N LYS B 425 31.56 -46.98 19.35
CA LYS B 425 31.11 -48.20 19.99
C LYS B 425 32.33 -49.05 20.30
N GLU B 426 32.18 -49.97 21.26
CA GLU B 426 33.20 -50.97 21.55
C GLU B 426 32.54 -52.33 21.75
N ARG B 427 33.01 -53.32 21.00
CA ARG B 427 32.58 -54.69 21.18
C ARG B 427 33.50 -55.33 22.22
N CYS B 428 32.93 -55.89 23.29
CA CYS B 428 33.73 -56.54 24.31
C CYS B 428 34.05 -57.97 23.91
N LYS B 429 35.33 -58.29 23.88
CA LYS B 429 35.84 -59.56 23.38
C LYS B 429 35.47 -60.74 24.26
N LYS B 430 34.86 -60.51 25.43
CA LYS B 430 34.40 -61.59 26.30
C LYS B 430 32.88 -61.59 26.53
N ARG B 431 32.11 -60.81 25.77
CA ARG B 431 30.66 -60.85 25.87
C ARG B 431 30.16 -62.19 25.40
N ASP B 432 29.18 -62.74 26.11
CA ASP B 432 28.41 -63.83 25.53
C ASP B 432 27.71 -63.37 24.25
N LEU B 433 27.90 -64.12 23.16
CA LEU B 433 27.29 -63.79 21.88
C LEU B 433 26.05 -64.61 21.57
N SER B 434 25.48 -65.32 22.56
CA SER B 434 24.30 -66.13 22.32
C SER B 434 23.28 -65.39 21.45
N ASP B 435 23.06 -64.11 21.76
CA ASP B 435 22.03 -63.34 21.10
C ASP B 435 22.57 -62.42 20.01
N LEU B 436 23.80 -62.60 19.57
CA LEU B 436 24.30 -61.83 18.44
C LEU B 436 23.43 -62.04 17.21
N LEU B 437 23.14 -60.95 16.50
CA LEU B 437 22.49 -61.01 15.19
C LEU B 437 23.59 -60.85 14.15
N THR B 438 23.87 -61.91 13.42
CA THR B 438 24.90 -61.93 12.41
C THR B 438 24.84 -60.69 11.54
N PHE B 439 25.99 -59.99 11.44
CA PHE B 439 26.06 -58.70 10.77
C PHE B 439 25.80 -58.81 9.27
N ASP B 440 26.43 -59.80 8.63
CA ASP B 440 26.17 -60.13 7.23
C ASP B 440 24.85 -60.90 7.14
N SER B 441 23.78 -60.21 6.78
CA SER B 441 22.49 -60.87 6.75
C SER B 441 22.32 -61.73 5.50
N CYS B 442 23.35 -61.84 4.66
CA CYS B 442 23.31 -62.79 3.56
C CYS B 442 24.11 -64.06 3.87
N PHE B 443 24.69 -64.15 5.06
CA PHE B 443 25.45 -65.32 5.48
C PHE B 443 24.81 -66.66 5.07
N TRP B 444 23.50 -66.82 5.29
CA TRP B 444 22.88 -68.09 4.95
C TRP B 444 22.86 -68.30 3.44
N ALA B 445 22.82 -67.21 2.69
CA ALA B 445 22.91 -67.35 1.25
C ALA B 445 24.28 -67.92 0.88
N GLU B 446 25.32 -67.52 1.60
CA GLU B 446 26.63 -68.07 1.32
C GLU B 446 26.65 -69.56 1.63
N VAL B 447 26.10 -69.94 2.79
CA VAL B 447 26.01 -71.35 3.15
C VAL B 447 25.30 -72.13 2.05
N GLU B 448 24.16 -71.63 1.57
CA GLU B 448 23.37 -72.38 0.59
C GLU B 448 24.10 -72.44 -0.75
N ASP B 449 24.79 -71.38 -1.12
CA ASP B 449 25.56 -71.41 -2.37
C ASP B 449 26.69 -72.41 -2.31
N SER B 450 27.39 -72.48 -1.17
CA SER B 450 28.46 -73.47 -1.08
C SER B 450 27.89 -74.88 -1.11
N LEU B 451 26.77 -75.12 -0.42
CA LEU B 451 26.11 -76.43 -0.54
C LEU B 451 25.85 -76.76 -2.01
N ILE B 452 25.32 -75.80 -2.76
CA ILE B 452 25.06 -76.03 -4.17
C ILE B 452 26.35 -76.38 -4.91
N VAL B 453 27.46 -75.67 -4.63
CA VAL B 453 28.66 -75.97 -5.41
C VAL B 453 29.19 -77.34 -5.04
N ILE B 454 29.05 -77.74 -3.78
CA ILE B 454 29.49 -79.07 -3.37
C ILE B 454 28.69 -80.14 -4.10
N ASN B 455 27.37 -79.94 -4.22
CA ASN B 455 26.57 -80.86 -5.02
C ASN B 455 27.05 -80.90 -6.46
N GLN B 456 27.35 -79.74 -7.03
CA GLN B 456 27.81 -79.73 -8.43
C GLN B 456 29.11 -80.51 -8.58
N LEU B 457 29.98 -80.43 -7.61
CA LEU B 457 31.22 -81.14 -7.72
C LEU B 457 30.97 -82.62 -7.69
N ASN B 458 30.33 -83.10 -6.65
CA ASN B 458 30.01 -84.49 -6.56
C ASN B 458 29.07 -85.08 -7.60
N THR B 459 28.02 -84.38 -7.96
CA THR B 459 27.01 -84.93 -8.86
C THR B 459 27.16 -84.61 -10.31
N THR B 460 28.16 -83.86 -10.68
CA THR B 460 28.23 -83.53 -12.08
C THR B 460 29.35 -84.30 -12.73
N VAL B 461 29.03 -85.00 -13.79
CA VAL B 461 29.99 -85.83 -14.48
C VAL B 461 30.11 -85.29 -15.88
N GLY B 462 31.31 -85.31 -16.43
CA GLY B 462 31.49 -84.68 -17.70
C GLY B 462 31.79 -83.24 -17.49
N MET B 463 31.97 -82.83 -16.24
CA MET B 463 32.37 -81.47 -15.98
C MET B 463 33.79 -81.24 -16.44
N ARG B 464 34.02 -80.11 -17.08
CA ARG B 464 35.35 -79.75 -17.54
C ARG B 464 36.26 -79.38 -16.42
N ASP B 465 37.55 -79.54 -16.64
CA ASP B 465 38.51 -79.26 -15.59
C ASP B 465 38.50 -77.81 -15.18
N ASP B 466 38.35 -76.91 -16.14
CA ASP B 466 38.45 -75.49 -15.80
C ASP B 466 37.37 -75.05 -14.86
N VAL B 467 36.18 -75.53 -15.08
CA VAL B 467 35.09 -75.22 -14.19
C VAL B 467 35.36 -75.76 -12.82
N ARG B 468 35.89 -76.95 -12.73
CA ARG B 468 36.04 -77.56 -11.44
C ARG B 468 36.94 -76.71 -10.57
N GLU B 469 37.98 -76.15 -11.15
CA GLU B 469 38.87 -75.29 -10.41
C GLU B 469 38.18 -74.05 -9.89
N VAL B 470 37.32 -73.46 -10.68
CA VAL B 470 36.58 -72.32 -10.19
C VAL B 470 35.72 -72.78 -9.05
N LEU B 471 35.12 -73.95 -9.17
CA LEU B 471 34.23 -74.38 -8.14
C LEU B 471 35.01 -74.62 -6.89
N THR B 472 36.10 -75.34 -7.02
CA THR B 472 36.92 -75.55 -5.85
C THR B 472 37.40 -74.24 -5.24
N ARG B 473 37.62 -73.18 -6.04
CA ARG B 473 38.16 -72.05 -5.31
C ARG B 473 37.05 -71.26 -4.69
N LYS B 474 35.86 -71.22 -5.32
CA LYS B 474 34.70 -70.71 -4.59
C LYS B 474 34.55 -71.45 -3.27
N LEU B 475 34.92 -72.71 -3.26
CA LEU B 475 34.83 -73.51 -2.06
C LEU B 475 35.81 -72.99 -1.01
N VAL B 476 37.08 -72.82 -1.40
CA VAL B 476 38.07 -72.34 -0.44
C VAL B 476 37.81 -70.88 -0.07
N GLU B 477 37.24 -70.11 -0.99
CA GLU B 477 36.78 -68.75 -0.71
C GLU B 477 35.75 -68.75 0.43
N PHE B 478 34.66 -69.53 0.26
CA PHE B 478 33.68 -69.64 1.31
C PHE B 478 34.35 -70.01 2.62
N GLU B 479 35.23 -71.02 2.60
CA GLU B 479 35.91 -71.40 3.84
C GLU B 479 36.60 -70.19 4.47
N GLY B 480 37.26 -69.35 3.65
CA GLY B 480 37.94 -68.19 4.21
C GLY B 480 36.97 -67.16 4.76
N TYR B 481 35.87 -66.92 4.06
CA TYR B 481 34.80 -66.07 4.60
C TYR B 481 34.31 -66.59 5.96
N VAL B 482 34.07 -67.90 6.07
CA VAL B 482 33.57 -68.44 7.32
C VAL B 482 34.59 -68.24 8.42
N TRP B 483 35.86 -68.52 8.12
CA TRP B 483 36.86 -68.36 9.15
C TRP B 483 36.99 -66.91 9.57
N GLU B 484 36.84 -65.96 8.63
CA GLU B 484 37.03 -64.57 9.03
C GLU B 484 35.86 -64.14 9.92
N ILE B 485 34.65 -64.62 9.61
CA ILE B 485 33.52 -64.13 10.40
C ILE B 485 33.57 -64.75 11.79
N ILE B 486 34.15 -65.95 11.93
CA ILE B 486 34.31 -66.52 13.27
C ILE B 486 35.39 -65.75 14.03
N THR B 487 36.57 -65.61 13.41
CA THR B 487 37.64 -64.79 13.95
C THR B 487 37.10 -63.42 14.39
N LYS B 488 36.36 -62.76 13.53
CA LYS B 488 35.96 -61.41 13.91
C LYS B 488 34.73 -61.42 14.81
N ARG B 489 34.28 -62.59 15.25
CA ARG B 489 33.13 -62.72 16.14
C ARG B 489 31.91 -62.03 15.53
N GLU B 490 31.68 -62.24 14.24
CA GLU B 490 30.55 -61.60 13.57
C GLU B 490 29.44 -62.55 13.16
N VAL B 491 29.47 -63.81 13.60
CA VAL B 491 28.35 -64.74 13.40
C VAL B 491 27.78 -65.20 14.72
N SER B 492 26.47 -65.36 14.73
CA SER B 492 25.78 -66.01 15.83
C SER B 492 26.39 -67.39 16.10
N PRO B 493 26.59 -67.77 17.35
CA PRO B 493 26.97 -69.17 17.63
C PRO B 493 25.94 -70.18 17.15
N GLU B 494 24.71 -69.75 16.86
CA GLU B 494 23.67 -70.71 16.48
C GLU B 494 23.97 -71.41 15.15
N ILE B 495 24.88 -70.88 14.32
CA ILE B 495 25.22 -71.63 13.12
C ILE B 495 25.75 -73.01 13.47
N PHE B 496 26.26 -73.20 14.69
CA PHE B 496 26.89 -74.47 15.02
C PHE B 496 25.92 -75.50 15.57
N LEU B 497 24.62 -75.20 15.59
CA LEU B 497 23.68 -76.19 16.09
C LEU B 497 23.69 -77.39 15.16
N GLU B 498 23.47 -78.57 15.77
CA GLU B 498 23.60 -79.88 15.12
C GLU B 498 22.88 -79.92 13.78
N GLU B 499 21.63 -79.46 13.73
CA GLU B 499 20.71 -79.65 12.61
C GLU B 499 20.79 -78.52 11.62
N SER B 500 21.68 -77.55 11.81
CA SER B 500 21.68 -76.36 10.96
C SER B 500 22.29 -76.67 9.61
N SER B 501 22.01 -75.82 8.62
CA SER B 501 22.61 -76.00 7.30
C SER B 501 24.10 -75.74 7.30
N PHE B 502 24.63 -75.00 8.27
CA PHE B 502 26.07 -74.78 8.26
C PHE B 502 26.81 -76.06 8.64
N MET B 503 26.32 -76.76 9.67
CA MET B 503 26.90 -78.03 10.04
C MET B 503 26.74 -79.07 8.93
N LYS B 504 25.62 -79.03 8.23
CA LYS B 504 25.46 -79.85 7.03
C LYS B 504 26.56 -79.52 6.02
N TRP B 505 26.70 -78.23 5.70
CA TRP B 505 27.76 -77.79 4.81
C TRP B 505 29.11 -78.36 5.26
N TRP B 506 29.42 -78.23 6.55
CA TRP B 506 30.73 -78.67 7.03
C TRP B 506 30.90 -80.18 6.87
N LYS B 507 29.84 -80.95 7.11
CA LYS B 507 29.97 -82.39 6.96
C LYS B 507 30.27 -82.76 5.51
N GLU B 508 29.49 -82.20 4.58
CA GLU B 508 29.73 -82.46 3.16
C GLU B 508 31.11 -81.97 2.72
N TYR B 509 31.53 -80.83 3.19
CA TYR B 509 32.79 -80.28 2.77
C TYR B 509 33.98 -81.04 3.28
N LYS B 510 33.85 -81.68 4.42
CA LYS B 510 35.00 -82.32 5.00
C LYS B 510 35.44 -83.38 4.06
N LYS B 511 34.48 -84.08 3.48
CA LYS B 511 34.83 -85.10 2.58
C LYS B 511 35.54 -84.63 1.34
N ILE B 512 35.07 -83.59 0.71
CA ILE B 512 35.71 -82.97 -0.47
C ILE B 512 37.06 -82.23 -0.31
N LYS B 513 37.24 -81.47 0.76
CA LYS B 513 38.43 -80.63 0.98
C LYS B 513 39.73 -81.31 1.28
N GLY B 514 40.84 -80.72 0.84
CA GLY B 514 42.09 -81.30 1.26
C GLY B 514 43.47 -80.71 1.32
N PHE B 515 44.34 -81.26 2.17
CA PHE B 515 45.76 -80.91 2.15
C PHE B 515 46.18 -79.47 2.27
N ASN B 516 45.52 -78.72 3.11
CA ASN B 516 45.84 -77.32 3.17
C ASN B 516 45.74 -76.85 4.59
N SER B 517 46.42 -75.75 4.91
CA SER B 517 46.24 -75.26 6.23
C SER B 517 44.79 -74.91 6.31
N SER B 518 44.18 -75.29 7.41
CA SER B 518 42.80 -74.95 7.62
C SER B 518 42.62 -74.76 9.06
N TYR B 519 42.45 -73.52 9.41
CA TYR B 519 42.30 -73.18 10.77
C TYR B 519 40.89 -73.50 11.03
N LEU B 520 40.07 -73.44 9.99
CA LEU B 520 38.70 -73.86 10.22
C LEU B 520 38.65 -75.31 10.67
N THR B 521 39.26 -76.24 9.91
CA THR B 521 39.07 -77.63 10.26
C THR B 521 39.66 -77.92 11.63
N GLU B 522 40.73 -77.23 12.03
CA GLU B 522 41.24 -77.52 13.37
C GLU B 522 40.16 -77.13 14.36
N PHE B 523 39.60 -75.94 14.13
CA PHE B 523 38.61 -75.37 15.01
C PHE B 523 37.42 -76.31 15.16
N MET B 524 37.00 -76.94 14.06
CA MET B 524 35.84 -77.82 14.06
C MET B 524 36.20 -79.18 14.68
N ASN B 525 37.29 -79.77 14.18
CA ASN B 525 37.75 -81.07 14.65
C ASN B 525 37.96 -81.10 16.15
N THR B 526 38.55 -80.04 16.70
CA THR B 526 38.83 -80.02 18.13
C THR B 526 37.61 -79.67 18.95
N ARG B 527 36.49 -79.40 18.29
CA ARG B 527 35.24 -78.90 18.90
C ARG B 527 35.38 -77.52 19.52
N LYS B 528 36.37 -76.67 19.18
CA LYS B 528 36.32 -75.42 19.94
C LYS B 528 35.13 -74.56 19.57
N TYR B 529 34.45 -74.84 18.44
CA TYR B 529 33.20 -74.14 18.16
C TYR B 529 32.20 -74.21 19.32
N GLU B 530 32.25 -75.25 20.15
CA GLU B 530 31.33 -75.30 21.29
C GLU B 530 31.60 -74.19 22.30
N SER B 531 32.77 -73.55 22.25
CA SER B 531 33.04 -72.42 23.13
C SER B 531 32.89 -71.07 22.43
N TYR B 532 32.75 -71.06 21.10
CA TYR B 532 32.55 -69.80 20.40
C TYR B 532 31.38 -69.04 21.02
N GLY B 533 31.65 -67.82 21.49
CA GLY B 533 30.61 -66.92 21.90
C GLY B 533 30.18 -67.04 23.34
N LYS B 534 30.80 -67.93 24.11
CA LYS B 534 30.50 -68.08 25.53
C LYS B 534 31.70 -67.60 26.32
N SER B 535 31.46 -66.96 27.47
CA SER B 535 32.56 -66.70 28.37
C SER B 535 32.07 -66.72 29.81
N GLN B 536 32.84 -67.36 30.68
CA GLN B 536 32.54 -67.49 32.12
C GLN B 536 31.05 -67.67 32.42
N GLU C 1 -33.49 43.20 -3.50
CA GLU C 1 -32.88 42.81 -4.77
C GLU C 1 -31.36 42.95 -4.84
N SER C 2 -30.73 43.27 -3.71
CA SER C 2 -29.27 43.42 -3.69
C SER C 2 -28.58 42.08 -3.90
N SER C 3 -27.57 42.06 -4.77
CA SER C 3 -26.81 40.83 -5.00
C SER C 3 -26.33 40.23 -3.69
N SER C 4 -25.96 41.08 -2.72
CA SER C 4 -25.39 40.57 -1.48
C SER C 4 -26.42 39.88 -0.61
N SER C 5 -27.62 40.45 -0.47
CA SER C 5 -28.63 39.82 0.39
C SER C 5 -29.07 38.48 -0.19
N LEU C 6 -29.37 38.48 -1.50
CA LEU C 6 -29.61 37.25 -2.23
C LEU C 6 -28.52 36.21 -1.97
N LYS C 7 -27.26 36.61 -2.19
CA LYS C 7 -26.15 35.69 -2.01
C LYS C 7 -26.06 35.17 -0.56
N GLY C 8 -26.24 36.06 0.41
CA GLY C 8 -26.14 35.63 1.80
C GLY C 8 -27.15 34.54 2.12
N SER C 9 -28.40 34.75 1.71
CA SER C 9 -29.42 33.76 2.05
C SER C 9 -29.23 32.45 1.27
N ALA C 10 -28.90 32.54 -0.02
CA ALA C 10 -28.71 31.34 -0.81
C ALA C 10 -27.49 30.55 -0.31
N LEU C 11 -26.40 31.24 0.02
CA LEU C 11 -25.23 30.61 0.63
C LEU C 11 -25.58 29.96 1.96
N GLY C 12 -26.42 30.62 2.76
CA GLY C 12 -26.96 29.98 3.95
C GLY C 12 -27.61 28.67 3.64
N LYS C 13 -28.48 28.64 2.63
CA LYS C 13 -29.18 27.39 2.39
C LYS C 13 -28.21 26.34 1.86
N LEU C 14 -27.21 26.75 1.09
CA LEU C 14 -26.20 25.81 0.64
C LEU C 14 -25.54 25.16 1.84
N VAL C 15 -25.19 25.97 2.83
CA VAL C 15 -24.52 25.42 4.01
C VAL C 15 -25.41 24.38 4.66
N VAL C 16 -26.67 24.76 4.90
CA VAL C 16 -27.58 23.85 5.59
C VAL C 16 -27.78 22.57 4.80
N THR C 17 -28.12 22.69 3.53
CA THR C 17 -28.42 21.54 2.69
C THR C 17 -27.19 20.67 2.52
N SER C 18 -26.01 21.26 2.77
CA SER C 18 -24.73 20.58 2.65
C SER C 18 -24.66 19.34 3.54
N GLY C 19 -25.28 19.40 4.72
CA GLY C 19 -25.04 18.40 5.73
C GLY C 19 -23.83 18.66 6.62
N LEU C 20 -23.05 19.72 6.34
CA LEU C 20 -21.86 19.98 7.15
C LEU C 20 -22.25 20.30 8.59
N LEU C 21 -23.36 21.01 8.79
CA LEU C 21 -23.76 21.36 10.15
C LEU C 21 -24.20 20.13 10.91
N HIS C 22 -25.01 19.28 10.29
CA HIS C 22 -25.55 18.12 11.00
C HIS C 22 -24.43 17.13 11.33
N SER C 23 -23.55 16.84 10.39
CA SER C 23 -22.47 15.92 10.69
C SER C 23 -21.58 16.47 11.81
N SER C 24 -21.16 17.73 11.68
CA SER C 24 -20.24 18.23 12.70
C SER C 24 -20.92 18.31 14.07
N TRP C 25 -22.17 18.72 14.13
CA TRP C 25 -22.83 18.84 15.41
C TRP C 25 -23.09 17.54 16.08
N SER C 26 -23.38 16.53 15.29
CA SER C 26 -23.67 15.25 15.84
C SER C 26 -22.46 14.77 16.56
N LYS C 27 -21.31 14.98 15.98
CA LYS C 27 -20.08 14.58 16.60
C LYS C 27 -19.87 15.33 17.89
N ILE C 28 -20.19 16.59 17.94
CA ILE C 28 -20.02 17.35 19.13
C ILE C 28 -20.89 16.72 20.22
N LEU C 29 -22.08 16.30 19.86
CA LEU C 29 -22.99 15.70 20.81
C LEU C 29 -22.41 14.42 21.36
N GLU C 30 -21.74 13.67 20.51
CA GLU C 30 -21.17 12.43 20.93
C GLU C 30 -20.14 12.60 22.03
N ILE C 31 -19.58 13.76 22.18
CA ILE C 31 -18.56 13.98 23.17
C ILE C 31 -19.09 13.77 24.57
N HIS C 32 -20.29 14.22 24.84
CA HIS C 32 -20.85 14.06 26.15
C HIS C 32 -21.99 13.12 26.14
N ASN C 33 -22.30 12.59 24.98
CA ASN C 33 -23.35 11.59 24.87
C ASN C 33 -22.84 10.45 24.09
N PRO C 34 -22.02 9.61 24.71
CA PRO C 34 -21.37 8.59 23.91
C PRO C 34 -22.26 7.56 23.27
N PRO C 35 -21.96 7.24 22.03
CA PRO C 35 -22.71 6.22 21.30
C PRO C 35 -22.61 4.83 21.86
N TYR C 36 -21.43 4.43 22.26
CA TYR C 36 -21.21 3.11 22.78
C TYR C 36 -20.72 3.30 24.17
N SER C 37 -21.26 2.53 25.08
CA SER C 37 -20.83 2.60 26.46
C SER C 37 -20.65 1.22 27.01
N ASN C 38 -19.83 1.06 28.04
CA ASN C 38 -19.73 -0.22 28.69
C ASN C 38 -19.96 0.05 30.15
N HIS C 39 -20.61 -0.89 30.78
CA HIS C 39 -20.89 -0.74 32.16
C HIS C 39 -19.95 -1.48 33.08
N ASP C 40 -18.90 -2.08 32.54
CA ASP C 40 -17.99 -2.87 33.36
C ASP C 40 -17.34 -1.97 34.35
N PRO C 41 -17.25 -2.44 35.58
CA PRO C 41 -16.68 -1.63 36.63
C PRO C 41 -15.21 -1.29 36.42
N GLY C 42 -14.42 -2.23 35.97
CA GLY C 42 -13.02 -1.97 35.78
C GLY C 42 -12.68 -0.92 34.75
N LEU C 43 -13.36 -0.95 33.63
CA LEU C 43 -13.12 0.02 32.58
C LEU C 43 -13.45 1.43 33.01
N GLN C 44 -14.51 1.59 33.77
CA GLN C 44 -14.90 2.90 34.24
C GLN C 44 -13.90 3.50 35.17
N VAL C 45 -13.75 4.81 35.08
CA VAL C 45 -12.85 5.50 35.95
C VAL C 45 -13.49 5.70 37.30
N SER C 52 -12.79 20.35 34.27
CA SER C 52 -11.44 19.80 34.24
C SER C 52 -11.14 19.13 32.90
N GLY C 53 -10.40 19.82 32.02
CA GLY C 53 -9.76 19.19 30.89
C GLY C 53 -10.11 19.84 29.56
N LEU C 54 -9.48 19.30 28.51
CA LEU C 54 -9.80 19.53 27.10
C LEU C 54 -9.92 18.18 26.41
N GLU C 55 -11.11 17.88 25.90
CA GLU C 55 -11.31 16.62 25.21
C GLU C 55 -11.34 16.84 23.70
N PHE C 56 -10.88 15.83 22.97
CA PHE C 56 -10.96 15.90 21.52
C PHE C 56 -11.23 14.51 20.99
N GLN C 57 -11.88 14.46 19.83
CA GLN C 57 -12.12 13.19 19.19
C GLN C 57 -11.87 13.33 17.70
N ILE C 58 -11.16 12.37 17.14
CA ILE C 58 -10.88 12.29 15.71
C ILE C 58 -11.73 11.19 15.07
N HIS C 59 -12.46 11.61 14.03
CA HIS C 59 -13.29 10.72 13.30
C HIS C 59 -12.78 10.60 11.90
N ARG C 60 -12.06 9.53 11.63
CA ARG C 60 -11.53 9.27 10.30
C ARG C 60 -12.52 8.58 9.42
N GLU C 61 -13.53 9.30 9.00
CA GLU C 61 -14.55 8.78 8.12
C GLU C 61 -14.09 8.63 6.72
N GLU C 62 -14.76 7.80 5.97
CA GLU C 62 -14.43 7.78 4.58
C GLU C 62 -14.93 9.09 4.07
N LYS C 63 -14.13 9.75 3.26
CA LYS C 63 -14.50 11.00 2.58
C LYS C 63 -14.27 12.24 3.41
N PHE C 64 -13.96 12.13 4.68
CA PHE C 64 -13.54 13.29 5.46
C PHE C 64 -12.86 12.89 6.74
N THR C 65 -12.12 13.77 7.35
CA THR C 65 -11.64 13.50 8.66
C THR C 65 -12.21 14.64 9.45
N LEU C 66 -12.90 14.36 10.54
CA LEU C 66 -13.46 15.39 11.37
C LEU C 66 -12.81 15.33 12.71
N VAL C 67 -12.48 16.49 13.24
CA VAL C 67 -11.86 16.59 14.56
C VAL C 67 -12.75 17.48 15.39
N VAL C 68 -13.23 16.95 16.53
CA VAL C 68 -14.02 17.72 17.48
C VAL C 68 -13.12 18.11 18.63
N PHE C 69 -13.23 19.36 19.06
CA PHE C 69 -12.66 19.83 20.32
C PHE C 69 -13.80 20.21 21.25
N SER C 70 -13.63 19.87 22.52
CA SER C 70 -14.62 20.21 23.51
C SER C 70 -13.89 20.78 24.69
N ALA C 71 -14.50 21.74 25.35
CA ALA C 71 -13.86 22.43 26.44
C ALA C 71 -14.77 22.70 27.61
N PRO C 72 -14.18 22.95 28.78
CA PRO C 72 -14.97 23.28 29.94
C PRO C 72 -15.70 24.58 29.75
N PRO C 73 -16.89 24.67 30.30
CA PRO C 73 -17.62 25.89 29.99
C PRO C 73 -16.90 27.09 30.51
N ILE C 74 -16.83 28.11 29.69
CA ILE C 74 -16.08 29.31 30.01
C ILE C 74 -16.58 30.15 31.18
N CYS C 75 -17.90 30.29 31.30
CA CYS C 75 -18.52 31.16 32.32
C CYS C 75 -18.51 32.59 31.79
N ARG C 76 -19.04 33.53 32.54
CA ARG C 76 -19.14 34.89 32.00
C ARG C 76 -18.23 35.90 32.64
N SER C 77 -17.59 36.72 31.82
CA SER C 77 -16.65 37.77 32.28
C SER C 77 -15.46 37.13 32.93
N SER C 78 -15.47 35.81 33.00
CA SER C 78 -14.40 35.17 33.70
C SER C 78 -13.18 35.55 32.93
N SER C 79 -13.25 35.50 31.62
CA SER C 79 -12.11 36.00 30.89
C SER C 79 -12.32 37.04 29.82
N SER C 80 -11.69 38.19 29.94
CA SER C 80 -11.66 39.15 28.86
C SER C 80 -10.20 39.08 28.57
N ASP C 81 -9.53 38.11 29.12
CA ASP C 81 -8.10 38.05 29.04
C ASP C 81 -7.49 37.88 27.68
N SER C 82 -6.39 38.58 27.45
CA SER C 82 -5.74 38.55 26.18
C SER C 82 -4.29 38.15 26.29
N THR C 83 -3.84 37.26 25.43
CA THR C 83 -2.42 36.94 25.39
C THR C 83 -1.90 37.58 24.13
N LEU C 84 -0.85 38.37 24.26
CA LEU C 84 -0.28 39.09 23.12
C LEU C 84 0.85 38.25 22.53
N LEU C 85 0.76 37.98 21.23
CA LEU C 85 1.75 37.20 20.49
C LEU C 85 2.43 38.12 19.48
N HIS C 86 3.74 38.26 19.60
CA HIS C 86 4.57 39.08 18.73
C HIS C 86 5.46 38.18 17.90
N VAL C 87 5.81 38.64 16.70
CA VAL C 87 6.48 37.75 15.75
C VAL C 87 7.81 37.26 16.31
N LYS C 88 8.48 38.07 17.13
CA LYS C 88 9.77 37.66 17.68
C LYS C 88 9.61 36.60 18.77
N ASP C 89 8.61 36.75 19.63
CA ASP C 89 8.40 35.78 20.70
C ASP C 89 8.27 34.37 20.13
N LYS C 90 8.80 33.39 20.86
CA LYS C 90 8.67 31.98 20.48
C LYS C 90 7.71 31.20 21.36
N GLU C 91 6.97 31.85 22.24
CA GLU C 91 5.69 31.29 22.64
C GLU C 91 4.63 31.50 21.56
N ASN C 92 4.97 32.16 20.45
CA ASN C 92 4.05 32.40 19.36
C ASN C 92 4.06 31.18 18.44
N PRO C 93 2.96 30.41 18.39
CA PRO C 93 2.88 29.30 17.44
C PRO C 93 2.43 29.72 16.05
N PHE C 94 2.06 30.98 15.85
CA PHE C 94 1.58 31.49 14.58
C PHE C 94 2.44 32.64 14.09
N PRO C 95 3.77 32.48 14.03
CA PRO C 95 4.59 33.58 13.51
C PRO C 95 4.24 33.92 12.08
N PHE C 96 3.79 32.94 11.29
CA PHE C 96 3.46 33.12 9.88
C PHE C 96 2.25 34.01 9.67
N LEU C 97 1.48 34.32 10.71
CA LEU C 97 0.37 35.26 10.53
C LEU C 97 0.84 36.70 10.60
N CYS C 98 1.95 36.95 11.29
CA CYS C 98 2.37 38.33 11.56
C CYS C 98 2.85 39.00 10.28
N SER C 99 2.56 40.30 10.17
CA SER C 99 2.86 41.14 9.02
C SER C 99 4.08 42.02 9.27
N GLU C 100 4.26 42.97 8.37
CA GLU C 100 4.98 44.19 8.69
C GLU C 100 4.03 45.24 9.24
N ASN C 101 2.75 45.22 8.84
CA ASN C 101 1.86 46.17 9.48
C ASN C 101 1.29 45.62 10.79
N ASN C 102 1.38 44.30 11.01
CA ASN C 102 0.87 43.65 12.23
C ASN C 102 1.89 42.66 12.75
N PRO C 103 2.98 43.14 13.36
CA PRO C 103 3.92 42.20 13.99
C PRO C 103 3.35 41.47 15.20
N SER C 104 2.25 41.96 15.76
CA SER C 104 1.64 41.32 16.91
C SER C 104 0.14 41.17 16.71
N PHE C 105 -0.45 40.25 17.46
CA PHE C 105 -1.91 40.15 17.58
C PHE C 105 -2.18 39.56 18.96
N SER C 106 -3.47 39.39 19.27
CA SER C 106 -3.86 38.93 20.60
C SER C 106 -4.99 37.91 20.49
N LEU C 107 -4.89 36.88 21.32
CA LEU C 107 -5.84 35.78 21.35
C LEU C 107 -6.48 35.63 22.72
N HIS C 108 -7.76 35.24 22.73
CA HIS C 108 -8.46 34.98 23.98
C HIS C 108 -7.70 33.95 24.81
N THR C 109 -7.30 34.37 26.01
CA THR C 109 -6.22 33.67 26.70
C THR C 109 -6.61 32.24 27.10
N PRO C 110 -7.84 31.96 27.55
CA PRO C 110 -8.18 30.56 27.89
C PRO C 110 -8.14 29.65 26.69
N ALA C 111 -8.68 30.10 25.55
CA ALA C 111 -8.59 29.31 24.33
C ALA C 111 -7.13 29.12 23.91
N PHE C 112 -6.33 30.18 23.98
CA PHE C 112 -4.92 30.05 23.65
C PHE C 112 -4.26 29.01 24.53
N ASN C 113 -4.57 29.01 25.82
CA ASN C 113 -3.87 28.10 26.73
C ASN C 113 -4.32 26.67 26.52
N LEU C 114 -5.62 26.46 26.26
CA LEU C 114 -6.07 25.11 25.90
C LEU C 114 -5.37 24.62 24.64
N PHE C 115 -5.16 25.50 23.69
CA PHE C 115 -4.45 25.09 22.49
C PHE C 115 -2.99 24.73 22.77
N THR C 116 -2.32 25.52 23.57
CA THR C 116 -0.91 25.25 23.79
C THR C 116 -0.74 23.90 24.47
N SER C 117 -1.58 23.56 25.43
CA SER C 117 -1.55 22.24 26.04
C SER C 117 -1.89 21.20 25.01
N ALA C 118 -2.85 21.52 24.17
CA ALA C 118 -3.31 20.62 23.12
C ALA C 118 -2.24 20.29 22.13
N SER C 119 -1.36 21.23 21.85
CA SER C 119 -0.41 21.04 20.80
C SER C 119 0.37 19.80 21.18
N THR C 120 0.65 19.56 22.46
CA THR C 120 1.28 18.29 22.77
C THR C 120 0.36 17.12 22.44
N SER C 121 0.85 16.17 21.66
CA SER C 121 0.14 14.93 21.23
C SER C 121 -0.79 15.17 20.06
N LEU C 122 -0.92 16.42 19.65
CA LEU C 122 -1.75 16.71 18.50
C LEU C 122 -0.94 17.27 17.34
N THR C 123 0.36 17.43 17.51
CA THR C 123 1.24 17.84 16.42
C THR C 123 1.19 16.73 15.42
N TYR C 124 1.14 15.51 15.93
CA TYR C 124 1.11 14.33 15.12
C TYR C 124 -0.11 14.38 14.31
N LEU C 125 -1.17 14.85 14.91
CA LEU C 125 -2.39 14.98 14.20
C LEU C 125 -2.19 15.97 13.08
N LYS C 126 -1.45 17.03 13.32
CA LYS C 126 -1.33 18.04 12.31
C LYS C 126 -0.68 17.50 11.08
N SER C 127 0.34 16.69 11.25
CA SER C 127 0.99 16.11 10.09
C SER C 127 0.08 15.19 9.31
N GLU C 128 -0.70 14.39 10.00
CA GLU C 128 -1.64 13.52 9.35
C GLU C 128 -2.68 14.30 8.61
N LEU C 129 -3.14 15.35 9.22
CA LEU C 129 -4.19 16.11 8.63
C LEU C 129 -3.67 16.84 7.43
N LEU C 130 -2.43 17.29 7.50
CA LEU C 130 -1.85 17.91 6.33
C LEU C 130 -1.63 16.88 5.23
N GLN C 131 -1.26 15.64 5.58
CA GLN C 131 -1.17 14.61 4.55
C GLN C 131 -2.54 14.24 4.02
N THR C 132 -3.56 14.29 4.88
CA THR C 132 -4.93 14.01 4.45
C THR C 132 -5.36 15.03 3.42
N LEU C 133 -5.22 16.31 3.76
CA LEU C 133 -5.52 17.39 2.83
C LEU C 133 -4.72 17.23 1.55
N LYS C 134 -3.41 17.05 1.67
CA LYS C 134 -2.54 16.85 0.52
C LYS C 134 -3.06 15.74 -0.37
N SER C 135 -3.68 14.73 0.22
CA SER C 135 -4.26 13.59 -0.49
C SER C 135 -5.60 13.90 -1.14
N GLU C 136 -6.07 15.15 -1.02
CA GLU C 136 -7.37 15.60 -1.52
C GLU C 136 -8.54 15.00 -0.73
N LYS C 137 -8.30 14.66 0.54
CA LYS C 137 -9.35 14.30 1.48
C LYS C 137 -9.68 15.49 2.36
N PRO C 138 -10.94 15.93 2.45
CA PRO C 138 -11.25 17.09 3.29
C PRO C 138 -11.05 16.82 4.77
N VAL C 139 -10.69 17.90 5.48
CA VAL C 139 -10.57 17.93 6.94
C VAL C 139 -11.52 18.99 7.47
N ILE C 140 -12.37 18.60 8.42
CA ILE C 140 -13.21 19.52 9.17
C ILE C 140 -12.73 19.54 10.60
N ILE C 141 -12.73 20.72 11.22
CA ILE C 141 -12.42 20.84 12.63
C ILE C 141 -13.54 21.64 13.27
N THR C 142 -14.04 21.17 14.41
CA THR C 142 -15.25 21.78 14.93
C THR C 142 -15.30 21.64 16.45
N GLY C 143 -16.08 22.53 17.05
CA GLY C 143 -16.34 22.50 18.46
C GLY C 143 -17.43 23.49 18.79
N ALA C 144 -18.19 23.24 19.84
CA ALA C 144 -19.10 24.24 20.39
C ALA C 144 -18.37 25.10 21.40
N ALA C 145 -18.92 26.28 21.66
CA ALA C 145 -18.39 27.16 22.68
C ALA C 145 -16.86 27.21 22.68
N LEU C 146 -16.26 27.13 23.87
CA LEU C 146 -14.81 27.21 23.96
C LEU C 146 -14.13 26.08 23.21
N GLY C 147 -14.84 24.97 22.99
CA GLY C 147 -14.34 23.95 22.09
C GLY C 147 -14.20 24.48 20.67
N GLY C 148 -15.15 25.31 20.24
CA GLY C 148 -15.02 25.95 18.95
C GLY C 148 -13.86 26.94 18.90
N SER C 149 -13.70 27.72 19.97
CA SER C 149 -12.54 28.60 20.04
C SER C 149 -11.24 27.81 19.80
N VAL C 150 -11.09 26.71 20.52
CA VAL C 150 -9.88 25.91 20.39
C VAL C 150 -9.77 25.29 19.00
N ALA C 151 -10.89 24.81 18.45
CA ALA C 151 -10.86 24.26 17.09
C ALA C 151 -10.37 25.30 16.09
N SER C 152 -10.75 26.57 16.31
CA SER C 152 -10.30 27.64 15.44
C SER C 152 -8.79 27.87 15.55
N LEU C 153 -8.28 27.89 16.78
CA LEU C 153 -6.83 28.01 16.94
C LEU C 153 -6.11 26.84 16.28
N TYR C 154 -6.67 25.63 16.37
CA TYR C 154 -6.03 24.48 15.75
C TYR C 154 -6.03 24.62 14.21
N THR C 155 -7.08 25.16 13.64
CA THR C 155 -7.16 25.30 12.20
C THR C 155 -6.15 26.31 11.66
N LEU C 156 -5.92 27.39 12.38
CA LEU C 156 -4.95 28.38 11.99
C LEU C 156 -3.58 27.76 11.95
N TRP C 157 -3.29 26.91 12.90
CA TRP C 157 -2.01 26.23 12.98
C TRP C 157 -1.84 25.39 11.77
N LEU C 158 -2.94 24.90 11.23
CA LEU C 158 -2.84 24.05 10.08
C LEU C 158 -2.79 24.88 8.82
N LEU C 159 -2.81 26.18 8.97
CA LEU C 159 -2.84 27.09 7.83
C LEU C 159 -1.53 27.83 7.52
N GLU C 160 -0.41 27.37 8.02
CA GLU C 160 0.82 28.08 7.81
C GLU C 160 1.17 28.22 6.40
N THR C 161 1.00 27.18 5.63
CA THR C 161 1.30 27.38 4.23
C THR C 161 0.06 27.38 3.41
N ILE C 162 -0.09 28.41 2.64
CA ILE C 162 -1.22 28.50 1.79
C ILE C 162 -0.66 28.43 0.42
N GLU C 163 -1.04 27.39 -0.28
CA GLU C 163 -0.61 27.29 -1.62
C GLU C 163 -1.90 27.16 -2.34
N PRO C 164 -1.95 27.69 -3.52
CA PRO C 164 -3.19 27.69 -4.24
C PRO C 164 -3.60 26.24 -4.48
N THR C 165 -2.67 25.37 -4.79
CA THR C 165 -2.96 23.96 -4.99
C THR C 165 -3.46 23.16 -3.79
N LEU C 166 -2.98 23.47 -2.60
CA LEU C 166 -3.29 22.66 -1.42
C LEU C 166 -4.65 22.85 -0.82
N LYS C 167 -5.33 21.75 -0.57
CA LYS C 167 -6.66 21.79 -0.02
C LYS C 167 -6.64 22.35 1.34
N ARG C 168 -7.70 23.04 1.64
CA ARG C 168 -7.76 23.69 2.92
C ARG C 168 -8.76 23.12 3.87
N PRO C 169 -8.41 23.12 5.14
CA PRO C 169 -9.33 22.68 6.17
C PRO C 169 -10.47 23.65 6.47
N LEU C 170 -11.61 23.14 6.89
CA LEU C 170 -12.72 23.97 7.31
C LEU C 170 -12.99 23.83 8.79
N CYS C 171 -13.04 24.93 9.49
CA CYS C 171 -13.37 24.95 10.90
C CYS C 171 -14.80 25.48 11.06
N ILE C 172 -15.67 24.68 11.68
CA ILE C 172 -17.06 25.08 11.94
C ILE C 172 -17.21 25.21 13.45
N THR C 173 -17.82 26.31 13.87
CA THR C 173 -18.02 26.71 15.25
C THR C 173 -19.49 26.83 15.60
N PHE C 174 -19.80 26.58 16.87
CA PHE C 174 -21.18 26.62 17.35
C PHE C 174 -21.26 27.45 18.63
N GLY C 175 -21.82 28.65 18.53
CA GLY C 175 -21.93 29.52 19.68
C GLY C 175 -20.61 29.77 20.37
N SER C 176 -19.52 29.96 19.60
CA SER C 176 -18.28 30.22 20.30
C SER C 176 -18.12 31.69 20.60
N PRO C 177 -17.28 32.04 21.58
CA PRO C 177 -16.94 33.43 21.81
C PRO C 177 -15.86 33.85 20.83
N LEU C 178 -15.62 35.16 20.77
CA LEU C 178 -14.58 35.65 19.88
C LEU C 178 -13.20 35.22 20.37
N ILE C 179 -12.21 35.35 19.50
CA ILE C 179 -10.93 34.66 19.69
C ILE C 179 -9.76 35.62 19.60
N GLY C 180 -9.83 36.54 18.63
CA GLY C 180 -8.72 37.43 18.35
C GLY C 180 -9.12 38.89 18.50
N ASP C 181 -8.11 39.76 18.44
CA ASP C 181 -8.27 41.19 18.61
C ASP C 181 -8.43 41.85 17.26
N ALA C 182 -8.28 43.18 17.24
CA ALA C 182 -8.41 43.91 15.98
C ALA C 182 -7.28 43.56 15.01
N SER C 183 -6.11 43.20 15.54
CA SER C 183 -4.97 42.89 14.66
C SER C 183 -5.15 41.55 13.98
N LEU C 184 -5.66 40.55 14.72
CA LEU C 184 -5.99 39.28 14.08
C LEU C 184 -7.01 39.48 12.96
N GLN C 185 -8.03 40.30 13.20
CA GLN C 185 -9.01 40.57 12.18
C GLN C 185 -8.40 41.32 11.00
N GLN C 186 -7.39 42.13 11.22
CA GLN C 186 -6.74 42.78 10.12
C GLN C 186 -5.90 41.83 9.30
N ILE C 187 -5.22 40.92 9.94
CA ILE C 187 -4.44 39.93 9.24
C ILE C 187 -5.28 39.04 8.37
N LEU C 188 -6.44 38.63 8.87
CA LEU C 188 -7.28 37.70 8.15
C LEU C 188 -8.27 38.27 7.18
N GLU C 189 -8.41 39.56 7.14
CA GLU C 189 -9.45 40.14 6.32
C GLU C 189 -9.26 39.83 4.88
N ASN C 190 -10.34 39.43 4.25
CA ASN C 190 -10.29 39.17 2.82
C ASN C 190 -9.18 38.22 2.48
N SER C 191 -9.00 37.18 3.27
CA SER C 191 -7.88 36.30 3.07
C SER C 191 -8.38 34.92 2.92
N VAL C 192 -7.59 34.11 2.28
CA VAL C 192 -7.96 32.76 2.03
C VAL C 192 -8.13 32.06 3.34
N ARG C 193 -7.29 32.36 4.29
CA ARG C 193 -7.42 31.78 5.57
C ARG C 193 -8.76 32.17 6.20
N ASN C 194 -9.20 33.40 6.05
CA ASN C 194 -10.51 33.78 6.57
C ASN C 194 -11.58 32.89 6.01
N SER C 195 -11.36 32.36 4.82
CA SER C 195 -12.39 31.52 4.23
C SER C 195 -12.53 30.16 4.89
N CYS C 196 -11.64 29.81 5.81
CA CYS C 196 -11.65 28.47 6.40
C CYS C 196 -12.49 28.38 7.68
N PHE C 197 -13.26 29.42 8.00
CA PHE C 197 -13.97 29.50 9.28
C PHE C 197 -15.43 29.81 9.02
N LEU C 198 -16.33 28.91 9.47
CA LEU C 198 -17.77 29.16 9.52
C LEU C 198 -18.21 29.16 10.98
N HIS C 199 -18.50 30.34 11.50
CA HIS C 199 -18.97 30.49 12.87
C HIS C 199 -20.49 30.52 12.83
N VAL C 200 -21.12 29.47 13.37
CA VAL C 200 -22.57 29.35 13.44
C VAL C 200 -23.04 30.01 14.73
N VAL C 201 -23.96 30.97 14.61
CA VAL C 201 -24.41 31.73 15.76
C VAL C 201 -25.92 31.95 15.67
N SER C 202 -26.54 32.07 16.84
CA SER C 202 -27.95 32.42 16.91
C SER C 202 -28.13 33.91 16.65
N ALA C 203 -29.21 34.24 15.94
CA ALA C 203 -29.56 35.65 15.76
C ALA C 203 -29.78 36.36 17.09
N GLN C 204 -30.25 35.66 18.11
CA GLN C 204 -30.50 36.26 19.41
C GLN C 204 -29.28 36.20 20.32
N THR C 205 -28.14 36.67 19.85
CA THR C 205 -26.89 36.41 20.54
C THR C 205 -26.05 37.68 20.50
N ARG C 206 -25.45 38.04 21.64
CA ARG C 206 -24.64 39.24 21.69
C ARG C 206 -23.29 38.94 22.32
N ILE C 207 -22.29 39.72 21.93
CA ILE C 207 -20.92 39.57 22.40
C ILE C 207 -20.31 40.95 22.61
N LYS C 208 -19.79 41.20 23.82
CA LYS C 208 -19.00 42.42 24.05
C LYS C 208 -17.79 42.40 23.11
N MET C 209 -17.74 43.35 22.19
CA MET C 209 -16.72 43.40 21.14
C MET C 209 -15.77 44.57 21.32
N ASP C 210 -15.46 44.95 22.57
CA ASP C 210 -14.63 46.11 22.79
C ASP C 210 -13.13 45.84 22.64
N PHE C 211 -12.71 44.57 22.73
CA PHE C 211 -11.31 44.21 22.51
C PHE C 211 -11.19 43.07 21.50
N PHE C 212 -11.93 41.99 21.72
CA PHE C 212 -11.96 40.89 20.76
C PHE C 212 -12.91 41.22 19.60
N LYS C 213 -12.47 40.87 18.39
CA LYS C 213 -13.23 41.21 17.19
C LYS C 213 -13.47 39.96 16.37
N PRO C 214 -14.57 39.94 15.61
CA PRO C 214 -14.90 38.75 14.81
C PRO C 214 -13.95 38.55 13.62
N PHE C 215 -13.80 37.30 13.21
CA PHE C 215 -13.15 36.97 11.93
C PHE C 215 -13.81 35.75 11.32
N GLY C 216 -13.51 35.50 10.05
CA GLY C 216 -14.15 34.42 9.34
C GLY C 216 -15.60 34.73 8.98
N THR C 217 -16.29 33.70 8.48
CA THR C 217 -17.66 33.79 8.03
C THR C 217 -18.61 33.35 9.16
N PHE C 218 -19.77 33.99 9.23
CA PHE C 218 -20.74 33.70 10.26
C PHE C 218 -22.02 33.20 9.61
N LEU C 219 -22.54 32.10 10.12
CA LEU C 219 -23.88 31.65 9.76
C LEU C 219 -24.81 32.14 10.87
N ILE C 220 -25.48 33.25 10.62
CA ILE C 220 -26.38 33.84 11.61
C ILE C 220 -27.74 33.20 11.43
N CYS C 221 -28.25 32.57 12.49
CA CYS C 221 -29.35 31.63 12.42
C CYS C 221 -30.59 32.22 13.06
N PHE C 222 -31.71 32.13 12.32
CA PHE C 222 -33.03 32.58 12.73
C PHE C 222 -33.97 31.38 12.75
N ASP C 223 -35.16 31.58 13.31
CA ASP C 223 -36.18 30.54 13.26
C ASP C 223 -36.57 30.20 11.83
N SER C 224 -36.53 31.20 10.95
CA SER C 224 -36.95 31.09 9.56
C SER C 224 -35.87 30.46 8.68
N GLY C 225 -34.62 30.73 9.00
CA GLY C 225 -33.50 30.31 8.17
C GLY C 225 -32.26 31.05 8.64
N CYS C 226 -31.20 30.91 7.85
CA CYS C 226 -29.93 31.50 8.19
C CYS C 226 -29.44 32.36 7.05
N VAL C 227 -28.48 33.22 7.37
CA VAL C 227 -27.77 34.00 6.37
C VAL C 227 -26.29 33.83 6.60
N CYS C 228 -25.58 33.56 5.51
CA CYS C 228 -24.14 33.48 5.53
C CYS C 228 -23.62 34.89 5.33
N ILE C 229 -22.83 35.38 6.27
CA ILE C 229 -22.31 36.74 6.24
C ILE C 229 -20.81 36.67 6.45
N GLU C 230 -20.05 37.25 5.51
CA GLU C 230 -18.59 37.23 5.51
C GLU C 230 -17.98 38.58 5.86
N ASP C 231 -18.79 39.65 5.84
CA ASP C 231 -18.35 41.02 6.09
C ASP C 231 -18.28 41.26 7.60
N HIS C 232 -17.08 41.50 8.14
CA HIS C 232 -16.93 41.50 9.60
C HIS C 232 -17.55 42.75 10.23
N VAL C 233 -17.65 43.85 9.50
CA VAL C 233 -18.31 44.98 10.14
C VAL C 233 -19.81 44.74 10.26
N ALA C 234 -20.42 44.04 9.29
CA ALA C 234 -21.82 43.67 9.46
C ALA C 234 -22.02 42.66 10.58
N VAL C 235 -21.01 41.83 10.84
CA VAL C 235 -21.14 40.87 11.93
C VAL C 235 -21.03 41.58 13.28
N THR C 236 -20.20 42.62 13.37
CA THR C 236 -20.22 43.40 14.61
C THR C 236 -21.52 44.20 14.74
N GLU C 237 -22.03 44.73 13.62
CA GLU C 237 -23.27 45.48 13.68
C GLU C 237 -24.43 44.60 14.12
N LEU C 238 -24.40 43.33 13.83
CA LEU C 238 -25.54 42.52 14.19
C LEU C 238 -25.36 41.86 15.54
N LEU C 239 -24.19 41.29 15.77
CA LEU C 239 -23.94 40.62 17.02
C LEU C 239 -23.27 41.43 18.14
N ASN C 240 -22.92 42.70 17.94
CA ASN C 240 -22.36 43.45 19.07
C ASN C 240 -23.36 43.63 20.16
N GLY C 241 -22.89 43.55 21.39
CA GLY C 241 -23.78 43.55 22.52
C GLY C 241 -23.12 43.85 23.83
N VAL C 242 -23.89 43.85 24.91
CA VAL C 242 -23.35 44.03 26.25
C VAL C 242 -23.00 42.65 26.83
N HIS C 243 -23.05 41.59 26.02
CA HIS C 243 -22.66 40.20 26.41
C HIS C 243 -23.66 39.40 27.16
N ASP C 244 -24.90 39.84 27.13
CA ASP C 244 -25.95 39.15 27.85
C ASP C 244 -26.19 37.74 27.39
N SER C 245 -26.03 37.47 26.10
CA SER C 245 -26.42 36.15 25.57
C SER C 245 -25.72 34.89 26.06
N GLY C 246 -26.50 33.95 26.58
CA GLY C 246 -25.94 32.67 26.98
C GLY C 246 -26.61 31.33 26.72
N LEU C 247 -25.81 30.29 26.50
CA LEU C 247 -26.31 28.91 26.37
C LEU C 247 -27.39 28.52 25.37
N VAL C 248 -27.28 28.94 24.14
CA VAL C 248 -28.25 28.49 23.16
C VAL C 248 -28.08 27.00 22.93
N ASP C 249 -29.16 26.31 22.60
CA ASP C 249 -29.02 24.92 22.27
C ASP C 249 -29.09 24.92 20.78
N TYR C 250 -28.04 24.44 20.16
CA TYR C 250 -27.99 24.50 18.73
C TYR C 250 -28.66 23.33 18.09
N SER C 251 -28.99 22.32 18.88
CA SER C 251 -29.72 21.25 18.29
C SER C 251 -31.02 21.79 17.82
N GLN C 252 -31.63 22.63 18.65
CA GLN C 252 -32.88 23.25 18.27
C GLN C 252 -32.74 24.19 17.09
N VAL C 253 -31.68 24.97 17.07
CA VAL C 253 -31.45 25.90 15.99
C VAL C 253 -31.30 25.15 14.71
N LEU C 254 -30.60 24.04 14.75
CA LEU C 254 -30.46 23.23 13.56
C LEU C 254 -31.79 22.71 13.09
N ASN C 255 -32.62 22.30 14.03
CA ASN C 255 -33.91 21.78 13.67
C ASN C 255 -34.79 22.81 13.00
N ARG C 256 -34.77 24.02 13.51
CA ARG C 256 -35.56 25.06 12.90
C ARG C 256 -35.06 25.35 11.51
N LEU C 257 -33.76 25.38 11.34
CA LEU C 257 -33.18 25.62 10.03
C LEU C 257 -33.59 24.50 9.11
N ASP C 258 -33.65 23.29 9.65
CA ASP C 258 -33.99 22.13 8.85
C ASP C 258 -35.38 22.25 8.26
N GLN C 259 -36.34 22.81 9.00
CA GLN C 259 -37.68 22.87 8.45
C GLN C 259 -37.68 23.67 7.18
N SER C 260 -36.98 24.80 7.13
CA SER C 260 -36.75 25.52 5.85
C SER C 260 -37.87 25.94 4.92
N MET C 261 -38.98 26.46 5.42
CA MET C 261 -40.07 26.78 4.50
C MET C 261 -40.01 28.20 3.94
N ALA C 265 -36.39 31.00 4.93
CA ALA C 265 -36.10 32.41 5.04
C ALA C 265 -37.27 33.27 4.54
N ASP C 266 -38.30 33.42 5.39
CA ASP C 266 -39.60 33.94 4.95
C ASP C 266 -39.59 35.45 4.70
N SER C 267 -38.99 36.26 5.59
CA SER C 267 -38.87 37.67 5.26
C SER C 267 -38.08 38.41 6.33
N ARG C 268 -37.55 39.58 5.93
CA ARG C 268 -36.80 40.57 6.71
C ARG C 268 -35.75 40.07 7.70
N LEU C 269 -35.07 38.96 7.42
CA LEU C 269 -34.10 38.47 8.40
C LEU C 269 -33.09 39.54 8.79
N ILE C 270 -32.64 40.37 7.85
CA ILE C 270 -31.59 41.35 8.15
C ILE C 270 -31.98 42.79 7.82
N PRO C 271 -31.62 43.76 8.67
CA PRO C 271 -31.96 45.16 8.41
C PRO C 271 -31.44 45.66 7.06
N GLU C 272 -32.23 46.56 6.44
CA GLU C 272 -31.82 47.18 5.18
C GLU C 272 -30.51 47.93 5.33
N ASP C 273 -30.33 48.57 6.48
CA ASP C 273 -29.15 49.36 6.76
C ASP C 273 -27.87 48.51 6.63
N VAL C 274 -27.83 47.36 7.32
CA VAL C 274 -26.65 46.51 7.28
C VAL C 274 -26.48 45.86 5.92
N ILE C 275 -27.59 45.48 5.28
CA ILE C 275 -27.50 44.92 3.93
C ILE C 275 -26.80 45.89 3.01
N LYS C 276 -27.13 47.17 3.12
CA LYS C 276 -26.53 48.11 2.20
C LYS C 276 -25.08 48.41 2.56
N GLY C 277 -24.71 48.36 3.83
CA GLY C 277 -23.29 48.40 4.17
C GLY C 277 -22.52 47.29 3.47
N ILE C 278 -23.03 46.06 3.57
CA ILE C 278 -22.37 44.90 2.96
C ILE C 278 -22.25 45.08 1.45
N GLU C 279 -23.35 45.44 0.79
CA GLU C 279 -23.34 45.54 -0.65
C GLU C 279 -22.41 46.65 -1.12
N LYS C 280 -22.43 47.80 -0.45
CA LYS C 280 -21.53 48.88 -0.83
C LYS C 280 -20.07 48.44 -0.71
N ARG C 281 -19.72 47.78 0.40
CA ARG C 281 -18.32 47.38 0.57
C ARG C 281 -17.91 46.31 -0.45
N ALA C 282 -18.81 45.36 -0.74
CA ALA C 282 -18.53 44.36 -1.76
C ALA C 282 -18.25 45.04 -3.10
N GLU C 283 -19.17 45.89 -3.54
CA GLU C 283 -19.02 46.72 -4.72
C GLU C 283 -17.63 47.36 -4.81
N MET C 284 -17.28 48.09 -3.73
CA MET C 284 -16.04 48.83 -3.71
C MET C 284 -14.84 47.91 -3.88
N LYS C 285 -14.86 46.77 -3.20
CA LYS C 285 -13.73 45.85 -3.29
C LYS C 285 -13.61 45.25 -4.68
N ASN C 286 -14.74 44.92 -5.33
CA ASN C 286 -14.64 44.36 -6.68
C ASN C 286 -14.10 45.37 -7.67
N LEU C 287 -14.51 46.62 -7.53
CA LEU C 287 -13.95 47.70 -8.33
C LEU C 287 -12.46 47.92 -8.04
N ARG C 288 -12.03 47.72 -6.79
CA ARG C 288 -10.61 47.79 -6.48
C ARG C 288 -9.82 46.71 -7.24
N PHE C 289 -10.36 45.53 -7.33
CA PHE C 289 -9.71 44.45 -8.07
C PHE C 289 -9.60 44.81 -9.53
N ASP C 290 -10.65 45.32 -10.09
CA ASP C 290 -10.66 45.66 -11.48
C ASP C 290 -9.66 46.75 -11.78
N MET C 291 -9.54 47.72 -10.89
CA MET C 291 -8.63 48.81 -11.08
C MET C 291 -7.19 48.34 -11.13
N MET C 292 -6.84 47.39 -10.31
CA MET C 292 -5.48 46.94 -10.31
C MET C 292 -5.11 46.36 -11.64
N PHE C 293 -5.99 45.60 -12.23
CA PHE C 293 -5.72 45.05 -13.54
C PHE C 293 -5.57 46.09 -14.62
N LYS C 294 -6.41 47.09 -14.64
CA LYS C 294 -6.21 48.20 -15.56
C LYS C 294 -5.00 49.04 -15.29
N LYS C 295 -4.71 49.29 -14.05
CA LYS C 295 -3.61 50.15 -13.63
C LYS C 295 -2.28 49.56 -14.05
N LEU C 296 -2.22 48.26 -14.16
CA LEU C 296 -1.02 47.61 -14.57
C LEU C 296 -0.64 48.11 -15.93
N ASN C 297 -1.60 48.32 -16.79
CA ASN C 297 -1.30 48.87 -18.07
C ASN C 297 -0.54 50.20 -17.95
N ASP C 298 -1.00 51.12 -17.10
CA ASP C 298 -0.23 52.33 -16.86
C ASP C 298 1.13 52.02 -16.26
N MET C 299 1.25 50.98 -15.48
CA MET C 299 2.50 50.72 -14.85
C MET C 299 3.53 50.29 -15.87
N LYS C 300 3.10 49.56 -16.86
CA LYS C 300 3.95 49.15 -17.93
C LYS C 300 4.42 50.34 -18.73
N ILE C 301 3.56 51.30 -18.95
CA ILE C 301 3.91 52.52 -19.65
C ILE C 301 4.95 53.32 -18.88
N SER C 302 4.84 53.36 -17.58
CA SER C 302 5.81 54.03 -16.75
C SER C 302 7.18 53.35 -16.92
N MET C 303 7.20 52.03 -17.02
CA MET C 303 8.42 51.27 -17.27
C MET C 303 9.05 51.62 -18.60
N ALA C 304 8.26 51.88 -19.60
CA ALA C 304 8.76 52.30 -20.89
C ALA C 304 9.49 53.61 -20.81
N TYR C 305 8.98 54.54 -20.03
CA TYR C 305 9.69 55.79 -19.82
C TYR C 305 11.00 55.52 -19.14
N ILE C 306 11.00 54.59 -18.21
CA ILE C 306 12.21 54.18 -17.53
C ILE C 306 13.17 53.56 -18.53
N GLU C 307 12.66 52.84 -19.51
CA GLU C 307 13.50 52.28 -20.52
C GLU C 307 14.25 53.34 -21.30
N TRP C 308 13.61 54.43 -21.62
CA TRP C 308 14.27 55.46 -22.35
C TRP C 308 15.20 56.17 -21.40
N TYR C 309 14.79 56.38 -20.16
CA TYR C 309 15.73 56.83 -19.14
C TYR C 309 17.00 55.98 -19.16
N LYS C 310 16.82 54.67 -19.02
CA LYS C 310 17.93 53.75 -18.89
C LYS C 310 18.82 53.80 -20.12
N LYS C 311 18.22 53.90 -21.31
CA LYS C 311 19.15 53.91 -22.44
C LYS C 311 19.86 55.27 -22.59
N LYS C 312 19.20 56.41 -22.30
CA LYS C 312 19.99 57.65 -22.38
C LYS C 312 21.06 57.70 -21.29
N CYS C 313 20.83 57.05 -20.18
CA CYS C 313 21.87 56.99 -19.17
C CYS C 313 23.07 56.16 -19.65
N LYS C 314 22.87 55.13 -20.46
CA LYS C 314 23.97 54.39 -21.07
C LYS C 314 24.78 55.22 -22.02
N GLU C 315 24.11 56.01 -22.80
CA GLU C 315 24.74 56.86 -23.82
C GLU C 315 25.66 57.89 -23.22
N VAL C 316 25.29 58.43 -22.09
CA VAL C 316 26.05 59.43 -21.39
C VAL C 316 27.12 58.72 -20.56
N LYS C 317 27.16 57.39 -20.62
CA LYS C 317 28.23 56.59 -20.00
C LYS C 317 28.22 56.45 -18.49
N ILE C 318 27.07 56.68 -17.91
CA ILE C 318 26.94 56.58 -16.48
C ILE C 318 26.09 55.40 -16.07
N GLY C 319 25.05 55.09 -16.81
CA GLY C 319 24.17 54.02 -16.33
C GLY C 319 23.13 54.56 -15.37
N TYR C 320 21.92 53.95 -15.42
CA TYR C 320 20.77 54.57 -14.75
C TYR C 320 20.84 54.44 -13.23
N TYR C 321 21.57 53.45 -12.72
CA TYR C 321 21.72 53.36 -11.28
C TYR C 321 22.43 54.59 -10.74
N ASP C 322 23.57 54.93 -11.35
CA ASP C 322 24.38 56.02 -10.80
C ASP C 322 23.80 57.38 -11.15
N ARG C 323 23.16 57.48 -12.32
CA ARG C 323 22.47 58.71 -12.67
C ARG C 323 21.35 58.99 -11.67
N PHE C 324 20.53 57.97 -11.37
CA PHE C 324 19.47 58.14 -10.39
C PHE C 324 20.04 58.54 -9.04
N LYS C 325 21.07 57.83 -8.57
CA LYS C 325 21.66 58.14 -7.27
C LYS C 325 22.18 59.58 -7.22
N THR C 326 23.04 59.94 -8.18
CA THR C 326 23.60 61.29 -8.21
C THR C 326 22.52 62.36 -8.26
N GLN C 327 21.58 62.25 -9.20
CA GLN C 327 20.53 63.28 -9.30
C GLN C 327 19.68 63.32 -8.04
N LEU C 328 19.55 62.20 -7.33
CA LEU C 328 18.83 62.23 -6.06
C LEU C 328 19.63 63.00 -5.02
N ALA C 329 20.94 62.77 -4.98
CA ALA C 329 21.75 63.50 -4.02
C ALA C 329 21.87 64.96 -4.42
N PHE C 330 21.97 65.22 -5.72
CA PHE C 330 22.26 66.56 -6.22
C PHE C 330 21.36 66.88 -7.40
N PRO C 331 20.14 67.28 -7.13
CA PRO C 331 19.19 67.50 -8.22
C PRO C 331 19.66 68.59 -9.15
N SER C 332 19.62 68.32 -10.46
CA SER C 332 19.79 69.38 -11.42
C SER C 332 19.00 69.20 -12.71
N LYS C 333 18.29 68.09 -12.91
CA LYS C 333 17.56 67.90 -14.16
C LYS C 333 16.12 67.46 -13.91
N GLU C 334 15.19 68.01 -14.69
CA GLU C 334 13.76 67.75 -14.51
C GLU C 334 13.40 66.31 -14.85
N PHE C 335 14.00 65.75 -15.90
CA PHE C 335 13.55 64.44 -16.31
C PHE C 335 13.73 63.44 -15.17
N ASP C 336 14.89 63.47 -14.51
CA ASP C 336 15.16 62.55 -13.42
C ASP C 336 14.15 62.73 -12.29
N ILE C 337 13.85 63.98 -11.92
CA ILE C 337 12.84 64.19 -10.90
C ILE C 337 11.55 63.50 -11.33
N ASN C 338 11.27 63.53 -12.61
CA ASN C 338 9.97 63.04 -12.99
C ASN C 338 9.99 61.51 -12.88
N ILE C 339 11.10 60.92 -13.32
CA ILE C 339 11.28 59.47 -13.23
C ILE C 339 11.11 59.00 -11.80
N LYS C 340 11.70 59.72 -10.84
CA LYS C 340 11.63 59.25 -9.46
C LYS C 340 10.27 59.51 -8.83
N ASN C 341 9.72 60.71 -9.01
CA ASN C 341 8.53 61.04 -8.23
C ASN C 341 7.22 60.68 -8.93
N HIS C 342 7.16 60.68 -10.26
CA HIS C 342 5.98 60.15 -10.94
C HIS C 342 6.08 58.63 -11.07
N HIS C 343 7.00 58.15 -11.90
CA HIS C 343 6.95 56.78 -12.38
C HIS C 343 7.42 55.78 -11.32
N LYS C 344 8.61 55.99 -10.75
CA LYS C 344 9.08 55.02 -9.76
C LYS C 344 8.12 54.97 -8.57
N SER C 345 7.78 56.13 -8.03
CA SER C 345 6.92 56.19 -6.86
C SER C 345 5.61 55.42 -7.10
N GLU C 346 4.99 55.63 -8.28
CA GLU C 346 3.75 54.91 -8.56
C GLU C 346 4.01 53.42 -8.70
N LEU C 347 5.06 53.04 -9.44
CA LEU C 347 5.36 51.62 -9.57
C LEU C 347 5.48 50.98 -8.20
N ASN C 348 6.14 51.66 -7.26
CA ASN C 348 6.32 51.06 -5.94
C ASN C 348 4.96 50.89 -5.25
N ARG C 349 4.16 51.97 -5.20
CA ARG C 349 2.86 51.83 -4.55
C ARG C 349 2.11 50.65 -5.14
N PHE C 350 2.14 50.55 -6.47
CA PHE C 350 1.35 49.54 -7.17
C PHE C 350 1.80 48.13 -6.83
N TRP C 351 3.08 47.85 -6.98
CA TRP C 351 3.53 46.48 -6.81
C TRP C 351 3.57 46.07 -5.34
N LYS C 352 3.84 47.00 -4.41
CA LYS C 352 3.56 46.72 -3.01
C LYS C 352 2.12 46.27 -2.80
N SER C 353 1.16 47.02 -3.37
CA SER C 353 -0.23 46.65 -3.14
C SER C 353 -0.56 45.31 -3.78
N VAL C 354 0.06 45.02 -4.94
CA VAL C 354 -0.13 43.72 -5.60
C VAL C 354 0.31 42.59 -4.68
N VAL C 355 1.55 42.67 -4.18
CA VAL C 355 2.06 41.63 -3.31
C VAL C 355 1.18 41.48 -2.07
N GLU C 356 0.76 42.59 -1.48
CA GLU C 356 -0.08 42.47 -0.29
C GLU C 356 -1.41 41.81 -0.61
N GLU C 357 -2.02 42.21 -1.72
CA GLU C 357 -3.33 41.71 -2.06
C GLU C 357 -3.26 40.22 -2.36
N VAL C 358 -2.23 39.83 -3.12
CA VAL C 358 -2.11 38.48 -3.66
C VAL C 358 -1.65 37.48 -2.61
N GLU C 359 -0.96 37.94 -1.57
CA GLU C 359 -0.73 37.08 -0.40
C GLU C 359 -2.02 36.76 0.33
N ARG C 360 -3.12 37.47 0.02
CA ARG C 360 -4.44 37.23 0.61
C ARG C 360 -5.31 36.38 -0.30
N ARG C 361 -5.81 36.92 -1.43
CA ARG C 361 -6.32 36.05 -2.49
C ARG C 361 -5.21 35.72 -3.48
N PRO C 362 -4.76 34.48 -3.57
CA PRO C 362 -4.12 34.03 -4.80
C PRO C 362 -5.00 34.35 -6.00
N GLN C 363 -4.37 34.53 -7.15
CA GLN C 363 -5.09 35.02 -8.33
C GLN C 363 -5.71 33.90 -9.16
N SER C 364 -5.35 32.64 -8.93
CA SER C 364 -5.95 31.56 -9.70
C SER C 364 -5.81 30.26 -8.92
N ASP C 365 -6.57 29.26 -9.37
CA ASP C 365 -6.52 27.93 -8.74
C ASP C 365 -5.10 27.43 -8.55
N ALA C 366 -4.22 27.67 -9.53
CA ALA C 366 -2.90 27.03 -9.55
C ALA C 366 -1.74 27.93 -9.17
N SER C 367 -1.94 29.23 -8.95
CA SER C 367 -0.77 30.05 -8.67
C SER C 367 -1.15 31.36 -7.98
N ILE C 368 -0.24 31.82 -7.10
CA ILE C 368 -0.44 33.07 -6.39
C ILE C 368 -0.58 34.22 -7.37
N LEU C 369 0.34 34.29 -8.33
CA LEU C 369 0.32 35.34 -9.33
C LEU C 369 0.19 34.70 -10.70
N LYS C 370 -0.69 35.28 -11.48
CA LYS C 370 -0.91 34.92 -12.87
C LYS C 370 0.20 35.48 -13.75
N ARG C 371 0.41 34.85 -14.91
CA ARG C 371 1.48 35.23 -15.84
C ARG C 371 1.69 36.75 -15.96
N ARG C 372 0.64 37.52 -16.29
CA ARG C 372 0.87 38.93 -16.57
C ARG C 372 1.47 39.64 -15.35
N PHE C 373 0.90 39.39 -14.17
CA PHE C 373 1.44 40.02 -12.98
C PHE C 373 2.77 39.41 -12.58
N LEU C 374 2.93 38.10 -12.73
CA LEU C 374 4.15 37.47 -12.22
C LEU C 374 5.36 37.93 -13.03
N PHE C 375 5.18 37.95 -14.34
CA PHE C 375 6.28 38.28 -15.24
C PHE C 375 6.53 39.80 -15.27
N SER C 376 5.48 40.64 -15.35
CA SER C 376 5.74 42.07 -15.18
C SER C 376 6.36 42.34 -13.84
N GLY C 377 5.93 41.65 -12.79
CA GLY C 377 6.51 41.88 -11.50
C GLY C 377 8.00 41.61 -11.52
N ASN C 378 8.41 40.53 -12.19
CA ASN C 378 9.81 40.14 -12.17
C ASN C 378 10.66 41.15 -12.92
N ASN C 379 10.11 41.64 -14.04
CA ASN C 379 10.79 42.69 -14.78
C ASN C 379 10.89 43.97 -13.95
N TYR C 380 9.82 44.30 -13.25
CA TYR C 380 9.81 45.52 -12.43
C TYR C 380 10.83 45.40 -11.31
N ARG C 381 10.87 44.25 -10.63
CA ARG C 381 11.86 44.05 -9.57
C ARG C 381 13.24 44.28 -10.11
N ARG C 382 13.60 43.59 -11.20
CA ARG C 382 14.98 43.70 -11.65
C ARG C 382 15.31 45.12 -12.09
N MET C 383 14.32 45.84 -12.65
CA MET C 383 14.51 47.20 -13.16
C MET C 383 14.62 48.22 -12.04
N ILE C 384 13.82 48.05 -10.99
CA ILE C 384 13.58 49.15 -10.08
C ILE C 384 14.05 48.92 -8.65
N GLU C 385 14.34 47.69 -8.21
CA GLU C 385 14.98 47.54 -6.92
C GLU C 385 16.36 48.19 -6.89
N PRO C 386 17.13 48.21 -7.98
CA PRO C 386 18.37 49.03 -7.99
C PRO C 386 18.16 50.48 -7.59
N LEU C 387 17.07 51.10 -8.01
CA LEU C 387 16.90 52.50 -7.64
C LEU C 387 16.61 52.64 -6.15
N ASP C 388 15.89 51.67 -5.58
CA ASP C 388 15.66 51.70 -4.15
C ASP C 388 16.96 51.42 -3.38
N ILE C 389 17.84 50.60 -3.95
CA ILE C 389 19.17 50.41 -3.37
C ILE C 389 19.95 51.73 -3.37
N ALA C 390 19.93 52.44 -4.51
CA ALA C 390 20.65 53.72 -4.57
C ALA C 390 20.15 54.67 -3.49
N GLU C 391 18.85 54.75 -3.34
CA GLU C 391 18.26 55.61 -2.32
C GLU C 391 18.67 55.15 -0.92
N TYR C 392 18.68 53.82 -0.70
CA TYR C 392 19.04 53.22 0.58
C TYR C 392 20.48 53.53 0.99
N TYR C 393 21.39 53.51 0.02
CA TYR C 393 22.78 53.76 0.35
C TYR C 393 23.06 55.26 0.48
N LEU C 394 22.36 56.11 -0.30
CA LEU C 394 22.47 57.55 -0.07
C LEU C 394 22.10 57.92 1.36
N GLU C 395 21.16 57.18 1.95
CA GLU C 395 20.68 57.47 3.28
C GLU C 395 21.61 56.95 4.35
N GLY C 396 22.71 56.31 3.97
CA GLY C 396 23.67 55.82 4.93
C GLY C 396 23.36 54.46 5.52
N ARG C 397 22.31 53.86 5.04
CA ARG C 397 21.94 52.57 5.52
C ARG C 397 22.86 51.52 4.99
N LYS C 398 22.88 50.38 5.65
CA LYS C 398 23.81 49.34 5.30
C LYS C 398 23.26 47.93 5.14
N GLU C 399 23.96 47.09 4.37
CA GLU C 399 23.58 45.69 4.16
C GLU C 399 22.16 45.48 3.80
N TYR C 400 21.80 45.98 2.64
CA TYR C 400 20.44 45.94 2.20
C TYR C 400 19.91 44.56 1.98
N ARG C 401 20.70 43.71 1.38
CA ARG C 401 20.16 42.42 1.08
C ARG C 401 19.79 41.67 2.31
N THR C 402 20.60 41.66 3.34
CA THR C 402 20.22 41.11 4.64
C THR C 402 19.18 41.87 5.45
N THR C 403 19.29 43.18 5.47
CA THR C 403 18.44 44.00 6.34
C THR C 403 17.43 44.98 5.77
N GLY C 404 17.61 45.43 4.54
CA GLY C 404 16.74 46.43 3.96
C GLY C 404 15.73 46.22 2.87
N ARG C 405 15.61 45.02 2.37
CA ARG C 405 14.72 44.81 1.26
C ARG C 405 13.27 44.91 1.62
N SER C 406 12.50 45.55 0.77
CA SER C 406 11.07 45.60 0.94
C SER C 406 10.55 44.23 0.69
N HIS C 407 9.49 43.86 1.35
CA HIS C 407 8.95 42.54 1.26
C HIS C 407 8.52 42.22 -0.10
N HIS C 408 7.95 43.17 -0.80
CA HIS C 408 7.40 42.91 -2.10
C HIS C 408 8.42 42.47 -3.08
N TYR C 409 9.61 43.04 -3.03
CA TYR C 409 10.67 42.57 -3.89
C TYR C 409 11.06 41.14 -3.52
N VAL C 410 11.12 40.85 -2.24
CA VAL C 410 11.45 39.49 -1.80
C VAL C 410 10.39 38.52 -2.29
N MET C 411 9.13 38.90 -2.12
CA MET C 411 8.05 38.02 -2.56
C MET C 411 8.06 37.84 -4.08
N LEU C 412 8.32 38.92 -4.83
CA LEU C 412 8.31 38.79 -6.29
C LEU C 412 9.44 37.91 -6.75
N GLU C 413 10.61 38.09 -6.17
CA GLU C 413 11.73 37.20 -6.43
C GLU C 413 11.35 35.75 -6.14
N LYS C 414 10.82 35.48 -4.95
CA LYS C 414 10.55 34.10 -4.55
C LYS C 414 9.53 33.45 -5.50
N TRP C 415 8.41 34.12 -5.75
CA TRP C 415 7.41 33.53 -6.62
C TRP C 415 7.95 33.29 -8.02
N PHE C 416 8.74 34.26 -8.56
CA PHE C 416 9.27 34.04 -9.90
C PHE C 416 10.24 32.87 -9.90
N GLY C 417 11.05 32.73 -8.84
CA GLY C 417 11.98 31.61 -8.80
C GLY C 417 11.25 30.28 -8.80
N MET C 418 10.21 30.20 -7.96
CA MET C 418 9.39 29.00 -7.91
C MET C 418 8.87 28.63 -9.29
N GLU C 419 8.22 29.58 -9.97
CA GLU C 419 7.69 29.28 -11.29
C GLU C 419 8.79 28.99 -12.31
N SER C 420 9.95 29.62 -12.17
CA SER C 420 11.01 29.46 -13.15
C SER C 420 11.60 28.06 -13.09
N ILE C 421 11.54 27.42 -11.91
CA ILE C 421 11.89 26.00 -11.83
C ILE C 421 11.22 25.20 -12.95
N LEU C 422 9.99 25.55 -13.28
CA LEU C 422 9.14 24.76 -14.16
C LEU C 422 9.15 25.27 -15.60
N ILE C 423 10.00 26.23 -15.93
CA ILE C 423 9.94 26.92 -17.21
C ILE C 423 11.01 26.37 -18.14
N GLU C 424 10.57 25.80 -19.27
CA GLU C 424 11.50 25.31 -20.27
C GLU C 424 12.05 26.52 -21.05
N LYS C 425 13.31 26.87 -20.81
CA LYS C 425 13.97 27.99 -21.47
C LYS C 425 15.39 27.67 -21.94
N GLU C 426 15.89 28.59 -22.76
CA GLU C 426 17.22 28.49 -23.32
C GLU C 426 17.81 29.88 -23.49
N ARG C 427 19.02 30.06 -22.96
CA ARG C 427 19.76 31.30 -23.15
C ARG C 427 20.83 31.07 -24.21
N CYS C 428 20.83 31.89 -25.25
CA CYS C 428 21.80 31.75 -26.32
C CYS C 428 23.09 32.49 -25.92
N LYS C 429 24.21 31.76 -25.86
CA LYS C 429 25.42 32.41 -25.38
C LYS C 429 26.05 33.32 -26.41
N LYS C 430 25.36 33.53 -27.53
CA LYS C 430 25.70 34.54 -28.54
C LYS C 430 24.83 35.79 -28.50
N ARG C 431 23.83 35.85 -27.62
CA ARG C 431 22.85 36.93 -27.70
C ARG C 431 23.46 38.25 -27.25
N ASP C 432 23.09 39.33 -27.91
CA ASP C 432 23.43 40.66 -27.38
C ASP C 432 22.70 40.88 -26.06
N LEU C 433 23.47 41.15 -25.00
CA LEU C 433 22.95 41.36 -23.66
C LEU C 433 22.72 42.82 -23.31
N SER C 434 22.68 43.71 -24.30
CA SER C 434 22.54 45.14 -24.01
C SER C 434 21.38 45.40 -23.05
N ASP C 435 20.33 44.66 -23.21
CA ASP C 435 19.16 44.86 -22.41
C ASP C 435 18.93 43.80 -21.33
N LEU C 436 19.92 43.05 -20.93
CA LEU C 436 19.70 42.15 -19.83
C LEU C 436 19.42 42.89 -18.56
N LEU C 437 18.51 42.38 -17.77
CA LEU C 437 18.24 42.96 -16.48
C LEU C 437 18.84 41.98 -15.57
N THR C 438 19.73 42.44 -14.72
CA THR C 438 20.48 41.54 -13.93
C THR C 438 19.55 40.76 -13.07
N PHE C 439 19.76 39.47 -13.03
CA PHE C 439 18.93 38.57 -12.29
C PHE C 439 18.96 38.81 -10.81
N ASP C 440 20.13 39.09 -10.27
CA ASP C 440 20.19 39.45 -8.89
C ASP C 440 19.94 40.93 -8.83
N SER C 441 18.89 41.31 -8.13
CA SER C 441 18.46 42.66 -8.04
C SER C 441 19.14 43.34 -6.91
N CYS C 442 19.97 42.60 -6.22
CA CYS C 442 20.74 43.16 -5.15
C CYS C 442 22.21 43.30 -5.53
N PHE C 443 22.56 43.06 -6.79
CA PHE C 443 23.93 43.27 -7.27
C PHE C 443 24.52 44.59 -6.79
N TRP C 444 23.82 45.69 -7.05
CA TRP C 444 24.31 47.02 -6.69
C TRP C 444 24.52 47.17 -5.19
N ALA C 445 23.74 46.44 -4.38
CA ALA C 445 23.99 46.45 -2.95
C ALA C 445 25.30 45.75 -2.63
N GLU C 446 25.64 44.70 -3.39
CA GLU C 446 26.95 44.09 -3.25
C GLU C 446 28.04 45.10 -3.56
N VAL C 447 27.86 45.84 -4.66
CA VAL C 447 28.84 46.85 -5.03
C VAL C 447 29.02 47.85 -3.89
N GLU C 448 27.91 48.40 -3.36
CA GLU C 448 27.99 49.44 -2.34
C GLU C 448 28.63 48.91 -1.07
N ASP C 449 28.29 47.66 -0.70
CA ASP C 449 28.88 47.05 0.48
C ASP C 449 30.40 46.91 0.32
N SER C 450 30.85 46.48 -0.85
CA SER C 450 32.28 46.31 -1.02
C SER C 450 33.00 47.66 -1.02
N LEU C 451 32.39 48.69 -1.61
CA LEU C 451 32.94 50.02 -1.50
C LEU C 451 33.11 50.41 -0.02
N ILE C 452 32.07 50.15 0.79
CA ILE C 452 32.16 50.38 2.24
C ILE C 452 33.38 49.70 2.82
N VAL C 453 33.57 48.42 2.45
CA VAL C 453 34.65 47.63 3.03
C VAL C 453 36.00 48.25 2.68
N ILE C 454 36.18 48.60 1.41
CA ILE C 454 37.43 49.19 0.96
C ILE C 454 37.70 50.49 1.71
N ASN C 455 36.68 51.32 1.89
CA ASN C 455 36.87 52.56 2.63
C ASN C 455 37.34 52.30 4.05
N GLN C 456 36.76 51.32 4.73
CA GLN C 456 37.15 51.14 6.13
C GLN C 456 38.53 50.49 6.27
N LEU C 457 38.97 49.74 5.31
CA LEU C 457 40.31 49.23 5.38
C LEU C 457 41.25 50.39 5.27
N ASN C 458 41.08 51.18 4.25
CA ASN C 458 41.92 52.31 4.05
C ASN C 458 41.86 53.39 5.11
N THR C 459 40.67 53.69 5.59
CA THR C 459 40.53 54.82 6.49
C THR C 459 40.52 54.59 7.97
N THR C 460 40.63 53.37 8.44
CA THR C 460 40.54 53.24 9.87
C THR C 460 41.86 52.96 10.52
N VAL C 461 42.29 53.87 11.38
CA VAL C 461 43.50 53.65 12.17
C VAL C 461 43.11 52.78 13.38
N GLY C 462 44.07 52.18 14.03
CA GLY C 462 43.68 51.33 15.13
C GLY C 462 42.80 50.19 14.76
N MET C 463 43.14 49.57 13.64
CA MET C 463 42.36 48.46 13.19
C MET C 463 42.99 47.11 13.46
N ARG C 464 42.21 46.23 14.08
CA ARG C 464 42.68 44.90 14.42
C ARG C 464 43.02 44.05 13.26
N ASP C 465 43.99 43.21 13.44
CA ASP C 465 44.35 42.29 12.39
C ASP C 465 43.18 41.36 12.10
N ASP C 466 42.47 40.90 13.12
CA ASP C 466 41.43 39.91 12.84
C ASP C 466 40.33 40.44 11.94
N VAL C 467 39.89 41.66 12.20
CA VAL C 467 38.84 42.20 11.39
C VAL C 467 39.39 42.44 10.00
N ARG C 468 40.65 42.77 9.90
CA ARG C 468 41.16 43.11 8.59
C ARG C 468 41.03 41.88 7.75
N GLU C 469 41.32 40.74 8.34
CA GLU C 469 41.23 39.52 7.60
C GLU C 469 39.84 39.22 7.15
N VAL C 470 38.85 39.45 7.99
CA VAL C 470 37.52 39.23 7.53
C VAL C 470 37.19 40.19 6.39
N LEU C 471 37.62 41.43 6.50
CA LEU C 471 37.34 42.41 5.49
C LEU C 471 38.00 42.03 4.21
N THR C 472 39.22 41.57 4.31
CA THR C 472 39.94 41.19 3.13
C THR C 472 39.21 40.04 2.51
N ARG C 473 38.75 39.13 3.33
CA ARG C 473 38.06 37.98 2.82
C ARG C 473 36.78 38.37 2.12
N LYS C 474 36.10 39.37 2.66
CA LYS C 474 34.87 39.80 2.06
C LYS C 474 35.15 40.31 0.66
N LEU C 475 36.25 41.01 0.47
CA LEU C 475 36.59 41.50 -0.85
C LEU C 475 36.83 40.39 -1.85
N VAL C 476 37.52 39.37 -1.44
CA VAL C 476 37.77 38.25 -2.33
C VAL C 476 36.48 37.61 -2.68
N GLU C 477 35.59 37.51 -1.72
CA GLU C 477 34.33 36.92 -1.95
C GLU C 477 33.51 37.71 -2.96
N PHE C 478 33.55 39.03 -2.88
CA PHE C 478 32.82 39.85 -3.80
C PHE C 478 33.47 39.72 -5.14
N GLU C 479 34.79 39.79 -5.19
CA GLU C 479 35.42 39.57 -6.49
C GLU C 479 34.97 38.24 -7.09
N GLY C 480 34.71 37.24 -6.29
CA GLY C 480 34.24 36.00 -6.84
C GLY C 480 32.86 36.01 -7.41
N TYR C 481 31.96 36.67 -6.74
CA TYR C 481 30.61 36.80 -7.19
C TYR C 481 30.59 37.52 -8.49
N VAL C 482 31.41 38.54 -8.58
CA VAL C 482 31.48 39.32 -9.78
C VAL C 482 32.01 38.49 -10.91
N TRP C 483 33.14 37.83 -10.72
CA TRP C 483 33.59 36.96 -11.81
C TRP C 483 32.56 35.91 -12.16
N GLU C 484 31.90 35.37 -11.13
CA GLU C 484 30.87 34.37 -11.36
C GLU C 484 29.72 34.97 -12.18
N ILE C 485 29.28 36.18 -11.83
CA ILE C 485 28.15 36.78 -12.54
C ILE C 485 28.55 37.15 -13.96
N ILE C 486 29.82 37.49 -14.19
CA ILE C 486 30.28 37.78 -15.55
C ILE C 486 30.31 36.50 -16.38
N THR C 487 30.91 35.43 -15.82
CA THR C 487 31.05 34.20 -16.59
C THR C 487 29.68 33.57 -16.86
N LYS C 488 28.77 33.59 -15.88
CA LYS C 488 27.45 33.03 -16.19
C LYS C 488 26.58 33.99 -17.01
N ARG C 489 27.16 35.11 -17.46
CA ARG C 489 26.45 36.09 -18.28
C ARG C 489 25.14 36.52 -17.63
N GLU C 490 25.16 36.68 -16.32
CA GLU C 490 23.97 37.01 -15.57
C GLU C 490 23.96 38.46 -15.07
N VAL C 491 24.77 39.34 -15.67
CA VAL C 491 24.83 40.75 -15.29
C VAL C 491 24.78 41.64 -16.53
N SER C 492 24.15 42.78 -16.39
CA SER C 492 24.07 43.72 -17.50
C SER C 492 25.44 44.29 -17.87
N PRO C 493 25.75 44.38 -19.15
CA PRO C 493 27.01 45.06 -19.57
C PRO C 493 27.11 46.50 -19.06
N GLU C 494 25.99 47.12 -18.71
CA GLU C 494 25.98 48.52 -18.29
C GLU C 494 26.84 48.78 -17.04
N ILE C 495 27.12 47.75 -16.22
CA ILE C 495 28.01 47.96 -15.08
C ILE C 495 29.39 48.44 -15.51
N PHE C 496 29.79 48.19 -16.75
CA PHE C 496 31.13 48.60 -17.14
C PHE C 496 31.22 50.05 -17.62
N LEU C 497 30.11 50.77 -17.69
CA LEU C 497 30.15 52.15 -18.10
C LEU C 497 31.06 52.95 -17.16
N GLU C 498 31.82 53.89 -17.74
CA GLU C 498 32.98 54.45 -17.05
C GLU C 498 32.61 55.24 -15.79
N GLU C 499 31.40 55.78 -15.70
CA GLU C 499 31.03 56.57 -14.54
C GLU C 499 30.20 55.80 -13.52
N SER C 500 30.12 54.47 -13.62
CA SER C 500 29.28 53.68 -12.75
C SER C 500 30.01 53.34 -11.45
N SER C 501 29.22 52.97 -10.44
CA SER C 501 29.83 52.59 -9.17
C SER C 501 30.64 51.31 -9.29
N PHE C 502 30.32 50.44 -10.24
CA PHE C 502 31.14 49.24 -10.38
C PHE C 502 32.56 49.62 -10.82
N MET C 503 32.68 50.45 -11.86
CA MET C 503 33.99 50.89 -12.30
C MET C 503 34.74 51.63 -11.20
N LYS C 504 34.02 52.39 -10.36
CA LYS C 504 34.65 53.05 -9.22
C LYS C 504 35.15 52.03 -8.21
N TRP C 505 34.31 51.03 -7.89
CA TRP C 505 34.73 49.94 -7.01
C TRP C 505 36.01 49.28 -7.53
N TRP C 506 36.02 48.91 -8.81
CA TRP C 506 37.21 48.27 -9.38
C TRP C 506 38.40 49.20 -9.30
N LYS C 507 38.18 50.49 -9.55
CA LYS C 507 39.29 51.43 -9.48
C LYS C 507 39.90 51.39 -8.08
N GLU C 508 39.06 51.45 -7.06
CA GLU C 508 39.56 51.41 -5.69
C GLU C 508 40.18 50.06 -5.35
N TYR C 509 39.63 48.97 -5.90
CA TYR C 509 40.00 47.64 -5.48
C TYR C 509 41.35 47.21 -6.08
N LYS C 510 41.60 47.51 -7.35
CA LYS C 510 42.89 47.16 -7.95
C LYS C 510 44.05 47.82 -7.22
N LYS C 511 43.83 48.97 -6.58
CA LYS C 511 44.89 49.63 -5.82
C LYS C 511 45.26 48.86 -4.56
N ILE C 512 44.33 48.16 -3.94
CA ILE C 512 44.57 47.50 -2.67
C ILE C 512 44.58 45.99 -2.75
N LYS C 513 44.33 45.44 -3.92
CA LYS C 513 44.19 44.01 -4.06
C LYS C 513 45.41 43.11 -3.96
N GLY C 514 45.17 41.87 -3.66
CA GLY C 514 46.25 40.92 -3.62
C GLY C 514 46.77 40.53 -4.98
N PHE C 515 47.97 39.98 -5.01
CA PHE C 515 48.61 39.59 -6.27
C PHE C 515 48.11 38.21 -6.64
N ASN C 516 47.23 37.67 -5.82
CA ASN C 516 46.67 36.38 -6.09
C ASN C 516 45.94 36.41 -7.41
N SER C 517 45.99 35.31 -8.15
CA SER C 517 45.48 35.33 -9.49
C SER C 517 44.04 35.68 -9.64
N SER C 518 43.78 36.57 -10.59
CA SER C 518 42.44 36.90 -10.85
C SER C 518 42.09 36.91 -12.30
N TYR C 519 41.06 36.19 -12.65
CA TYR C 519 40.52 36.25 -13.97
C TYR C 519 39.99 37.64 -14.19
N LEU C 520 39.37 38.17 -13.16
CA LEU C 520 38.85 39.50 -13.24
C LEU C 520 39.93 40.50 -13.55
N THR C 521 40.98 40.53 -12.78
CA THR C 521 41.97 41.55 -13.13
C THR C 521 42.49 41.36 -14.54
N GLU C 522 42.61 40.11 -15.03
CA GLU C 522 43.01 39.98 -16.43
C GLU C 522 41.92 40.56 -17.32
N PHE C 523 40.68 40.18 -17.05
CA PHE C 523 39.54 40.60 -17.85
C PHE C 523 39.44 42.12 -17.92
N MET C 524 39.71 42.80 -16.81
CA MET C 524 39.62 44.26 -16.77
C MET C 524 40.83 44.90 -17.44
N ASN C 525 42.04 44.48 -17.02
CA ASN C 525 43.28 45.03 -17.55
C ASN C 525 43.32 44.94 -19.06
N THR C 526 42.93 43.77 -19.61
CA THR C 526 43.00 43.58 -21.04
C THR C 526 41.87 44.27 -21.77
N ARG C 527 40.92 44.85 -21.03
CA ARG C 527 39.77 45.56 -21.57
C ARG C 527 38.75 44.65 -22.23
N LYS C 528 38.67 43.36 -21.87
CA LYS C 528 37.71 42.56 -22.60
C LYS C 528 36.30 42.70 -22.05
N TYR C 529 36.15 43.35 -20.89
CA TYR C 529 34.81 43.78 -20.48
C TYR C 529 34.10 44.57 -21.58
N GLU C 530 34.85 45.30 -22.42
CA GLU C 530 34.14 46.09 -23.42
C GLU C 530 33.61 45.24 -24.57
N SER C 531 33.90 43.94 -24.61
CA SER C 531 33.23 42.98 -25.49
C SER C 531 32.14 42.17 -24.78
N TYR C 532 31.97 42.33 -23.47
CA TYR C 532 31.04 41.48 -22.74
C TYR C 532 29.60 41.78 -23.17
N GLY C 533 28.87 40.73 -23.54
CA GLY C 533 27.50 40.87 -23.95
C GLY C 533 27.27 41.35 -25.37
N LYS C 534 28.29 41.43 -26.21
CA LYS C 534 28.18 42.12 -27.50
C LYS C 534 28.47 41.16 -28.64
N SER C 535 27.52 40.29 -28.97
CA SER C 535 27.52 39.74 -30.33
C SER C 535 27.51 40.89 -31.33
N GLN C 536 26.63 41.87 -31.08
CA GLN C 536 26.53 43.11 -31.84
C GLN C 536 26.75 44.31 -30.93
N MET D 1 0.88 -89.69 45.43
CA MET D 1 0.99 -88.39 44.77
C MET D 1 0.37 -87.29 45.65
N ASN D 2 -0.37 -86.35 45.04
CA ASN D 2 -0.84 -85.18 45.77
C ASN D 2 -2.13 -85.49 46.54
N SER D 3 -2.33 -84.72 47.62
CA SER D 3 -3.54 -84.79 48.44
C SER D 3 -4.75 -84.20 47.75
N ASN D 4 -4.60 -83.65 46.53
CA ASN D 4 -5.72 -83.10 45.78
C ASN D 4 -5.83 -83.70 44.38
N SER D 5 -5.00 -84.71 44.06
CA SER D 5 -5.30 -85.61 42.96
C SER D 5 -6.33 -86.65 43.40
N ILE D 6 -5.95 -87.51 44.35
CA ILE D 6 -6.85 -88.54 44.84
C ILE D 6 -8.13 -87.93 45.39
N GLN D 7 -8.00 -86.83 46.13
CA GLN D 7 -9.15 -86.32 46.87
C GLN D 7 -10.07 -85.48 45.99
N SER D 8 -9.51 -84.69 45.08
CA SER D 8 -10.38 -83.92 44.20
C SER D 8 -11.08 -84.85 43.18
N PHE D 9 -10.49 -86.02 42.91
CA PHE D 9 -11.17 -87.06 42.14
C PHE D 9 -12.25 -87.75 42.97
N ASP D 10 -11.94 -88.07 44.23
CA ASP D 10 -12.87 -88.83 45.06
C ASP D 10 -14.12 -88.01 45.41
N ALA D 11 -14.03 -86.68 45.35
CA ALA D 11 -15.16 -85.78 45.59
C ALA D 11 -15.99 -85.51 44.35
N LEU D 12 -15.49 -85.87 43.17
CA LEU D 12 -16.04 -85.36 41.93
C LEU D 12 -17.50 -85.79 41.75
N PRO D 13 -18.37 -84.89 41.29
CA PRO D 13 -19.69 -85.33 40.81
C PRO D 13 -19.54 -86.42 39.75
N HIS D 14 -20.62 -87.16 39.49
CA HIS D 14 -20.56 -88.29 38.55
C HIS D 14 -20.02 -87.85 37.19
N ASN D 15 -20.65 -86.83 36.59
CA ASN D 15 -20.33 -86.45 35.21
C ASN D 15 -18.88 -85.99 35.10
N LEU D 16 -18.40 -85.24 36.10
CA LEU D 16 -17.04 -84.73 36.04
C LEU D 16 -16.01 -85.85 36.14
N ARG D 17 -16.25 -86.87 36.96
CA ARG D 17 -15.20 -87.89 36.98
C ARG D 17 -15.28 -88.81 35.78
N GLU D 18 -16.46 -88.96 35.17
CA GLU D 18 -16.50 -89.64 33.87
C GLU D 18 -15.70 -88.86 32.82
N CYS D 19 -15.84 -87.54 32.80
CA CYS D 19 -15.03 -86.74 31.87
C CYS D 19 -13.54 -86.89 32.18
N PHE D 20 -13.18 -86.80 33.47
CA PHE D 20 -11.79 -87.01 33.84
C PHE D 20 -11.31 -88.33 33.31
N LEU D 21 -12.18 -89.35 33.35
CA LEU D 21 -11.76 -90.67 32.90
C LEU D 21 -11.61 -90.71 31.38
N ASP D 22 -12.46 -89.97 30.68
CA ASP D 22 -12.28 -89.81 29.23
C ASP D 22 -10.88 -89.30 28.91
N MET D 23 -10.31 -88.49 29.80
CA MET D 23 -9.01 -87.91 29.46
C MET D 23 -7.93 -88.98 29.25
N ALA D 24 -8.20 -90.22 29.66
CA ALA D 24 -7.18 -91.25 29.49
C ALA D 24 -7.04 -91.71 28.04
N SER D 25 -7.90 -91.28 27.13
CA SER D 25 -7.74 -91.65 25.72
C SER D 25 -6.76 -90.76 24.97
N PHE D 26 -6.11 -89.81 25.64
CA PHE D 26 -5.13 -88.95 25.00
C PHE D 26 -3.71 -89.34 25.43
N LEU D 27 -2.75 -88.97 24.59
CA LEU D 27 -1.37 -89.32 24.82
C LEU D 27 -0.73 -88.40 25.86
N GLU D 28 0.49 -88.77 26.22
CA GLU D 28 1.31 -88.04 27.18
C GLU D 28 1.66 -86.66 26.65
N ASP D 29 1.32 -85.63 27.41
CA ASP D 29 1.54 -84.23 27.05
C ASP D 29 0.97 -83.90 25.67
N GLN D 30 -0.10 -84.57 25.28
CA GLN D 30 -0.76 -84.18 24.05
C GLN D 30 -1.21 -82.73 24.16
N ARG D 31 -1.07 -81.98 23.06
CA ARG D 31 -1.69 -80.64 22.97
C ARG D 31 -3.08 -80.79 22.37
N ILE D 32 -4.10 -80.77 23.21
CA ILE D 32 -5.45 -81.06 22.75
C ILE D 32 -6.13 -79.75 22.38
N ILE D 33 -6.52 -79.59 21.11
CA ILE D 33 -7.42 -78.51 20.75
C ILE D 33 -8.77 -78.80 21.39
N ALA D 34 -9.29 -77.83 22.16
CA ALA D 34 -10.46 -78.09 22.98
C ALA D 34 -11.62 -78.59 22.14
N SER D 35 -11.71 -78.15 20.89
CA SER D 35 -12.70 -78.69 19.98
C SER D 35 -12.75 -80.20 20.07
N THR D 36 -11.58 -80.85 20.24
CA THR D 36 -11.55 -82.31 20.28
C THR D 36 -12.35 -82.82 21.45
N ILE D 37 -12.14 -82.26 22.61
CA ILE D 37 -12.81 -82.72 23.79
C ILE D 37 -14.30 -82.36 23.77
N ILE D 38 -14.65 -81.21 23.24
CA ILE D 38 -16.04 -80.86 23.11
C ILE D 38 -16.79 -81.81 22.17
N ASP D 39 -16.17 -82.17 21.09
CA ASP D 39 -16.79 -83.11 20.22
C ASP D 39 -16.98 -84.43 20.91
N LEU D 40 -16.00 -84.89 21.64
CA LEU D 40 -16.11 -86.15 22.28
C LEU D 40 -17.19 -86.18 23.30
N TRP D 41 -17.28 -85.13 24.07
CA TRP D 41 -18.25 -85.02 25.10
C TRP D 41 -19.62 -84.75 24.60
N SER D 42 -19.72 -84.35 23.36
CA SER D 42 -21.00 -83.94 22.87
C SER D 42 -22.00 -85.02 22.91
N ALA D 43 -21.63 -86.21 22.52
CA ALA D 43 -22.68 -87.15 22.52
C ALA D 43 -23.31 -87.50 23.83
N SER D 44 -22.49 -87.80 24.84
CA SER D 44 -23.02 -88.02 26.16
C SER D 44 -23.56 -86.81 26.89
N TYR D 45 -22.85 -85.69 26.80
CA TYR D 45 -23.22 -84.51 27.56
C TYR D 45 -23.77 -83.29 26.84
N GLY D 46 -24.06 -83.38 25.57
CA GLY D 46 -24.62 -82.23 24.92
C GLY D 46 -23.82 -80.95 24.91
N LYS D 47 -24.43 -79.84 25.31
CA LYS D 47 -23.78 -78.53 25.30
C LYS D 47 -23.07 -78.20 26.59
N GLU D 48 -23.10 -79.11 27.53
CA GLU D 48 -22.51 -78.85 28.83
C GLU D 48 -21.02 -79.14 28.84
N GLY D 49 -20.47 -79.59 27.74
CA GLY D 49 -19.08 -79.93 27.73
C GLY D 49 -18.06 -78.87 28.01
N MET D 50 -18.23 -77.68 27.48
CA MET D 50 -17.31 -76.62 27.84
C MET D 50 -17.49 -76.32 29.29
N ASN D 51 -18.72 -76.37 29.79
CA ASN D 51 -18.90 -76.21 31.23
C ASN D 51 -18.12 -77.25 32.01
N ASN D 52 -18.15 -78.51 31.55
CA ASN D 52 -17.41 -79.57 32.22
C ASN D 52 -15.90 -79.36 32.11
N LEU D 53 -15.43 -78.95 30.93
CA LEU D 53 -14.02 -78.66 30.74
C LEU D 53 -13.54 -77.56 31.69
N GLN D 54 -14.33 -76.49 31.84
CA GLN D 54 -13.98 -75.43 32.78
C GLN D 54 -14.05 -75.92 34.21
N ASP D 55 -15.04 -76.76 34.53
CA ASP D 55 -15.16 -77.31 35.87
C ASP D 55 -13.92 -78.11 36.24
N LEU D 56 -13.49 -79.00 35.34
CA LEU D 56 -12.28 -79.78 35.56
C LEU D 56 -11.05 -78.88 35.66
N ALA D 57 -11.02 -77.80 34.87
CA ALA D 57 -9.94 -76.83 34.97
C ALA D 57 -9.88 -76.23 36.37
N SER D 58 -11.01 -75.71 36.86
CA SER D 58 -11.02 -74.94 38.10
C SER D 58 -10.72 -75.80 39.32
N ARG D 59 -10.85 -77.12 39.22
CA ARG D 59 -10.41 -77.99 40.30
C ARG D 59 -9.11 -78.69 39.94
N ASN D 60 -8.40 -78.14 38.95
CA ASN D 60 -7.01 -78.47 38.70
C ASN D 60 -6.81 -79.89 38.22
N LEU D 61 -7.73 -80.39 37.44
CA LEU D 61 -7.61 -81.73 36.91
C LEU D 61 -7.15 -81.66 35.48
N LEU D 62 -7.18 -80.47 34.90
CA LEU D 62 -6.68 -80.24 33.56
C LEU D 62 -6.32 -78.76 33.46
N LYS D 63 -5.54 -78.36 32.48
CA LYS D 63 -5.19 -76.97 32.27
C LYS D 63 -5.67 -76.41 30.95
N LEU D 64 -6.21 -75.21 30.99
CA LEU D 64 -6.71 -74.58 29.79
C LEU D 64 -5.87 -73.36 29.36
N LEU D 65 -5.47 -73.30 28.09
CA LEU D 65 -4.61 -72.23 27.61
C LEU D 65 -5.06 -71.59 26.33
N PRO D 66 -5.51 -70.35 26.39
CA PRO D 66 -6.05 -69.73 25.18
C PRO D 66 -4.94 -69.36 24.23
N ILE D 67 -5.18 -69.56 22.94
CA ILE D 67 -4.22 -69.30 21.87
C ILE D 67 -4.87 -68.35 20.86
N GLY D 68 -5.68 -67.42 21.35
CA GLY D 68 -6.32 -66.48 20.46
C GLY D 68 -7.46 -65.77 21.18
N ARG D 69 -8.27 -65.10 20.39
CA ARG D 69 -9.40 -64.38 20.95
C ARG D 69 -10.18 -65.26 21.87
N ASN D 70 -10.35 -66.52 21.50
CA ASN D 70 -11.04 -67.47 22.37
C ASN D 70 -12.43 -67.03 22.78
N GLU D 71 -13.19 -66.57 21.84
CA GLU D 71 -14.54 -66.21 22.18
C GLU D 71 -15.28 -67.52 22.10
N TYR D 72 -15.26 -68.27 23.20
CA TYR D 72 -15.89 -69.58 23.25
C TYR D 72 -17.41 -69.44 23.13
N GLU D 73 -17.95 -68.27 23.41
CA GLU D 73 -19.41 -68.04 23.40
C GLU D 73 -20.01 -68.31 22.04
N ASP D 74 -19.31 -67.99 20.98
CA ASP D 74 -19.78 -68.21 19.61
C ASP D 74 -19.87 -69.68 19.26
N GLY D 75 -19.28 -70.54 20.08
CA GLY D 75 -19.22 -71.94 19.74
C GLY D 75 -17.96 -72.36 19.07
N PHE D 76 -17.00 -71.46 19.03
CA PHE D 76 -15.72 -71.87 18.51
C PHE D 76 -14.70 -72.14 19.57
N TYR D 77 -14.10 -73.30 19.45
CA TYR D 77 -13.15 -73.78 20.45
C TYR D 77 -11.81 -74.14 19.81
N ASN D 78 -11.55 -73.67 18.59
CA ASN D 78 -10.24 -73.83 17.97
C ASN D 78 -9.18 -72.98 18.61
N GLU D 79 -9.54 -72.08 19.53
CA GLU D 79 -8.57 -71.12 20.03
C GLU D 79 -8.28 -71.36 21.50
N LEU D 80 -8.53 -72.58 21.97
CA LEU D 80 -8.24 -72.97 23.35
C LEU D 80 -7.53 -74.30 23.34
N LEU D 81 -6.41 -74.39 24.06
CA LEU D 81 -5.69 -75.63 24.31
C LEU D 81 -6.00 -76.23 25.66
N VAL D 82 -6.02 -77.56 25.67
CA VAL D 82 -6.18 -78.36 26.88
C VAL D 82 -4.91 -79.18 27.06
N LYS D 83 -4.32 -79.07 28.24
CA LYS D 83 -3.20 -79.91 28.63
C LYS D 83 -3.58 -80.64 29.91
N GLN D 84 -3.05 -81.82 30.09
CA GLN D 84 -3.22 -82.49 31.36
C GLN D 84 -1.87 -83.00 31.85
N ASP D 85 -1.61 -82.78 33.13
CA ASP D 85 -0.44 -83.35 33.77
C ASP D 85 -0.42 -84.88 33.59
N ASN D 86 0.73 -85.41 33.17
CA ASN D 86 0.83 -86.84 32.90
C ASN D 86 0.61 -87.70 34.15
N VAL D 87 0.72 -87.13 35.35
CA VAL D 87 0.42 -87.93 36.53
C VAL D 87 -1.08 -88.11 36.63
N LEU D 88 -1.85 -87.03 36.45
CA LEU D 88 -3.31 -87.14 36.45
C LEU D 88 -3.78 -88.07 35.33
N ARG D 89 -3.17 -87.96 34.16
CA ARG D 89 -3.54 -88.80 33.04
C ARG D 89 -3.21 -90.27 33.32
N GLU D 90 -2.08 -90.56 33.97
CA GLU D 90 -1.76 -91.95 34.32
C GLU D 90 -2.71 -92.48 35.38
N PHE D 91 -3.07 -91.65 36.35
CA PHE D 91 -4.09 -92.02 37.31
C PHE D 91 -5.35 -92.45 36.57
N ALA D 92 -5.80 -91.61 35.61
CA ALA D 92 -7.03 -91.90 34.90
C ALA D 92 -6.91 -93.19 34.11
N ILE D 93 -5.77 -93.41 33.45
CA ILE D 93 -5.57 -94.64 32.70
C ILE D 93 -5.76 -95.84 33.63
N ASN D 94 -5.27 -95.73 34.86
CA ASN D 94 -5.37 -96.90 35.74
C ASN D 94 -6.75 -97.02 36.38
N GLN D 95 -7.45 -95.91 36.57
CA GLN D 95 -8.86 -96.04 36.92
C GLN D 95 -9.60 -96.79 35.81
N CYS D 96 -9.34 -96.45 34.55
CA CYS D 96 -10.01 -97.17 33.46
C CYS D 96 -9.63 -98.63 33.47
N LEU D 97 -8.38 -98.94 33.84
CA LEU D 97 -7.96 -100.34 33.93
C LEU D 97 -8.66 -101.08 35.07
N LYS D 98 -8.92 -100.42 36.19
CA LYS D 98 -9.47 -101.12 37.34
C LYS D 98 -11.00 -101.16 37.37
N GLU D 99 -11.67 -100.51 36.41
CA GLU D 99 -13.13 -100.56 36.31
C GLU D 99 -13.62 -101.94 35.91
N SER D 100 -12.77 -102.73 35.28
CA SER D 100 -13.09 -104.10 34.89
C SER D 100 -11.81 -104.88 34.76
N SER D 101 -11.78 -106.05 35.37
CA SER D 101 -10.63 -106.94 35.19
C SER D 101 -10.68 -107.68 33.86
N SER D 102 -11.77 -107.62 33.13
CA SER D 102 -11.83 -108.22 31.81
C SER D 102 -11.76 -107.11 30.79
N ILE D 103 -10.81 -107.22 29.87
CA ILE D 103 -10.68 -106.21 28.86
C ILE D 103 -11.89 -106.21 27.96
N PHE D 104 -12.64 -107.31 27.95
CA PHE D 104 -13.83 -107.37 27.11
C PHE D 104 -15.03 -106.70 27.73
N GLU D 105 -15.02 -106.49 29.04
CA GLU D 105 -16.12 -105.82 29.72
C GLU D 105 -15.87 -104.36 30.04
N ARG D 106 -14.67 -103.84 29.72
CA ARG D 106 -14.26 -102.52 30.21
C ARG D 106 -15.03 -101.43 29.48
N LYS D 107 -15.44 -100.41 30.20
CA LYS D 107 -16.16 -99.30 29.61
C LYS D 107 -15.27 -98.45 28.75
N ARG D 108 -14.08 -98.16 29.22
CA ARG D 108 -13.13 -97.42 28.44
C ARG D 108 -11.97 -98.32 28.14
N LEU D 109 -11.70 -98.52 26.88
CA LEU D 109 -10.67 -99.42 26.48
C LEU D 109 -9.65 -98.66 25.73
N ASN D 110 -8.48 -98.61 26.28
CA ASN D 110 -7.39 -97.90 25.65
C ASN D 110 -6.38 -98.92 25.14
N LEU D 111 -6.35 -99.13 23.83
CA LEU D 111 -5.54 -100.14 23.19
C LEU D 111 -4.31 -99.50 22.53
N GLU D 112 -3.16 -100.16 22.68
CA GLU D 112 -1.86 -99.62 22.28
C GLU D 112 -1.08 -100.69 21.53
N ILE D 113 -0.52 -100.33 20.39
CA ILE D 113 0.15 -101.30 19.51
C ILE D 113 1.46 -100.70 19.03
N GLN D 114 2.57 -101.19 19.56
CA GLN D 114 3.91 -100.74 19.19
C GLN D 114 4.59 -101.83 18.37
N ASP D 115 5.34 -101.41 17.36
CA ASP D 115 6.03 -102.33 16.47
C ASP D 115 5.14 -103.49 16.04
N ASN D 116 3.88 -103.17 15.74
CA ASN D 116 2.92 -104.13 15.21
C ASN D 116 2.75 -105.35 16.10
N LYS D 117 3.05 -105.21 17.39
CA LYS D 117 2.83 -106.29 18.35
C LYS D 117 1.44 -106.09 18.99
N PHE D 118 0.44 -106.72 18.39
CA PHE D 118 -0.91 -106.68 18.97
C PHE D 118 -0.94 -107.37 20.32
N PRO D 119 -1.71 -106.85 21.28
CA PRO D 119 -1.90 -107.56 22.55
C PRO D 119 -2.60 -108.89 22.35
N ASN D 120 -2.39 -109.80 23.31
CA ASN D 120 -2.86 -111.18 23.18
C ASN D 120 -4.39 -111.26 23.00
N TRP D 121 -5.18 -110.44 23.66
CA TRP D 121 -6.63 -110.45 23.45
C TRP D 121 -7.09 -110.22 22.05
N CYS D 122 -6.30 -109.53 21.27
CA CYS D 122 -6.67 -109.24 19.90
C CYS D 122 -6.47 -110.42 18.99
N LEU D 123 -5.68 -111.36 19.42
CA LEU D 123 -5.36 -112.53 18.61
C LEU D 123 -6.09 -113.78 19.03
N ASN D 124 -7.08 -113.64 19.90
CA ASN D 124 -7.78 -114.80 20.44
C ASN D 124 -8.54 -115.69 19.48
N PRO D 125 -8.40 -116.99 19.67
CA PRO D 125 -9.03 -117.99 18.82
C PRO D 125 -10.52 -118.05 18.79
N LYS D 126 -11.17 -117.87 19.91
CA LYS D 126 -12.61 -118.09 19.94
C LYS D 126 -13.36 -116.90 19.45
N GLN D 127 -13.24 -116.64 18.16
CA GLN D 127 -13.97 -115.59 17.56
C GLN D 127 -15.37 -116.06 17.63
N PRO D 128 -16.30 -115.17 17.91
CA PRO D 128 -16.11 -113.74 17.75
C PRO D 128 -15.50 -113.03 18.93
N ILE D 129 -14.84 -111.92 18.67
CA ILE D 129 -14.30 -111.15 19.73
C ILE D 129 -15.24 -109.98 19.82
N VAL D 130 -15.78 -109.78 21.00
CA VAL D 130 -16.73 -108.73 21.19
C VAL D 130 -16.35 -107.92 22.39
N ILE D 131 -16.27 -106.62 22.21
CA ILE D 131 -15.88 -105.76 23.30
C ILE D 131 -17.08 -104.98 23.79
N ASN D 132 -17.06 -104.63 25.04
CA ASN D 132 -18.17 -103.94 25.66
C ASN D 132 -17.99 -102.43 25.71
N ALA D 133 -16.81 -101.92 25.34
CA ALA D 133 -16.42 -100.55 25.67
C ALA D 133 -17.35 -99.52 25.03
N SER D 134 -17.56 -98.42 25.76
CA SER D 134 -18.25 -97.23 25.26
C SER D 134 -17.28 -96.21 24.68
N LEU D 135 -16.12 -96.05 25.32
CA LEU D 135 -15.05 -95.20 24.84
C LEU D 135 -13.92 -96.11 24.41
N PHE D 136 -13.46 -95.95 23.17
CA PHE D 136 -12.45 -96.83 22.60
C PHE D 136 -11.37 -95.96 21.97
N SER D 137 -10.12 -96.13 22.42
CA SER D 137 -9.00 -95.39 21.85
C SER D 137 -7.93 -96.39 21.43
N ILE D 138 -7.25 -96.08 20.33
CA ILE D 138 -6.24 -96.96 19.77
C ILE D 138 -5.05 -96.09 19.40
N SER D 139 -3.89 -96.35 20.00
CA SER D 139 -2.66 -95.62 19.68
C SER D 139 -1.70 -96.54 18.96
N THR D 140 -1.34 -96.17 17.73
CA THR D 140 -0.37 -96.91 16.93
C THR D 140 0.82 -96.02 16.62
N ASP D 141 1.97 -96.63 16.37
CA ASP D 141 3.20 -95.88 16.18
C ASP D 141 3.55 -95.79 14.70
N ASP D 142 4.73 -95.25 14.40
CA ASP D 142 5.01 -94.92 13.01
C ASP D 142 5.43 -96.12 12.17
N SER D 143 5.77 -97.24 12.79
CA SER D 143 6.01 -98.47 12.03
C SER D 143 4.75 -99.34 11.89
N PHE D 144 3.58 -98.86 12.31
CA PHE D 144 2.36 -99.66 12.31
C PHE D 144 1.88 -99.92 10.87
N ALA D 145 1.58 -101.18 10.57
CA ALA D 145 1.26 -101.56 9.19
C ALA D 145 -0.23 -101.78 8.92
N SER D 146 -1.11 -101.51 9.88
CA SER D 146 -2.57 -101.55 9.65
C SER D 146 -3.06 -102.95 9.26
N SER D 147 -2.54 -103.97 9.92
CA SER D 147 -2.98 -105.33 9.66
C SER D 147 -3.88 -105.74 10.78
N TRP D 148 -5.09 -105.25 10.74
CA TRP D 148 -6.04 -105.48 11.77
C TRP D 148 -6.74 -106.78 12.00
N PHE D 149 -7.07 -107.04 13.22
CA PHE D 149 -7.89 -108.16 13.60
C PHE D 149 -9.34 -107.86 13.43
N GLU D 150 -10.15 -108.89 13.49
CA GLU D 150 -11.58 -108.72 13.38
C GLU D 150 -12.30 -108.83 14.71
N MET D 151 -13.17 -107.88 15.02
CA MET D 151 -13.93 -107.86 16.26
C MET D 151 -15.24 -107.11 16.16
N ASP D 152 -16.15 -107.29 17.10
CA ASP D 152 -17.36 -106.50 17.10
C ASP D 152 -17.34 -105.52 18.27
N CYS D 153 -17.81 -104.27 18.08
CA CYS D 153 -17.68 -103.21 19.07
C CYS D 153 -19.04 -102.54 19.24
N PRO D 154 -20.05 -103.32 19.67
CA PRO D 154 -21.44 -102.84 19.58
C PRO D 154 -21.74 -101.59 20.38
N ASN D 155 -20.96 -101.26 21.41
CA ASN D 155 -21.32 -100.20 22.35
C ASN D 155 -20.54 -98.91 22.16
N VAL D 156 -19.62 -98.85 21.20
CA VAL D 156 -18.71 -97.72 21.16
C VAL D 156 -19.48 -96.50 20.69
N GLU D 157 -19.52 -95.46 21.53
CA GLU D 157 -20.13 -94.18 21.18
C GLU D 157 -19.10 -93.17 20.71
N ALA D 158 -17.83 -93.35 21.09
CA ALA D 158 -16.75 -92.43 20.80
C ALA D 158 -15.48 -93.21 20.47
N LEU D 159 -14.83 -92.84 19.38
CA LEU D 159 -13.61 -93.50 18.92
C LEU D 159 -12.52 -92.44 18.80
N VAL D 160 -11.38 -92.71 19.43
CA VAL D 160 -10.20 -91.84 19.34
C VAL D 160 -9.09 -92.69 18.75
N LEU D 161 -8.66 -92.36 17.55
CA LEU D 161 -7.59 -93.05 16.85
C LEU D 161 -6.36 -92.13 16.90
N ASN D 162 -5.37 -92.54 17.67
CA ASN D 162 -4.13 -91.80 17.80
C ASN D 162 -3.10 -92.46 16.92
N ILE D 163 -2.80 -91.82 15.80
CA ILE D 163 -1.95 -92.43 14.80
C ILE D 163 -0.66 -91.68 14.50
N SER D 164 0.44 -92.42 14.38
CA SER D 164 1.72 -91.84 14.01
C SER D 164 2.28 -92.29 12.65
N SER D 165 1.49 -92.90 11.79
CA SER D 165 1.99 -93.49 10.53
C SER D 165 1.84 -92.70 9.25
N SER D 166 2.71 -92.90 8.30
CA SER D 166 2.59 -92.25 6.98
C SER D 166 1.33 -92.70 6.31
N ASN D 167 1.00 -93.95 6.47
CA ASN D 167 -0.21 -94.50 5.90
C ASN D 167 -1.01 -95.14 7.01
N TYR D 168 -2.33 -95.09 6.94
CA TYR D 168 -3.19 -95.71 7.94
C TYR D 168 -4.50 -96.13 7.33
N ALA D 169 -4.79 -97.40 7.42
CA ALA D 169 -6.07 -97.93 6.98
C ALA D 169 -6.97 -98.09 8.21
N LEU D 170 -8.09 -97.37 8.24
CA LEU D 170 -9.01 -97.54 9.34
C LEU D 170 -9.43 -99.02 9.45
N PRO D 171 -9.54 -99.56 10.66
CA PRO D 171 -9.91 -100.98 10.82
C PRO D 171 -11.38 -101.23 10.49
N ASN D 172 -11.63 -102.39 9.88
CA ASN D 172 -12.99 -102.72 9.45
C ASN D 172 -13.95 -102.92 10.60
N PHE D 173 -13.46 -103.26 11.79
CA PHE D 173 -14.42 -103.39 12.87
C PHE D 173 -15.09 -102.07 13.25
N ILE D 174 -14.58 -100.92 12.80
CA ILE D 174 -15.34 -99.69 12.97
C ILE D 174 -16.75 -99.87 12.43
N ALA D 175 -16.88 -100.56 11.29
CA ALA D 175 -18.18 -100.76 10.67
C ALA D 175 -19.16 -101.50 11.56
N THR D 176 -18.70 -102.10 12.67
CA THR D 176 -19.63 -102.75 13.59
C THR D 176 -20.12 -101.79 14.66
N MET D 177 -19.63 -100.54 14.67
CA MET D 177 -19.92 -99.63 15.78
C MET D 177 -21.17 -98.81 15.47
N LYS D 178 -22.30 -99.54 15.40
CA LYS D 178 -23.59 -98.94 15.05
C LYS D 178 -23.95 -97.79 15.98
N GLU D 179 -23.42 -97.77 17.19
CA GLU D 179 -23.76 -96.70 18.14
C GLU D 179 -22.79 -95.52 18.11
N LEU D 180 -21.82 -95.49 17.19
CA LEU D 180 -20.77 -94.48 17.23
C LEU D 180 -21.33 -93.09 16.94
N LYS D 181 -21.04 -92.14 17.82
CA LYS D 181 -21.44 -90.76 17.62
C LYS D 181 -20.29 -89.83 17.25
N VAL D 182 -19.07 -90.14 17.70
CA VAL D 182 -17.92 -89.26 17.46
C VAL D 182 -16.71 -90.08 17.04
N VAL D 183 -15.98 -89.56 16.07
CA VAL D 183 -14.76 -90.19 15.57
C VAL D 183 -13.70 -89.11 15.55
N ILE D 184 -12.59 -89.35 16.26
CA ILE D 184 -11.49 -88.42 16.38
C ILE D 184 -10.22 -89.14 15.93
N ILE D 185 -9.57 -88.59 14.92
CA ILE D 185 -8.38 -89.16 14.39
C ILE D 185 -7.29 -88.10 14.37
N ILE D 186 -6.31 -88.24 15.23
CA ILE D 186 -5.24 -87.30 15.31
C ILE D 186 -3.91 -87.94 14.99
N ASN D 187 -3.14 -87.33 14.10
CA ASN D 187 -1.83 -87.84 13.75
C ASN D 187 -0.76 -87.09 14.46
N HIS D 188 0.07 -87.83 15.18
CA HIS D 188 1.18 -87.26 15.91
C HIS D 188 2.47 -87.38 15.19
N GLY D 189 2.47 -88.01 14.05
CA GLY D 189 3.64 -88.14 13.23
C GLY D 189 4.10 -86.96 12.45
N LEU D 190 5.36 -86.97 12.02
CA LEU D 190 5.92 -85.89 11.22
C LEU D 190 5.25 -85.70 9.89
N GLU D 191 4.94 -86.80 9.24
CA GLU D 191 4.29 -86.72 7.98
C GLU D 191 2.80 -86.82 8.06
N PRO D 192 2.11 -86.05 7.23
CA PRO D 192 0.65 -86.21 7.15
C PRO D 192 0.30 -87.67 6.92
N ALA D 193 -0.57 -88.21 7.76
CA ALA D 193 -0.96 -89.62 7.63
C ALA D 193 -2.02 -89.74 6.55
N LYS D 194 -1.73 -90.53 5.50
CA LYS D 194 -2.70 -90.76 4.44
C LYS D 194 -3.70 -91.83 4.88
N LEU D 195 -4.94 -91.42 5.15
CA LEU D 195 -5.96 -92.38 5.60
C LEU D 195 -6.52 -93.20 4.43
N THR D 196 -6.88 -94.43 4.72
CA THR D 196 -7.63 -95.25 3.77
C THR D 196 -8.73 -95.99 4.52
N ASN D 197 -9.64 -96.62 3.74
CA ASN D 197 -10.80 -97.33 4.28
C ASN D 197 -11.74 -96.43 5.07
N LEU D 198 -11.89 -95.18 4.62
CA LEU D 198 -12.84 -94.28 5.29
C LEU D 198 -14.28 -94.77 5.12
N SER D 199 -14.51 -95.67 4.16
CA SER D 199 -15.85 -96.19 3.90
C SER D 199 -16.38 -97.05 5.06
N CYS D 200 -15.52 -97.50 5.97
CA CYS D 200 -16.04 -98.14 7.17
C CYS D 200 -16.95 -97.20 7.95
N LEU D 201 -16.90 -95.90 7.68
CA LEU D 201 -17.78 -94.95 8.35
C LEU D 201 -19.13 -94.81 7.67
N SER D 202 -19.28 -95.32 6.44
CA SER D 202 -20.36 -94.94 5.56
C SER D 202 -21.76 -95.28 6.11
N SER D 203 -21.89 -96.35 6.88
CA SER D 203 -23.22 -96.81 7.26
C SER D 203 -23.45 -96.76 8.76
N LEU D 204 -22.72 -95.92 9.46
CA LEU D 204 -22.89 -95.82 10.90
C LEU D 204 -24.08 -94.90 11.13
N PRO D 205 -25.24 -95.43 11.50
CA PRO D 205 -26.46 -94.59 11.51
C PRO D 205 -26.45 -93.48 12.54
N ASN D 206 -25.55 -93.50 13.52
CA ASN D 206 -25.58 -92.43 14.53
C ASN D 206 -24.38 -91.50 14.48
N LEU D 207 -23.59 -91.54 13.39
CA LEU D 207 -22.32 -90.81 13.37
C LEU D 207 -22.58 -89.32 13.19
N LYS D 208 -22.35 -88.53 14.24
CA LYS D 208 -22.62 -87.11 14.18
C LYS D 208 -21.40 -86.21 14.12
N ARG D 209 -20.21 -86.65 14.55
CA ARG D 209 -19.06 -85.77 14.45
C ARG D 209 -17.83 -86.52 13.97
N ILE D 210 -17.09 -85.87 13.09
CA ILE D 210 -15.80 -86.36 12.64
C ILE D 210 -14.80 -85.21 12.75
N ARG D 211 -13.60 -85.54 13.22
CA ARG D 211 -12.50 -84.59 13.33
C ARG D 211 -11.24 -85.28 12.87
N PHE D 212 -10.58 -84.74 11.82
CA PHE D 212 -9.29 -85.21 11.35
C PHE D 212 -8.23 -84.17 11.67
N GLU D 213 -7.08 -84.62 12.16
CA GLU D 213 -5.96 -83.74 12.49
C GLU D 213 -4.71 -84.22 11.78
N LYS D 214 -4.10 -83.35 10.98
CA LYS D 214 -2.78 -83.61 10.40
C LYS D 214 -2.78 -84.93 9.65
N VAL D 215 -3.87 -85.18 8.94
CA VAL D 215 -3.96 -86.32 8.03
C VAL D 215 -3.99 -85.80 6.59
N SER D 216 -3.81 -86.71 5.65
CA SER D 216 -3.93 -86.43 4.22
C SER D 216 -5.21 -87.10 3.70
N ILE D 217 -6.12 -86.31 3.11
CA ILE D 217 -7.39 -86.83 2.63
C ILE D 217 -7.84 -86.05 1.40
N SER D 218 -8.75 -86.65 0.65
CA SER D 218 -9.46 -85.95 -0.42
C SER D 218 -10.65 -85.25 0.21
N LEU D 219 -10.52 -83.96 0.49
CA LEU D 219 -11.69 -83.21 0.88
C LEU D 219 -12.80 -83.34 -0.17
N LEU D 220 -12.42 -83.35 -1.45
CA LEU D 220 -13.42 -83.46 -2.51
C LEU D 220 -14.27 -84.72 -2.37
N ASP D 221 -13.68 -85.84 -1.92
CA ASP D 221 -14.36 -87.13 -1.92
C ASP D 221 -15.22 -87.37 -0.68
N ILE D 222 -15.26 -86.41 0.25
CA ILE D 222 -15.97 -86.64 1.50
C ILE D 222 -17.45 -86.94 1.26
N PRO D 223 -18.16 -86.29 0.32
CA PRO D 223 -19.59 -86.59 0.16
C PRO D 223 -19.84 -87.96 -0.44
N LYS D 224 -18.85 -88.53 -1.15
CA LYS D 224 -19.03 -89.88 -1.67
C LYS D 224 -19.20 -90.90 -0.56
N LEU D 225 -18.94 -90.54 0.70
CA LEU D 225 -19.03 -91.45 1.82
C LEU D 225 -20.42 -91.54 2.40
N GLY D 226 -21.33 -90.70 1.92
CA GLY D 226 -22.67 -90.72 2.45
C GLY D 226 -22.78 -89.88 3.70
N LEU D 227 -22.46 -90.48 4.84
CA LEU D 227 -22.45 -89.81 6.13
C LEU D 227 -23.75 -89.04 6.36
N LYS D 228 -24.86 -89.77 6.26
CA LYS D 228 -26.17 -89.15 6.23
C LYS D 228 -26.57 -88.53 7.57
N SER D 229 -25.96 -88.94 8.68
CA SER D 229 -26.32 -88.33 9.96
C SER D 229 -25.26 -87.38 10.49
N LEU D 230 -24.23 -87.07 9.70
CA LEU D 230 -23.14 -86.21 10.18
C LEU D 230 -23.60 -84.76 10.40
N GLU D 231 -23.33 -84.24 11.60
CA GLU D 231 -23.70 -82.86 11.92
C GLU D 231 -22.52 -81.89 11.91
N LYS D 232 -21.29 -82.36 12.15
CA LYS D 232 -20.11 -81.51 12.15
C LYS D 232 -18.93 -82.25 11.53
N LEU D 233 -18.15 -81.52 10.71
CA LEU D 233 -16.92 -82.00 10.09
C LEU D 233 -15.80 -81.03 10.43
N SER D 234 -14.71 -81.54 10.98
CA SER D 234 -13.59 -80.69 11.35
C SER D 234 -12.34 -81.28 10.73
N LEU D 235 -11.58 -80.40 10.11
CA LEU D 235 -10.32 -80.74 9.53
C LEU D 235 -9.27 -79.78 10.04
N TRP D 236 -8.26 -80.30 10.70
CA TRP D 236 -7.22 -79.49 11.24
C TRP D 236 -5.87 -79.85 10.75
N PHE D 237 -5.15 -78.89 10.19
CA PHE D 237 -3.77 -79.09 9.75
C PHE D 237 -3.70 -80.26 8.83
N CYS D 238 -4.64 -80.37 7.94
CA CYS D 238 -4.70 -81.53 7.10
C CYS D 238 -4.28 -81.27 5.68
N HIS D 239 -3.52 -82.16 5.09
CA HIS D 239 -3.15 -82.07 3.69
C HIS D 239 -4.27 -82.54 2.83
N VAL D 240 -4.50 -81.85 1.73
CA VAL D 240 -5.57 -82.22 0.83
C VAL D 240 -5.07 -82.73 -0.52
N VAL D 241 -5.65 -83.84 -0.97
CA VAL D 241 -5.25 -84.46 -2.23
C VAL D 241 -6.46 -84.37 -3.10
N ASP D 242 -6.28 -84.09 -4.39
CA ASP D 242 -7.44 -83.83 -5.22
C ASP D 242 -8.47 -84.88 -5.40
N ALA D 243 -8.06 -86.12 -5.61
CA ALA D 243 -8.98 -87.23 -5.88
C ALA D 243 -8.16 -88.36 -6.46
N LEU D 247 -15.15 -94.23 -7.89
CA LEU D 247 -15.95 -93.74 -6.76
C LEU D 247 -17.11 -92.88 -7.28
N GLU D 248 -18.26 -92.98 -6.63
CA GLU D 248 -19.52 -92.52 -7.21
C GLU D 248 -20.25 -91.56 -6.27
N ASP D 249 -20.74 -90.46 -6.85
CA ASP D 249 -21.66 -89.59 -6.14
C ASP D 249 -22.80 -90.39 -5.54
N VAL D 250 -23.36 -89.86 -4.44
CA VAL D 250 -24.41 -90.54 -3.69
C VAL D 250 -25.60 -89.61 -3.55
N SER D 251 -26.79 -90.22 -3.43
CA SER D 251 -28.02 -89.45 -3.31
C SER D 251 -28.22 -88.99 -1.87
N GLU D 252 -28.53 -87.69 -1.70
CA GLU D 252 -28.81 -87.10 -0.38
C GLU D 252 -27.56 -87.11 0.50
N THR D 253 -26.43 -86.72 -0.10
CA THR D 253 -25.17 -86.63 0.63
C THR D 253 -25.25 -85.61 1.75
N LEU D 254 -24.72 -85.98 2.91
CA LEU D 254 -24.52 -85.04 4.01
C LEU D 254 -25.78 -84.21 4.26
N GLN D 255 -26.93 -84.89 4.27
CA GLN D 255 -28.21 -84.21 4.43
C GLN D 255 -28.41 -83.66 5.85
N SER D 256 -27.61 -84.11 6.80
CA SER D 256 -27.64 -83.57 8.15
C SER D 256 -26.54 -82.56 8.41
N LEU D 257 -25.61 -82.40 7.48
CA LEU D 257 -24.41 -81.63 7.75
C LEU D 257 -24.79 -80.24 8.23
N GLN D 258 -24.23 -79.83 9.35
CA GLN D 258 -24.68 -78.55 9.87
C GLN D 258 -23.53 -77.57 10.15
N GLU D 259 -22.32 -78.05 10.39
CA GLU D 259 -21.21 -77.18 10.72
C GLU D 259 -19.98 -77.79 10.07
N ILE D 260 -19.21 -76.94 9.38
CA ILE D 260 -17.92 -77.33 8.86
C ILE D 260 -16.87 -76.39 9.44
N GLU D 261 -15.80 -76.97 9.95
CA GLU D 261 -14.62 -76.26 10.42
C GLU D 261 -13.42 -76.77 9.65
N ILE D 262 -12.65 -75.86 9.06
CA ILE D 262 -11.43 -76.17 8.33
C ILE D 262 -10.35 -75.20 8.82
N ASP D 263 -9.26 -75.73 9.35
CA ASP D 263 -8.22 -74.91 9.92
C ASP D 263 -6.85 -75.40 9.52
N TYR D 264 -5.96 -74.46 9.26
CA TYR D 264 -4.57 -74.77 9.09
C TYR D 264 -4.35 -75.75 7.95
N CYS D 265 -5.20 -75.66 6.94
CA CYS D 265 -5.08 -76.53 5.77
C CYS D 265 -4.24 -75.76 4.77
N TYR D 266 -2.93 -76.02 4.81
CA TYR D 266 -1.94 -75.16 4.16
C TYR D 266 -1.88 -75.34 2.65
N ASN D 267 -2.32 -76.46 2.08
CA ASN D 267 -2.34 -76.56 0.63
C ASN D 267 -3.75 -76.52 0.06
N LEU D 268 -4.71 -76.03 0.82
CA LEU D 268 -6.05 -75.78 0.30
C LEU D 268 -6.03 -74.50 -0.55
N ASP D 269 -6.26 -74.61 -1.85
CA ASP D 269 -6.30 -73.41 -2.66
C ASP D 269 -7.69 -73.07 -3.21
N GLU D 270 -8.69 -73.94 -3.03
CA GLU D 270 -10.05 -73.59 -3.43
C GLU D 270 -11.05 -74.42 -2.60
N LEU D 271 -12.11 -73.77 -2.11
CA LEU D 271 -13.21 -74.54 -1.50
C LEU D 271 -13.78 -75.57 -2.49
N PRO D 272 -13.84 -76.83 -2.11
CA PRO D 272 -14.59 -77.79 -2.92
C PRO D 272 -16.02 -77.29 -3.14
N TYR D 273 -16.51 -77.47 -4.38
CA TYR D 273 -17.82 -76.93 -4.74
C TYR D 273 -18.91 -77.52 -3.85
N TRP D 274 -18.79 -78.79 -3.45
CA TRP D 274 -19.87 -79.41 -2.69
C TRP D 274 -20.15 -78.71 -1.37
N ILE D 275 -19.18 -77.99 -0.79
CA ILE D 275 -19.46 -77.28 0.45
C ILE D 275 -20.49 -76.18 0.22
N SER D 276 -20.41 -75.49 -0.92
CA SER D 276 -21.40 -74.47 -1.24
C SER D 276 -22.80 -75.04 -1.43
N GLN D 277 -22.94 -76.35 -1.66
CA GLN D 277 -24.21 -76.95 -1.99
C GLN D 277 -24.87 -77.70 -0.83
N VAL D 278 -24.41 -77.46 0.40
CA VAL D 278 -24.94 -78.15 1.58
C VAL D 278 -26.03 -77.25 2.16
N VAL D 279 -27.27 -77.45 1.70
CA VAL D 279 -28.31 -76.47 2.01
C VAL D 279 -28.55 -76.39 3.51
N SER D 280 -28.28 -77.46 4.25
CA SER D 280 -28.56 -77.44 5.68
C SER D 280 -27.48 -76.73 6.51
N LEU D 281 -26.41 -76.24 5.89
CA LEU D 281 -25.26 -75.76 6.63
C LEU D 281 -25.58 -74.50 7.41
N LYS D 282 -25.30 -74.54 8.71
CA LYS D 282 -25.47 -73.39 9.59
C LYS D 282 -24.19 -72.59 9.79
N LYS D 283 -23.04 -73.25 9.87
CA LYS D 283 -21.78 -72.58 10.21
C LYS D 283 -20.68 -73.12 9.33
N LEU D 284 -19.92 -72.20 8.74
CA LEU D 284 -18.76 -72.52 7.92
C LEU D 284 -17.58 -71.70 8.42
N SER D 285 -16.54 -72.37 8.92
CA SER D 285 -15.33 -71.73 9.44
C SER D 285 -14.13 -72.25 8.68
N VAL D 286 -13.45 -71.33 7.99
CA VAL D 286 -12.18 -71.56 7.35
C VAL D 286 -11.21 -70.60 8.02
N THR D 287 -10.21 -71.13 8.72
CA THR D 287 -9.21 -70.27 9.35
C THR D 287 -7.81 -70.78 9.06
N ASN D 288 -6.85 -69.83 9.00
CA ASN D 288 -5.44 -70.14 8.90
C ASN D 288 -5.15 -71.02 7.68
N CYS D 289 -5.85 -70.76 6.59
CA CYS D 289 -5.62 -71.47 5.33
C CYS D 289 -4.95 -70.46 4.42
N ASN D 290 -3.63 -70.54 4.35
CA ASN D 290 -2.82 -69.43 3.87
C ASN D 290 -2.59 -69.44 2.36
N LYS D 291 -3.03 -70.46 1.64
CA LYS D 291 -3.01 -70.46 0.19
C LYS D 291 -4.39 -70.21 -0.42
N LEU D 292 -5.42 -70.05 0.40
CA LEU D 292 -6.76 -69.77 -0.11
C LEU D 292 -6.80 -68.32 -0.58
N CYS D 293 -6.85 -68.12 -1.89
CA CYS D 293 -6.85 -66.77 -2.47
C CYS D 293 -8.26 -66.22 -2.64
N ARG D 294 -9.22 -67.11 -2.76
CA ARG D 294 -10.55 -66.78 -3.25
C ARG D 294 -11.49 -67.73 -2.52
N VAL D 295 -12.76 -67.35 -2.38
CA VAL D 295 -13.80 -68.29 -1.98
C VAL D 295 -14.87 -68.32 -3.06
N ILE D 296 -15.18 -69.52 -3.55
CA ILE D 296 -16.11 -69.65 -4.67
C ILE D 296 -17.37 -68.87 -4.36
N GLU D 297 -17.98 -68.31 -5.38
CA GLU D 297 -19.17 -67.51 -5.20
C GLU D 297 -20.42 -68.33 -5.02
N ALA D 298 -20.28 -69.62 -5.10
CA ALA D 298 -21.39 -70.54 -4.97
C ALA D 298 -21.85 -70.62 -3.54
N ILE D 299 -21.08 -70.10 -2.62
CA ILE D 299 -21.39 -70.11 -1.19
C ILE D 299 -22.69 -69.34 -0.96
N GLY D 300 -23.05 -68.47 -1.87
CA GLY D 300 -24.29 -67.72 -1.80
C GLY D 300 -25.43 -68.70 -1.83
N ASP D 301 -25.21 -69.87 -2.38
CA ASP D 301 -26.21 -70.93 -2.40
C ASP D 301 -26.50 -71.42 -0.97
N LEU D 302 -25.66 -71.12 0.00
CA LEU D 302 -25.91 -71.66 1.32
C LEU D 302 -26.93 -70.82 2.05
N ARG D 303 -28.18 -71.19 1.88
CA ARG D 303 -29.33 -70.47 2.43
C ARG D 303 -29.49 -70.37 3.90
N ASP D 304 -29.17 -71.42 4.60
CA ASP D 304 -29.37 -71.42 6.00
C ASP D 304 -28.12 -71.00 6.71
N LEU D 305 -27.11 -70.52 6.00
CA LEU D 305 -25.91 -70.17 6.73
C LEU D 305 -26.17 -69.04 7.73
N GLU D 306 -25.69 -69.20 8.95
CA GLU D 306 -25.74 -68.17 9.97
C GLU D 306 -24.38 -67.64 10.38
N THR D 307 -23.33 -68.44 10.27
CA THR D 307 -21.99 -67.99 10.60
C THR D 307 -21.06 -68.31 9.44
N LEU D 308 -20.37 -67.29 8.96
CA LEU D 308 -19.35 -67.43 7.93
C LEU D 308 -18.06 -66.90 8.53
N ARG D 309 -17.10 -67.79 8.73
CA ARG D 309 -15.80 -67.40 9.27
C ARG D 309 -14.76 -67.72 8.22
N LEU D 310 -14.10 -66.69 7.72
CA LEU D 310 -13.02 -66.75 6.73
C LEU D 310 -11.94 -65.90 7.38
N SER D 311 -11.04 -66.52 8.14
CA SER D 311 -10.30 -65.79 9.15
C SER D 311 -8.84 -66.23 9.14
N SER D 312 -7.94 -65.26 9.43
CA SER D 312 -6.50 -65.49 9.37
C SER D 312 -6.07 -66.28 8.13
N CYS D 313 -6.66 -65.96 6.99
CA CYS D 313 -6.26 -66.56 5.73
C CYS D 313 -5.33 -65.56 5.05
N ALA D 314 -4.01 -65.76 5.22
CA ALA D 314 -3.02 -64.77 4.83
C ALA D 314 -3.21 -64.26 3.41
N SER D 315 -3.69 -65.11 2.49
CA SER D 315 -3.74 -64.80 1.07
C SER D 315 -5.10 -64.34 0.58
N LEU D 316 -6.11 -64.30 1.44
CA LEU D 316 -7.47 -64.02 0.97
C LEU D 316 -7.61 -62.51 0.79
N LEU D 317 -7.57 -62.06 -0.45
CA LEU D 317 -7.62 -60.63 -0.71
C LEU D 317 -9.03 -60.11 -0.85
N GLU D 318 -9.98 -60.85 -1.41
CA GLU D 318 -11.29 -60.27 -1.30
C GLU D 318 -12.26 -61.41 -0.99
N LEU D 319 -13.50 -61.05 -0.64
CA LEU D 319 -14.61 -61.94 -0.34
C LEU D 319 -15.51 -62.13 -1.56
N PRO D 320 -16.20 -63.27 -1.69
CA PRO D 320 -17.18 -63.41 -2.77
C PRO D 320 -18.33 -62.43 -2.57
N GLU D 321 -18.64 -61.68 -3.63
CA GLU D 321 -19.76 -60.74 -3.57
C GLU D 321 -21.06 -61.44 -3.19
N THR D 322 -21.23 -62.69 -3.61
CA THR D 322 -22.49 -63.41 -3.40
C THR D 322 -22.78 -63.67 -1.93
N ILE D 323 -21.90 -63.30 -1.02
CA ILE D 323 -22.23 -63.30 0.41
C ILE D 323 -23.52 -62.48 0.58
N ASP D 324 -23.78 -61.58 -0.37
CA ASP D 324 -24.98 -60.74 -0.28
C ASP D 324 -26.28 -61.52 -0.46
N ARG D 325 -26.23 -62.83 -0.75
CA ARG D 325 -27.41 -63.68 -0.78
C ARG D 325 -27.64 -64.45 0.52
N LEU D 326 -26.71 -64.40 1.47
CA LEU D 326 -26.80 -65.20 2.70
C LEU D 326 -27.82 -64.55 3.63
N ASP D 327 -29.10 -64.72 3.31
CA ASP D 327 -30.13 -63.93 3.97
C ASP D 327 -30.16 -64.17 5.47
N ASN D 328 -29.72 -65.34 5.92
CA ASN D 328 -29.82 -65.70 7.33
C ASN D 328 -28.54 -65.42 8.09
N LEU D 329 -27.56 -64.79 7.45
CA LEU D 329 -26.27 -64.62 8.10
C LEU D 329 -26.42 -63.69 9.30
N ARG D 330 -26.06 -64.19 10.47
CA ARG D 330 -25.96 -63.47 11.74
C ARG D 330 -24.60 -62.86 11.96
N PHE D 331 -23.55 -63.62 11.65
CA PHE D 331 -22.21 -63.38 12.15
C PHE D 331 -21.22 -63.59 11.02
N LEU D 332 -20.46 -62.54 10.69
CA LEU D 332 -19.38 -62.63 9.71
C LEU D 332 -18.06 -62.39 10.42
N ASP D 333 -17.20 -63.39 10.45
CA ASP D 333 -15.90 -63.33 11.10
C ASP D 333 -14.82 -63.39 10.03
N VAL D 334 -14.14 -62.27 9.81
CA VAL D 334 -12.96 -62.17 8.94
C VAL D 334 -11.79 -61.60 9.72
N SER D 335 -11.76 -61.80 11.02
CA SER D 335 -10.63 -61.28 11.78
C SER D 335 -9.36 -61.97 11.32
N GLY D 336 -8.25 -61.23 11.41
CA GLY D 336 -6.98 -61.76 10.99
C GLY D 336 -6.67 -61.58 9.53
N GLY D 337 -7.58 -61.01 8.76
CA GLY D 337 -7.37 -60.77 7.33
C GLY D 337 -6.50 -59.56 7.05
N PHE D 338 -5.23 -59.64 7.44
CA PHE D 338 -4.32 -58.51 7.24
C PHE D 338 -4.37 -57.95 5.82
N GLN D 339 -4.65 -58.77 4.82
CA GLN D 339 -4.68 -58.27 3.45
C GLN D 339 -6.08 -58.12 2.88
N LEU D 340 -7.11 -58.40 3.65
CA LEU D 340 -8.46 -58.28 3.14
C LEU D 340 -8.70 -56.86 2.69
N LYS D 341 -9.06 -56.68 1.43
CA LYS D 341 -9.11 -55.34 0.91
C LYS D 341 -10.52 -54.73 0.93
N ASN D 342 -11.58 -55.50 0.65
CA ASN D 342 -12.95 -54.95 0.70
C ASN D 342 -13.94 -55.97 1.27
N LEU D 343 -14.96 -55.47 1.95
CA LEU D 343 -16.14 -56.26 2.22
C LEU D 343 -17.03 -56.32 0.98
N PRO D 344 -17.92 -57.31 0.90
CA PRO D 344 -18.79 -57.41 -0.28
C PRO D 344 -19.56 -56.12 -0.49
N LEU D 345 -19.73 -55.77 -1.77
CA LEU D 345 -20.27 -54.47 -2.11
C LEU D 345 -21.66 -54.24 -1.52
N GLU D 346 -22.55 -55.24 -1.60
CA GLU D 346 -23.92 -55.11 -1.12
C GLU D 346 -24.12 -55.73 0.27
N ILE D 347 -23.09 -55.72 1.12
CA ILE D 347 -23.21 -56.30 2.46
C ILE D 347 -24.45 -55.76 3.18
N GLY D 348 -24.88 -54.54 2.86
CA GLY D 348 -25.99 -53.92 3.55
C GLY D 348 -27.34 -54.57 3.30
N LYS D 349 -27.48 -55.32 2.20
CA LYS D 349 -28.72 -56.05 1.93
C LYS D 349 -29.12 -57.02 3.06
N LEU D 350 -28.18 -57.45 3.89
CA LEU D 350 -28.48 -58.54 4.83
C LEU D 350 -29.19 -57.98 6.04
N LYS D 351 -30.40 -58.46 6.31
CA LYS D 351 -31.22 -57.87 7.36
C LYS D 351 -31.12 -58.61 8.69
N LYS D 352 -30.36 -59.70 8.76
CA LYS D 352 -30.19 -60.46 9.99
C LYS D 352 -28.76 -60.46 10.51
N LEU D 353 -27.86 -59.72 9.88
CA LEU D 353 -26.45 -59.69 10.27
C LEU D 353 -26.27 -58.89 11.55
N GLU D 354 -25.77 -59.51 12.61
CA GLU D 354 -25.79 -58.82 13.88
C GLU D 354 -24.40 -58.37 14.30
N LYS D 355 -23.37 -58.99 13.73
CA LYS D 355 -22.02 -58.81 14.21
C LYS D 355 -21.06 -59.10 13.07
N ILE D 356 -20.13 -58.18 12.85
CA ILE D 356 -18.96 -58.39 12.02
C ILE D 356 -17.73 -58.35 12.92
N SER D 357 -16.92 -59.41 12.88
CA SER D 357 -15.62 -59.40 13.52
C SER D 357 -14.56 -59.21 12.46
N MET D 358 -13.71 -58.20 12.63
CA MET D 358 -12.62 -57.93 11.70
C MET D 358 -11.38 -57.35 12.42
N LYS D 359 -10.91 -58.05 13.46
CA LYS D 359 -9.91 -57.52 14.40
C LYS D 359 -8.60 -57.06 13.79
N ASP D 360 -8.17 -57.55 12.65
CA ASP D 360 -6.92 -56.98 12.15
C ASP D 360 -6.99 -56.57 10.70
N CYS D 361 -8.17 -56.34 10.18
CA CYS D 361 -8.31 -56.05 8.75
C CYS D 361 -8.10 -54.56 8.50
N TYR D 362 -6.92 -54.08 8.92
CA TYR D 362 -6.69 -52.63 8.86
C TYR D 362 -6.44 -52.11 7.45
N ARG D 363 -6.41 -52.96 6.42
CA ARG D 363 -6.38 -52.53 5.02
C ARG D 363 -7.72 -52.75 4.33
N CYS D 364 -8.77 -53.09 5.08
CA CYS D 364 -10.07 -53.37 4.51
C CYS D 364 -10.86 -52.08 4.33
N GLU D 365 -11.39 -51.86 3.15
CA GLU D 365 -12.24 -50.72 2.96
C GLU D 365 -13.65 -51.13 3.24
N LEU D 366 -14.46 -50.16 3.55
CA LEU D 366 -15.80 -50.45 3.92
C LEU D 366 -16.71 -49.93 2.88
N PRO D 367 -17.58 -50.78 2.42
CA PRO D 367 -18.55 -50.41 1.41
C PRO D 367 -19.61 -49.48 1.94
N ASP D 368 -20.24 -48.71 1.06
CA ASP D 368 -21.24 -47.74 1.44
C ASP D 368 -22.43 -48.42 2.05
N SER D 369 -22.69 -49.65 1.68
CA SER D 369 -23.84 -50.41 2.13
C SER D 369 -23.86 -50.63 3.63
N VAL D 370 -22.74 -50.57 4.29
CA VAL D 370 -22.65 -50.88 5.70
C VAL D 370 -23.52 -49.92 6.48
N LYS D 371 -23.74 -48.73 5.96
CA LYS D 371 -24.56 -47.73 6.59
C LYS D 371 -25.95 -48.28 6.74
N ASN D 372 -26.40 -49.05 5.79
CA ASN D 372 -27.71 -49.68 5.89
C ASN D 372 -27.83 -50.64 7.09
N LEU D 373 -26.78 -51.37 7.43
CA LEU D 373 -26.88 -52.30 8.53
C LEU D 373 -27.17 -51.63 9.85
N GLU D 374 -28.12 -52.16 10.60
CA GLU D 374 -28.57 -51.53 11.81
C GLU D 374 -28.51 -52.44 12.99
N ASN D 375 -28.27 -51.86 14.15
CA ASN D 375 -28.13 -52.63 15.35
C ASN D 375 -26.96 -53.54 15.16
N LEU D 376 -25.92 -53.03 14.54
CA LEU D 376 -24.74 -53.82 14.22
C LEU D 376 -23.66 -53.66 15.27
N GLU D 377 -23.09 -54.79 15.70
CA GLU D 377 -21.84 -54.77 16.47
C GLU D 377 -20.67 -55.07 15.54
N VAL D 378 -19.62 -54.28 15.68
CA VAL D 378 -18.36 -54.50 14.96
C VAL D 378 -17.30 -54.74 16.03
N LYS D 379 -16.67 -55.92 15.99
CA LYS D 379 -15.52 -56.23 16.84
C LYS D 379 -14.25 -56.07 16.01
N CYS D 380 -13.34 -55.24 16.48
CA CYS D 380 -12.15 -54.89 15.72
C CYS D 380 -11.12 -54.30 16.68
N ASP D 381 -9.99 -53.90 16.11
CA ASP D 381 -8.90 -53.22 16.79
C ASP D 381 -9.12 -51.72 16.61
N GLU D 382 -8.33 -50.91 17.32
CA GLU D 382 -8.54 -49.45 17.26
C GLU D 382 -8.27 -48.92 15.85
N ASP D 383 -7.14 -49.30 15.27
CA ASP D 383 -6.83 -48.88 13.91
C ASP D 383 -7.98 -49.22 12.97
N THR D 384 -8.38 -50.49 12.94
CA THR D 384 -9.54 -50.87 12.14
C THR D 384 -10.78 -50.10 12.56
N ALA D 385 -10.88 -49.77 13.85
CA ALA D 385 -12.04 -49.03 14.37
C ALA D 385 -12.18 -47.64 13.73
N PHE D 386 -11.11 -47.12 13.12
CA PHE D 386 -11.13 -45.73 12.63
C PHE D 386 -12.25 -45.45 11.62
N LEU D 387 -12.32 -46.23 10.52
CA LEU D 387 -13.38 -46.03 9.54
C LEU D 387 -14.78 -46.18 10.15
N TRP D 388 -14.95 -47.14 11.06
CA TRP D 388 -16.27 -47.28 11.65
C TRP D 388 -16.60 -46.07 12.52
N LYS D 389 -15.61 -45.50 13.20
CA LYS D 389 -15.89 -44.32 14.00
C LYS D 389 -16.42 -43.22 13.11
N ILE D 390 -15.99 -43.15 11.88
CA ILE D 390 -16.53 -42.14 11.01
C ILE D 390 -17.94 -42.45 10.56
N LEU D 391 -18.22 -43.68 10.20
CA LEU D 391 -19.55 -44.13 9.76
C LEU D 391 -20.63 -44.02 10.83
N LYS D 392 -20.30 -44.30 12.06
CA LYS D 392 -21.26 -44.28 13.16
C LYS D 392 -22.33 -43.22 13.21
N PRO D 393 -21.95 -41.95 13.08
CA PRO D 393 -23.07 -40.99 13.23
C PRO D 393 -24.19 -41.20 12.22
N GLU D 394 -23.89 -41.66 11.01
CA GLU D 394 -24.90 -41.95 9.98
C GLU D 394 -25.68 -43.24 10.25
N MET D 395 -25.39 -43.98 11.31
CA MET D 395 -25.85 -45.35 11.41
C MET D 395 -26.73 -45.55 12.64
N LYS D 396 -27.70 -46.47 12.52
CA LYS D 396 -28.70 -46.75 13.56
C LYS D 396 -28.06 -47.73 14.55
N ASN D 397 -27.68 -47.23 15.72
CA ASN D 397 -27.33 -48.10 16.85
C ASN D 397 -26.11 -49.00 16.55
N LEU D 398 -25.08 -48.43 15.91
CA LEU D 398 -23.84 -49.16 15.72
C LEU D 398 -23.06 -49.28 17.03
N THR D 399 -22.59 -50.48 17.35
CA THR D 399 -21.70 -50.69 18.49
C THR D 399 -20.33 -51.09 17.96
N ILE D 400 -19.31 -50.33 18.31
CA ILE D 400 -17.94 -50.65 17.98
C ILE D 400 -17.29 -51.18 19.23
N THR D 401 -16.93 -52.47 19.23
CA THR D 401 -16.22 -53.10 20.36
C THR D 401 -14.75 -53.25 19.97
N GLU D 402 -13.88 -52.48 20.63
CA GLU D 402 -12.45 -52.46 20.31
C GLU D 402 -11.73 -53.51 21.15
N GLU D 403 -11.21 -54.53 20.47
CA GLU D 403 -10.52 -55.64 21.11
C GLU D 403 -9.01 -55.40 21.09
N LYS D 404 -8.34 -55.54 22.22
CA LYS D 404 -6.89 -55.42 22.21
C LYS D 404 -6.34 -56.81 22.45
N THR D 405 -5.16 -57.10 21.92
CA THR D 405 -4.64 -58.45 21.97
C THR D 405 -4.07 -58.79 23.34
N GLU D 406 -4.26 -60.03 23.77
CA GLU D 406 -3.67 -60.55 25.01
C GLU D 406 -2.43 -61.35 24.65
N HIS D 407 -1.26 -60.85 25.03
CA HIS D 407 0.01 -61.45 24.63
C HIS D 407 0.46 -62.50 25.65
N ASN D 408 0.78 -63.66 25.10
CA ASN D 408 1.26 -64.76 25.90
C ASN D 408 2.07 -65.67 25.00
N LEU D 409 2.63 -66.73 25.55
CA LEU D 409 3.44 -67.67 24.80
C LEU D 409 2.75 -69.02 24.53
N ASN D 410 1.44 -69.09 24.65
CA ASN D 410 0.69 -70.32 24.52
C ASN D 410 0.78 -71.07 23.18
N LEU D 411 0.86 -70.38 22.07
CA LEU D 411 1.00 -71.00 20.74
C LEU D 411 2.31 -71.76 20.65
N LEU D 412 3.26 -71.43 21.49
CA LEU D 412 4.53 -72.13 21.55
C LEU D 412 4.31 -73.58 21.96
N GLN D 413 3.22 -73.88 22.63
CA GLN D 413 2.91 -75.25 22.92
C GLN D 413 2.73 -76.00 21.60
N LEU D 414 2.17 -75.37 20.61
CA LEU D 414 2.05 -75.95 19.28
C LEU D 414 3.33 -75.76 18.47
N PHE D 415 4.46 -76.11 19.05
CA PHE D 415 5.78 -76.03 18.43
C PHE D 415 6.43 -77.40 18.58
N ALA E 1 -48.34 36.50 -32.40
CA ALA E 1 -47.50 37.00 -31.31
C ALA E 1 -46.70 35.85 -30.69
N PHE E 2 -47.40 34.73 -30.46
CA PHE E 2 -46.73 33.52 -30.02
C PHE E 2 -45.75 33.02 -31.07
N GLU E 3 -46.17 33.07 -32.34
CA GLU E 3 -45.35 32.55 -33.42
C GLU E 3 -44.13 33.43 -33.66
N ALA E 4 -44.31 34.74 -33.63
CA ALA E 4 -43.14 35.61 -33.71
C ALA E 4 -42.12 35.19 -32.68
N LEU E 5 -42.59 34.85 -31.48
CA LEU E 5 -41.66 34.75 -30.36
C LEU E 5 -40.94 33.42 -30.47
N THR E 6 -41.69 32.36 -30.83
CA THR E 6 -41.21 30.98 -30.86
C THR E 6 -40.98 30.43 -32.26
N GLY E 7 -41.51 31.07 -33.30
CA GLY E 7 -41.38 30.48 -34.62
C GLY E 7 -42.09 29.16 -34.77
N ILE E 8 -43.16 28.92 -34.01
CA ILE E 8 -44.05 27.78 -34.21
C ILE E 8 -45.47 28.19 -33.88
N ASN E 9 -46.43 27.43 -34.40
CA ASN E 9 -47.85 27.73 -34.21
C ASN E 9 -48.58 26.52 -33.66
N GLY E 10 -49.85 26.74 -33.29
CA GLY E 10 -50.62 25.68 -32.69
C GLY E 10 -50.70 24.45 -33.57
N ASP E 11 -50.78 24.65 -34.88
CA ASP E 11 -50.89 23.51 -35.78
C ASP E 11 -49.66 22.62 -35.68
N LEU E 12 -48.47 23.23 -35.70
CA LEU E 12 -47.24 22.46 -35.57
C LEU E 12 -47.12 21.87 -34.16
N ILE E 13 -47.51 22.62 -33.13
CA ILE E 13 -47.55 22.07 -31.79
C ILE E 13 -48.31 20.76 -31.79
N THR E 14 -49.58 20.82 -32.21
CA THR E 14 -50.44 19.65 -32.08
C THR E 14 -49.95 18.51 -32.95
N ARG E 15 -49.51 18.79 -34.18
CA ARG E 15 -48.94 17.72 -34.99
C ARG E 15 -47.74 17.09 -34.31
N SER E 16 -46.87 17.91 -33.71
CA SER E 16 -45.68 17.40 -33.06
C SER E 16 -46.04 16.53 -31.87
N TRP E 17 -47.05 16.96 -31.10
CA TRP E 17 -47.52 16.13 -29.98
C TRP E 17 -48.09 14.80 -30.48
N SER E 18 -48.91 14.83 -31.53
CA SER E 18 -49.42 13.58 -32.10
C SER E 18 -48.27 12.67 -32.51
N ALA E 19 -47.30 13.21 -33.26
CA ALA E 19 -46.20 12.38 -33.70
C ALA E 19 -45.44 11.82 -32.50
N SER E 20 -45.30 12.64 -31.45
CA SER E 20 -44.63 12.16 -30.25
C SER E 20 -45.35 10.96 -29.65
N LYS E 21 -46.68 11.05 -29.53
CA LYS E 21 -47.47 9.91 -29.06
C LYS E 21 -47.20 8.69 -29.93
N GLN E 22 -47.32 8.87 -31.24
CA GLN E 22 -47.08 7.78 -32.19
C GLN E 22 -45.68 7.17 -32.04
N ALA E 23 -44.69 7.95 -31.62
CA ALA E 23 -43.32 7.44 -31.51
C ALA E 23 -43.19 6.39 -30.41
N TYR E 24 -44.11 6.32 -29.48
CA TYR E 24 -44.04 5.28 -28.47
C TYR E 24 -44.14 3.93 -29.13
N LEU E 25 -45.01 3.82 -30.11
CA LEU E 25 -45.24 2.56 -30.81
C LEU E 25 -44.07 1.99 -31.59
N THR E 26 -43.29 2.85 -32.21
CA THR E 26 -42.20 2.39 -33.03
C THR E 26 -40.87 2.60 -32.39
N GLU E 27 -40.01 1.61 -32.52
CA GLU E 27 -38.70 1.71 -31.93
C GLU E 27 -37.88 2.82 -32.54
N ARG E 28 -37.14 3.55 -31.71
CA ARG E 28 -36.39 4.73 -32.12
C ARG E 28 -37.34 5.75 -32.71
N TYR E 29 -37.05 6.28 -33.85
CA TYR E 29 -37.90 7.25 -34.52
C TYR E 29 -39.16 6.91 -35.36
N HIS E 30 -40.08 7.86 -35.50
CA HIS E 30 -41.23 7.73 -36.38
C HIS E 30 -41.22 8.96 -37.28
N LYS E 31 -41.47 8.79 -38.57
CA LYS E 31 -41.54 9.93 -39.48
C LYS E 31 -42.92 10.19 -39.97
N GLU E 32 -43.34 11.43 -39.84
CA GLU E 32 -44.65 11.80 -40.24
C GLU E 32 -44.56 12.84 -41.32
N GLU E 33 -45.30 12.65 -42.39
CA GLU E 33 -45.31 13.64 -43.42
C GLU E 33 -46.61 14.35 -43.47
N ALA E 34 -46.54 15.66 -43.46
CA ALA E 34 -47.67 16.56 -43.53
C ALA E 34 -47.13 17.10 -44.76
N GLY E 35 -47.93 17.81 -45.50
CA GLY E 35 -47.36 18.08 -46.79
C GLY E 35 -46.09 18.82 -46.96
N ALA E 36 -45.84 19.91 -46.29
CA ALA E 36 -44.54 20.50 -46.47
C ALA E 36 -43.71 20.32 -45.24
N VAL E 37 -44.22 19.55 -44.30
CA VAL E 37 -43.55 19.37 -43.05
C VAL E 37 -43.21 17.92 -42.82
N VAL E 38 -41.97 17.66 -42.46
CA VAL E 38 -41.57 16.32 -42.13
C VAL E 38 -41.24 16.36 -40.66
N ILE E 39 -41.85 15.47 -39.89
CA ILE E 39 -41.65 15.46 -38.46
C ILE E 39 -40.98 14.19 -38.08
N PHE E 40 -39.90 14.30 -37.35
CA PHE E 40 -39.25 13.13 -36.88
C PHE E 40 -39.50 13.13 -35.41
N ALA E 41 -40.04 12.05 -34.93
CA ALA E 41 -40.39 11.95 -33.53
C ALA E 41 -39.69 10.80 -32.93
N PHE E 42 -39.17 10.97 -31.75
CA PHE E 42 -38.31 9.97 -31.17
C PHE E 42 -38.89 9.25 -29.98
N GLN E 43 -38.74 7.93 -29.97
CA GLN E 43 -39.30 7.15 -28.89
C GLN E 43 -38.76 7.36 -27.52
N PRO E 44 -39.66 7.49 -26.57
CA PRO E 44 -39.26 7.58 -25.20
C PRO E 44 -38.79 6.28 -24.62
N SER E 45 -37.95 6.34 -23.62
CA SER E 45 -37.53 5.15 -22.93
C SER E 45 -37.63 5.37 -21.43
N PHE E 46 -37.94 4.34 -20.67
CA PHE E 46 -38.17 4.50 -19.23
C PHE E 46 -37.32 3.59 -18.37
N SER E 47 -36.27 3.03 -18.92
CA SER E 47 -35.28 2.30 -18.15
C SER E 47 -34.25 3.27 -17.60
N GLU E 48 -33.74 2.97 -16.40
CA GLU E 48 -32.72 3.84 -15.82
C GLU E 48 -31.50 3.93 -16.72
N LYS E 49 -31.21 2.89 -17.51
CA LYS E 49 -30.07 2.94 -18.42
C LYS E 49 -30.23 4.04 -19.47
N ASP E 50 -31.46 4.49 -19.70
CA ASP E 50 -31.77 5.51 -20.69
C ASP E 50 -31.58 6.92 -20.15
N PHE E 51 -31.29 7.06 -18.88
CA PHE E 51 -30.99 8.37 -18.32
C PHE E 51 -29.58 8.43 -17.77
N PHE E 52 -29.15 7.39 -17.06
CA PHE E 52 -27.84 7.29 -16.44
C PHE E 52 -27.12 6.10 -17.06
N ASP E 53 -26.24 6.36 -18.02
CA ASP E 53 -25.56 5.30 -18.73
C ASP E 53 -24.86 4.37 -17.75
N PRO E 54 -24.96 3.04 -17.95
CA PRO E 54 -24.35 2.12 -16.98
C PRO E 54 -22.83 2.14 -16.99
N ASP E 55 -22.19 2.33 -18.15
CA ASP E 55 -20.72 2.40 -18.19
C ASP E 55 -20.17 3.76 -17.79
N ASN E 56 -20.99 4.82 -17.85
CA ASN E 56 -20.54 6.14 -17.44
C ASN E 56 -20.35 6.16 -15.93
N LYS E 57 -19.15 6.56 -15.49
CA LYS E 57 -18.78 6.50 -14.09
C LYS E 57 -18.96 7.83 -13.35
N SER E 58 -19.23 8.92 -14.05
CA SER E 58 -19.43 10.19 -13.39
C SER E 58 -20.75 10.17 -12.61
N SER E 59 -21.02 11.26 -11.88
CA SER E 59 -22.17 11.31 -10.98
C SER E 59 -23.46 11.73 -11.67
N PHE E 60 -23.38 12.22 -12.92
CA PHE E 60 -24.55 12.79 -13.58
C PHE E 60 -24.68 12.27 -15.01
N GLY E 61 -23.97 11.19 -15.33
CA GLY E 61 -24.07 10.55 -16.64
C GLY E 61 -23.62 11.39 -17.80
N GLU E 62 -22.75 12.38 -17.56
CA GLU E 62 -22.34 13.32 -18.58
C GLU E 62 -21.08 12.86 -19.31
N ILE E 63 -21.01 13.28 -20.58
CA ILE E 63 -19.87 13.06 -21.46
C ILE E 63 -19.62 14.31 -22.29
N LYS E 64 -18.36 14.57 -22.57
CA LYS E 64 -18.04 15.68 -23.43
C LYS E 64 -18.40 15.33 -24.86
N LEU E 65 -18.83 16.33 -25.61
CA LEU E 65 -19.13 16.10 -27.01
C LEU E 65 -17.83 16.00 -27.79
N ASN E 66 -17.81 15.24 -28.86
CA ASN E 66 -16.62 15.20 -29.69
C ASN E 66 -16.56 16.42 -30.51
N ARG E 67 -15.41 17.09 -30.46
CA ARG E 67 -15.27 18.34 -31.17
C ARG E 67 -15.36 18.23 -32.68
N VAL E 68 -14.82 17.21 -33.30
CA VAL E 68 -14.94 17.17 -34.75
C VAL E 68 -16.37 17.02 -35.27
N GLN E 69 -17.16 16.14 -34.70
CA GLN E 69 -18.58 15.97 -35.06
C GLN E 69 -19.44 17.17 -34.74
N PHE E 70 -19.17 17.78 -33.62
CA PHE E 70 -19.96 18.90 -33.20
C PHE E 70 -19.05 20.06 -32.91
N PRO E 71 -18.51 20.67 -33.96
CA PRO E 71 -17.55 21.76 -33.82
C PRO E 71 -18.02 23.02 -33.12
N CYS E 72 -19.23 23.44 -33.34
CA CYS E 72 -19.71 24.65 -32.76
C CYS E 72 -20.10 24.50 -31.29
N MET E 73 -20.08 23.30 -30.74
CA MET E 73 -20.61 23.09 -29.39
C MET E 73 -19.49 23.18 -28.35
N ARG E 74 -19.03 24.42 -28.15
CA ARG E 74 -17.91 24.74 -27.28
C ARG E 74 -17.82 26.27 -27.11
N LYS E 75 -17.01 26.69 -26.14
CA LYS E 75 -16.60 28.09 -26.10
C LYS E 75 -15.43 28.29 -27.04
N ILE E 76 -15.55 29.27 -27.94
CA ILE E 76 -14.58 29.49 -28.99
C ILE E 76 -13.22 29.88 -28.41
N GLY E 77 -13.10 31.08 -27.83
CA GLY E 77 -11.81 31.52 -27.33
C GLY E 77 -11.18 30.53 -26.37
N LYS E 78 -11.94 30.13 -25.35
CA LYS E 78 -11.42 29.24 -24.32
C LYS E 78 -11.17 27.85 -24.86
N GLY E 79 -11.95 27.42 -25.84
CA GLY E 79 -11.79 26.11 -26.41
C GLY E 79 -12.62 25.00 -25.80
N ASP E 80 -13.25 25.22 -24.64
CA ASP E 80 -13.86 24.12 -23.90
C ASP E 80 -15.16 23.64 -24.57
N VAL E 81 -15.33 22.28 -24.72
CA VAL E 81 -16.46 21.70 -25.44
C VAL E 81 -17.67 21.49 -24.52
N ALA E 82 -18.86 21.51 -25.11
CA ALA E 82 -20.09 21.27 -24.38
C ALA E 82 -20.14 19.84 -23.86
N THR E 83 -20.94 19.65 -22.83
CA THR E 83 -21.15 18.35 -22.23
C THR E 83 -22.64 18.00 -22.30
N VAL E 84 -22.92 16.71 -22.55
CA VAL E 84 -24.30 16.24 -22.70
C VAL E 84 -24.43 14.90 -22.00
N ASN E 85 -25.68 14.52 -21.75
CA ASN E 85 -26.05 13.21 -21.22
C ASN E 85 -25.56 12.09 -22.15
N GLU E 86 -24.76 11.17 -21.63
CA GLU E 86 -24.20 10.13 -22.50
C GLU E 86 -25.28 9.18 -23.04
N ALA E 87 -26.25 8.81 -22.21
CA ALA E 87 -27.30 7.90 -22.67
C ALA E 87 -28.10 8.51 -23.82
N PHE E 88 -28.47 9.78 -23.71
CA PHE E 88 -29.18 10.43 -24.80
C PHE E 88 -28.34 10.46 -26.07
N LEU E 89 -27.04 10.77 -25.93
CA LEU E 89 -26.17 10.88 -27.10
C LEU E 89 -26.01 9.52 -27.77
N LYS E 90 -25.95 8.46 -26.97
CA LYS E 90 -25.86 7.13 -27.54
C LYS E 90 -27.14 6.77 -28.27
N ASN E 91 -28.30 7.13 -27.71
CA ASN E 91 -29.54 6.89 -28.44
C ASN E 91 -29.51 7.58 -29.79
N LEU E 92 -29.13 8.87 -29.81
CA LEU E 92 -29.05 9.60 -31.07
C LEU E 92 -28.09 8.93 -32.05
N GLU E 93 -26.96 8.43 -31.55
CA GLU E 93 -25.99 7.78 -32.43
C GLU E 93 -26.58 6.52 -33.04
N ALA E 94 -27.26 5.70 -32.24
CA ALA E 94 -27.97 4.55 -32.79
C ALA E 94 -28.97 4.98 -33.85
N ILE E 95 -29.55 6.17 -33.72
CA ILE E 95 -30.54 6.58 -34.70
C ILE E 95 -29.89 7.10 -35.99
N ILE E 96 -28.78 7.85 -35.89
CA ILE E 96 -28.13 8.34 -37.11
C ILE E 96 -27.33 7.26 -37.81
N ASP E 97 -27.22 6.08 -37.21
CA ASP E 97 -26.52 4.98 -37.84
C ASP E 97 -27.09 4.70 -39.23
N PRO E 98 -26.23 4.44 -40.23
CA PRO E 98 -26.73 4.14 -41.58
C PRO E 98 -27.63 2.90 -41.66
N ARG E 99 -27.56 1.97 -40.69
CA ARG E 99 -28.51 0.86 -40.69
C ARG E 99 -29.96 1.33 -40.57
N THR E 100 -30.19 2.62 -40.33
CA THR E 100 -31.52 3.19 -40.26
C THR E 100 -31.71 4.15 -41.42
N SER E 101 -32.97 4.39 -41.75
CA SER E 101 -33.27 5.29 -42.87
C SER E 101 -33.21 6.76 -42.48
N PHE E 102 -32.88 7.05 -41.21
CA PHE E 102 -33.03 8.40 -40.67
C PHE E 102 -32.26 9.43 -41.49
N GLN E 103 -30.97 9.20 -41.72
CA GLN E 103 -30.19 10.19 -42.45
C GLN E 103 -30.72 10.34 -43.87
N ALA E 104 -31.02 9.22 -44.54
CA ALA E 104 -31.55 9.30 -45.90
C ALA E 104 -32.88 10.04 -45.93
N SER E 105 -33.73 9.83 -44.92
CA SER E 105 -34.99 10.55 -44.86
C SER E 105 -34.77 12.04 -44.67
N VAL E 106 -33.88 12.41 -43.75
CA VAL E 106 -33.53 13.82 -43.55
C VAL E 106 -33.01 14.43 -44.84
N GLU E 107 -32.14 13.70 -45.54
CA GLU E 107 -31.57 14.25 -46.77
C GLU E 107 -32.63 14.44 -47.84
N MET E 108 -33.60 13.52 -47.94
CA MET E 108 -34.65 13.77 -48.91
CA MET E 108 -34.72 13.69 -48.85
C MET E 108 -35.54 14.93 -48.51
N ALA E 109 -35.80 15.14 -47.22
CA ALA E 109 -36.57 16.32 -46.84
C ALA E 109 -35.81 17.61 -47.17
N VAL E 110 -34.49 17.60 -46.92
CA VAL E 110 -33.65 18.76 -47.25
C VAL E 110 -33.71 19.05 -48.74
N ARG E 111 -33.45 18.02 -49.56
CA ARG E 111 -33.47 18.20 -51.02
C ARG E 111 -34.84 18.68 -51.50
N SER E 112 -35.92 18.16 -50.90
CA SER E 112 -37.28 18.63 -51.19
C SER E 112 -37.58 19.98 -50.55
N ARG E 113 -36.75 20.42 -49.63
CA ARG E 113 -36.76 21.79 -49.13
C ARG E 113 -38.00 22.07 -48.27
N LYS E 114 -38.36 21.08 -47.44
CA LYS E 114 -39.46 21.09 -46.48
C LYS E 114 -38.95 21.49 -45.09
N GLN E 115 -39.86 21.85 -44.19
CA GLN E 115 -39.43 21.99 -42.79
C GLN E 115 -39.31 20.67 -42.08
N ILE E 116 -38.12 20.43 -41.57
CA ILE E 116 -37.83 19.33 -40.67
C ILE E 116 -38.16 19.77 -39.25
N VAL E 117 -38.98 18.98 -38.56
CA VAL E 117 -39.28 19.14 -37.15
C VAL E 117 -38.74 17.93 -36.41
N PHE E 118 -38.12 18.15 -35.27
CA PHE E 118 -37.73 17.09 -34.36
C PHE E 118 -38.56 17.24 -33.09
N THR E 119 -39.20 16.16 -32.66
CA THR E 119 -40.19 16.25 -31.62
C THR E 119 -39.95 15.08 -30.69
N GLY E 120 -40.45 15.20 -29.46
CA GLY E 120 -40.42 14.03 -28.58
C GLY E 120 -41.02 14.33 -27.23
N HIS E 121 -41.61 13.31 -26.60
CA HIS E 121 -42.06 13.37 -25.22
C HIS E 121 -40.96 12.78 -24.33
N SER E 122 -40.76 13.39 -23.16
CA SER E 122 -39.89 12.75 -22.17
C SER E 122 -38.51 12.59 -22.79
N SER E 123 -37.84 11.44 -22.65
CA SER E 123 -36.48 11.32 -23.16
C SER E 123 -36.46 11.42 -24.68
N GLY E 124 -37.55 11.06 -25.36
CA GLY E 124 -37.64 11.30 -26.79
C GLY E 124 -37.39 12.75 -27.12
N GLY E 125 -37.94 13.66 -26.31
CA GLY E 125 -37.65 15.06 -26.48
C GLY E 125 -36.18 15.38 -26.31
N ALA E 126 -35.54 14.77 -25.30
CA ALA E 126 -34.10 14.93 -25.18
C ALA E 126 -33.43 14.53 -26.48
N THR E 127 -33.83 13.38 -27.04
CA THR E 127 -33.18 12.94 -28.27
C THR E 127 -33.42 13.95 -29.39
N ALA E 128 -34.63 14.51 -29.42
CA ALA E 128 -34.91 15.49 -30.46
C ALA E 128 -33.94 16.67 -30.34
N ILE E 129 -33.70 17.13 -29.11
CA ILE E 129 -32.75 18.23 -28.92
C ILE E 129 -31.41 17.88 -29.56
N LEU E 130 -30.89 16.69 -29.25
CA LEU E 130 -29.59 16.35 -29.82
C LEU E 130 -29.71 16.18 -31.33
N ALA E 131 -30.79 15.54 -31.80
CA ALA E 131 -30.97 15.42 -33.24
C ALA E 131 -30.90 16.78 -33.89
N THR E 132 -31.54 17.77 -33.27
CA THR E 132 -31.52 19.11 -33.83
C THR E 132 -30.09 19.60 -34.04
N VAL E 133 -29.25 19.49 -33.00
CA VAL E 133 -27.93 20.06 -33.13
C VAL E 133 -27.14 19.27 -34.17
N TRP E 134 -27.33 17.95 -34.20
CA TRP E 134 -26.68 17.17 -35.24
C TRP E 134 -27.05 17.75 -36.60
N TYR E 135 -28.35 17.97 -36.81
CA TYR E 135 -28.81 18.56 -38.05
C TYR E 135 -28.15 19.92 -38.28
N LEU E 136 -28.21 20.79 -37.26
CA LEU E 136 -27.64 22.12 -37.42
C LEU E 136 -26.17 22.03 -37.81
N GLU E 137 -25.46 21.05 -37.24
CA GLU E 137 -24.04 20.94 -37.54
C GLU E 137 -23.83 20.38 -38.93
N LYS E 138 -24.63 19.38 -39.34
CA LYS E 138 -24.34 18.73 -40.61
C LYS E 138 -25.00 19.43 -41.78
N TYR E 139 -26.12 20.09 -41.56
CA TYR E 139 -26.82 20.68 -42.69
C TYR E 139 -26.95 22.18 -42.61
N PHE E 140 -27.34 22.72 -41.45
CA PHE E 140 -27.72 24.13 -41.42
C PHE E 140 -26.53 25.07 -41.54
N ILE E 141 -25.47 24.85 -40.75
CA ILE E 141 -24.36 25.81 -40.75
C ILE E 141 -23.69 25.81 -42.12
N ARG E 142 -23.82 24.70 -42.84
CA ARG E 142 -23.44 24.64 -44.25
C ARG E 142 -24.62 25.19 -45.06
N ASN E 143 -24.44 26.34 -45.69
CA ASN E 143 -25.50 26.84 -46.56
C ASN E 143 -26.82 27.13 -45.82
N PRO E 144 -26.82 28.00 -44.81
CA PRO E 144 -28.07 28.28 -44.09
C PRO E 144 -29.08 29.07 -44.92
N ASN E 145 -30.34 28.65 -44.85
CA ASN E 145 -31.46 29.19 -45.61
C ASN E 145 -32.69 29.16 -44.71
N VAL E 146 -33.65 30.07 -44.97
CA VAL E 146 -34.90 29.97 -44.23
C VAL E 146 -35.52 28.60 -44.44
N TYR E 147 -35.32 28.01 -45.63
CA TYR E 147 -35.90 26.70 -45.88
C TYR E 147 -35.32 25.63 -44.97
N LEU E 148 -34.04 25.70 -44.58
CA LEU E 148 -33.50 24.63 -43.74
C LEU E 148 -33.54 24.92 -42.25
N GLU E 149 -34.04 26.06 -41.81
CA GLU E 149 -34.20 26.21 -40.37
C GLU E 149 -35.01 25.03 -39.83
N PRO E 150 -34.44 24.22 -38.94
CA PRO E 150 -35.25 23.21 -38.25
C PRO E 150 -36.15 23.84 -37.20
N ARG E 151 -37.01 23.02 -36.63
CA ARG E 151 -37.75 23.38 -35.43
C ARG E 151 -37.69 22.18 -34.50
N CYS E 152 -37.42 22.42 -33.23
CA CYS E 152 -37.34 21.37 -32.23
C CYS E 152 -38.40 21.64 -31.17
N VAL E 153 -39.34 20.71 -31.00
CA VAL E 153 -40.44 20.87 -30.06
C VAL E 153 -40.40 19.68 -29.10
N THR E 154 -40.27 19.95 -27.80
CA THR E 154 -40.23 18.86 -26.83
C THR E 154 -41.32 19.04 -25.78
N PHE E 155 -41.69 17.92 -25.17
CA PHE E 155 -42.72 17.88 -24.15
C PHE E 155 -42.16 17.13 -22.95
N GLY E 156 -42.22 17.76 -21.77
CA GLY E 156 -41.71 17.17 -20.55
C GLY E 156 -40.32 16.55 -20.67
N ALA E 157 -39.46 17.13 -21.51
CA ALA E 157 -38.15 16.55 -21.78
C ALA E 157 -37.22 16.79 -20.58
N PRO E 158 -36.33 15.85 -20.29
CA PRO E 158 -35.29 16.10 -19.29
C PRO E 158 -34.25 17.04 -19.86
N LEU E 159 -33.37 17.53 -18.99
CA LEU E 159 -32.27 18.39 -19.44
C LEU E 159 -31.22 17.53 -20.13
N VAL E 160 -30.44 18.16 -21.03
CA VAL E 160 -29.60 17.48 -22.00
C VAL E 160 -28.15 17.90 -21.91
N GLY E 161 -27.91 19.22 -21.79
CA GLY E 161 -26.59 19.78 -21.95
C GLY E 161 -26.25 20.66 -20.76
N ASP E 162 -24.99 21.09 -20.74
CA ASP E 162 -24.48 21.94 -19.68
C ASP E 162 -24.46 23.39 -20.15
N SER E 163 -23.91 24.27 -19.32
CA SER E 163 -24.00 25.70 -19.63
C SER E 163 -23.22 26.05 -20.90
N ILE E 164 -22.16 25.31 -21.22
CA ILE E 164 -21.47 25.57 -22.48
C ILE E 164 -22.37 25.20 -23.66
N PHE E 165 -23.00 24.01 -23.60
CA PHE E 165 -24.02 23.63 -24.57
C PHE E 165 -25.00 24.77 -24.85
N SER E 166 -25.64 25.27 -23.77
CA SER E 166 -26.57 26.38 -23.91
C SER E 166 -25.90 27.62 -24.52
N HIS E 167 -24.72 27.97 -24.01
CA HIS E 167 -24.00 29.10 -24.53
C HIS E 167 -23.79 28.98 -26.03
N ALA E 168 -23.42 27.79 -26.51
CA ALA E 168 -23.09 27.63 -27.92
C ALA E 168 -24.34 27.73 -28.79
N LEU E 169 -25.47 27.18 -28.30
CA LEU E 169 -26.71 27.43 -29.02
C LEU E 169 -26.97 28.92 -29.12
N GLY E 170 -26.71 29.65 -28.03
CA GLY E 170 -26.92 31.09 -28.07
C GLY E 170 -25.99 31.78 -29.06
N ARG E 171 -24.73 31.36 -29.11
CA ARG E 171 -23.78 32.07 -29.96
C ARG E 171 -24.07 31.80 -31.43
N GLU E 172 -24.50 30.58 -31.76
CA GLU E 172 -24.82 30.26 -33.14
C GLU E 172 -26.14 30.86 -33.58
N LYS E 173 -26.86 31.53 -32.69
CA LYS E 173 -28.23 32.00 -32.95
C LYS E 173 -29.15 30.82 -33.26
N TRP E 174 -28.77 29.64 -32.78
CA TRP E 174 -29.54 28.42 -32.95
C TRP E 174 -30.62 28.24 -31.88
N SER E 175 -30.47 28.86 -30.71
CA SER E 175 -31.38 28.53 -29.61
C SER E 175 -32.83 28.92 -29.91
N ARG E 176 -33.05 29.83 -30.86
CA ARG E 176 -34.41 30.19 -31.27
C ARG E 176 -35.18 28.98 -31.78
N PHE E 177 -34.47 28.01 -32.35
CA PHE E 177 -35.07 26.83 -32.95
C PHE E 177 -35.66 25.85 -31.95
N PHE E 178 -35.46 26.05 -30.65
CA PHE E 178 -35.83 25.06 -29.64
C PHE E 178 -36.97 25.59 -28.77
N VAL E 179 -38.01 24.78 -28.61
CA VAL E 179 -39.14 25.10 -27.76
C VAL E 179 -39.45 23.89 -26.90
N ASN E 180 -39.35 24.06 -25.58
CA ASN E 180 -39.51 22.96 -24.63
C ASN E 180 -40.70 23.30 -23.75
N PHE E 181 -41.75 22.47 -23.85
CA PHE E 181 -42.94 22.61 -23.03
C PHE E 181 -42.74 21.86 -21.72
N VAL E 182 -43.07 22.54 -20.63
CA VAL E 182 -42.86 22.02 -19.30
C VAL E 182 -44.10 22.37 -18.50
N SER E 183 -44.93 21.36 -18.21
CA SER E 183 -46.03 21.53 -17.28
C SER E 183 -45.49 21.77 -15.87
N ARG E 184 -46.13 22.71 -15.15
CA ARG E 184 -45.55 23.28 -13.94
C ARG E 184 -44.84 22.26 -13.03
N PHE E 185 -45.53 21.19 -12.63
CA PHE E 185 -45.01 20.20 -11.68
C PHE E 185 -44.28 19.02 -12.33
N ASP E 186 -44.25 18.92 -13.66
CA ASP E 186 -43.67 17.75 -14.31
C ASP E 186 -42.27 17.46 -13.79
N ILE E 187 -42.09 16.28 -13.21
CA ILE E 187 -40.84 15.98 -12.53
C ILE E 187 -39.69 15.78 -13.52
N VAL E 188 -39.97 15.31 -14.74
CA VAL E 188 -38.90 14.81 -15.60
C VAL E 188 -37.92 15.92 -15.95
N PRO E 189 -38.34 17.14 -16.25
CA PRO E 189 -37.36 18.23 -16.45
C PRO E 189 -36.43 18.45 -15.28
N ARG E 190 -36.82 18.05 -14.06
CA ARG E 190 -35.95 18.25 -12.91
C ARG E 190 -34.99 17.09 -12.65
N ILE E 191 -35.26 15.90 -13.21
CA ILE E 191 -34.58 14.69 -12.71
C ILE E 191 -33.07 14.83 -12.86
N MET E 192 -32.60 15.29 -14.03
CA MET E 192 -31.16 15.32 -14.25
C MET E 192 -30.46 16.40 -13.45
N LEU E 193 -31.20 17.22 -12.71
CA LEU E 193 -30.52 18.09 -11.77
C LEU E 193 -30.09 17.35 -10.50
N ALA E 194 -30.43 16.07 -10.36
CA ALA E 194 -30.04 15.28 -9.20
C ALA E 194 -28.84 14.41 -9.54
N ARG E 195 -28.04 14.11 -8.53
CA ARG E 195 -26.93 13.21 -8.79
C ARG E 195 -27.40 11.77 -8.70
N LYS E 196 -26.79 10.93 -9.55
CA LYS E 196 -27.22 9.54 -9.68
C LYS E 196 -27.44 8.90 -8.32
N ALA E 197 -26.46 9.03 -7.42
CA ALA E 197 -26.51 8.29 -6.17
C ALA E 197 -27.71 8.67 -5.33
N SER E 198 -28.16 9.92 -5.39
CA SER E 198 -29.25 10.27 -4.48
C SER E 198 -30.63 9.88 -5.01
N VAL E 199 -30.74 9.34 -6.23
CA VAL E 199 -32.03 8.89 -6.73
C VAL E 199 -32.03 7.43 -7.17
N GLU E 200 -30.88 6.79 -7.36
CA GLU E 200 -30.87 5.48 -8.02
C GLU E 200 -31.64 4.42 -7.25
N GLU E 201 -31.76 4.56 -5.94
CA GLU E 201 -32.55 3.59 -5.20
C GLU E 201 -34.02 3.64 -5.66
N THR E 202 -34.51 4.82 -5.99
CA THR E 202 -35.92 5.02 -6.21
C THR E 202 -36.26 5.37 -7.65
N LEU E 203 -35.25 5.51 -8.51
CA LEU E 203 -35.50 6.00 -9.87
C LEU E 203 -36.22 4.97 -10.72
N PRO E 204 -35.84 3.69 -10.72
CA PRO E 204 -36.52 2.73 -11.62
C PRO E 204 -38.01 2.59 -11.33
N HIS E 205 -38.42 2.58 -10.07
CA HIS E 205 -39.85 2.54 -9.77
C HIS E 205 -40.55 3.76 -10.33
N VAL E 206 -39.97 4.94 -10.12
CA VAL E 206 -40.60 6.19 -10.56
C VAL E 206 -40.69 6.24 -12.07
N LEU E 207 -39.68 5.71 -12.76
CA LEU E 207 -39.73 5.65 -14.21
C LEU E 207 -40.80 4.67 -14.68
N ALA E 208 -40.92 3.53 -14.00
CA ALA E 208 -42.03 2.62 -14.30
C ALA E 208 -43.37 3.34 -14.15
N GLN E 209 -43.52 4.11 -13.06
CA GLN E 209 -44.73 4.91 -12.86
C GLN E 209 -44.91 5.95 -13.95
N LEU E 210 -43.80 6.50 -14.48
CA LEU E 210 -43.86 7.45 -15.58
C LEU E 210 -44.18 6.79 -16.92
N ASP E 211 -43.77 5.52 -17.09
CA ASP E 211 -44.09 4.75 -18.29
C ASP E 211 -45.61 4.58 -18.42
N PRO E 212 -46.23 5.07 -19.49
CA PRO E 212 -47.68 4.91 -19.62
C PRO E 212 -48.08 3.52 -20.06
N ARG E 213 -47.20 2.79 -20.75
CA ARG E 213 -47.54 1.48 -21.29
C ARG E 213 -47.73 0.45 -20.17
N LYS E 214 -47.00 0.60 -19.07
CA LYS E 214 -47.19 -0.21 -17.86
C LYS E 214 -47.54 0.73 -16.71
N SER E 215 -48.79 0.66 -16.23
CA SER E 215 -49.33 1.66 -15.31
C SER E 215 -49.52 1.07 -13.91
N SER E 216 -48.82 1.66 -12.93
CA SER E 216 -48.93 1.28 -11.51
C SER E 216 -48.80 -0.22 -11.31
N VAL E 217 -47.94 -0.87 -12.12
CA VAL E 217 -47.78 -2.32 -12.07
C VAL E 217 -47.34 -2.77 -10.67
N GLN E 218 -46.36 -2.08 -10.10
CA GLN E 218 -46.07 -2.07 -8.67
C GLN E 218 -46.37 -0.66 -8.16
N GLU E 219 -46.97 -0.54 -6.98
CA GLU E 219 -47.28 0.77 -6.42
C GLU E 219 -46.48 0.98 -5.13
N SER E 220 -45.88 2.16 -5.00
CA SER E 220 -45.12 2.52 -3.79
C SER E 220 -45.21 4.03 -3.60
N GLU E 221 -45.98 4.44 -2.58
CA GLU E 221 -46.08 5.85 -2.24
C GLU E 221 -44.77 6.38 -1.67
N GLN E 222 -44.17 5.63 -0.74
CA GLN E 222 -42.93 6.06 -0.11
C GLN E 222 -41.87 6.35 -1.15
N ARG E 223 -41.74 5.47 -2.14
CA ARG E 223 -40.68 5.63 -3.14
C ARG E 223 -40.88 6.89 -3.96
N ILE E 224 -42.12 7.16 -4.39
CA ILE E 224 -42.38 8.39 -5.14
C ILE E 224 -42.05 9.61 -4.30
N THR E 225 -42.55 9.67 -3.06
CA THR E 225 -42.28 10.86 -2.24
C THR E 225 -40.78 11.02 -2.02
N GLU E 226 -40.11 9.91 -1.68
CA GLU E 226 -38.66 9.84 -1.57
C GLU E 226 -37.99 10.49 -2.76
N PHE E 227 -38.27 9.95 -3.96
CA PHE E 227 -37.67 10.42 -5.19
C PHE E 227 -37.87 11.92 -5.34
N TYR E 228 -39.11 12.38 -5.18
CA TYR E 228 -39.36 13.80 -5.36
C TYR E 228 -38.51 14.62 -4.38
N THR E 229 -38.47 14.21 -3.12
CA THR E 229 -37.72 14.96 -2.12
C THR E 229 -36.24 15.05 -2.50
N ARG E 230 -35.65 13.94 -2.94
CA ARG E 230 -34.22 13.96 -3.23
C ARG E 230 -33.91 14.75 -4.51
N VAL E 231 -34.69 14.55 -5.58
CA VAL E 231 -34.61 15.42 -6.75
C VAL E 231 -34.66 16.90 -6.37
N MET E 232 -35.68 17.29 -5.62
CA MET E 232 -35.81 18.71 -5.36
C MET E 232 -34.72 19.23 -4.43
N ARG E 233 -34.18 18.38 -3.56
CA ARG E 233 -33.12 18.89 -2.69
C ARG E 233 -31.84 19.14 -3.47
N ASP E 234 -31.46 18.19 -4.34
CA ASP E 234 -30.32 18.46 -5.20
C ASP E 234 -30.59 19.64 -6.15
N THR E 235 -31.82 19.77 -6.65
CA THR E 235 -32.16 20.89 -7.52
C THR E 235 -31.95 22.22 -6.78
N SER E 236 -32.46 22.27 -5.56
CA SER E 236 -32.20 23.36 -4.62
C SER E 236 -30.72 23.74 -4.56
N THR E 237 -29.87 22.75 -4.34
CA THR E 237 -28.45 23.03 -4.24
C THR E 237 -27.91 23.67 -5.51
N VAL E 238 -28.26 23.10 -6.66
CA VAL E 238 -27.79 23.68 -7.91
C VAL E 238 -28.29 25.12 -8.04
N ALA E 239 -29.57 25.30 -7.74
CA ALA E 239 -30.21 26.59 -7.96
C ALA E 239 -29.54 27.69 -7.17
N ASN E 240 -29.23 27.46 -5.89
CA ASN E 240 -28.61 28.61 -5.24
C ASN E 240 -27.08 28.57 -5.21
N GLN E 241 -26.44 27.50 -5.66
CA GLN E 241 -25.10 27.70 -6.18
C GLN E 241 -25.14 28.69 -7.34
N ALA E 242 -26.14 28.56 -8.20
CA ALA E 242 -26.25 29.44 -9.37
C ALA E 242 -26.51 30.86 -8.94
N VAL E 243 -27.39 31.05 -7.95
CA VAL E 243 -27.56 32.36 -7.36
C VAL E 243 -26.21 32.94 -6.95
N CYS E 244 -25.44 32.18 -6.16
CA CYS E 244 -24.19 32.76 -5.65
C CYS E 244 -23.18 33.09 -6.76
N GLU E 245 -23.26 32.44 -7.91
CA GLU E 245 -22.27 32.60 -8.97
C GLU E 245 -22.64 33.66 -9.99
N LEU E 246 -23.84 34.24 -9.91
CA LEU E 246 -24.42 34.89 -11.08
C LEU E 246 -23.64 36.11 -11.54
N THR E 247 -22.96 36.83 -10.65
CA THR E 247 -22.33 38.07 -11.08
C THR E 247 -20.83 37.93 -11.34
N GLY E 248 -20.24 36.78 -11.07
CA GLY E 248 -18.79 36.69 -11.14
C GLY E 248 -18.11 37.53 -10.09
N SER E 249 -18.66 37.51 -8.88
CA SER E 249 -18.26 38.38 -7.78
C SER E 249 -17.16 37.73 -6.95
N ALA E 250 -16.96 38.22 -5.73
CA ALA E 250 -16.16 37.52 -4.73
C ALA E 250 -16.90 36.26 -4.28
N GLU E 251 -16.13 35.21 -3.99
CA GLU E 251 -16.76 33.92 -3.66
C GLU E 251 -15.90 33.10 -2.70
N ALA E 252 -15.17 33.74 -1.78
CA ALA E 252 -14.26 33.04 -0.89
C ALA E 252 -14.91 31.82 -0.24
N PHE E 253 -15.97 32.05 0.54
CA PHE E 253 -16.52 30.93 1.29
C PHE E 253 -17.24 29.93 0.40
N LEU E 254 -17.82 30.36 -0.72
CA LEU E 254 -18.42 29.42 -1.65
C LEU E 254 -17.36 28.50 -2.23
N GLU E 255 -16.19 29.07 -2.53
CA GLU E 255 -15.03 28.26 -2.87
C GLU E 255 -14.78 27.22 -1.78
N THR E 256 -14.80 27.66 -0.52
CA THR E 256 -14.56 26.72 0.57
C THR E 256 -15.58 25.57 0.55
N LEU E 257 -16.87 25.90 0.36
CA LEU E 257 -17.91 24.86 0.31
C LEU E 257 -17.69 23.87 -0.83
N SER E 258 -17.17 24.35 -1.95
CA SER E 258 -17.08 23.51 -3.15
C SER E 258 -16.66 22.08 -2.83
N SER E 259 -15.70 21.91 -1.92
CA SER E 259 -15.22 20.56 -1.58
C SER E 259 -16.30 19.66 -1.02
N PHE E 260 -17.42 20.22 -0.54
CA PHE E 260 -18.47 19.43 0.10
C PHE E 260 -19.78 19.47 -0.68
N LEU E 261 -19.73 19.88 -1.95
CA LEU E 261 -20.91 19.90 -2.78
C LEU E 261 -20.54 19.27 -4.11
N GLU E 262 -21.50 18.60 -4.71
CA GLU E 262 -21.29 17.98 -6.02
C GLU E 262 -22.55 18.23 -6.83
N LEU E 263 -22.49 19.19 -7.74
CA LEU E 263 -23.69 19.76 -8.34
C LEU E 263 -23.80 19.37 -9.81
N SER E 264 -25.02 19.07 -10.22
CA SER E 264 -25.28 18.65 -11.59
C SER E 264 -24.86 19.74 -12.57
N PRO E 265 -24.28 19.37 -13.71
CA PRO E 265 -23.90 20.38 -14.71
C PRO E 265 -25.01 20.75 -15.70
N TYR E 266 -26.16 20.08 -15.68
CA TYR E 266 -27.13 20.25 -16.74
C TYR E 266 -27.87 21.58 -16.64
N ARG E 267 -28.20 22.15 -17.79
CA ARG E 267 -28.76 23.49 -17.82
C ARG E 267 -29.83 23.61 -18.88
N PRO E 268 -30.83 24.47 -18.66
CA PRO E 268 -31.85 24.64 -19.70
C PRO E 268 -31.22 25.14 -21.00
N ALA E 269 -31.56 24.46 -22.10
CA ALA E 269 -31.18 24.84 -23.44
C ALA E 269 -32.43 25.12 -24.28
N GLY E 270 -32.46 26.27 -24.94
CA GLY E 270 -33.59 26.62 -25.76
C GLY E 270 -34.63 27.38 -24.97
N THR E 271 -35.68 27.78 -25.68
CA THR E 271 -36.81 28.44 -25.04
C THR E 271 -37.63 27.44 -24.27
N PHE E 272 -38.07 27.82 -23.07
CA PHE E 272 -38.93 26.97 -22.27
C PHE E 272 -40.30 27.62 -22.17
N VAL E 273 -41.36 26.82 -22.32
CA VAL E 273 -42.72 27.33 -22.15
C VAL E 273 -43.36 26.58 -20.98
N PHE E 274 -43.50 27.28 -19.86
CA PHE E 274 -44.14 26.76 -18.68
C PHE E 274 -45.66 26.83 -18.83
N SER E 275 -46.35 25.78 -18.35
CA SER E 275 -47.79 25.61 -18.53
C SER E 275 -48.43 25.37 -17.16
N THR E 276 -49.42 26.21 -16.82
CA THR E 276 -50.33 25.99 -15.70
C THR E 276 -51.77 25.94 -16.24
N GLU E 277 -52.73 25.92 -15.32
CA GLU E 277 -54.13 25.96 -15.74
C GLU E 277 -54.45 27.29 -16.43
N LYS E 278 -53.80 28.37 -16.01
CA LYS E 278 -54.12 29.72 -16.47
C LYS E 278 -53.16 30.27 -17.52
N ARG E 279 -51.89 29.84 -17.54
CA ARG E 279 -50.88 30.55 -18.33
C ARG E 279 -50.03 29.61 -19.16
N LEU E 280 -49.52 30.16 -20.26
CA LEU E 280 -48.34 29.67 -20.97
C LEU E 280 -47.30 30.78 -20.90
N VAL E 281 -46.22 30.54 -20.17
CA VAL E 281 -45.18 31.53 -19.87
C VAL E 281 -43.91 31.16 -20.61
N ALA E 282 -43.45 32.03 -21.49
CA ALA E 282 -42.31 31.74 -22.33
C ALA E 282 -41.07 32.40 -21.76
N VAL E 283 -39.97 31.65 -21.70
CA VAL E 283 -38.73 32.09 -21.07
C VAL E 283 -37.55 31.72 -21.96
N ASN E 284 -36.68 32.70 -22.24
CA ASN E 284 -35.44 32.41 -22.95
C ASN E 284 -34.28 32.20 -22.02
N ASN E 285 -34.22 32.96 -20.93
CA ASN E 285 -33.01 33.04 -20.12
C ASN E 285 -32.82 31.77 -19.30
N SER E 286 -31.72 31.07 -19.55
CA SER E 286 -31.50 29.74 -18.99
C SER E 286 -31.34 29.78 -17.46
N ASP E 287 -30.57 30.73 -16.92
CA ASP E 287 -30.47 30.89 -15.47
C ASP E 287 -31.86 31.05 -14.86
N ALA E 288 -32.69 31.87 -15.49
CA ALA E 288 -34.03 32.11 -14.97
C ALA E 288 -34.85 30.82 -15.02
N ILE E 289 -34.69 30.03 -16.09
CA ILE E 289 -35.40 28.77 -16.21
C ILE E 289 -34.96 27.81 -15.10
N LEU E 290 -33.65 27.74 -14.85
CA LEU E 290 -33.12 26.92 -13.77
C LEU E 290 -33.78 27.25 -12.45
N GLN E 291 -33.73 28.53 -12.06
CA GLN E 291 -34.44 28.93 -10.83
C GLN E 291 -35.91 28.50 -10.87
N MET E 292 -36.59 28.70 -12.00
CA MET E 292 -38.01 28.38 -12.04
C MET E 292 -38.26 26.89 -11.88
N LEU E 293 -37.33 26.06 -12.36
CA LEU E 293 -37.48 24.62 -12.23
C LEU E 293 -37.65 24.21 -10.78
N PHE E 294 -37.01 24.94 -9.88
CA PHE E 294 -37.20 24.74 -8.45
C PHE E 294 -38.45 25.45 -7.94
N TYR E 295 -38.55 26.76 -8.21
CA TYR E 295 -39.55 27.54 -7.50
C TYR E 295 -40.99 27.32 -7.96
N THR E 296 -41.20 26.80 -9.17
CA THR E 296 -42.55 26.43 -9.58
C THR E 296 -42.98 25.04 -9.09
N SER E 297 -42.12 24.31 -8.36
CA SER E 297 -42.52 23.05 -7.73
C SER E 297 -42.42 23.07 -6.21
N GLN E 298 -43.04 24.03 -5.57
CA GLN E 298 -42.99 24.12 -4.14
C GLN E 298 -44.40 24.03 -3.65
N ALA E 299 -44.57 23.70 -2.39
CA ALA E 299 -45.91 23.63 -1.84
C ALA E 299 -46.19 24.55 -0.71
N SER E 300 -47.30 25.27 -0.77
CA SER E 300 -47.75 26.14 0.30
C SER E 300 -48.09 25.43 1.60
N ASP E 301 -48.71 24.26 1.51
CA ASP E 301 -49.18 23.58 2.71
C ASP E 301 -48.72 22.15 2.85
N GLU E 302 -48.73 21.63 4.06
CA GLU E 302 -48.21 20.31 4.28
C GLU E 302 -48.96 19.29 3.51
N GLN E 303 -50.25 19.46 3.45
CA GLN E 303 -51.06 18.52 2.74
C GLN E 303 -50.64 18.55 1.30
N GLU E 304 -50.36 19.72 0.77
CA GLU E 304 -49.94 19.85 -0.61
C GLU E 304 -48.62 19.12 -0.77
N TRP E 305 -47.76 19.21 0.22
CA TRP E 305 -46.50 18.58 0.12
C TRP E 305 -46.69 17.15 -0.03
N SER E 306 -47.65 16.60 0.68
CA SER E 306 -47.93 15.20 0.51
C SER E 306 -48.41 14.91 -0.88
N LEU E 307 -49.09 15.84 -1.52
CA LEU E 307 -49.66 15.53 -2.83
C LEU E 307 -48.81 15.86 -4.07
N ILE E 308 -47.81 16.72 -3.94
CA ILE E 308 -46.97 17.17 -5.08
C ILE E 308 -46.17 16.08 -5.77
N PRO E 309 -45.61 15.14 -5.02
CA PRO E 309 -44.85 14.17 -5.75
C PRO E 309 -45.72 13.42 -6.73
N PHE E 310 -46.92 13.10 -6.32
CA PHE E 310 -47.84 12.44 -7.20
C PHE E 310 -48.24 13.26 -8.40
N ARG E 311 -48.45 14.54 -8.19
CA ARG E 311 -48.76 15.45 -9.29
C ARG E 311 -47.60 15.49 -10.24
N SER E 312 -46.40 15.43 -9.73
CA SER E 312 -45.23 15.51 -10.56
C SER E 312 -45.16 14.39 -11.55
N ILE E 313 -45.55 13.21 -11.16
CA ILE E 313 -45.58 12.11 -12.10
C ILE E 313 -46.73 12.23 -13.07
N ARG E 314 -47.86 12.66 -12.57
CA ARG E 314 -49.01 12.82 -13.43
C ARG E 314 -48.85 13.91 -14.45
N ASP E 315 -48.28 15.01 -14.03
CA ASP E 315 -48.18 16.14 -14.92
C ASP E 315 -47.21 15.85 -16.02
N HIS E 316 -46.41 14.82 -15.86
CA HIS E 316 -45.61 14.44 -17.02
C HIS E 316 -46.50 14.04 -18.20
N HIS E 317 -47.78 13.77 -17.94
CA HIS E 317 -48.74 13.37 -18.96
C HIS E 317 -49.89 14.37 -19.15
N SER E 318 -49.64 15.64 -18.81
CA SER E 318 -50.60 16.72 -19.07
C SER E 318 -50.43 17.36 -20.45
N TYR E 319 -49.57 16.81 -21.29
CA TYR E 319 -49.28 17.52 -22.53
C TYR E 319 -50.44 17.43 -23.52
N GLU E 320 -51.23 16.34 -23.50
CA GLU E 320 -52.48 16.32 -24.24
C GLU E 320 -53.37 17.49 -23.87
N GLU E 321 -53.53 17.74 -22.57
CA GLU E 321 -54.35 18.85 -22.11
C GLU E 321 -53.78 20.19 -22.56
N LEU E 322 -52.46 20.38 -22.40
CA LEU E 322 -51.79 21.57 -22.92
C LEU E 322 -52.14 21.81 -24.39
N VAL E 323 -51.87 20.80 -25.22
CA VAL E 323 -52.06 20.93 -26.67
C VAL E 323 -53.50 21.26 -27.03
N GLN E 324 -54.46 20.76 -26.26
CA GLN E 324 -55.85 21.02 -26.51
C GLN E 324 -56.35 22.21 -25.73
N SER E 325 -55.46 22.97 -25.10
CA SER E 325 -55.84 24.05 -24.21
C SER E 325 -55.23 25.40 -24.59
N MET E 326 -54.43 25.47 -25.66
CA MET E 326 -53.60 26.66 -25.89
C MET E 326 -54.42 27.91 -26.09
N GLY E 327 -55.61 27.80 -26.72
CA GLY E 327 -56.44 28.97 -26.92
C GLY E 327 -57.06 29.49 -25.65
N LYS E 328 -57.10 28.67 -24.61
CA LYS E 328 -57.78 29.02 -23.38
C LYS E 328 -56.81 29.44 -22.29
N LYS E 329 -55.56 29.72 -22.65
CA LYS E 329 -54.56 30.09 -21.67
C LYS E 329 -54.03 31.49 -21.97
N LEU E 330 -53.40 32.07 -20.98
CA LEU E 330 -53.02 33.47 -21.02
C LEU E 330 -51.51 33.52 -21.29
N PHE E 331 -51.12 33.94 -22.50
CA PHE E 331 -49.73 33.81 -22.96
C PHE E 331 -48.90 35.04 -22.71
N ASN E 332 -47.68 34.85 -22.24
CA ASN E 332 -46.80 35.99 -22.05
C ASN E 332 -45.34 35.54 -22.13
N HIS E 333 -44.45 36.52 -22.08
CA HIS E 333 -43.02 36.34 -22.29
C HIS E 333 -42.30 36.90 -21.06
N LEU E 334 -41.78 36.00 -20.21
CA LEU E 334 -41.13 36.46 -18.99
C LEU E 334 -40.02 37.47 -19.29
N ASP E 335 -39.15 37.13 -20.24
CA ASP E 335 -37.97 37.93 -20.48
C ASP E 335 -38.33 39.36 -20.83
N GLY E 336 -39.52 39.57 -21.41
CA GLY E 336 -39.90 40.85 -21.97
C GLY E 336 -40.85 41.75 -21.20
N GLU E 337 -41.40 41.32 -20.06
CA GLU E 337 -42.33 42.14 -19.30
C GLU E 337 -41.61 42.84 -18.15
N ASN E 338 -41.84 44.15 -18.01
CA ASN E 338 -41.14 44.89 -16.97
C ASN E 338 -41.70 44.64 -15.58
N SER E 339 -42.78 43.87 -15.44
CA SER E 339 -43.19 43.34 -14.15
C SER E 339 -43.49 41.87 -14.33
N ILE E 340 -42.67 41.02 -13.69
CA ILE E 340 -42.90 39.58 -13.70
C ILE E 340 -43.68 39.09 -12.50
N GLU E 341 -44.11 39.98 -11.61
CA GLU E 341 -44.63 39.55 -10.32
C GLU E 341 -45.87 38.66 -10.44
N SER E 342 -46.88 39.07 -11.21
CA SER E 342 -48.07 38.22 -11.15
C SER E 342 -47.87 36.94 -11.94
N THR E 343 -47.16 36.99 -13.09
CA THR E 343 -46.99 35.76 -13.84
C THR E 343 -46.31 34.71 -12.97
N LEU E 344 -45.22 35.09 -12.30
CA LEU E 344 -44.55 34.13 -11.44
C LEU E 344 -45.41 33.78 -10.23
N ASN E 345 -46.19 34.69 -9.70
CA ASN E 345 -47.04 34.34 -8.58
C ASN E 345 -48.04 33.31 -9.00
N ASP E 346 -48.51 33.38 -10.22
CA ASP E 346 -49.42 32.40 -10.76
C ASP E 346 -48.74 31.05 -10.82
N LEU E 347 -47.45 31.02 -11.09
CA LEU E 347 -46.70 29.78 -11.17
C LEU E 347 -46.26 29.31 -9.79
N GLY E 348 -46.60 30.04 -8.74
CA GLY E 348 -46.29 29.66 -7.39
C GLY E 348 -44.96 30.03 -6.84
N VAL E 349 -44.24 30.81 -7.59
CA VAL E 349 -42.97 31.25 -7.14
C VAL E 349 -43.04 32.16 -5.95
N SER E 350 -42.13 31.97 -5.03
CA SER E 350 -42.02 32.75 -3.83
C SER E 350 -41.45 34.09 -4.12
N THR E 351 -41.59 35.00 -3.18
CA THR E 351 -41.09 36.31 -3.41
C THR E 351 -39.60 36.23 -3.62
N ARG E 352 -38.92 35.42 -2.84
CA ARG E 352 -37.48 35.24 -3.01
C ARG E 352 -37.15 34.64 -4.31
N GLY E 353 -37.96 33.69 -4.72
CA GLY E 353 -37.71 33.03 -5.95
C GLY E 353 -37.82 34.05 -7.01
N ARG E 354 -38.80 34.91 -6.88
CA ARG E 354 -39.00 35.92 -7.87
C ARG E 354 -37.75 36.72 -7.91
N GLN E 355 -37.24 37.05 -6.74
CA GLN E 355 -36.04 37.87 -6.72
C GLN E 355 -34.86 37.18 -7.38
N TYR E 356 -34.76 35.86 -7.22
CA TYR E 356 -33.69 35.10 -7.87
C TYR E 356 -33.88 35.08 -9.37
N VAL E 357 -35.09 34.76 -9.84
CA VAL E 357 -35.36 34.79 -11.28
C VAL E 357 -35.07 36.18 -11.83
N GLN E 358 -35.60 37.20 -11.17
CA GLN E 358 -35.34 38.57 -11.54
C GLN E 358 -33.86 38.84 -11.66
N ALA E 359 -33.06 38.32 -10.72
CA ALA E 359 -31.62 38.58 -10.76
C ALA E 359 -30.98 37.89 -11.96
N ALA E 360 -31.48 36.71 -12.34
CA ALA E 360 -30.99 36.07 -13.55
C ALA E 360 -31.26 36.92 -14.79
N LEU E 361 -32.49 37.42 -14.90
CA LEU E 361 -32.85 38.27 -16.03
C LEU E 361 -32.01 39.55 -16.05
N GLU E 362 -31.90 40.19 -14.88
CA GLU E 362 -31.04 41.36 -14.75
C GLU E 362 -29.64 41.05 -15.24
N GLU E 363 -29.15 39.85 -14.94
CA GLU E 363 -27.77 39.53 -15.31
C GLU E 363 -27.62 39.55 -16.82
N GLU E 364 -28.60 39.01 -17.54
CA GLU E 364 -28.54 39.15 -19.00
C GLU E 364 -28.51 40.62 -19.42
N LYS E 365 -29.36 41.44 -18.81
CA LYS E 365 -29.32 42.87 -19.14
C LYS E 365 -27.94 43.47 -18.87
N LYS E 366 -27.26 42.99 -17.84
CA LYS E 366 -25.98 43.62 -17.54
C LYS E 366 -24.90 43.15 -18.50
N ARG E 367 -24.99 41.90 -18.96
CA ARG E 367 -24.06 41.48 -20.01
C ARG E 367 -24.27 42.32 -21.28
N VAL E 368 -25.54 42.65 -21.59
CA VAL E 368 -25.82 43.48 -22.76
C VAL E 368 -25.22 44.87 -22.59
N GLU E 369 -25.38 45.47 -21.40
CA GLU E 369 -24.76 46.77 -21.16
C GLU E 369 -23.23 46.71 -21.27
N ASN E 370 -22.61 45.62 -20.79
CA ASN E 370 -21.17 45.46 -20.99
C ASN E 370 -20.82 45.48 -22.47
N GLN E 371 -21.59 44.75 -23.27
CA GLN E 371 -21.33 44.74 -24.72
C GLN E 371 -21.40 46.14 -25.29
N LYS E 372 -22.40 46.92 -24.86
CA LYS E 372 -22.53 48.26 -25.41
C LYS E 372 -21.36 49.15 -25.01
N LYS E 373 -20.93 49.06 -23.74
CA LYS E 373 -19.76 49.83 -23.33
C LYS E 373 -18.52 49.48 -24.14
N ILE E 374 -18.31 48.18 -24.41
CA ILE E 374 -17.17 47.78 -25.23
C ILE E 374 -17.29 48.35 -26.64
N ILE E 375 -18.49 48.37 -27.19
CA ILE E 375 -18.68 48.86 -28.52
C ILE E 375 -18.33 50.32 -28.58
N GLN E 376 -18.71 51.03 -27.56
CA GLN E 376 -18.42 52.42 -27.56
C GLN E 376 -16.92 52.73 -27.57
N VAL E 377 -16.13 52.00 -26.78
CA VAL E 377 -14.71 52.23 -26.81
C VAL E 377 -14.07 51.90 -28.15
N ILE E 378 -14.46 50.80 -28.76
CA ILE E 378 -13.92 50.42 -30.06
C ILE E 378 -14.28 51.38 -31.15
N GLU E 379 -15.48 51.91 -31.10
CA GLU E 379 -15.95 52.87 -32.08
C GLU E 379 -15.19 54.19 -32.03
N GLN E 380 -14.70 54.57 -30.87
CA GLN E 380 -14.03 55.83 -30.73
C GLN E 380 -12.82 56.02 -31.59
N GLU E 381 -12.66 57.22 -32.11
CA GLU E 381 -11.55 57.54 -32.97
C GLU E 381 -10.24 57.40 -32.27
N ARG E 382 -10.19 57.80 -31.04
CA ARG E 382 -8.96 57.77 -30.34
C ARG E 382 -8.44 56.37 -30.26
N PHE E 383 -9.29 55.37 -30.01
CA PHE E 383 -8.84 54.00 -30.08
C PHE E 383 -8.42 53.64 -31.46
N LEU E 384 -9.22 54.04 -32.42
CA LEU E 384 -8.97 53.73 -33.80
C LEU E 384 -7.70 54.33 -34.34
N LYS E 385 -7.43 55.54 -33.97
CA LYS E 385 -6.28 56.20 -34.52
C LYS E 385 -5.05 55.42 -34.15
N LYS E 386 -5.00 54.82 -32.98
CA LYS E 386 -3.81 54.14 -32.62
C LYS E 386 -3.52 53.02 -33.59
N LEU E 387 -4.51 52.27 -33.97
CA LEU E 387 -4.31 51.27 -34.97
C LEU E 387 -3.93 51.88 -36.30
N ALA E 388 -4.58 52.96 -36.63
CA ALA E 388 -4.30 53.67 -37.87
C ALA E 388 -2.90 54.20 -37.94
N TRP E 389 -2.40 54.74 -36.84
CA TRP E 389 -1.07 55.22 -36.82
C TRP E 389 -0.13 54.10 -36.97
N ILE E 390 -0.42 52.97 -36.35
CA ILE E 390 0.50 51.86 -36.58
C ILE E 390 0.49 51.47 -38.05
N GLU E 391 -0.65 51.65 -38.71
CA GLU E 391 -0.82 51.10 -40.04
C GLU E 391 -0.45 52.06 -41.16
N ASP E 392 -0.69 53.36 -40.98
CA ASP E 392 -0.50 54.38 -42.00
C ASP E 392 0.77 55.18 -41.83
N GLU E 393 1.33 55.23 -40.62
CA GLU E 393 2.52 56.01 -40.33
C GLU E 393 3.68 55.13 -39.91
N TYR E 394 3.53 54.36 -38.84
CA TYR E 394 4.67 53.58 -38.35
C TYR E 394 5.15 52.60 -39.40
N LYS E 395 4.25 51.77 -39.93
CA LYS E 395 4.68 50.77 -40.91
C LYS E 395 5.29 51.39 -42.16
N PRO E 396 4.65 52.37 -42.82
CA PRO E 396 5.31 53.01 -43.96
C PRO E 396 6.67 53.56 -43.61
N LYS E 397 6.76 54.37 -42.56
CA LYS E 397 8.05 55.01 -42.28
C LYS E 397 9.11 53.95 -41.91
N CYS E 398 8.72 52.84 -41.27
CA CYS E 398 9.70 51.78 -41.00
C CYS E 398 10.07 51.04 -42.27
N GLN E 399 9.17 50.97 -43.23
CA GLN E 399 9.49 50.35 -44.52
C GLN E 399 10.49 51.21 -45.29
N ALA E 400 10.34 52.54 -45.22
CA ALA E 400 11.32 53.42 -45.84
C ALA E 400 12.74 53.13 -45.35
N HIS E 401 12.91 52.95 -44.04
CA HIS E 401 14.24 52.64 -43.51
C HIS E 401 14.75 51.26 -43.91
N LYS E 402 13.95 50.48 -44.64
CA LYS E 402 14.36 49.21 -45.26
C LYS E 402 14.56 48.06 -44.28
N ASN E 403 14.09 48.18 -43.03
CA ASN E 403 14.12 47.05 -42.12
C ASN E 403 12.74 46.58 -41.66
N GLY E 404 11.70 47.40 -41.85
CA GLY E 404 10.36 47.01 -41.47
C GLY E 404 10.05 47.28 -40.01
N TYR E 405 8.75 47.34 -39.72
CA TYR E 405 8.33 47.78 -38.40
C TYR E 405 8.67 46.76 -37.34
N TYR E 406 8.70 45.47 -37.67
CA TYR E 406 9.10 44.48 -36.70
C TYR E 406 10.52 44.76 -36.18
N ASP E 407 11.53 44.73 -37.08
CA ASP E 407 12.91 44.96 -36.62
C ASP E 407 13.10 46.39 -36.13
N SER E 408 12.43 47.36 -36.75
CA SER E 408 12.48 48.72 -36.26
C SER E 408 12.08 48.76 -34.79
N PHE E 409 10.89 48.23 -34.45
CA PHE E 409 10.45 48.16 -33.06
C PHE E 409 11.48 47.46 -32.21
N LYS E 410 12.01 46.35 -32.71
CA LYS E 410 13.02 45.58 -32.00
C LYS E 410 14.30 46.39 -31.77
N VAL E 411 14.64 47.29 -32.69
CA VAL E 411 15.73 48.26 -32.51
C VAL E 411 15.04 49.57 -32.17
N SER E 412 14.87 49.87 -30.89
CA SER E 412 14.03 51.03 -30.60
C SER E 412 14.93 52.26 -30.49
N ASN E 413 15.31 52.80 -31.67
CA ASN E 413 16.15 53.99 -31.80
C ASN E 413 15.35 55.28 -31.61
N GLU E 414 14.24 55.38 -32.31
CA GLU E 414 13.55 56.64 -32.50
C GLU E 414 12.39 56.78 -31.52
N GLU E 415 11.96 58.02 -31.32
CA GLU E 415 10.74 58.27 -30.56
C GLU E 415 9.55 57.51 -31.12
N ASN E 416 9.49 57.32 -32.45
CA ASN E 416 8.35 56.63 -33.02
C ASN E 416 8.23 55.21 -32.46
N ASP E 417 9.37 54.55 -32.25
CA ASP E 417 9.35 53.23 -31.64
C ASP E 417 8.74 53.28 -30.24
N PHE E 418 9.17 54.26 -29.43
CA PHE E 418 8.57 54.42 -28.12
C PHE E 418 7.07 54.59 -28.25
N LYS E 419 6.64 55.42 -29.21
CA LYS E 419 5.22 55.67 -29.38
C LYS E 419 4.48 54.39 -29.73
N ALA E 420 5.09 53.58 -30.59
CA ALA E 420 4.47 52.32 -30.98
C ALA E 420 4.34 51.41 -29.77
N ASN E 421 5.37 51.37 -28.92
CA ASN E 421 5.30 50.52 -27.74
C ASN E 421 4.19 50.99 -26.81
N VAL E 422 4.08 52.30 -26.62
CA VAL E 422 3.03 52.81 -25.74
C VAL E 422 1.66 52.47 -26.31
N LYS E 423 1.46 52.66 -27.62
CA LYS E 423 0.19 52.32 -28.23
C LYS E 423 -0.09 50.82 -28.15
N ARG E 424 0.96 50.00 -28.26
CA ARG E 424 0.84 48.56 -28.11
C ARG E 424 0.34 48.21 -26.72
N ALA E 425 0.97 48.75 -25.69
CA ALA E 425 0.50 48.53 -24.33
C ALA E 425 -0.95 49.00 -24.19
N GLU E 426 -1.29 50.13 -24.79
CA GLU E 426 -2.64 50.66 -24.58
C GLU E 426 -3.68 49.75 -25.20
N LEU E 427 -3.37 49.20 -26.37
CA LEU E 427 -4.33 48.34 -27.05
C LEU E 427 -4.43 47.00 -26.32
N ALA E 428 -3.29 46.48 -25.87
CA ALA E 428 -3.30 45.33 -25.00
C ALA E 428 -4.28 45.55 -23.86
N GLY E 429 -4.23 46.73 -23.22
CA GLY E 429 -5.14 47.00 -22.14
C GLY E 429 -6.60 46.86 -22.54
N VAL E 430 -6.98 47.51 -23.64
CA VAL E 430 -8.36 47.41 -24.12
C VAL E 430 -8.77 45.94 -24.30
N PHE E 431 -7.99 45.21 -25.08
CA PHE E 431 -8.40 43.86 -25.44
C PHE E 431 -8.32 42.91 -24.26
N ASP E 432 -7.38 43.14 -23.33
CA ASP E 432 -7.35 42.36 -22.10
C ASP E 432 -8.60 42.61 -21.29
N GLU E 433 -9.16 43.82 -21.34
CA GLU E 433 -10.38 44.05 -20.58
C GLU E 433 -11.55 43.28 -21.19
N VAL E 434 -11.70 43.37 -22.52
CA VAL E 434 -12.71 42.54 -23.18
C VAL E 434 -12.52 41.07 -22.78
N LEU E 435 -11.28 40.60 -22.83
CA LEU E 435 -11.03 39.18 -22.56
C LEU E 435 -11.40 38.85 -21.12
N GLY E 436 -11.14 39.76 -20.20
CA GLY E 436 -11.53 39.52 -18.83
C GLY E 436 -13.02 39.28 -18.71
N LEU E 437 -13.80 40.06 -19.46
CA LEU E 437 -15.25 39.88 -19.41
C LEU E 437 -15.67 38.55 -20.06
N MET E 438 -15.13 38.24 -21.25
CA MET E 438 -15.46 36.96 -21.88
C MET E 438 -15.15 35.77 -20.96
N LYS E 439 -13.95 35.75 -20.36
CA LYS E 439 -13.59 34.65 -19.46
C LYS E 439 -14.66 34.45 -18.38
N LYS E 440 -15.10 35.55 -17.75
CA LYS E 440 -16.14 35.45 -16.73
C LYS E 440 -17.56 35.32 -17.31
N CYS E 441 -17.72 35.21 -18.63
CA CYS E 441 -19.04 35.06 -19.24
C CYS E 441 -19.96 36.25 -18.94
N GLN E 442 -19.43 37.46 -18.90
CA GLN E 442 -20.22 38.66 -18.65
C GLN E 442 -20.47 39.49 -19.90
N LEU E 443 -20.33 38.86 -21.07
CA LEU E 443 -20.82 39.38 -22.34
C LEU E 443 -21.86 38.41 -22.88
N PRO E 444 -22.78 38.87 -23.72
CA PRO E 444 -23.82 37.96 -24.22
C PRO E 444 -23.19 36.81 -25.00
N ASP E 445 -23.92 35.70 -25.05
CA ASP E 445 -23.46 34.53 -25.77
C ASP E 445 -23.04 34.85 -27.20
N GLU E 446 -23.63 35.82 -27.85
CA GLU E 446 -23.33 36.05 -29.25
C GLU E 446 -22.08 36.87 -29.60
N PHE E 447 -21.38 37.41 -28.64
CA PHE E 447 -20.25 38.30 -28.90
C PHE E 447 -19.05 37.73 -29.66
N GLU E 448 -18.65 36.52 -29.36
CA GLU E 448 -17.53 35.89 -30.05
C GLU E 448 -17.95 35.76 -31.49
N GLY E 449 -19.20 35.50 -31.73
CA GLY E 449 -19.77 35.48 -33.05
C GLY E 449 -19.77 36.75 -33.84
N ASP E 450 -19.85 37.88 -33.20
CA ASP E 450 -19.96 39.15 -33.90
C ASP E 450 -18.86 39.45 -34.89
N ILE E 451 -19.25 39.70 -36.14
CA ILE E 451 -18.30 40.02 -37.19
C ILE E 451 -17.55 41.30 -36.97
N ASP E 452 -18.22 42.31 -36.48
CA ASP E 452 -17.58 43.56 -36.27
C ASP E 452 -16.51 43.36 -35.26
N TRP E 453 -16.76 42.55 -34.26
CA TRP E 453 -15.71 42.19 -33.34
C TRP E 453 -14.63 41.34 -33.92
N ILE E 454 -15.00 40.36 -34.70
CA ILE E 454 -13.99 39.45 -35.19
C ILE E 454 -13.05 40.20 -36.07
N LYS E 455 -13.58 41.05 -36.88
CA LYS E 455 -12.77 41.83 -37.75
C LYS E 455 -11.84 42.81 -37.07
N LEU E 456 -12.31 43.49 -36.05
CA LEU E 456 -11.43 44.37 -35.38
C LEU E 456 -10.33 43.63 -34.74
N ALA E 457 -10.66 42.54 -34.11
CA ALA E 457 -9.68 41.74 -33.45
C ALA E 457 -8.72 41.16 -34.42
N THR E 458 -9.25 40.73 -35.54
CA THR E 458 -8.41 40.16 -36.52
C THR E 458 -7.46 41.21 -37.02
N ARG E 459 -7.95 42.40 -37.22
CA ARG E 459 -7.10 43.47 -37.68
C ARG E 459 -6.09 43.74 -36.62
N TYR E 460 -6.56 43.82 -35.40
CA TYR E 460 -5.66 44.08 -34.28
C TYR E 460 -4.61 42.98 -34.14
N ARG E 461 -5.03 41.71 -34.17
CA ARG E 461 -4.07 40.65 -34.08
C ARG E 461 -3.01 40.76 -35.16
N ARG E 462 -3.45 40.89 -36.43
CA ARG E 462 -2.49 40.92 -37.53
C ARG E 462 -1.56 42.12 -37.41
N LEU E 463 -2.07 43.25 -36.93
CA LEU E 463 -1.27 44.45 -36.92
C LEU E 463 -0.31 44.50 -35.74
N VAL E 464 -0.71 44.00 -34.57
CA VAL E 464 0.01 44.26 -33.33
C VAL E 464 0.67 43.00 -32.73
N GLU E 465 0.12 41.81 -32.94
CA GLU E 465 0.79 40.66 -32.33
C GLU E 465 2.26 40.62 -32.74
N PRO E 466 2.61 41.01 -33.98
CA PRO E 466 4.03 41.06 -34.32
C PRO E 466 4.80 42.01 -33.45
N LEU E 467 4.18 43.11 -33.02
CA LEU E 467 4.87 44.05 -32.14
C LEU E 467 4.99 43.49 -30.72
N ASP E 468 4.01 42.70 -30.27
CA ASP E 468 4.19 42.03 -28.99
C ASP E 468 5.27 40.96 -29.05
N ILE E 469 5.49 40.37 -30.23
CA ILE E 469 6.58 39.40 -30.37
C ILE E 469 7.92 40.12 -30.40
N ALA E 470 8.04 41.12 -31.26
CA ALA E 470 9.17 42.05 -31.20
C ALA E 470 9.47 42.42 -29.76
N ASN E 471 8.43 42.77 -29.00
CA ASN E 471 8.68 43.26 -27.64
C ASN E 471 9.26 42.15 -26.78
N TYR E 472 8.63 40.98 -26.85
CA TYR E 472 9.09 39.82 -26.08
C TYR E 472 10.58 39.56 -26.33
N HIS E 473 11.01 39.61 -27.60
CA HIS E 473 12.38 39.21 -27.88
C HIS E 473 13.41 40.33 -27.69
N ARG E 474 13.11 41.56 -28.14
CA ARG E 474 14.09 42.63 -28.07
C ARG E 474 14.70 42.75 -26.67
N HIS E 475 13.89 42.53 -25.64
CA HIS E 475 14.29 42.64 -24.24
C HIS E 475 14.53 41.28 -23.58
N LEU E 476 14.69 40.21 -24.37
CA LEU E 476 15.12 38.91 -23.88
C LEU E 476 14.11 38.22 -22.96
N LYS E 477 12.81 38.52 -23.11
CA LYS E 477 11.85 37.82 -22.27
C LYS E 477 11.86 36.32 -22.56
N ASN E 478 12.12 35.95 -23.82
CA ASN E 478 12.18 34.53 -24.16
C ASN E 478 13.20 33.78 -23.31
N GLU E 479 14.34 34.42 -22.98
CA GLU E 479 15.32 33.75 -22.12
C GLU E 479 14.94 33.77 -20.65
N ASP E 480 13.87 34.49 -20.27
CA ASP E 480 13.37 34.42 -18.90
C ASP E 480 12.26 33.39 -18.75
N THR E 481 11.32 33.40 -19.67
CA THR E 481 10.14 32.58 -19.55
C THR E 481 9.84 31.74 -20.76
N GLY E 482 10.86 31.46 -21.52
CA GLY E 482 10.69 30.61 -22.65
C GLY E 482 10.23 31.17 -23.95
N PRO E 483 10.00 30.30 -24.89
CA PRO E 483 9.54 30.72 -26.20
C PRO E 483 8.16 31.35 -26.20
N TYR E 484 7.90 32.32 -27.00
CA TYR E 484 6.65 33.03 -26.89
C TYR E 484 5.49 32.12 -27.07
N MET E 485 5.57 31.15 -27.96
CA MET E 485 4.40 30.33 -28.24
C MET E 485 3.95 29.41 -27.13
N LYS E 486 4.74 29.20 -26.12
CA LYS E 486 4.24 28.45 -24.97
C LYS E 486 3.76 29.24 -23.72
N ARG E 487 4.52 30.18 -23.20
CA ARG E 487 4.15 30.87 -21.94
C ARG E 487 4.04 32.34 -22.17
N GLY E 488 4.63 32.82 -23.25
CA GLY E 488 4.48 34.17 -23.65
C GLY E 488 3.26 34.73 -24.29
N ARG E 489 2.66 33.95 -25.17
CA ARG E 489 1.59 34.55 -25.95
C ARG E 489 0.42 34.97 -25.15
N PRO E 490 0.00 36.17 -25.45
CA PRO E 490 -1.19 36.67 -24.81
C PRO E 490 -2.43 35.92 -25.26
N THR E 491 -3.32 35.66 -24.33
CA THR E 491 -4.50 34.93 -24.62
C THR E 491 -5.48 35.73 -25.45
N ARG E 492 -5.38 37.04 -25.38
CA ARG E 492 -6.27 37.82 -26.23
C ARG E 492 -6.05 37.49 -27.68
N TYR E 493 -4.80 37.15 -28.04
CA TYR E 493 -4.49 36.80 -29.43
C TYR E 493 -5.03 35.43 -29.78
N ILE E 494 -4.94 34.48 -28.83
CA ILE E 494 -5.53 33.17 -29.04
C ILE E 494 -7.05 33.27 -29.26
N TYR E 495 -7.72 34.05 -28.41
CA TYR E 495 -9.15 34.25 -28.60
C TYR E 495 -9.42 34.85 -29.97
N ALA E 496 -8.71 35.91 -30.34
CA ALA E 496 -8.91 36.53 -31.65
C ALA E 496 -8.73 35.51 -32.78
N GLN E 497 -7.64 34.74 -32.72
CA GLN E 497 -7.41 33.72 -33.72
C GLN E 497 -8.57 32.75 -33.79
N ARG E 498 -9.00 32.24 -32.64
CA ARG E 498 -10.02 31.21 -32.63
C ARG E 498 -11.35 31.76 -33.14
N GLY E 499 -11.69 32.99 -32.78
CA GLY E 499 -12.89 33.60 -33.34
C GLY E 499 -12.84 33.68 -34.85
N TYR E 500 -11.70 34.17 -35.37
CA TYR E 500 -11.55 34.28 -36.81
C TYR E 500 -11.67 32.91 -37.48
N GLU E 501 -10.92 31.94 -36.98
CA GLU E 501 -10.88 30.61 -37.59
C GLU E 501 -12.28 30.01 -37.62
N HIS E 502 -13.01 30.11 -36.50
CA HIS E 502 -14.37 29.59 -36.46
C HIS E 502 -15.26 30.27 -37.50
N TYR E 503 -15.24 31.59 -37.56
CA TYR E 503 -16.09 32.30 -38.51
C TYR E 503 -15.77 31.90 -39.96
N ILE E 504 -14.49 31.70 -40.28
CA ILE E 504 -14.13 31.38 -41.67
C ILE E 504 -14.40 29.92 -41.97
N LEU E 505 -14.19 29.02 -41.02
CA LEU E 505 -14.17 27.60 -41.27
C LEU E 505 -15.50 26.88 -41.01
N LYS E 506 -16.40 27.45 -40.21
CA LYS E 506 -17.56 26.66 -39.84
C LYS E 506 -18.47 26.36 -41.04
N PRO E 507 -18.66 27.27 -41.99
CA PRO E 507 -19.55 26.94 -43.12
C PRO E 507 -19.14 25.68 -43.86
N ASN E 508 -17.89 25.23 -43.71
CA ASN E 508 -17.43 24.03 -44.40
C ASN E 508 -16.98 22.92 -43.46
N GLY E 509 -17.30 22.99 -42.17
CA GLY E 509 -17.30 21.86 -41.26
C GLY E 509 -15.96 21.31 -40.81
N MET E 510 -14.85 21.76 -41.38
CA MET E 510 -13.57 21.41 -40.77
C MET E 510 -13.22 22.37 -39.62
N ILE E 511 -12.28 21.91 -38.80
CA ILE E 511 -11.73 22.70 -37.70
C ILE E 511 -10.29 23.08 -38.06
N ALA E 512 -9.85 24.23 -37.53
CA ALA E 512 -8.53 24.74 -37.87
C ALA E 512 -7.41 23.69 -37.71
N GLU E 513 -7.42 22.93 -36.61
CA GLU E 513 -6.32 21.98 -36.39
C GLU E 513 -6.21 20.99 -37.54
N ASP E 514 -7.34 20.41 -37.94
CA ASP E 514 -7.32 19.44 -39.02
C ASP E 514 -6.87 20.09 -40.34
N VAL E 515 -7.31 21.34 -40.58
CA VAL E 515 -6.85 22.07 -41.76
C VAL E 515 -5.34 22.22 -41.75
N PHE E 516 -4.75 22.49 -40.61
CA PHE E 516 -3.30 22.71 -40.53
C PHE E 516 -2.53 21.46 -40.80
N TRP E 517 -2.93 20.40 -40.16
CA TRP E 517 -2.25 19.15 -40.30
C TRP E 517 -2.33 18.65 -41.72
N ASN E 518 -3.46 18.83 -42.35
CA ASN E 518 -3.58 18.44 -43.73
C ASN E 518 -2.62 19.19 -44.66
N LYS E 519 -2.44 20.48 -44.47
CA LYS E 519 -1.46 21.19 -45.27
C LYS E 519 -0.05 20.68 -45.01
N VAL E 520 0.26 20.40 -43.77
CA VAL E 520 1.58 19.95 -43.44
C VAL E 520 1.89 18.64 -44.10
N ASN E 521 0.94 17.73 -44.10
CA ASN E 521 1.11 16.46 -44.75
C ASN E 521 1.28 16.66 -46.20
N GLY E 522 0.51 17.60 -46.73
CA GLY E 522 0.58 17.89 -48.15
C GLY E 522 1.91 18.41 -48.58
N LEU E 523 2.51 19.28 -47.78
CA LEU E 523 3.83 19.69 -48.11
C LEU E 523 4.42 18.36 -47.93
N ASN E 524 5.28 17.96 -48.80
CA ASN E 524 5.69 16.60 -48.60
C ASN E 524 6.92 16.65 -47.79
N LEU E 525 6.82 16.04 -46.64
CA LEU E 525 7.90 16.13 -45.74
C LEU E 525 8.23 14.79 -45.19
N GLY E 526 9.48 14.60 -44.87
CA GLY E 526 9.96 13.34 -44.36
C GLY E 526 9.59 12.61 -43.09
N LEU E 527 9.42 13.29 -41.97
CA LEU E 527 9.24 12.54 -40.71
C LEU E 527 7.89 11.98 -40.25
N GLN E 528 7.35 11.00 -40.97
CA GLN E 528 6.16 10.30 -40.52
C GLN E 528 4.97 11.16 -40.21
N LEU E 529 4.30 10.88 -39.10
CA LEU E 529 3.20 11.72 -38.65
C LEU E 529 3.37 12.20 -37.23
N GLU E 530 3.49 11.27 -36.31
CA GLU E 530 3.66 11.62 -34.91
C GLU E 530 4.94 12.37 -34.71
N GLU E 531 5.98 11.95 -35.41
CA GLU E 531 7.24 12.60 -35.28
C GLU E 531 7.06 14.02 -35.74
N ILE E 532 6.32 14.23 -36.82
CA ILE E 532 6.20 15.57 -37.32
C ILE E 532 5.55 16.37 -36.26
N GLN E 533 4.56 15.77 -35.64
CA GLN E 533 3.81 16.51 -34.65
C GLN E 533 4.63 16.93 -33.43
N GLU E 534 5.50 16.07 -32.93
CA GLU E 534 6.31 16.47 -31.82
C GLU E 534 7.20 17.58 -32.24
N THR E 535 7.75 17.46 -33.43
CA THR E 535 8.62 18.49 -33.94
C THR E 535 7.90 19.79 -34.16
N LEU E 536 6.67 19.74 -34.64
CA LEU E 536 5.94 20.96 -34.95
C LEU E 536 5.05 21.40 -33.84
N LYS E 537 5.26 20.87 -32.66
CA LYS E 537 4.49 21.33 -31.50
C LYS E 537 4.89 22.71 -31.05
N ASN E 538 3.90 23.49 -30.64
CA ASN E 538 4.16 24.83 -30.17
C ASN E 538 4.91 25.69 -31.17
N SER E 539 4.54 25.62 -32.43
CA SER E 539 5.29 26.34 -33.45
C SER E 539 4.84 27.72 -33.85
N GLY E 540 3.59 27.97 -33.84
CA GLY E 540 3.21 29.23 -34.41
C GLY E 540 3.29 29.29 -35.92
N SER E 541 3.36 28.16 -36.56
CA SER E 541 3.23 28.14 -37.99
C SER E 541 1.74 27.93 -38.11
N GLU E 542 1.08 27.67 -36.99
CA GLU E 542 -0.37 27.59 -36.94
C GLU E 542 -1.06 28.94 -37.23
N CYS E 543 -0.52 30.04 -36.74
CA CYS E 543 -1.08 31.36 -36.98
C CYS E 543 -0.11 32.33 -37.62
N GLY E 544 -0.58 33.09 -38.59
CA GLY E 544 0.23 34.07 -39.28
C GLY E 544 0.77 35.16 -38.40
N SER E 545 0.00 35.61 -37.45
CA SER E 545 0.38 36.63 -36.52
C SER E 545 1.57 36.14 -35.70
N CYS E 546 1.73 34.84 -35.57
CA CYS E 546 2.81 34.24 -34.77
C CYS E 546 4.09 33.90 -35.57
N PHE E 547 4.19 34.36 -36.79
CA PHE E 547 5.33 34.06 -37.67
C PHE E 547 6.69 34.49 -37.19
N TRP E 548 6.79 35.67 -36.64
CA TRP E 548 8.02 36.18 -36.11
C TRP E 548 8.55 35.35 -35.00
N ALA E 549 7.67 34.86 -34.17
CA ALA E 549 8.07 34.02 -33.09
C ALA E 549 8.73 32.79 -33.59
N GLU E 550 8.19 32.24 -34.64
CA GLU E 550 8.78 31.07 -35.20
C GLU E 550 10.11 31.46 -35.75
N VAL E 551 10.13 32.59 -36.43
CA VAL E 551 11.42 33.04 -36.95
C VAL E 551 12.42 33.18 -35.81
N GLU E 552 12.00 33.78 -34.71
CA GLU E 552 12.95 33.98 -33.61
C GLU E 552 13.41 32.64 -33.05
N GLU E 553 12.56 31.61 -33.09
CA GLU E 553 12.95 30.31 -32.56
C GLU E 553 13.82 29.52 -33.54
N LEU E 554 13.85 29.92 -34.82
CA LEU E 554 14.59 29.14 -35.80
C LEU E 554 15.94 29.74 -36.14
N LYS E 555 16.11 31.05 -36.03
CA LYS E 555 17.29 31.71 -36.57
C LYS E 555 18.54 31.32 -35.80
N GLY E 556 19.63 31.09 -36.53
CA GLY E 556 20.85 30.68 -35.88
C GLY E 556 20.79 29.32 -35.23
N LYS E 557 19.88 28.45 -35.68
CA LYS E 557 19.87 27.03 -35.38
C LYS E 557 20.41 26.26 -36.59
N PRO E 558 21.06 25.12 -36.37
CA PRO E 558 21.59 24.37 -37.51
C PRO E 558 20.47 23.86 -38.40
N TYR E 559 20.53 24.20 -39.69
CA TYR E 559 19.52 23.79 -40.64
C TYR E 559 19.03 22.38 -40.37
N GLU E 560 19.96 21.49 -40.06
CA GLU E 560 19.63 20.10 -39.73
C GLU E 560 18.41 20.01 -38.81
N GLU E 561 18.47 20.69 -37.66
CA GLU E 561 17.50 20.49 -36.59
C GLU E 561 16.19 21.23 -36.80
N VAL E 562 16.11 22.13 -37.78
CA VAL E 562 14.95 22.98 -37.97
C VAL E 562 14.41 22.90 -39.39
N GLU E 563 14.90 21.96 -40.19
CA GLU E 563 14.51 21.90 -41.59
C GLU E 563 13.01 21.68 -41.75
N VAL E 564 12.46 20.75 -40.98
CA VAL E 564 11.01 20.53 -41.01
C VAL E 564 10.28 21.85 -40.81
N ARG E 565 10.65 22.61 -39.77
CA ARG E 565 9.93 23.83 -39.44
C ARG E 565 10.17 24.94 -40.47
N VAL E 566 11.36 24.97 -41.06
CA VAL E 566 11.65 25.98 -42.09
C VAL E 566 10.76 25.74 -43.30
N LYS E 567 10.79 24.50 -43.84
CA LYS E 567 9.87 24.17 -44.93
C LYS E 567 8.41 24.35 -44.52
N THR E 568 8.04 24.03 -43.28
CA THR E 568 6.65 24.27 -42.88
C THR E 568 6.29 25.76 -42.96
N LEU E 569 7.19 26.61 -42.47
CA LEU E 569 6.91 28.03 -42.43
C LEU E 569 6.80 28.58 -43.85
N GLU E 570 7.74 28.20 -44.72
CA GLU E 570 7.64 28.65 -46.11
C GLU E 570 6.40 28.09 -46.78
N GLY E 571 5.93 26.92 -46.35
CA GLY E 571 4.72 26.36 -46.92
C GLY E 571 3.49 27.15 -46.53
N MET E 572 3.44 27.64 -45.29
CA MET E 572 2.28 28.42 -44.83
C MET E 572 2.29 29.85 -45.37
N LEU E 573 3.49 30.35 -45.71
CA LEU E 573 3.66 31.78 -45.92
C LEU E 573 2.87 32.31 -47.13
N GLY E 574 2.70 31.51 -48.18
CA GLY E 574 1.99 32.00 -49.36
C GLY E 574 0.55 32.35 -49.05
N GLU E 575 -0.17 31.43 -48.41
CA GLU E 575 -1.55 31.73 -48.05
C GLU E 575 -1.62 32.79 -46.97
N TRP E 576 -0.67 32.81 -46.03
CA TRP E 576 -0.64 33.91 -45.08
C TRP E 576 -0.64 35.27 -45.80
N ILE E 577 0.22 35.41 -46.80
CA ILE E 577 0.27 36.68 -47.51
C ILE E 577 -1.03 36.91 -48.27
N THR E 578 -1.56 35.86 -48.91
CA THR E 578 -2.81 36.00 -49.64
C THR E 578 -3.92 36.54 -48.75
N ASP E 579 -4.13 35.90 -47.60
CA ASP E 579 -5.22 36.28 -46.71
C ASP E 579 -4.95 37.55 -45.93
N GLY E 580 -3.70 38.02 -45.91
CA GLY E 580 -3.36 39.21 -45.15
C GLY E 580 -2.87 38.97 -43.76
N GLU E 581 -2.49 37.74 -43.42
CA GLU E 581 -1.92 37.51 -42.10
C GLU E 581 -0.52 38.11 -42.00
N VAL E 582 0.27 38.02 -43.07
CA VAL E 582 1.61 38.57 -43.11
C VAL E 582 1.68 39.62 -44.21
N ASP E 583 2.42 40.68 -43.94
CA ASP E 583 2.61 41.78 -44.88
C ASP E 583 3.83 41.49 -45.76
N ASP E 584 3.60 41.28 -47.06
CA ASP E 584 4.72 40.95 -47.95
C ASP E 584 5.63 42.15 -48.20
N LYS E 585 5.17 43.37 -47.93
CA LYS E 585 5.98 44.57 -47.99
C LYS E 585 6.85 44.76 -46.74
N GLU E 586 6.83 43.79 -45.83
CA GLU E 586 7.52 43.90 -44.55
C GLU E 586 8.64 42.88 -44.42
N ILE E 587 8.35 41.59 -44.59
CA ILE E 587 9.26 40.54 -44.11
C ILE E 587 10.42 40.24 -45.06
N PHE E 588 10.47 40.87 -46.21
CA PHE E 588 11.55 40.62 -47.15
C PHE E 588 12.55 41.75 -47.27
N LEU E 589 12.25 42.93 -46.69
CA LEU E 589 13.16 44.06 -46.76
C LEU E 589 14.58 43.67 -46.36
N GLU E 590 15.57 44.42 -46.86
CA GLU E 590 16.98 44.11 -46.60
C GLU E 590 17.27 44.04 -45.11
N GLY E 591 16.69 44.94 -44.32
CA GLY E 591 16.93 44.95 -42.90
C GLY E 591 16.10 43.96 -42.11
N SER E 592 15.08 43.37 -42.73
CA SER E 592 14.22 42.41 -42.06
C SER E 592 15.01 41.25 -41.46
N THR E 593 14.59 40.79 -40.28
CA THR E 593 15.29 39.71 -39.62
C THR E 593 15.08 38.39 -40.36
N PHE E 594 13.87 38.18 -40.88
CA PHE E 594 13.60 36.95 -41.60
C PHE E 594 14.48 36.84 -42.85
N ARG E 595 14.62 37.93 -43.61
CA ARG E 595 15.33 37.90 -44.89
C ARG E 595 16.81 37.61 -44.64
N LYS E 596 17.37 38.33 -43.68
CA LYS E 596 18.77 38.21 -43.33
C LYS E 596 19.08 36.81 -42.81
N TRP E 597 18.15 36.21 -42.08
CA TRP E 597 18.37 34.83 -41.64
C TRP E 597 18.22 33.86 -42.80
N TRP E 598 17.25 34.13 -43.69
CA TRP E 598 16.91 33.18 -44.74
C TRP E 598 18.05 33.01 -45.71
N ILE E 599 18.79 34.09 -45.96
CA ILE E 599 19.95 33.98 -46.87
C ILE E 599 21.09 33.21 -46.22
N THR E 600 21.03 32.97 -44.91
CA THR E 600 22.00 32.07 -44.27
C THR E 600 21.78 30.62 -44.65
N LEU E 601 20.56 30.24 -44.98
CA LEU E 601 20.24 28.84 -45.21
C LEU E 601 21.19 28.23 -46.24
N PRO E 602 21.62 26.96 -46.04
CA PRO E 602 22.31 26.23 -47.13
C PRO E 602 21.69 26.46 -48.48
N LYS E 603 22.57 26.49 -49.51
CA LYS E 603 22.22 27.06 -50.82
C LYS E 603 21.22 26.21 -51.57
N ASN E 604 21.27 24.89 -51.41
CA ASN E 604 20.37 24.05 -52.18
C ASN E 604 18.98 24.02 -51.54
N HIS E 605 18.83 24.61 -50.35
CA HIS E 605 17.51 24.93 -49.82
C HIS E 605 16.94 26.18 -50.48
N LYS E 606 17.68 27.29 -50.40
CA LYS E 606 17.21 28.52 -51.02
C LYS E 606 16.90 28.30 -52.49
N SER E 607 17.73 27.52 -53.18
CA SER E 607 17.45 27.16 -54.54
C SER E 607 16.03 26.62 -54.69
N HIS E 608 15.58 25.75 -53.78
CA HIS E 608 14.31 25.18 -54.26
C HIS E 608 13.27 25.46 -53.18
N SER E 609 12.97 26.73 -52.97
CA SER E 609 12.04 27.30 -52.01
C SER E 609 11.02 28.16 -52.72
N PRO E 610 9.75 28.13 -52.30
CA PRO E 610 8.74 28.99 -52.93
C PRO E 610 9.02 30.45 -52.72
N LEU E 611 10.01 30.79 -51.91
CA LEU E 611 10.37 32.16 -51.61
C LEU E 611 11.59 32.63 -52.41
N ARG E 612 12.05 31.82 -53.37
CA ARG E 612 13.35 32.08 -53.99
C ARG E 612 13.38 33.42 -54.73
N ASP E 613 12.31 33.76 -55.44
CA ASP E 613 12.29 35.01 -56.21
C ASP E 613 12.18 36.22 -55.29
N TYR E 614 11.61 36.05 -54.10
CA TYR E 614 11.28 37.19 -53.24
C TYR E 614 12.52 37.95 -52.78
N MET E 615 13.55 37.23 -52.35
CA MET E 615 14.63 37.84 -51.58
C MET E 615 15.95 37.81 -52.34
N MET E 616 16.71 38.90 -52.17
CA MET E 616 17.94 39.12 -52.91
C MET E 616 19.13 38.62 -52.09
N ASP E 617 19.99 37.84 -52.71
CA ASP E 617 21.08 37.18 -51.99
C ASP E 617 22.43 37.88 -52.25
N ASN F 2 19.74 77.50 -45.27
CA ASN F 2 18.59 76.84 -45.88
C ASN F 2 17.94 77.75 -46.93
N SER F 3 17.09 77.15 -47.76
CA SER F 3 16.23 77.92 -48.67
C SER F 3 15.20 78.76 -47.92
N ASN F 4 15.08 78.58 -46.60
CA ASN F 4 14.09 79.33 -45.84
C ASN F 4 14.63 79.93 -44.54
N SER F 5 15.93 79.81 -44.25
CA SER F 5 16.51 80.63 -43.19
C SER F 5 16.50 82.08 -43.67
N ILE F 6 17.28 82.36 -44.72
CA ILE F 6 17.35 83.70 -45.28
C ILE F 6 15.97 84.21 -45.65
N GLN F 7 15.18 83.39 -46.36
CA GLN F 7 13.97 83.89 -46.99
C GLN F 7 12.83 84.06 -45.99
N SER F 8 12.61 83.08 -45.12
CA SER F 8 11.52 83.23 -44.14
C SER F 8 11.83 84.38 -43.17
N PHE F 9 13.10 84.72 -42.97
CA PHE F 9 13.47 85.94 -42.26
C PHE F 9 13.14 87.17 -43.08
N ASP F 10 13.51 87.15 -44.37
CA ASP F 10 13.41 88.36 -45.18
C ASP F 10 11.96 88.81 -45.40
N ALA F 11 10.99 87.90 -45.30
CA ALA F 11 9.58 88.24 -45.44
C ALA F 11 8.88 88.49 -44.11
N LEU F 12 9.54 88.23 -42.99
CA LEU F 12 8.90 88.30 -41.69
C LEU F 12 8.35 89.70 -41.42
N PRO F 13 7.13 89.82 -40.89
CA PRO F 13 6.67 91.12 -40.37
C PRO F 13 7.60 91.63 -39.27
N HIS F 14 7.41 92.91 -38.92
CA HIS F 14 8.32 93.58 -38.00
C HIS F 14 8.35 92.90 -36.62
N ASN F 15 7.16 92.67 -36.04
CA ASN F 15 7.06 91.96 -34.77
C ASN F 15 7.86 90.65 -34.78
N LEU F 16 7.57 89.79 -35.78
CA LEU F 16 8.19 88.47 -35.82
C LEU F 16 9.68 88.60 -36.01
N ARG F 17 10.13 89.59 -36.78
CA ARG F 17 11.55 89.76 -37.01
C ARG F 17 12.26 90.12 -35.71
N GLU F 18 11.66 91.03 -34.93
CA GLU F 18 12.27 91.44 -33.67
C GLU F 18 12.25 90.30 -32.65
N CYS F 19 11.15 89.54 -32.60
CA CYS F 19 11.11 88.36 -31.74
C CYS F 19 12.16 87.34 -32.13
N PHE F 20 12.34 87.10 -33.44
CA PHE F 20 13.37 86.17 -33.87
C PHE F 20 14.73 86.64 -33.43
N LEU F 21 14.99 87.95 -33.56
CA LEU F 21 16.30 88.46 -33.15
C LEU F 21 16.50 88.32 -31.66
N ASP F 22 15.41 88.43 -30.88
CA ASP F 22 15.52 88.24 -29.43
C ASP F 22 16.20 86.92 -29.08
N MET F 23 15.96 85.89 -29.91
CA MET F 23 16.47 84.54 -29.62
C MET F 23 17.99 84.49 -29.57
N ALA F 24 18.69 85.55 -30.01
CA ALA F 24 20.13 85.52 -29.94
C ALA F 24 20.64 85.59 -28.52
N SER F 25 19.78 85.92 -27.56
CA SER F 25 20.20 85.98 -26.17
C SER F 25 20.20 84.61 -25.50
N PHE F 26 19.84 83.54 -26.18
CA PHE F 26 19.89 82.23 -25.57
C PHE F 26 21.09 81.45 -26.10
N LEU F 27 21.54 80.49 -25.29
CA LEU F 27 22.70 79.69 -25.59
C LEU F 27 22.37 78.63 -26.64
N GLU F 28 23.43 78.00 -27.16
CA GLU F 28 23.31 76.97 -28.17
C GLU F 28 22.54 75.79 -27.62
N ASP F 29 21.52 75.36 -28.35
CA ASP F 29 20.66 74.24 -27.95
C ASP F 29 20.12 74.40 -26.53
N GLN F 30 19.99 75.64 -26.05
CA GLN F 30 19.31 75.85 -24.78
C GLN F 30 17.88 75.31 -24.85
N ARG F 31 17.45 74.68 -23.76
CA ARG F 31 16.06 74.21 -23.62
C ARG F 31 15.28 75.31 -22.92
N ILE F 32 14.51 76.06 -23.69
CA ILE F 32 13.89 77.28 -23.21
C ILE F 32 12.53 76.85 -22.68
N ILE F 33 12.26 77.04 -21.39
CA ILE F 33 10.88 76.92 -20.93
C ILE F 33 10.10 78.12 -21.46
N ALA F 34 8.99 77.86 -22.14
CA ALA F 34 8.38 78.93 -22.91
C ALA F 34 8.04 80.12 -22.02
N SER F 35 7.79 79.87 -20.73
CA SER F 35 7.60 80.98 -19.80
C SER F 35 8.72 82.01 -19.94
N THR F 36 9.93 81.59 -20.17
CA THR F 36 11.02 82.51 -20.26
C THR F 36 10.78 83.50 -21.40
N ILE F 37 10.51 83.00 -22.58
CA ILE F 37 10.28 83.83 -23.72
C ILE F 37 9.07 84.73 -23.56
N ILE F 38 8.00 84.22 -22.99
CA ILE F 38 6.81 84.99 -22.78
C ILE F 38 7.01 86.15 -21.82
N ASP F 39 7.74 85.94 -20.76
CA ASP F 39 8.07 87.02 -19.86
C ASP F 39 8.90 88.03 -20.59
N LEU F 40 9.81 87.56 -21.40
CA LEU F 40 10.66 88.44 -22.15
C LEU F 40 9.88 89.28 -23.11
N TRP F 41 8.89 88.71 -23.74
CA TRP F 41 8.10 89.42 -24.73
C TRP F 41 6.96 90.17 -24.14
N SER F 42 6.75 90.04 -22.84
CA SER F 42 5.73 90.77 -22.15
C SER F 42 6.07 92.22 -22.27
N ALA F 43 7.34 92.50 -22.19
CA ALA F 43 7.69 93.87 -22.19
C ALA F 43 7.34 94.69 -23.40
N SER F 44 7.58 94.17 -24.58
CA SER F 44 7.29 94.90 -25.79
C SER F 44 6.00 94.55 -26.46
N TYR F 45 5.58 93.31 -26.36
CA TYR F 45 4.38 92.89 -27.06
C TYR F 45 3.56 92.15 -26.09
N GLY F 46 3.04 92.83 -25.09
CA GLY F 46 2.38 92.15 -24.01
C GLY F 46 1.17 91.32 -24.30
N LYS F 47 1.08 90.18 -23.66
CA LYS F 47 -0.07 89.32 -23.79
C LYS F 47 -0.30 88.97 -25.22
N GLU F 48 0.78 88.80 -25.95
CA GLU F 48 0.67 88.38 -27.30
C GLU F 48 1.96 87.69 -27.56
N GLY F 49 2.71 87.44 -26.50
CA GLY F 49 3.91 86.67 -26.75
C GLY F 49 3.64 85.29 -27.31
N MET F 50 2.63 84.61 -26.76
CA MET F 50 2.40 83.23 -27.18
C MET F 50 2.03 83.15 -28.66
N ASN F 51 1.21 84.08 -29.15
CA ASN F 51 0.96 84.15 -30.59
C ASN F 51 2.27 84.25 -31.37
N ASN F 52 3.20 85.08 -30.90
CA ASN F 52 4.47 85.22 -31.62
C ASN F 52 5.28 83.92 -31.61
N LEU F 53 5.34 83.22 -30.46
CA LEU F 53 6.01 81.92 -30.46
C LEU F 53 5.37 80.97 -31.46
N GLN F 54 4.03 80.83 -31.39
CA GLN F 54 3.32 79.93 -32.31
C GLN F 54 3.64 80.27 -33.76
N ASP F 55 3.69 81.57 -34.05
CA ASP F 55 3.85 82.03 -35.42
C ASP F 55 5.27 81.80 -35.93
N LEU F 56 6.27 82.01 -35.07
CA LEU F 56 7.64 81.65 -35.45
C LEU F 56 7.82 80.15 -35.53
N ALA F 57 7.02 79.38 -34.80
CA ALA F 57 7.09 77.93 -34.90
C ALA F 57 6.56 77.45 -36.25
N SER F 58 5.40 77.96 -36.66
CA SER F 58 4.85 77.61 -37.97
C SER F 58 5.74 78.07 -39.13
N ARG F 59 6.55 79.12 -38.95
CA ARG F 59 7.50 79.50 -39.98
C ARG F 59 8.82 78.75 -39.90
N ASN F 60 8.92 77.77 -39.00
CA ASN F 60 10.11 76.94 -38.90
C ASN F 60 11.32 77.74 -38.44
N LEU F 61 11.08 78.83 -37.71
CA LEU F 61 12.17 79.61 -37.15
C LEU F 61 12.48 79.23 -35.71
N LEU F 62 11.66 78.36 -35.12
CA LEU F 62 11.97 77.69 -33.85
C LEU F 62 10.97 76.55 -33.65
N LYS F 63 11.15 75.81 -32.56
CA LYS F 63 10.52 74.51 -32.43
C LYS F 63 9.82 74.48 -31.09
N LEU F 64 8.57 74.02 -31.05
CA LEU F 64 7.81 73.89 -29.81
C LEU F 64 7.63 72.42 -29.43
N LEU F 65 7.73 72.11 -28.14
CA LEU F 65 7.72 70.72 -27.67
C LEU F 65 6.96 70.65 -26.35
N PRO F 66 5.70 70.22 -26.38
CA PRO F 66 4.94 70.10 -25.14
C PRO F 66 5.50 69.00 -24.24
N ILE F 67 5.57 69.30 -22.95
CA ILE F 67 6.11 68.38 -21.96
C ILE F 67 5.05 68.18 -20.88
N GLY F 68 3.79 68.27 -21.29
CA GLY F 68 2.70 68.14 -20.35
C GLY F 68 1.42 68.59 -21.01
N ARG F 69 0.41 68.75 -20.19
CA ARG F 69 -0.89 69.14 -20.72
C ARG F 69 -0.81 70.32 -21.63
N ASN F 70 -0.01 71.32 -21.24
CA ASN F 70 0.20 72.47 -22.12
C ASN F 70 -1.05 73.23 -22.57
N GLU F 71 -1.98 73.48 -21.66
CA GLU F 71 -3.08 74.30 -22.08
C GLU F 71 -2.61 75.71 -21.87
N TYR F 72 -2.40 76.41 -22.97
CA TYR F 72 -1.95 77.79 -22.93
C TYR F 72 -2.96 78.66 -22.27
N GLU F 73 -4.23 78.35 -22.44
CA GLU F 73 -5.28 79.28 -22.09
C GLU F 73 -5.34 79.76 -20.67
N ASP F 74 -5.09 78.92 -19.71
CA ASP F 74 -5.07 79.47 -18.38
C ASP F 74 -3.86 80.40 -18.11
N GLY F 75 -2.98 80.60 -19.08
CA GLY F 75 -1.80 81.39 -18.84
C GLY F 75 -0.61 80.63 -18.27
N PHE F 76 -0.63 79.30 -18.29
CA PHE F 76 0.47 78.51 -17.76
C PHE F 76 1.27 77.94 -18.93
N TYR F 77 2.55 78.33 -18.98
CA TYR F 77 3.45 78.04 -20.08
C TYR F 77 4.68 77.28 -19.62
N ASN F 78 4.68 76.77 -18.38
CA ASN F 78 5.70 75.86 -17.89
C ASN F 78 5.69 74.50 -18.55
N GLU F 79 4.67 74.18 -19.35
CA GLU F 79 4.58 72.82 -19.89
C GLU F 79 4.85 72.78 -21.39
N LEU F 80 5.51 73.81 -21.90
CA LEU F 80 5.87 73.88 -23.29
C LEU F 80 7.33 74.27 -23.37
N LEU F 81 8.09 73.58 -24.21
CA LEU F 81 9.51 73.81 -24.40
C LEU F 81 9.79 74.45 -25.75
N VAL F 82 10.83 75.25 -25.80
CA VAL F 82 11.20 75.98 -27.00
C VAL F 82 12.66 75.69 -27.32
N LYS F 83 12.91 75.29 -28.56
CA LYS F 83 14.28 75.09 -28.98
C LYS F 83 14.49 75.76 -30.32
N GLN F 84 15.75 76.10 -30.58
CA GLN F 84 16.08 76.74 -31.84
C GLN F 84 17.35 76.12 -32.40
N ASP F 85 17.26 75.65 -33.63
CA ASP F 85 18.42 75.23 -34.39
C ASP F 85 19.57 76.22 -34.21
N ASN F 86 20.75 75.72 -33.86
CA ASN F 86 21.84 76.63 -33.58
C ASN F 86 22.25 77.47 -34.79
N VAL F 87 21.82 77.11 -36.00
CA VAL F 87 22.26 77.88 -37.16
C VAL F 87 21.36 79.08 -37.36
N LEU F 88 20.05 78.90 -37.15
CA LEU F 88 19.16 80.04 -37.06
C LEU F 88 19.57 80.95 -35.91
N ARG F 89 19.99 80.38 -34.79
CA ARG F 89 20.40 81.19 -33.65
C ARG F 89 21.70 81.95 -33.94
N GLU F 90 22.65 81.33 -34.65
CA GLU F 90 23.87 82.06 -35.02
C GLU F 90 23.59 83.11 -36.11
N PHE F 91 22.66 82.81 -37.02
CA PHE F 91 22.18 83.85 -37.93
C PHE F 91 21.63 85.04 -37.17
N ALA F 92 20.86 84.76 -36.11
CA ALA F 92 20.28 85.83 -35.31
C ALA F 92 21.37 86.61 -34.58
N ILE F 93 22.39 85.91 -34.09
CA ILE F 93 23.49 86.58 -33.41
C ILE F 93 24.17 87.56 -34.34
N ASN F 94 24.35 87.16 -35.60
CA ASN F 94 25.10 88.05 -36.48
C ASN F 94 24.23 89.15 -37.07
N GLN F 95 22.92 88.93 -37.21
CA GLN F 95 22.05 90.08 -37.46
C GLN F 95 22.11 91.08 -36.29
N CYS F 96 22.15 90.59 -35.05
CA CYS F 96 22.26 91.50 -33.92
C CYS F 96 23.57 92.27 -33.98
N LEU F 97 24.65 91.61 -34.42
CA LEU F 97 25.92 92.32 -34.56
C LEU F 97 25.88 93.33 -35.70
N LYS F 98 25.14 93.04 -36.76
CA LYS F 98 25.16 93.90 -37.94
C LYS F 98 24.18 95.07 -37.82
N GLU F 99 23.23 95.03 -36.88
CA GLU F 99 22.35 96.18 -36.70
C GLU F 99 23.12 97.46 -36.38
N SER F 100 24.28 97.37 -35.70
CA SER F 100 25.19 98.51 -35.79
C SER F 100 26.61 98.01 -35.58
N SER F 101 27.56 98.76 -36.13
CA SER F 101 28.96 98.37 -35.98
C SER F 101 29.56 98.82 -34.66
N SER F 102 28.93 99.76 -33.96
CA SER F 102 29.42 100.10 -32.62
C SER F 102 28.75 99.22 -31.57
N ILE F 103 29.58 98.64 -30.71
CA ILE F 103 29.09 97.93 -29.54
C ILE F 103 28.20 98.85 -28.70
N PHE F 104 28.58 100.12 -28.54
CA PHE F 104 27.85 100.95 -27.60
C PHE F 104 26.55 101.49 -28.17
N GLU F 105 26.28 101.31 -29.46
CA GLU F 105 25.00 101.73 -30.01
C GLU F 105 24.08 100.57 -30.37
N ARG F 106 24.50 99.34 -30.17
CA ARG F 106 23.69 98.20 -30.59
C ARG F 106 22.42 97.96 -29.80
N LYS F 107 21.30 97.75 -30.49
CA LYS F 107 20.03 97.50 -29.84
C LYS F 107 20.02 96.22 -29.03
N ARG F 108 20.62 95.19 -29.58
CA ARG F 108 20.72 93.97 -28.88
C ARG F 108 22.17 93.68 -28.68
N LEU F 109 22.57 93.57 -27.44
CA LEU F 109 23.93 93.33 -27.13
C LEU F 109 24.07 92.06 -26.36
N ASN F 110 24.93 91.19 -26.85
CA ASN F 110 25.15 89.96 -26.19
C ASN F 110 26.60 89.93 -25.75
N LEU F 111 26.83 89.69 -24.49
CA LEU F 111 28.18 89.73 -23.95
C LEU F 111 28.62 88.41 -23.38
N GLU F 112 29.80 87.97 -23.77
CA GLU F 112 30.32 86.70 -23.33
C GLU F 112 31.61 86.88 -22.59
N ILE F 113 31.72 86.29 -21.42
CA ILE F 113 32.90 86.44 -20.63
C ILE F 113 33.40 85.08 -20.22
N GLN F 114 34.56 84.71 -20.73
CA GLN F 114 35.13 83.41 -20.45
C GLN F 114 36.44 83.52 -19.74
N ASP F 115 36.60 82.77 -18.68
CA ASP F 115 37.82 82.76 -17.89
C ASP F 115 38.17 84.11 -17.37
N ASN F 116 37.15 84.86 -17.01
CA ASN F 116 37.32 86.18 -16.43
C ASN F 116 38.06 87.13 -17.35
N LYS F 117 37.88 86.95 -18.63
CA LYS F 117 38.47 87.86 -19.54
C LYS F 117 37.38 88.66 -20.12
N PHE F 118 37.36 89.92 -19.74
CA PHE F 118 36.39 90.80 -20.25
C PHE F 118 36.77 91.31 -21.61
N PRO F 119 35.76 91.65 -22.38
CA PRO F 119 36.01 92.22 -23.69
C PRO F 119 36.60 93.63 -23.52
N ASN F 120 37.32 94.11 -24.51
CA ASN F 120 38.03 95.39 -24.40
C ASN F 120 37.15 96.62 -24.16
N TRP F 121 35.97 96.67 -24.76
CA TRP F 121 35.07 97.77 -24.57
C TRP F 121 34.72 97.87 -23.13
N CYS F 122 34.57 96.76 -22.48
CA CYS F 122 34.29 96.71 -21.08
C CYS F 122 35.39 97.30 -20.24
N LEU F 123 36.64 97.12 -20.62
CA LEU F 123 37.72 97.50 -19.71
C LEU F 123 38.54 98.77 -19.80
N ASN F 124 38.43 99.59 -18.77
CA ASN F 124 39.23 100.82 -18.60
C ASN F 124 39.19 102.01 -19.54
N PRO F 125 38.09 102.21 -20.28
CA PRO F 125 38.14 103.42 -21.05
C PRO F 125 38.03 104.45 -19.98
N LYS F 126 38.73 105.55 -20.10
CA LYS F 126 38.70 106.51 -19.04
C LYS F 126 37.29 106.95 -18.95
N GLN F 127 36.66 107.12 -20.09
CA GLN F 127 35.30 107.61 -20.13
C GLN F 127 34.29 106.69 -19.52
N PRO F 128 33.25 107.28 -18.96
CA PRO F 128 32.18 106.45 -18.45
C PRO F 128 31.56 105.63 -19.55
N ILE F 129 31.21 104.39 -19.27
CA ILE F 129 30.73 103.55 -20.34
C ILE F 129 29.24 103.55 -20.32
N VAL F 130 28.67 103.94 -21.43
CA VAL F 130 27.25 103.96 -21.55
C VAL F 130 26.87 103.12 -22.74
N ILE F 131 25.93 102.21 -22.56
CA ILE F 131 25.44 101.40 -23.65
C ILE F 131 24.03 101.75 -24.06
N ASN F 132 23.70 101.59 -25.31
CA ASN F 132 22.40 101.94 -25.86
C ASN F 132 21.40 100.78 -25.88
N ALA F 133 21.84 99.57 -25.51
CA ALA F 133 21.09 98.34 -25.80
C ALA F 133 19.72 98.32 -25.13
N SER F 134 18.72 97.84 -25.88
CA SER F 134 17.37 97.58 -25.39
C SER F 134 17.26 96.20 -24.76
N LEU F 135 17.92 95.22 -25.37
CA LEU F 135 17.99 93.85 -24.87
C LEU F 135 19.44 93.57 -24.60
N PHE F 136 19.72 93.03 -23.42
CA PHE F 136 21.10 92.84 -22.97
C PHE F 136 21.19 91.44 -22.38
N SER F 137 22.17 90.65 -22.82
CA SER F 137 22.43 89.35 -22.24
C SER F 137 23.91 89.22 -21.93
N ILE F 138 24.21 88.51 -20.86
CA ILE F 138 25.57 88.29 -20.38
C ILE F 138 25.70 86.81 -20.05
N SER F 139 26.56 86.09 -20.77
CA SER F 139 26.81 84.68 -20.51
C SER F 139 28.18 84.54 -19.89
N THR F 140 28.21 84.01 -18.68
CA THR F 140 29.46 83.78 -17.99
C THR F 140 29.59 82.29 -17.74
N ASP F 141 30.83 81.83 -17.60
CA ASP F 141 31.10 80.41 -17.43
C ASP F 141 31.36 80.08 -15.95
N ASP F 142 31.86 78.88 -15.70
CA ASP F 142 31.83 78.38 -14.33
C ASP F 142 33.02 78.86 -13.52
N SER F 143 34.00 79.46 -14.17
CA SER F 143 35.10 80.06 -13.44
C SER F 143 34.90 81.54 -13.15
N PHE F 144 33.83 82.13 -13.68
CA PHE F 144 33.57 83.57 -13.52
C PHE F 144 33.61 84.00 -12.06
N ALA F 145 34.36 85.05 -11.77
CA ALA F 145 34.53 85.54 -10.40
C ALA F 145 33.70 86.78 -10.07
N SER F 146 32.81 87.22 -10.96
CA SER F 146 31.85 88.31 -10.66
C SER F 146 32.52 89.62 -10.27
N SER F 147 33.68 89.96 -10.84
CA SER F 147 34.30 91.26 -10.53
C SER F 147 34.00 92.19 -11.71
N TRP F 148 32.93 92.95 -11.59
CA TRP F 148 32.38 93.68 -12.71
C TRP F 148 33.09 95.03 -12.91
N PHE F 149 32.89 95.59 -14.09
CA PHE F 149 33.24 96.96 -14.40
C PHE F 149 32.05 97.86 -14.12
N GLU F 150 32.31 99.16 -14.11
CA GLU F 150 31.25 100.15 -14.03
C GLU F 150 30.71 100.40 -15.43
N MET F 151 29.45 100.83 -15.49
CA MET F 151 28.78 101.01 -16.76
C MET F 151 27.44 101.64 -16.50
N ASP F 152 26.84 102.20 -17.55
CA ASP F 152 25.53 102.80 -17.36
C ASP F 152 24.66 102.32 -18.52
N CYS F 153 23.44 101.85 -18.25
CA CYS F 153 22.64 101.11 -19.24
C CYS F 153 21.21 101.64 -19.30
N PRO F 154 21.02 102.86 -19.79
CA PRO F 154 19.73 103.52 -19.60
C PRO F 154 18.57 102.89 -20.39
N ASN F 155 18.79 102.10 -21.43
CA ASN F 155 17.70 101.68 -22.30
C ASN F 155 17.29 100.22 -22.13
N VAL F 156 18.01 99.46 -21.31
CA VAL F 156 17.75 98.03 -21.21
C VAL F 156 16.35 97.82 -20.65
N GLU F 157 15.47 97.23 -21.46
CA GLU F 157 14.16 96.84 -20.98
C GLU F 157 14.08 95.39 -20.60
N ALA F 158 15.04 94.57 -21.07
CA ALA F 158 15.07 93.14 -20.81
C ALA F 158 16.50 92.67 -20.61
N LEU F 159 16.73 91.93 -19.54
CA LEU F 159 18.05 91.44 -19.22
C LEU F 159 18.05 89.95 -19.02
N VAL F 160 18.90 89.27 -19.78
CA VAL F 160 19.05 87.86 -19.63
C VAL F 160 20.45 87.57 -19.15
N LEU F 161 20.56 86.85 -18.08
CA LEU F 161 21.85 86.46 -17.60
C LEU F 161 21.95 84.98 -17.65
N ASN F 162 22.96 84.49 -18.34
CA ASN F 162 23.17 83.08 -18.40
C ASN F 162 24.40 82.83 -17.60
N ILE F 163 24.26 82.04 -16.57
CA ILE F 163 25.33 81.84 -15.64
C ILE F 163 25.67 80.38 -15.42
N SER F 164 26.94 80.04 -15.35
CA SER F 164 27.39 78.68 -15.04
C SER F 164 28.19 78.53 -13.75
N SER F 165 28.19 79.50 -12.88
CA SER F 165 29.03 79.49 -11.68
C SER F 165 28.33 79.27 -10.36
N SER F 166 28.99 78.62 -9.43
CA SER F 166 28.43 78.29 -8.13
C SER F 166 28.09 79.53 -7.39
N ASN F 167 28.92 80.53 -7.53
CA ASN F 167 28.68 81.78 -6.91
C ASN F 167 28.53 82.87 -7.98
N TYR F 168 27.57 83.75 -7.83
CA TYR F 168 27.38 84.86 -8.76
C TYR F 168 26.78 86.10 -8.11
N ALA F 169 27.49 87.21 -8.14
CA ALA F 169 26.94 88.48 -7.69
C ALA F 169 26.43 89.25 -8.91
N LEU F 170 25.18 89.70 -8.85
CA LEU F 170 24.67 90.50 -9.94
C LEU F 170 25.51 91.76 -10.09
N PRO F 171 25.74 92.24 -11.31
CA PRO F 171 26.52 93.48 -11.47
C PRO F 171 25.75 94.72 -11.03
N ASN F 172 26.47 95.62 -10.33
CA ASN F 172 25.82 96.84 -9.84
C ASN F 172 25.23 97.67 -10.97
N PHE F 173 25.77 97.58 -12.19
CA PHE F 173 25.22 98.45 -13.22
C PHE F 173 23.78 98.11 -13.57
N ILE F 174 23.24 96.99 -13.08
CA ILE F 174 21.81 96.73 -13.22
C ILE F 174 21.01 97.87 -12.57
N ALA F 175 21.52 98.40 -11.45
CA ALA F 175 20.84 99.53 -10.82
C ALA F 175 20.66 100.71 -11.76
N THR F 176 21.45 100.80 -12.84
CA THR F 176 21.23 101.93 -13.74
C THR F 176 20.05 101.72 -14.67
N MET F 177 19.47 100.52 -14.67
CA MET F 177 18.52 100.10 -15.72
C MET F 177 17.09 100.54 -15.38
N LYS F 178 16.89 101.87 -15.39
CA LYS F 178 15.60 102.43 -14.96
C LYS F 178 14.45 101.90 -15.79
N GLU F 179 14.68 101.64 -17.06
CA GLU F 179 13.64 101.13 -17.93
C GLU F 179 13.46 99.62 -17.86
N LEU F 180 14.16 98.91 -16.95
CA LEU F 180 14.13 97.44 -16.94
C LEU F 180 12.75 96.90 -16.55
N LYS F 181 12.21 96.03 -17.39
CA LYS F 181 10.90 95.44 -17.19
C LYS F 181 10.94 93.96 -16.85
N VAL F 182 11.89 93.23 -17.42
CA VAL F 182 11.97 91.79 -17.18
C VAL F 182 13.43 91.44 -17.01
N VAL F 183 13.69 90.61 -16.00
CA VAL F 183 15.03 90.10 -15.75
C VAL F 183 14.93 88.59 -15.66
N ILE F 184 15.83 87.91 -16.38
CA ILE F 184 15.85 86.46 -16.52
C ILE F 184 17.25 85.97 -16.15
N ILE F 185 17.32 85.11 -15.15
CA ILE F 185 18.59 84.54 -14.69
C ILE F 185 18.45 83.04 -14.80
N ILE F 186 19.27 82.41 -15.64
CA ILE F 186 19.25 80.97 -15.82
C ILE F 186 20.65 80.43 -15.55
N ASN F 187 20.76 79.60 -14.53
CA ASN F 187 22.01 78.88 -14.28
C ASN F 187 22.07 77.65 -15.15
N HIS F 188 23.22 77.43 -15.78
CA HIS F 188 23.46 76.26 -16.61
C HIS F 188 24.50 75.33 -16.01
N GLY F 189 25.18 75.74 -14.95
CA GLY F 189 26.20 74.92 -14.36
C GLY F 189 25.62 73.78 -13.55
N LEU F 190 26.51 72.96 -13.02
CA LEU F 190 26.05 71.79 -12.27
C LEU F 190 25.40 72.21 -10.96
N GLU F 191 26.08 72.98 -10.16
CA GLU F 191 25.56 73.34 -8.86
C GLU F 191 24.56 74.48 -8.99
N PRO F 192 23.61 74.56 -8.06
CA PRO F 192 22.76 75.75 -7.99
C PRO F 192 23.62 76.98 -7.74
N ALA F 193 23.35 78.05 -8.50
CA ALA F 193 24.20 79.25 -8.41
C ALA F 193 23.72 80.12 -7.25
N LYS F 194 24.57 80.28 -6.25
CA LYS F 194 24.25 81.13 -5.11
C LYS F 194 24.28 82.58 -5.57
N LEU F 195 23.13 83.24 -5.63
CA LEU F 195 23.10 84.62 -6.08
C LEU F 195 23.34 85.59 -4.93
N THR F 196 24.05 86.66 -5.22
CA THR F 196 24.21 87.74 -4.26
C THR F 196 23.92 89.07 -4.95
N ASN F 197 23.77 90.11 -4.15
CA ASN F 197 23.57 91.49 -4.64
C ASN F 197 22.26 91.64 -5.39
N LEU F 198 21.22 90.94 -4.94
CA LEU F 198 19.90 91.13 -5.55
C LEU F 198 19.37 92.54 -5.32
N SER F 199 19.95 93.29 -4.39
CA SER F 199 19.43 94.61 -4.07
C SER F 199 19.68 95.61 -5.19
N CYS F 200 20.37 95.23 -6.26
CA CYS F 200 20.44 96.11 -7.41
C CYS F 200 19.13 96.13 -8.17
N LEU F 201 18.20 95.20 -7.87
CA LEU F 201 16.87 95.29 -8.47
C LEU F 201 15.91 96.13 -7.64
N SER F 202 16.31 96.54 -6.43
CA SER F 202 15.36 97.08 -5.46
C SER F 202 14.70 98.39 -5.90
N SER F 203 15.41 99.25 -6.63
CA SER F 203 14.86 100.56 -6.98
C SER F 203 14.45 100.65 -8.45
N LEU F 204 14.23 99.53 -9.10
CA LEU F 204 13.96 99.65 -10.53
C LEU F 204 12.46 99.90 -10.68
N PRO F 205 12.07 101.15 -10.97
CA PRO F 205 10.66 101.51 -10.90
C PRO F 205 9.78 100.84 -11.95
N ASN F 206 10.33 100.04 -12.85
CA ASN F 206 9.53 99.50 -13.95
C ASN F 206 9.65 97.98 -14.07
N LEU F 207 10.36 97.35 -13.15
CA LEU F 207 10.59 95.90 -13.16
C LEU F 207 9.29 95.16 -12.88
N LYS F 208 8.86 94.35 -13.83
CA LYS F 208 7.59 93.67 -13.71
C LYS F 208 7.70 92.16 -13.63
N ARG F 209 8.78 91.57 -14.12
CA ARG F 209 8.93 90.12 -14.06
C ARG F 209 10.35 89.78 -13.68
N ILE F 210 10.47 88.79 -12.82
CA ILE F 210 11.71 88.14 -12.51
C ILE F 210 11.47 86.65 -12.69
N ARG F 211 12.42 85.96 -13.32
CA ARG F 211 12.38 84.51 -13.40
C ARG F 211 13.75 83.95 -13.07
N PHE F 212 13.86 83.20 -11.99
CA PHE F 212 15.09 82.55 -11.56
C PHE F 212 15.02 81.07 -11.93
N GLU F 213 16.12 80.54 -12.47
CA GLU F 213 16.18 79.13 -12.86
C GLU F 213 17.42 78.46 -12.28
N LYS F 214 17.22 77.42 -11.48
CA LYS F 214 18.31 76.60 -10.98
C LYS F 214 19.34 77.43 -10.23
N VAL F 215 18.87 78.46 -9.53
CA VAL F 215 19.72 79.26 -8.66
C VAL F 215 19.38 78.90 -7.22
N SER F 216 20.22 79.36 -6.31
CA SER F 216 20.02 79.18 -4.88
C SER F 216 19.78 80.55 -4.25
N ILE F 217 18.62 80.71 -3.60
CA ILE F 217 18.19 81.99 -3.05
C ILE F 217 17.35 81.77 -1.80
N SER F 218 17.21 82.82 -1.00
CA SER F 218 16.27 82.84 0.12
C SER F 218 14.91 83.28 -0.40
N LEU F 219 13.98 82.34 -0.55
CA LEU F 219 12.62 82.73 -0.88
C LEU F 219 12.04 83.60 0.24
N LEU F 220 12.39 83.31 1.49
CA LEU F 220 11.91 84.11 2.61
C LEU F 220 12.26 85.58 2.47
N ASP F 221 13.45 85.88 1.90
CA ASP F 221 13.99 87.23 1.89
C ASP F 221 13.52 88.06 0.70
N ILE F 222 12.77 87.46 -0.22
CA ILE F 222 12.30 88.20 -1.40
C ILE F 222 11.66 89.53 -1.02
N PRO F 223 10.72 89.58 -0.07
CA PRO F 223 10.01 90.84 0.18
C PRO F 223 10.90 91.93 0.74
N LYS F 224 12.08 91.58 1.25
CA LYS F 224 12.98 92.59 1.74
C LYS F 224 13.56 93.43 0.61
N LEU F 225 13.44 92.96 -0.63
CA LEU F 225 13.89 93.74 -1.77
C LEU F 225 12.90 94.81 -2.19
N GLY F 226 11.70 94.81 -1.61
CA GLY F 226 10.72 95.80 -1.98
C GLY F 226 10.04 95.44 -3.29
N LEU F 227 10.71 95.71 -4.41
CA LEU F 227 10.20 95.34 -5.72
C LEU F 227 8.75 95.81 -5.88
N LYS F 228 8.54 97.10 -5.65
CA LYS F 228 7.17 97.59 -5.49
C LYS F 228 6.37 97.52 -6.79
N SER F 229 6.99 97.31 -7.93
CA SER F 229 6.21 97.25 -9.16
C SER F 229 6.16 95.84 -9.74
N LEU F 230 6.73 94.86 -9.07
CA LEU F 230 6.78 93.50 -9.61
C LEU F 230 5.38 92.91 -9.74
N GLU F 231 5.12 92.27 -10.87
CA GLU F 231 3.82 91.64 -11.14
C GLU F 231 3.86 90.12 -11.15
N LYS F 232 4.99 89.52 -11.55
CA LYS F 232 5.10 88.07 -11.66
C LYS F 232 6.47 87.63 -11.16
N LEU F 233 6.49 86.60 -10.33
CA LEU F 233 7.72 86.04 -9.80
C LEU F 233 7.74 84.56 -10.20
N SER F 234 8.83 84.13 -10.78
CA SER F 234 8.90 82.76 -11.17
C SER F 234 10.20 82.14 -10.72
N LEU F 235 10.09 81.07 -9.96
CA LEU F 235 11.25 80.34 -9.56
C LEU F 235 11.20 78.93 -10.12
N TRP F 236 12.23 78.55 -10.84
CA TRP F 236 12.30 77.22 -11.41
C TRP F 236 13.51 76.43 -11.02
N PHE F 237 13.31 75.23 -10.47
CA PHE F 237 14.40 74.33 -10.11
C PHE F 237 15.39 75.03 -9.23
N CYS F 238 14.90 75.77 -8.28
CA CYS F 238 15.76 76.60 -7.49
C CYS F 238 15.97 76.08 -6.08
N HIS F 239 17.17 76.14 -5.56
CA HIS F 239 17.44 75.78 -4.19
C HIS F 239 17.05 76.87 -3.24
N VAL F 240 16.55 76.50 -2.08
CA VAL F 240 16.03 77.48 -1.13
C VAL F 240 16.84 77.40 0.16
N VAL F 241 17.35 78.56 0.61
CA VAL F 241 18.09 78.67 1.86
C VAL F 241 17.32 79.61 2.78
N ASP F 242 17.09 79.18 4.03
CA ASP F 242 16.25 79.97 4.93
C ASP F 242 17.07 81.10 5.54
N ALA F 243 16.62 82.33 5.30
CA ALA F 243 17.19 83.51 5.97
C ALA F 243 16.07 84.48 6.28
N LEU F 247 19.05 92.34 7.88
CA LEU F 247 18.19 92.66 6.75
C LEU F 247 16.77 92.92 7.23
N GLU F 248 16.21 94.03 6.80
CA GLU F 248 14.94 94.45 7.36
C GLU F 248 13.70 94.47 6.54
N ASP F 249 12.59 94.37 7.24
CA ASP F 249 11.31 94.37 6.57
C ASP F 249 11.11 95.70 5.89
N VAL F 250 10.47 95.71 4.73
CA VAL F 250 10.25 96.93 3.95
C VAL F 250 8.77 97.20 3.83
N SER F 251 8.38 98.44 3.97
CA SER F 251 6.96 98.76 3.90
C SER F 251 6.31 98.55 2.54
N GLU F 252 5.05 98.09 2.54
CA GLU F 252 4.29 97.93 1.29
C GLU F 252 4.94 97.06 0.22
N THR F 253 5.49 95.94 0.66
CA THR F 253 6.12 95.02 -0.27
C THR F 253 5.26 94.35 -1.27
N LEU F 254 5.75 94.24 -2.49
CA LEU F 254 5.09 93.45 -3.51
C LEU F 254 3.65 93.85 -3.69
N GLN F 255 3.42 95.15 -3.68
CA GLN F 255 2.08 95.69 -3.81
C GLN F 255 1.46 95.37 -5.10
N SER F 256 2.25 95.36 -6.13
CA SER F 256 1.76 95.09 -7.44
C SER F 256 1.72 93.62 -7.81
N LEU F 257 2.20 92.73 -6.96
CA LEU F 257 2.31 91.32 -7.31
C LEU F 257 1.02 90.59 -7.57
N GLN F 258 1.00 89.84 -8.66
CA GLN F 258 -0.21 89.20 -9.08
C GLN F 258 0.00 87.72 -9.33
N GLU F 259 1.16 87.32 -9.79
CA GLU F 259 1.34 85.91 -10.05
C GLU F 259 2.64 85.44 -9.45
N ILE F 260 2.58 84.27 -8.82
CA ILE F 260 3.76 83.59 -8.35
C ILE F 260 3.77 82.20 -8.99
N GLU F 261 4.88 81.85 -9.61
CA GLU F 261 5.10 80.50 -10.12
C GLU F 261 6.32 79.89 -9.44
N ILE F 262 6.13 78.70 -8.87
CA ILE F 262 7.17 77.97 -8.17
C ILE F 262 7.15 76.53 -8.68
N ASP F 263 8.19 76.13 -9.40
CA ASP F 263 8.24 74.81 -10.00
C ASP F 263 9.54 74.11 -9.66
N TYR F 264 9.44 72.80 -9.41
CA TYR F 264 10.60 71.96 -9.24
C TYR F 264 11.50 72.44 -8.11
N CYS F 265 10.92 73.00 -7.05
CA CYS F 265 11.75 73.50 -5.95
C CYS F 265 11.90 72.34 -4.98
N TYR F 266 12.97 71.58 -5.17
CA TYR F 266 13.06 70.24 -4.62
C TYR F 266 13.30 70.23 -3.11
N ASN F 267 13.81 71.30 -2.50
CA ASN F 267 13.97 71.31 -1.06
C ASN F 267 13.03 72.30 -0.39
N LEU F 268 11.96 72.70 -1.07
CA LEU F 268 10.94 73.56 -0.47
C LEU F 268 10.04 72.70 0.41
N ASP F 269 10.07 72.90 1.72
CA ASP F 269 9.17 72.13 2.57
C ASP F 269 8.05 72.95 3.20
N GLU F 270 8.13 74.28 3.18
CA GLU F 270 7.06 75.14 3.69
C GLU F 270 6.85 76.31 2.74
N LEU F 271 5.60 76.59 2.41
CA LEU F 271 5.27 77.83 1.72
C LEU F 271 5.57 79.02 2.63
N PRO F 272 6.47 79.91 2.26
CA PRO F 272 6.72 81.09 3.10
C PRO F 272 5.46 81.90 3.35
N TYR F 273 5.35 82.38 4.61
CA TYR F 273 4.14 83.08 5.06
C TYR F 273 3.87 84.34 4.23
N TRP F 274 4.92 85.08 3.89
CA TRP F 274 4.73 86.32 3.15
C TRP F 274 3.89 86.11 1.90
N ILE F 275 4.02 84.94 1.26
CA ILE F 275 3.22 84.66 0.07
C ILE F 275 1.74 84.65 0.41
N SER F 276 1.37 84.06 1.54
CA SER F 276 -0.04 84.09 1.94
C SER F 276 -0.51 85.50 2.22
N GLN F 277 0.40 86.44 2.49
CA GLN F 277 -0.03 87.79 2.85
C GLN F 277 0.06 88.81 1.70
N VAL F 278 0.12 88.37 0.45
CA VAL F 278 0.16 89.28 -0.69
C VAL F 278 -1.26 89.47 -1.18
N VAL F 279 -1.94 90.48 -0.63
CA VAL F 279 -3.38 90.64 -0.88
C VAL F 279 -3.68 90.86 -2.36
N SER F 280 -2.72 91.34 -3.16
CA SER F 280 -3.02 91.61 -4.56
C SER F 280 -2.93 90.37 -5.43
N LEU F 281 -2.53 89.23 -4.88
CA LEU F 281 -2.19 88.07 -5.68
C LEU F 281 -3.41 87.47 -6.36
N LYS F 282 -3.28 87.18 -7.64
CA LYS F 282 -4.36 86.54 -8.38
C LYS F 282 -4.09 85.09 -8.74
N LYS F 283 -2.83 84.71 -8.90
CA LYS F 283 -2.48 83.36 -9.30
C LYS F 283 -1.34 82.88 -8.43
N LEU F 284 -1.52 81.75 -7.75
CA LEU F 284 -0.45 81.07 -7.05
C LEU F 284 -0.29 79.68 -7.67
N SER F 285 0.92 79.34 -8.10
CA SER F 285 1.21 78.00 -8.64
C SER F 285 2.44 77.45 -7.97
N VAL F 286 2.27 76.30 -7.33
CA VAL F 286 3.33 75.47 -6.82
C VAL F 286 3.18 74.15 -7.55
N THR F 287 4.18 73.75 -8.34
CA THR F 287 4.10 72.45 -8.97
C THR F 287 5.44 71.73 -8.84
N ASN F 288 5.37 70.40 -8.90
CA ASN F 288 6.55 69.55 -8.84
C ASN F 288 7.46 69.92 -7.68
N CYS F 289 6.85 70.22 -6.54
CA CYS F 289 7.58 70.52 -5.32
C CYS F 289 7.34 69.34 -4.39
N ASN F 290 8.27 68.40 -4.43
CA ASN F 290 8.04 67.05 -3.95
C ASN F 290 8.35 66.85 -2.46
N LYS F 291 8.92 67.83 -1.79
CA LYS F 291 9.06 67.79 -0.33
C LYS F 291 8.04 68.66 0.36
N LEU F 292 7.13 69.26 -0.39
CA LEU F 292 6.06 70.06 0.18
C LEU F 292 4.97 69.14 0.70
N CYS F 293 4.90 68.97 2.03
CA CYS F 293 3.88 68.11 2.63
C CYS F 293 2.59 68.84 2.94
N ARG F 294 2.69 70.03 3.53
CA ARG F 294 1.59 70.90 3.92
C ARG F 294 1.58 72.13 3.03
N VAL F 295 0.45 72.82 2.95
CA VAL F 295 0.40 74.21 2.51
C VAL F 295 -0.22 75.03 3.63
N ILE F 296 0.51 76.03 4.12
CA ILE F 296 0.02 76.84 5.23
C ILE F 296 -1.40 77.30 4.98
N GLU F 297 -2.23 77.23 6.03
CA GLU F 297 -3.61 77.67 5.94
C GLU F 297 -3.71 79.18 5.84
N ALA F 298 -2.64 79.90 6.13
CA ALA F 298 -2.71 81.34 5.95
C ALA F 298 -3.02 81.72 4.52
N ILE F 299 -2.93 80.78 3.57
CA ILE F 299 -3.27 81.14 2.20
C ILE F 299 -4.73 81.50 2.07
N GLY F 300 -5.55 81.19 3.09
CA GLY F 300 -6.91 81.67 3.07
C GLY F 300 -6.99 83.18 3.10
N ASP F 301 -5.90 83.85 3.49
CA ASP F 301 -5.85 85.31 3.45
C ASP F 301 -5.75 85.88 2.03
N LEU F 302 -5.57 85.04 1.01
CA LEU F 302 -5.43 85.54 -0.35
C LEU F 302 -6.79 85.92 -0.94
N ARG F 303 -7.33 87.05 -0.44
CA ARG F 303 -8.68 87.48 -0.75
C ARG F 303 -8.96 87.55 -2.25
N ASP F 304 -7.97 87.86 -3.07
CA ASP F 304 -8.24 88.14 -4.48
C ASP F 304 -7.77 87.03 -5.39
N LEU F 305 -7.37 85.88 -4.85
CA LEU F 305 -6.84 84.80 -5.65
C LEU F 305 -7.88 84.23 -6.59
N GLU F 306 -7.51 84.08 -7.86
CA GLU F 306 -8.40 83.42 -8.79
C GLU F 306 -7.92 82.03 -9.26
N THR F 307 -6.60 81.79 -9.27
CA THR F 307 -6.07 80.48 -9.66
C THR F 307 -5.17 79.96 -8.54
N LEU F 308 -5.40 78.71 -8.15
CA LEU F 308 -4.57 78.06 -7.15
C LEU F 308 -4.05 76.80 -7.81
N ARG F 309 -2.73 76.66 -7.92
CA ARG F 309 -2.18 75.41 -8.43
C ARG F 309 -1.24 74.81 -7.41
N LEU F 310 -1.62 73.61 -6.93
CA LEU F 310 -0.81 72.76 -6.08
C LEU F 310 -0.78 71.46 -6.84
N SER F 311 0.17 71.32 -7.75
CA SER F 311 0.09 70.33 -8.81
C SER F 311 1.35 69.49 -8.82
N SER F 312 1.22 68.19 -9.12
CA SER F 312 2.36 67.28 -9.17
C SER F 312 3.30 67.43 -7.96
N CYS F 313 2.74 67.61 -6.78
CA CYS F 313 3.55 67.66 -5.56
C CYS F 313 3.47 66.30 -4.89
N ALA F 314 4.56 65.54 -5.01
CA ALA F 314 4.51 64.10 -4.72
C ALA F 314 4.10 63.80 -3.30
N SER F 315 4.49 64.65 -2.35
CA SER F 315 4.26 64.42 -0.94
C SER F 315 3.04 65.16 -0.40
N LEU F 316 2.37 65.97 -1.22
CA LEU F 316 1.31 66.82 -0.70
C LEU F 316 0.09 65.93 -0.45
N LEU F 317 -0.15 65.58 0.80
CA LEU F 317 -1.17 64.59 1.10
C LEU F 317 -2.56 65.20 1.23
N GLU F 318 -2.65 66.46 1.69
CA GLU F 318 -3.95 67.13 1.65
C GLU F 318 -3.74 68.64 1.56
N LEU F 319 -4.88 69.34 1.44
CA LEU F 319 -5.00 70.75 1.16
C LEU F 319 -5.47 71.51 2.37
N PRO F 320 -5.02 72.75 2.53
CA PRO F 320 -5.51 73.59 3.63
C PRO F 320 -7.02 73.78 3.52
N GLU F 321 -7.74 73.58 4.60
CA GLU F 321 -9.19 73.77 4.59
C GLU F 321 -9.59 75.19 4.42
N THR F 322 -8.64 76.10 4.37
CA THR F 322 -8.91 77.51 4.32
C THR F 322 -9.20 77.97 2.90
N ILE F 323 -9.14 77.07 1.96
CA ILE F 323 -9.45 77.34 0.58
C ILE F 323 -10.91 77.75 0.57
N ASP F 324 -11.66 77.33 1.57
CA ASP F 324 -13.07 77.67 1.70
C ASP F 324 -13.17 79.16 1.80
N ARG F 325 -12.23 79.82 2.43
CA ARG F 325 -12.16 81.28 2.46
C ARG F 325 -11.93 81.96 1.11
N LEU F 326 -11.37 81.31 0.12
CA LEU F 326 -10.99 81.99 -1.12
C LEU F 326 -12.15 82.14 -2.05
N ASP F 327 -12.87 83.22 -1.86
CA ASP F 327 -14.07 83.51 -2.60
C ASP F 327 -14.00 83.74 -4.07
N ASN F 328 -12.95 84.37 -4.54
CA ASN F 328 -12.84 84.69 -5.94
C ASN F 328 -12.22 83.58 -6.73
N LEU F 329 -11.83 82.50 -6.08
CA LEU F 329 -11.26 81.38 -6.79
C LEU F 329 -12.13 80.84 -7.88
N ARG F 330 -11.54 80.69 -9.04
CA ARG F 330 -12.26 80.23 -10.17
C ARG F 330 -11.69 78.95 -10.68
N PHE F 331 -10.42 78.72 -10.41
CA PHE F 331 -9.77 77.55 -10.98
C PHE F 331 -8.90 76.92 -9.91
N LEU F 332 -9.16 75.66 -9.59
CA LEU F 332 -8.31 74.92 -8.66
C LEU F 332 -7.66 73.79 -9.43
N ASP F 333 -6.33 73.76 -9.45
CA ASP F 333 -5.61 72.72 -10.16
C ASP F 333 -4.68 71.99 -9.21
N VAL F 334 -5.02 70.73 -8.93
CA VAL F 334 -4.24 69.78 -8.16
C VAL F 334 -3.94 68.53 -8.98
N SER F 335 -4.04 68.62 -10.30
CA SER F 335 -3.66 67.50 -11.13
C SER F 335 -2.25 67.02 -10.77
N GLY F 336 -1.94 65.76 -11.09
CA GLY F 336 -0.68 65.17 -10.69
C GLY F 336 -0.61 64.76 -9.23
N GLY F 337 -1.62 65.04 -8.42
CA GLY F 337 -1.60 64.72 -7.00
C GLY F 337 -1.85 63.26 -6.71
N PHE F 338 -0.95 62.40 -7.20
CA PHE F 338 -1.10 60.95 -7.03
C PHE F 338 -1.48 60.55 -5.59
N GLN F 339 -1.05 61.29 -4.57
CA GLN F 339 -1.37 60.90 -3.20
C GLN F 339 -2.38 61.84 -2.56
N LEU F 340 -2.89 62.81 -3.29
CA LEU F 340 -3.87 63.71 -2.70
C LEU F 340 -5.04 62.90 -2.21
N LYS F 341 -5.34 63.02 -0.93
CA LYS F 341 -6.39 62.21 -0.34
C LYS F 341 -7.76 62.87 -0.40
N ASN F 342 -7.84 64.19 -0.32
CA ASN F 342 -9.14 64.81 -0.10
C ASN F 342 -9.12 66.29 -0.49
N LEU F 343 -10.19 66.70 -1.19
CA LEU F 343 -10.41 68.14 -1.35
C LEU F 343 -10.87 68.74 -0.03
N PRO F 344 -10.79 70.06 0.10
CA PRO F 344 -11.19 70.68 1.37
C PRO F 344 -12.63 70.36 1.74
N LEU F 345 -12.88 70.22 3.04
CA LEU F 345 -14.18 69.74 3.51
C LEU F 345 -15.29 70.62 2.96
N GLU F 346 -15.10 71.96 2.98
CA GLU F 346 -16.15 72.92 2.63
C GLU F 346 -15.87 73.62 1.30
N ILE F 347 -15.24 72.89 0.37
CA ILE F 347 -15.02 73.42 -0.97
C ILE F 347 -16.32 73.95 -1.58
N GLY F 348 -17.46 73.35 -1.22
CA GLY F 348 -18.72 73.77 -1.81
C GLY F 348 -19.12 75.20 -1.49
N LYS F 349 -18.59 75.81 -0.43
CA LYS F 349 -18.88 77.21 -0.16
C LYS F 349 -18.50 78.15 -1.32
N LEU F 350 -17.59 77.74 -2.19
CA LEU F 350 -17.02 78.65 -3.19
C LEU F 350 -18.02 78.87 -4.31
N LYS F 351 -18.40 80.13 -4.56
CA LYS F 351 -19.44 80.43 -5.55
C LYS F 351 -18.93 80.89 -6.88
N LYS F 352 -17.61 81.00 -7.07
CA LYS F 352 -17.08 81.40 -8.37
C LYS F 352 -16.17 80.35 -8.97
N LEU F 353 -16.08 79.17 -8.35
CA LEU F 353 -15.21 78.11 -8.85
C LEU F 353 -15.77 77.54 -10.14
N GLU F 354 -15.04 77.66 -11.23
CA GLU F 354 -15.55 77.19 -12.51
C GLU F 354 -14.94 75.87 -12.96
N LYS F 355 -13.82 75.47 -12.39
CA LYS F 355 -13.10 74.32 -12.94
C LYS F 355 -12.17 73.76 -11.88
N ILE F 356 -12.19 72.45 -11.75
CA ILE F 356 -11.22 71.71 -10.95
C ILE F 356 -10.49 70.78 -11.92
N SER F 357 -9.17 70.88 -11.93
CA SER F 357 -8.32 69.93 -12.62
C SER F 357 -7.72 69.00 -11.59
N MET F 358 -7.87 67.69 -11.80
CA MET F 358 -7.34 66.71 -10.87
C MET F 358 -7.04 65.40 -11.61
N LYS F 359 -6.26 65.51 -12.70
CA LYS F 359 -6.11 64.48 -13.70
C LYS F 359 -5.57 63.16 -13.16
N ASP F 360 -4.75 63.17 -12.11
CA ASP F 360 -4.31 61.84 -11.64
C ASP F 360 -4.58 61.67 -10.16
N CYS F 361 -5.45 62.49 -9.59
CA CYS F 361 -5.76 62.38 -8.17
C CYS F 361 -6.76 61.25 -7.93
N TYR F 362 -6.38 60.05 -8.38
CA TYR F 362 -7.26 58.88 -8.28
C TYR F 362 -7.28 58.26 -6.88
N ARG F 363 -6.70 58.89 -5.89
CA ARG F 363 -6.79 58.43 -4.53
C ARG F 363 -7.46 59.50 -3.71
N CYS F 364 -8.14 60.43 -4.36
CA CYS F 364 -8.73 61.55 -3.64
C CYS F 364 -10.21 61.43 -3.42
N GLU F 365 -10.60 61.52 -2.17
CA GLU F 365 -11.99 61.52 -1.85
C GLU F 365 -12.58 62.82 -2.22
N LEU F 366 -13.85 62.80 -2.52
CA LEU F 366 -14.52 64.01 -2.85
C LEU F 366 -15.44 64.31 -1.72
N PRO F 367 -15.34 65.51 -1.20
CA PRO F 367 -16.18 65.95 -0.09
C PRO F 367 -17.62 66.14 -0.48
N ASP F 368 -18.52 66.07 0.47
CA ASP F 368 -19.95 66.16 0.22
C ASP F 368 -20.32 67.50 -0.38
N SER F 369 -19.59 68.55 -0.04
CA SER F 369 -19.85 69.90 -0.47
C SER F 369 -19.81 70.10 -1.96
N VAL F 370 -19.10 69.28 -2.69
CA VAL F 370 -18.91 69.47 -4.10
C VAL F 370 -20.25 69.45 -4.78
N LYS F 371 -21.20 68.78 -4.21
CA LYS F 371 -22.51 68.66 -4.77
C LYS F 371 -23.08 70.04 -4.89
N ASN F 372 -22.79 70.91 -3.98
CA ASN F 372 -23.23 72.29 -4.06
C ASN F 372 -22.66 73.05 -5.27
N LEU F 373 -21.42 72.79 -5.66
CA LEU F 373 -20.88 73.55 -6.76
C LEU F 373 -21.64 73.32 -8.03
N GLU F 374 -21.97 74.39 -8.71
CA GLU F 374 -22.78 74.31 -9.89
C GLU F 374 -22.09 74.80 -11.11
N ASN F 375 -22.57 74.34 -12.24
CA ASN F 375 -21.95 74.74 -13.52
C ASN F 375 -20.45 74.49 -13.52
N LEU F 376 -20.04 73.43 -12.84
CA LEU F 376 -18.63 73.10 -12.61
C LEU F 376 -18.07 72.21 -13.72
N GLU F 377 -16.85 72.50 -14.14
CA GLU F 377 -16.13 71.61 -15.04
C GLU F 377 -15.05 70.89 -14.22
N VAL F 378 -15.00 69.58 -14.35
CA VAL F 378 -13.96 68.79 -13.72
C VAL F 378 -13.15 68.16 -14.82
N LYS F 379 -11.86 68.50 -14.87
CA LYS F 379 -10.93 67.86 -15.79
C LYS F 379 -10.20 66.76 -15.04
N CYS F 380 -10.18 65.57 -15.62
CA CYS F 380 -9.58 64.43 -14.93
C CYS F 380 -9.40 63.27 -15.89
N ASP F 381 -8.85 62.20 -15.36
CA ASP F 381 -8.72 60.94 -16.06
C ASP F 381 -10.00 60.14 -15.81
N GLU F 382 -10.15 59.07 -16.57
CA GLU F 382 -11.37 58.27 -16.50
C GLU F 382 -11.49 57.57 -15.15
N ASP F 383 -10.41 56.90 -14.73
CA ASP F 383 -10.26 56.37 -13.38
C ASP F 383 -10.81 57.35 -12.35
N THR F 384 -10.21 58.55 -12.32
CA THR F 384 -10.63 59.56 -11.36
C THR F 384 -12.05 60.03 -11.62
N ALA F 385 -12.47 60.00 -12.89
CA ALA F 385 -13.81 60.43 -13.26
C ALA F 385 -14.89 59.60 -12.60
N PHE F 386 -14.52 58.45 -12.02
CA PHE F 386 -15.53 57.55 -11.45
C PHE F 386 -16.40 58.23 -10.36
N LEU F 387 -15.77 58.85 -9.35
CA LEU F 387 -16.56 59.45 -8.29
C LEU F 387 -17.48 60.57 -8.81
N TRP F 388 -16.98 61.36 -9.77
CA TRP F 388 -17.83 62.41 -10.31
C TRP F 388 -18.97 61.85 -11.15
N LYS F 389 -18.76 60.71 -11.83
CA LYS F 389 -19.87 60.08 -12.53
C LYS F 389 -20.96 59.67 -11.54
N ILE F 390 -20.55 59.17 -10.37
CA ILE F 390 -21.53 58.89 -9.33
C ILE F 390 -22.28 60.15 -8.93
N LEU F 391 -21.55 61.25 -8.71
CA LEU F 391 -22.16 62.47 -8.17
C LEU F 391 -22.96 63.29 -9.18
N LYS F 392 -22.85 63.00 -10.48
CA LYS F 392 -23.33 63.96 -11.46
C LYS F 392 -24.85 64.11 -11.44
N PRO F 393 -25.62 63.05 -11.14
CA PRO F 393 -27.09 63.22 -11.14
C PRO F 393 -27.58 64.21 -10.09
N GLU F 394 -26.99 64.17 -8.91
CA GLU F 394 -27.40 65.06 -7.86
C GLU F 394 -26.84 66.42 -8.05
N MET F 395 -26.28 66.71 -9.20
CA MET F 395 -25.59 67.97 -9.36
C MET F 395 -26.08 68.71 -10.57
N LYS F 396 -25.91 70.00 -10.56
CA LYS F 396 -26.42 70.79 -11.64
C LYS F 396 -25.36 71.21 -12.60
N ASN F 397 -25.52 70.80 -13.83
CA ASN F 397 -24.59 71.14 -14.88
C ASN F 397 -23.15 70.78 -14.65
N LEU F 398 -22.86 69.62 -14.10
CA LEU F 398 -21.50 69.20 -14.02
C LEU F 398 -21.04 68.81 -15.37
N THR F 399 -19.83 69.19 -15.72
CA THR F 399 -19.26 68.75 -16.95
C THR F 399 -17.97 68.03 -16.58
N ILE F 400 -17.89 66.75 -16.86
CA ILE F 400 -16.70 65.96 -16.61
C ILE F 400 -15.94 65.84 -17.92
N THR F 401 -14.86 66.63 -18.06
CA THR F 401 -13.96 66.56 -19.21
C THR F 401 -12.89 65.51 -18.91
N GLU F 402 -12.95 64.38 -19.62
CA GLU F 402 -11.97 63.31 -19.42
C GLU F 402 -10.75 63.56 -20.31
N GLU F 403 -9.61 63.63 -19.67
CA GLU F 403 -8.36 63.98 -20.32
C GLU F 403 -7.49 62.75 -20.39
N LYS F 404 -6.72 62.62 -21.45
CA LYS F 404 -5.91 61.45 -21.54
C LYS F 404 -4.52 61.81 -22.06
N THR F 405 -3.51 61.16 -21.49
CA THR F 405 -2.12 61.56 -21.70
C THR F 405 -1.68 61.27 -23.14
N GLU F 406 -1.09 62.26 -23.79
CA GLU F 406 -0.31 62.13 -25.03
C GLU F 406 1.14 61.80 -24.71
N HIS F 407 1.49 60.54 -24.86
CA HIS F 407 2.85 60.11 -24.54
C HIS F 407 3.82 60.51 -25.65
N ASN F 408 4.92 61.16 -25.26
CA ASN F 408 6.03 61.45 -26.15
C ASN F 408 7.30 61.55 -25.30
N LEU F 409 8.46 61.74 -25.95
CA LEU F 409 9.71 61.77 -25.22
C LEU F 409 10.23 63.21 -25.04
N ASN F 410 9.33 64.18 -25.03
CA ASN F 410 9.74 65.57 -25.02
C ASN F 410 10.52 65.91 -23.75
N LEU F 411 10.10 65.34 -22.62
CA LEU F 411 10.76 65.66 -21.36
C LEU F 411 12.17 65.10 -21.29
N LEU F 412 12.53 64.16 -22.16
CA LEU F 412 13.93 63.77 -22.23
C LEU F 412 14.81 64.98 -22.51
N GLN F 413 14.27 65.99 -23.20
CA GLN F 413 15.02 67.22 -23.45
C GLN F 413 15.55 67.83 -22.14
N LEU F 414 14.87 67.58 -21.02
CA LEU F 414 15.32 68.07 -19.72
C LEU F 414 16.13 67.01 -18.99
N PHE F 415 17.07 66.42 -19.72
CA PHE F 415 17.93 65.37 -19.24
C PHE F 415 19.37 65.80 -19.46
N1 APR G . 17.78 -61.52 19.57
C2 APR G . 16.52 -61.89 19.77
N3 APR G . 15.49 -61.04 19.70
C4 APR G . 15.67 -59.73 19.40
C5 APR G . 17.04 -59.25 19.17
C6 APR G . 18.11 -60.24 19.29
N6 APR G . 19.38 -59.86 19.07
N7 APR G . 16.97 -57.94 18.89
C8 APR G . 15.66 -57.59 18.96
N9 APR G . 14.89 -58.66 19.25
C1' APR G . 13.42 -58.64 19.42
C2' APR G . 13.21 -58.32 20.90
O2' APR G . 12.09 -59.05 21.40
C3' APR G . 12.91 -56.82 20.95
O3' APR G . 12.03 -56.46 22.01
O4' APR G . 12.73 -57.61 18.69
C4' APR G . 12.21 -56.61 19.61
C5' APR G . 12.35 -55.27 18.92
O5' APR G . 13.68 -54.85 19.08
PA APR G . 14.06 -53.44 18.47
O1A APR G . 13.51 -53.34 17.06
O2A APR G . 15.53 -53.30 18.74
O3A APR G . 13.16 -52.39 19.32
PB APR G . 12.96 -52.34 20.92
O1B APR G . 12.64 -53.68 21.49
O2B APR G . 12.12 -51.12 21.22
O5D APR G . 14.46 -52.09 21.43
C5D APR G . 15.05 -50.79 21.24
O4D APR G . 16.55 -49.15 22.21
C1D APR G . 15.95 -48.10 22.98
O2D APR G . 16.54 -49.08 25.02
C2D APR G . 15.40 -48.82 24.19
O3D APR G . 14.76 -51.03 24.71
C3D APR G . 14.84 -50.13 23.63
C4D APR G . 15.82 -50.38 22.49
H2 APR G . 16.31 -62.93 20.00
H61 APR G . 20.11 -60.53 19.13
H62 APR G . 19.58 -58.89 18.85
H8 APR G . 15.29 -56.59 18.80
H'1 APR G . 13.01 -59.60 19.07
H'2 APR G . 14.08 -58.60 21.50
HO'2 APR G . 12.07 -58.96 22.36
H'3 APR G . 13.82 -56.23 21.13
HO'3 APR G . 11.67 -55.58 21.83
H'4 APR G . 11.14 -56.67 19.85
H5'1 APR G . 12.11 -55.35 17.85
H5'2 APR G . 11.66 -54.54 19.36
H5R1 APR G . 14.26 -50.06 21.04
H5R2 APR G . 15.72 -50.81 20.39
HR'1 APR G . 16.63 -47.29 23.28
HOR2 APR G . 16.44 -49.95 25.45
HR'2 APR G . 14.65 -48.27 24.76
HOR3 APR G . 13.90 -51.47 24.71
HR'3 APR G . 13.81 -50.18 23.24
HR'4 APR G . 16.53 -51.17 22.77
PG ATP H . 15.65 -38.46 17.05
O1G ATP H . 16.33 -37.93 18.28
O2G ATP H . 16.33 -39.65 16.42
O3G ATP H . 15.09 -37.50 16.00
PB ATP H . 13.72 -40.37 17.73
O1B ATP H . 12.23 -40.12 17.77
O2B ATP H . 14.34 -41.25 16.69
O3B ATP H . 14.39 -38.91 17.92
PA ATP H . 13.52 -41.73 20.10
O1A ATP H . 12.61 -42.60 19.25
O2A ATP H . 12.99 -40.81 21.15
O3A ATP H . 14.37 -40.88 19.08
O5' ATP H . 14.71 -42.59 20.78
C5' ATP H . 15.52 -43.49 20.03
C4' ATP H . 14.73 -44.78 19.89
O4' ATP H . 15.48 -45.72 19.12
C3' ATP H . 14.37 -45.49 21.18
O3' ATP H . 13.12 -46.16 20.93
C2' ATP H . 15.43 -46.53 21.37
O2' ATP H . 14.92 -47.53 22.20
C1' ATP H . 15.69 -46.90 19.91
N9 ATP H . 17.05 -47.46 19.80
C8 ATP H . 18.20 -46.97 20.30
N7 ATP H . 19.22 -47.81 19.97
C5 ATP H . 18.68 -48.84 19.26
C6 ATP H . 19.18 -50.06 18.61
N6 ATP H . 20.48 -50.31 18.71
N1 ATP H . 18.31 -50.87 17.98
C2 ATP H . 17.00 -50.58 17.93
N3 ATP H . 16.48 -49.48 18.49
C4 ATP H . 17.26 -48.60 19.16
H5'1 ATP H . 16.46 -43.68 20.54
H5'2 ATP H . 15.75 -43.07 19.05
H4' ATP H . 13.79 -44.45 19.41
H3' ATP H . 14.29 -44.83 22.05
HO3' ATP H . 12.68 -46.34 21.76
H2' ATP H . 16.38 -46.27 21.87
H1' ATP H . 14.98 -47.67 19.55
H8 ATP H . 18.31 -46.05 20.86
HN61 ATP H . 21.04 -49.65 19.20
HN62 ATP H . 20.90 -51.11 18.30
H2 ATP H . 16.34 -51.25 17.40
PG ATP I . -3.23 33.08 -17.28
O1G ATP I . -3.68 33.07 -18.73
O2G ATP I . -1.92 32.38 -16.91
O3G ATP I . -4.35 32.93 -16.27
PB ATP I . -3.28 35.74 -18.10
O1B ATP I . -4.74 35.50 -18.45
O2B ATP I . -2.86 36.97 -17.36
O3B ATP I . -2.68 34.58 -17.18
PA ATP I . -2.61 36.88 -20.44
O1A ATP I . -2.47 38.10 -19.56
O2A ATP I . -3.79 36.81 -21.38
O3A ATP I . -2.46 35.63 -19.47
O5' ATP I . -1.28 36.66 -21.32
C5' ATP I . -0.05 36.57 -20.63
C4' ATP I . 0.48 37.98 -20.42
O4' ATP I . 1.73 37.92 -19.71
C3' ATP I . 0.75 38.77 -21.69
O3' ATP I . 0.50 40.13 -21.35
C2' ATP I . 2.24 38.70 -21.92
O2' ATP I . 2.67 39.82 -22.66
C1' ATP I . 2.71 38.62 -20.46
N9 ATP I . 4.02 37.99 -20.49
C8 ATP I . 4.43 36.85 -21.08
N7 ATP I . 5.78 36.69 -20.91
C5 ATP I . 6.20 37.75 -20.22
C6 ATP I . 7.48 38.20 -19.69
N6 ATP I . 8.54 37.41 -19.92
N1 ATP I . 7.54 39.35 -19.01
C2 ATP I . 6.44 40.10 -18.81
N3 ATP I . 5.22 39.76 -19.27
C4 ATP I . 5.07 38.61 -19.96
H5'1 ATP I . 0.67 35.98 -21.22
H5'2 ATP I . -0.18 36.07 -19.67
H4' ATP I . -0.32 38.51 -19.88
H3' ATP I . 0.17 38.40 -22.55
HO3' ATP I . 0.35 40.64 -22.15
H2' ATP I . 2.63 37.88 -22.54
H1' ATP I . 2.81 39.60 -19.98
H8 ATP I . 3.79 36.17 -21.61
HN61 ATP I . 8.39 36.57 -20.44
HN62 ATP I . 9.44 37.65 -19.60
H2 ATP I . 6.54 41.03 -18.26
N1 APR J . 14.99 46.88 -20.95
C2 APR J . 14.39 48.08 -21.05
N3 APR J . 13.08 48.27 -20.79
C4 APR J . 12.30 47.24 -20.42
C5 APR J . 12.87 45.91 -20.28
C6 APR J . 14.29 45.77 -20.58
N6 APR J . 14.87 44.55 -20.47
N7 APR J . 11.89 45.09 -19.88
C8 APR J . 10.77 45.82 -19.79
N9 APR J . 11.01 47.10 -20.08
C1' APR J . 10.01 48.18 -20.12
C2' APR J . 9.56 48.19 -21.58
O2' APR J . 9.23 49.50 -22.01
C3' APR J . 8.29 47.34 -21.64
O3' APR J . 7.34 47.79 -22.63
O4' APR J . 8.83 47.94 -19.37
C4' APR J . 7.73 47.67 -20.26
C5' APR J . 6.84 46.69 -19.53
O5' APR J . 7.42 45.41 -19.64
PA APR J . 6.52 44.21 -19.12
O1A APR J . 6.08 44.50 -17.70
O2A APR J . 7.35 43.01 -19.50
O3A APR J . 5.14 44.23 -19.97
PB APR J . 4.94 44.38 -21.57
O1B APR J . 5.54 45.64 -22.12
O2B APR J . 3.47 44.16 -21.80
O5D APR J . 5.82 43.17 -22.12
C5D APR J . 5.22 41.87 -21.97
O4D APR J . 4.96 39.68 -22.99
C1D APR J . 3.66 39.42 -23.58
O2D APR J . 4.50 39.60 -25.77
C2D APR J . 3.69 40.29 -24.81
O3D APR J . 4.92 42.21 -25.46
C3D APR J . 4.36 41.59 -24.32
C4D APR J . 5.32 41.06 -23.26
H2 APR J . 14.99 48.92 -21.36
H61 APR J . 15.84 44.46 -20.67
H62 APR J . 14.34 43.75 -20.19
H8 APR J . 9.80 45.43 -19.51
H'1 APR J . 10.47 49.10 -19.72
H'2 APR J . 10.37 47.82 -22.23
HO'2 APR J . 9.09 49.49 -22.98
H'3 APR J . 8.47 46.29 -21.89
HO'3 APR J . 6.89 47.03 -23.01
H'4 APR J . 7.05 48.50 -20.51
H5'1 APR J . 6.77 46.97 -18.47
H5'2 APR J . 5.84 46.68 -19.95
H5R1 APR J . 5.73 41.34 -21.16
H5R2 APR J . 4.17 41.99 -21.70
HR'1 APR J . 3.44 38.38 -23.84
HOR2 APR J . 5.22 40.17 -26.07
HR'2 APR J . 2.72 40.52 -25.28
HOR3 APR J . 4.57 43.11 -25.54
HR'3 APR J . 3.74 42.39 -23.87
HR'4 APR J . 6.35 41.12 -23.61
#